data_6RER
#
_entry.id   6RER
#
_cell.length_a   1.0
_cell.length_b   1.0
_cell.length_c   1.0
_cell.angle_alpha   90.00
_cell.angle_beta   90.00
_cell.angle_gamma   90.00
#
_symmetry.space_group_name_H-M   'P 1'
#
loop_
_entity.id
_entity.type
_entity.pdbx_description
1 polymer 'Mitochondrial ATP synthase subunit c'
2 polymer 'Mitochondrial ATP synthase subunit OSCP'
3 polymer 'epsilon: Polytomella F-ATP synthase epsilon subunit'
4 polymer 'Mitochondrial ATP synthase subunit delta'
5 polymer 'ATP synthase gamma chain, mitochondrial'
6 polymer 'ATP synthase subunit alpha'
7 polymer 'ATP synthase subunit beta'
8 non-polymer "ADENOSINE-5'-TRIPHOSPHATE"
9 non-polymer 'MAGNESIUM ION'
10 non-polymer "ADENOSINE-5'-DIPHOSPHATE"
#
loop_
_entity_poly.entity_id
_entity_poly.type
_entity_poly.pdbx_seq_one_letter_code
_entity_poly.pdbx_strand_id
1 'polypeptide(L)'
;MSVQRLSLGAARCLSAGVARVQASQALVAQKAVAVAPTRAQAAPAEVAQVRSMSVLAASKMVGAGCATIALAGVGAGLGV
MFGSLINGAARNPNIAKQLVGYALLGFALTESIALFSLLVVFLILFA
;
A,B,C,D,E,F,G,H,I,J
2 'polypeptide(L)'
;MLARVASVALRRAEGKIMPQMVRALSVSAASAAQAELKLPTAPLQLSGTSAQIATLLWQVAAKENQLDKVQDELYQFIEL
FKQHSELRRLATDPFVPTLVRTKIISSVLKDSGASEITKKLFEALADEGALSALLEVTVNYEELMLAHKKEVYCTVITAE
PLDKLERVELTKKAEKFVDAGFKLVMQEKIDKKLLGGFVIEFSDRRVDMSTAKKVEEFNNFVNKLVLSI
;
P
3 'polypeptide(L)' MCAPSGPFYRVAGMSYLRYSNICADLLRNVLKEPFKAKAQARQAIHFRQAPYVDGKAGASKVYELENGIPKTAN Q
4 'polypeptide(L)'
;MFGLKRAVTVGRRFISTSAARMEAAAPAGPKEFTEVWNKKAPSTLIVPEFPSNYTAVKAVGEGQVHGDAFPVNFYTPHSI
LSQAQKDTVVLPGVDGYFGVKASHVPTIAQLKPGVVELHSGAESEKFFVSGGFAFVHPNGVTDICVLEAATLDQVDPAAV
KSALAAASAAQPTDEFEQAANRAAIELYSALESAVEAKA
;
R
5 'polypeptide(L)'
;MALRKAVLSLGLSQGVAAEAVLGSGMFNAVQHESVRYASNQAVKQRIRAIKNIGKITKAMKMVAASKMKNAQIAVEQSRG
LVDPFVRLFGDFPAVNSNKSVVVAVTSDKGLCGGLNSNITKYTRATLATTESEGKDVVVVSIGDKGRSQLTRIESQRYQL
AIADTYKVRVTFGQASLIVEELIKHNPQSYQILFNKFRSAISFKPTVATILSPDLLEKQLEDVTGNSLDAYDIEASHERS
DVLRDLTEFHLGVTLYNAMLENNCSEHASRMSAMENSTKSAGEMLGKLTLDYNRKRQATITTELIEIIAGASALMDE
;
S
6 'polypeptide(L)'
;MRSPAAFVARSGLFKASLGQSNWAQKAEQMMASVTRTFAADAKALDELRKPKFSSKYLIQHVSQKLIPAVKEWEKSYQPP
VIHLGRVLSVGDGIARVYGLKSVQAGELVCFDSGVKGMALNLQADHVGVVVFGNDSVIHQGDLVYRTGQIVNVPIGPGTL
GRVTDGLGQPIDGKGPLTNVRSSLVEVKAPGIIARQSVREPLFTGVKAVDALVPIGRGQRELIIGDRQTGKTAVAIDAII
HQKNCNEQVPKAQRVYCVYVAVGQKRSTVAQLVKLFTQTGAMRYTIMVSATASDAAPLQFLAPYSGCAMAEYFRDTGKHG
LIIYDDLSKQSVAYRQMSLLLRRPPGREAFPGDVFYLHSRLLERAAKLSKELGGGSLTAFPVIETQAGDVSAYIATNVIS
ITDGQIFLETELFYKGIRPALNVGLSVSRVGSAAQFPGMKQVAGTLKLELAQYREVAAFAQFGSDLDAATQYVLERGARL
TEMLKQKQFAPIPIERQTVAVYAATKGFLDKVRVQDIVAAEEAVISQVNPAVFKILKANGKITPALDAHLKAELRKVKLP
GA
;
T,U,V
7 'polypeptide(L)'
;MALRYAAGLAKNVVQRQGASLNIARAFAAEPAPAIDAGYVSQVIGPVVDVRFDGELPSILSSLEVEGHSVRLVLEVAQHM
GDNTVRCIAMDSTDGLVRGQKVVDTGSPIKVPVGRGTLGRIMNVIGEPVDEQGPIDAADIWSIHREAPEFTEQSTEQEIL
VTGIKVVDLLAPYQRGGKIGLFGGAGVGKTVLIMELINNVAKAHGGFSVFAGVGERTREGNDLYREMIESGVIKLGAERG
NSKCTLVYGQMNEPPGARARVALTGLTVAEYFRDIEGQDVLLFVDNIFRFTQANSEVSALLGRIPSAVGYQPTLATDLGG
LQERITTTTKGSITSVQAVYVPADDLTDPAPATTFAHLDATTVLSRSIAELGIYPAVDPLDSTSRMLNPNVIGAEHYNVA
RGVQKVLQDYKNLQDIIAILGMDELSEEDKLTVARARKIQRFLSQPFQVAEVFTGTPGKYVDLADTISGFQGVLTGKYDD
LPEMAFYMVGDIKEVKEKADKMAKDIASRKEADNKKVSEELKDIPSLDKLVSEIKEVVIEEDDGLEEDFKAEALSSETVV
LNEEGKSVPLPKKN
;
X,Y,Z
#
loop_
_chem_comp.id
_chem_comp.type
_chem_comp.name
_chem_comp.formula
ADP non-polymer ADENOSINE-5'-DIPHOSPHATE 'C10 H15 N5 O10 P2'
ATP non-polymer ADENOSINE-5'-TRIPHOSPHATE 'C10 H16 N5 O13 P3'
MG non-polymer 'MAGNESIUM ION' 'Mg 2'
#
# COMPACT_ATOMS: atom_id res chain seq x y z
N SER A 54 -90.50 -15.18 87.99
CA SER A 54 -90.42 -14.28 86.85
C SER A 54 -89.77 -14.97 85.67
N VAL A 55 -90.59 -15.60 84.81
CA VAL A 55 -90.05 -16.28 83.64
C VAL A 55 -89.61 -15.29 82.57
N LEU A 56 -90.18 -14.07 82.57
CA LEU A 56 -89.70 -13.02 81.68
C LEU A 56 -88.30 -12.57 82.07
N ALA A 57 -88.10 -12.27 83.35
CA ALA A 57 -86.78 -11.84 83.81
C ALA A 57 -85.80 -13.01 83.85
N ALA A 58 -86.31 -14.25 83.88
CA ALA A 58 -85.43 -15.40 83.70
C ALA A 58 -84.94 -15.48 82.26
N SER A 59 -85.85 -15.48 81.29
CA SER A 59 -85.45 -15.63 79.89
C SER A 59 -84.76 -14.40 79.34
N LYS A 60 -84.86 -13.26 80.03
CA LYS A 60 -84.11 -12.06 79.64
C LYS A 60 -82.61 -12.31 79.66
N MET A 61 -82.12 -13.06 80.66
CA MET A 61 -80.69 -13.33 80.74
C MET A 61 -80.21 -14.29 79.67
N VAL A 62 -80.99 -15.33 79.33
CA VAL A 62 -80.55 -16.22 78.26
C VAL A 62 -80.75 -15.56 76.90
N GLY A 63 -81.68 -14.63 76.78
CA GLY A 63 -81.79 -13.86 75.54
C GLY A 63 -80.60 -12.93 75.34
N ALA A 64 -80.18 -12.25 76.42
CA ALA A 64 -79.02 -11.38 76.33
C ALA A 64 -77.72 -12.16 76.24
N GLY A 65 -77.71 -13.42 76.67
CA GLY A 65 -76.57 -14.28 76.46
C GLY A 65 -76.51 -14.80 75.04
N CYS A 66 -77.65 -15.27 74.53
CA CYS A 66 -77.72 -15.76 73.16
C CYS A 66 -77.62 -14.65 72.12
N ALA A 67 -77.77 -13.39 72.54
CA ALA A 67 -77.53 -12.29 71.61
C ALA A 67 -76.04 -12.10 71.34
N THR A 68 -75.19 -12.50 72.27
CA THR A 68 -73.78 -12.12 72.29
C THR A 68 -72.92 -12.96 71.33
N ILE A 69 -73.47 -14.04 70.77
CA ILE A 69 -72.73 -14.83 69.77
C ILE A 69 -72.58 -14.02 68.46
N ALA A 70 -73.38 -12.97 68.28
CA ALA A 70 -73.19 -12.04 67.17
C ALA A 70 -71.86 -11.30 67.23
N LEU A 71 -71.22 -11.24 68.40
CA LEU A 71 -69.92 -10.62 68.52
C LEU A 71 -68.77 -11.55 68.18
N ALA A 72 -69.05 -12.83 67.86
CA ALA A 72 -67.98 -13.73 67.44
C ALA A 72 -67.48 -13.38 66.05
N GLY A 73 -68.40 -13.29 65.08
CA GLY A 73 -68.01 -12.98 63.72
C GLY A 73 -67.47 -11.58 63.55
N VAL A 74 -67.80 -10.65 64.45
CA VAL A 74 -67.19 -9.33 64.43
C VAL A 74 -65.71 -9.42 64.77
N GLY A 75 -65.36 -10.20 65.79
CA GLY A 75 -63.95 -10.40 66.12
C GLY A 75 -63.22 -11.19 65.06
N ALA A 76 -63.89 -12.16 64.45
CA ALA A 76 -63.28 -12.93 63.37
C ALA A 76 -63.03 -12.07 62.14
N GLY A 77 -63.97 -11.20 61.78
CA GLY A 77 -63.80 -10.27 60.69
C GLY A 77 -62.74 -9.23 60.97
N LEU A 78 -62.68 -8.71 62.20
CA LEU A 78 -61.59 -7.80 62.55
C LEU A 78 -60.24 -8.47 62.51
N GLY A 79 -60.18 -9.75 62.87
CA GLY A 79 -58.91 -10.46 62.78
C GLY A 79 -58.47 -10.68 61.34
N VAL A 80 -59.41 -11.04 60.47
CA VAL A 80 -59.11 -11.17 59.04
C VAL A 80 -58.69 -9.82 58.46
N MET A 81 -59.34 -8.74 58.88
CA MET A 81 -59.03 -7.41 58.35
C MET A 81 -57.67 -6.92 58.82
N PHE A 82 -57.34 -7.10 60.10
CA PHE A 82 -56.03 -6.65 60.57
C PHE A 82 -54.92 -7.57 60.08
N GLY A 83 -55.23 -8.85 59.83
CA GLY A 83 -54.26 -9.72 59.20
C GLY A 83 -53.98 -9.33 57.77
N SER A 84 -55.01 -8.93 57.03
CA SER A 84 -54.81 -8.39 55.69
C SER A 84 -54.14 -7.03 55.72
N LEU A 85 -54.29 -6.27 56.81
CA LEU A 85 -53.53 -5.04 56.97
C LEU A 85 -52.03 -5.32 57.11
N ILE A 86 -51.68 -6.31 57.94
CA ILE A 86 -50.27 -6.71 58.09
C ILE A 86 -49.75 -7.26 56.76
N ASN A 87 -50.57 -8.02 56.05
CA ASN A 87 -50.16 -8.58 54.76
C ASN A 87 -49.95 -7.49 53.71
N GLY A 88 -50.84 -6.50 53.67
CA GLY A 88 -50.69 -5.41 52.71
C GLY A 88 -49.53 -4.49 53.05
N ALA A 89 -49.28 -4.26 54.34
CA ALA A 89 -48.14 -3.45 54.73
C ALA A 89 -46.82 -4.19 54.57
N ALA A 90 -46.86 -5.52 54.49
CA ALA A 90 -45.65 -6.26 54.15
C ALA A 90 -45.45 -6.37 52.65
N ARG A 91 -46.54 -6.41 51.88
CA ARG A 91 -46.43 -6.52 50.44
C ARG A 91 -46.08 -5.19 49.79
N ASN A 92 -46.49 -4.08 50.39
CA ASN A 92 -46.25 -2.75 49.84
C ASN A 92 -46.02 -1.79 50.99
N PRO A 93 -44.76 -1.66 51.43
CA PRO A 93 -44.48 -0.96 52.70
C PRO A 93 -44.60 0.55 52.64
N ASN A 94 -44.67 1.15 51.45
CA ASN A 94 -44.59 2.61 51.36
C ASN A 94 -45.95 3.29 51.45
N ILE A 95 -47.05 2.54 51.34
CA ILE A 95 -48.37 3.12 51.54
C ILE A 95 -48.99 2.51 52.78
N ALA A 96 -48.13 2.10 53.72
CA ALA A 96 -48.59 1.45 54.94
C ALA A 96 -49.39 2.40 55.82
N LYS A 97 -49.06 3.69 55.81
CA LYS A 97 -49.80 4.64 56.64
C LYS A 97 -51.17 4.93 56.05
N GLN A 98 -51.34 4.74 54.74
CA GLN A 98 -52.67 4.80 54.12
C GLN A 98 -53.46 3.53 54.40
N LEU A 99 -52.77 2.38 54.39
CA LEU A 99 -53.45 1.12 54.67
C LEU A 99 -53.90 1.01 56.12
N VAL A 100 -53.17 1.64 57.05
CA VAL A 100 -53.60 1.68 58.44
C VAL A 100 -54.91 2.48 58.57
N GLY A 101 -55.04 3.58 57.82
CA GLY A 101 -56.27 4.33 57.84
C GLY A 101 -57.43 3.58 57.19
N TYR A 102 -57.13 2.81 56.13
CA TYR A 102 -58.14 1.93 55.55
C TYR A 102 -58.60 0.87 56.54
N ALA A 103 -57.66 0.33 57.32
CA ALA A 103 -57.99 -0.67 58.34
C ALA A 103 -58.82 -0.06 59.46
N LEU A 104 -58.53 1.19 59.83
CA LEU A 104 -59.33 1.83 60.88
C LEU A 104 -60.73 2.18 60.38
N LEU A 105 -60.85 2.56 59.11
CA LEU A 105 -62.16 2.78 58.51
C LEU A 105 -62.98 1.49 58.49
N GLY A 106 -62.37 0.38 58.07
CA GLY A 106 -63.04 -0.90 58.10
C GLY A 106 -63.37 -1.36 59.50
N PHE A 107 -62.50 -1.04 60.47
CA PHE A 107 -62.74 -1.36 61.87
C PHE A 107 -63.95 -0.63 62.42
N ALA A 108 -64.09 0.65 62.09
CA ALA A 108 -65.26 1.40 62.54
C ALA A 108 -66.53 0.90 61.85
N LEU A 109 -66.45 0.62 60.55
CA LEU A 109 -67.64 0.18 59.82
C LEU A 109 -68.04 -1.26 60.15
N THR A 110 -67.15 -2.07 60.74
CA THR A 110 -67.59 -3.36 61.27
C THR A 110 -67.83 -3.34 62.77
N GLU A 111 -67.36 -2.32 63.48
CA GLU A 111 -67.73 -2.11 64.87
C GLU A 111 -69.11 -1.51 65.00
N SER A 112 -69.62 -0.92 63.91
CA SER A 112 -71.04 -0.59 63.84
C SER A 112 -71.91 -1.83 64.01
N ILE A 113 -71.46 -2.97 63.50
CA ILE A 113 -72.19 -4.23 63.68
C ILE A 113 -72.12 -4.70 65.13
N ALA A 114 -70.96 -4.51 65.77
CA ALA A 114 -70.81 -4.87 67.19
C ALA A 114 -71.68 -4.01 68.08
N LEU A 115 -71.76 -2.71 67.78
CA LEU A 115 -72.66 -1.85 68.53
C LEU A 115 -74.12 -2.11 68.19
N PHE A 116 -74.40 -2.59 66.98
CA PHE A 116 -75.77 -3.00 66.64
C PHE A 116 -76.20 -4.21 67.44
N SER A 117 -75.29 -5.16 67.66
CA SER A 117 -75.60 -6.30 68.52
C SER A 117 -75.68 -5.89 69.99
N LEU A 118 -74.78 -5.02 70.44
CA LEU A 118 -74.79 -4.59 71.83
C LEU A 118 -76.00 -3.72 72.17
N LEU A 119 -76.54 -2.97 71.21
CA LEU A 119 -77.80 -2.27 71.43
C LEU A 119 -78.96 -3.24 71.65
N VAL A 120 -78.97 -4.35 70.91
CA VAL A 120 -79.96 -5.40 71.13
C VAL A 120 -79.74 -6.07 72.49
N VAL A 121 -78.48 -6.12 72.95
CA VAL A 121 -78.17 -6.75 74.23
C VAL A 121 -78.81 -5.99 75.39
N PHE A 122 -78.61 -4.68 75.49
CA PHE A 122 -79.28 -3.94 76.55
C PHE A 122 -80.67 -3.44 76.15
N LEU A 123 -81.13 -3.76 74.94
CA LEU A 123 -82.54 -3.63 74.62
C LEU A 123 -83.32 -4.87 75.03
N ILE A 124 -82.61 -5.97 75.28
CA ILE A 124 -83.18 -7.11 76.00
C ILE A 124 -83.08 -6.88 77.51
N LEU A 125 -81.91 -6.47 77.99
CA LEU A 125 -81.66 -6.35 79.43
C LEU A 125 -82.41 -5.17 80.03
N PHE A 126 -82.08 -3.96 79.60
CA PHE A 126 -82.57 -2.74 80.23
C PHE A 126 -83.67 -2.07 79.42
N ALA A 127 -84.52 -2.85 78.78
CA ALA A 127 -85.67 -2.32 78.06
C ALA A 127 -86.82 -3.32 78.08
N SER B 54 -85.65 -20.74 91.61
CA SER B 54 -84.48 -19.92 91.32
C SER B 54 -84.12 -20.02 89.85
N VAL B 55 -85.11 -19.87 88.98
CA VAL B 55 -84.87 -19.95 87.54
C VAL B 55 -84.20 -18.68 87.04
N LEU B 56 -84.26 -17.58 87.81
CA LEU B 56 -83.60 -16.35 87.41
C LEU B 56 -82.08 -16.50 87.46
N ALA B 57 -81.55 -17.02 88.57
CA ALA B 57 -80.12 -17.26 88.65
C ALA B 57 -79.70 -18.45 87.79
N ALA B 58 -80.59 -19.44 87.64
CA ALA B 58 -80.30 -20.60 86.80
C ALA B 58 -80.19 -20.20 85.33
N SER B 59 -80.98 -19.22 84.90
CA SER B 59 -80.85 -18.69 83.55
C SER B 59 -79.77 -17.62 83.46
N LYS B 60 -79.41 -16.99 84.58
CA LYS B 60 -78.23 -16.13 84.62
C LYS B 60 -76.97 -16.92 84.28
N MET B 61 -76.85 -18.12 84.86
CA MET B 61 -75.71 -18.99 84.58
C MET B 61 -75.68 -19.44 83.12
N VAL B 62 -76.84 -19.81 82.57
CA VAL B 62 -76.91 -20.29 81.19
C VAL B 62 -76.64 -19.16 80.21
N GLY B 63 -77.16 -17.96 80.49
CA GLY B 63 -76.91 -16.82 79.61
C GLY B 63 -75.47 -16.36 79.66
N ALA B 64 -74.87 -16.34 80.85
CA ALA B 64 -73.45 -15.99 80.93
C ALA B 64 -72.56 -17.08 80.35
N GLY B 65 -73.05 -18.32 80.28
CA GLY B 65 -72.32 -19.33 79.53
C GLY B 65 -72.41 -19.10 78.03
N CYS B 66 -73.63 -18.95 77.52
CA CYS B 66 -73.83 -18.78 76.09
C CYS B 66 -73.30 -17.46 75.55
N ALA B 67 -73.08 -16.47 76.40
CA ALA B 67 -72.50 -15.22 75.93
C ALA B 67 -70.99 -15.28 75.77
N THR B 68 -70.35 -16.37 76.22
CA THR B 68 -68.91 -16.54 76.12
C THR B 68 -68.48 -17.02 74.74
N ILE B 69 -69.41 -17.48 73.91
CA ILE B 69 -69.08 -18.03 72.60
C ILE B 69 -68.62 -16.97 71.61
N ALA B 70 -68.76 -15.68 71.92
CA ALA B 70 -68.15 -14.63 71.11
C ALA B 70 -66.63 -14.69 71.17
N LEU B 71 -66.09 -15.21 72.28
CA LEU B 71 -64.64 -15.36 72.41
C LEU B 71 -64.08 -16.41 71.46
N ALA B 72 -64.92 -17.30 70.93
CA ALA B 72 -64.48 -18.20 69.86
C ALA B 72 -64.09 -17.42 68.62
N GLY B 73 -64.98 -16.56 68.13
CA GLY B 73 -64.66 -15.73 66.99
C GLY B 73 -63.55 -14.74 67.25
N VAL B 74 -63.45 -14.25 68.50
CA VAL B 74 -62.33 -13.38 68.86
C VAL B 74 -61.01 -14.15 68.81
N GLY B 75 -60.98 -15.39 69.30
CA GLY B 75 -59.76 -16.17 69.27
C GLY B 75 -59.37 -16.58 67.86
N ALA B 76 -60.35 -16.89 67.02
CA ALA B 76 -60.07 -17.17 65.61
C ALA B 76 -59.54 -15.94 64.88
N GLY B 77 -60.07 -14.76 65.21
CA GLY B 77 -59.55 -13.55 64.61
C GLY B 77 -58.14 -13.23 65.04
N LEU B 78 -57.84 -13.38 66.33
CA LEU B 78 -56.47 -13.20 66.81
C LEU B 78 -55.51 -14.22 66.20
N GLY B 79 -55.99 -15.44 65.98
CA GLY B 79 -55.15 -16.46 65.38
C GLY B 79 -54.83 -16.18 63.93
N VAL B 80 -55.82 -15.76 63.13
CA VAL B 80 -55.54 -15.45 61.74
C VAL B 80 -54.74 -14.15 61.63
N MET B 81 -54.88 -13.25 62.61
CA MET B 81 -54.08 -12.03 62.63
C MET B 81 -52.62 -12.32 62.91
N PHE B 82 -52.34 -13.16 63.91
CA PHE B 82 -50.94 -13.49 64.19
C PHE B 82 -50.35 -14.43 63.15
N GLY B 83 -51.20 -15.21 62.47
CA GLY B 83 -50.71 -15.98 61.35
C GLY B 83 -50.28 -15.11 60.18
N SER B 84 -51.08 -14.08 59.88
CA SER B 84 -50.67 -13.14 58.84
C SER B 84 -49.50 -12.26 59.30
N LEU B 85 -49.33 -12.08 60.62
CA LEU B 85 -48.12 -11.45 61.13
C LEU B 85 -46.89 -12.27 60.81
N ILE B 86 -46.95 -13.58 61.05
CA ILE B 86 -45.81 -14.46 60.76
C ILE B 86 -45.53 -14.50 59.26
N ASN B 87 -46.59 -14.58 58.45
CA ASN B 87 -46.43 -14.59 56.99
C ASN B 87 -45.82 -13.30 56.48
N GLY B 88 -46.34 -12.16 56.95
CA GLY B 88 -45.82 -10.88 56.50
C GLY B 88 -44.43 -10.58 57.00
N ALA B 89 -44.05 -11.09 58.17
CA ALA B 89 -42.67 -10.96 58.61
C ALA B 89 -41.76 -11.87 57.79
N ALA B 90 -42.28 -13.01 57.31
CA ALA B 90 -41.51 -13.84 56.41
C ALA B 90 -41.38 -13.23 55.01
N ARG B 91 -42.29 -12.32 54.63
CA ARG B 91 -42.13 -11.59 53.37
C ARG B 91 -40.88 -10.73 53.39
N ASN B 92 -40.83 -9.76 54.29
CA ASN B 92 -39.65 -8.91 54.43
C ASN B 92 -39.33 -8.70 55.90
N PRO B 93 -38.18 -9.18 56.38
CA PRO B 93 -37.87 -9.10 57.81
C PRO B 93 -37.41 -7.72 58.27
N ASN B 94 -37.22 -6.77 57.37
CA ASN B 94 -36.75 -5.43 57.75
C ASN B 94 -37.86 -4.56 58.31
N ILE B 95 -39.13 -4.95 58.16
CA ILE B 95 -40.24 -4.14 58.63
C ILE B 95 -40.96 -4.93 59.72
N ALA B 96 -40.21 -5.83 60.37
CA ALA B 96 -40.82 -6.77 61.31
C ALA B 96 -41.30 -6.07 62.58
N LYS B 97 -40.60 -5.02 63.01
CA LYS B 97 -41.05 -4.28 64.19
C LYS B 97 -42.29 -3.46 63.90
N GLN B 98 -42.38 -2.88 62.71
CA GLN B 98 -43.58 -2.16 62.32
C GLN B 98 -44.76 -3.11 62.15
N LEU B 99 -44.51 -4.31 61.64
CA LEU B 99 -45.56 -5.30 61.50
C LEU B 99 -46.03 -5.84 62.85
N VAL B 100 -45.11 -6.03 63.81
CA VAL B 100 -45.57 -6.50 65.11
C VAL B 100 -46.25 -5.38 65.88
N GLY B 101 -45.92 -4.12 65.57
CA GLY B 101 -46.69 -3.01 66.13
C GLY B 101 -48.10 -2.95 65.57
N TYR B 102 -48.25 -3.18 64.26
CA TYR B 102 -49.58 -3.28 63.67
C TYR B 102 -50.35 -4.48 64.20
N ALA B 103 -49.64 -5.57 64.50
CA ALA B 103 -50.26 -6.76 65.06
C ALA B 103 -50.77 -6.51 66.47
N LEU B 104 -49.99 -5.79 67.29
CA LEU B 104 -50.45 -5.46 68.63
C LEU B 104 -51.59 -4.44 68.61
N LEU B 105 -51.60 -3.53 67.63
CA LEU B 105 -52.71 -2.60 67.51
C LEU B 105 -54.00 -3.31 67.11
N GLY B 106 -53.92 -4.20 66.13
CA GLY B 106 -55.07 -5.02 65.79
C GLY B 106 -55.48 -5.97 66.89
N PHE B 107 -54.50 -6.43 67.69
CA PHE B 107 -54.78 -7.27 68.85
C PHE B 107 -55.59 -6.53 69.89
N ALA B 108 -55.23 -5.28 70.18
CA ALA B 108 -56.01 -4.47 71.12
C ALA B 108 -57.39 -4.13 70.56
N LEU B 109 -57.48 -3.77 69.28
CA LEU B 109 -58.77 -3.44 68.70
C LEU B 109 -59.66 -4.65 68.46
N THR B 110 -59.12 -5.87 68.52
CA THR B 110 -59.94 -7.07 68.47
C THR B 110 -60.26 -7.60 69.87
N GLU B 111 -59.38 -7.36 70.84
CA GLU B 111 -59.68 -7.59 72.25
C GLU B 111 -60.71 -6.61 72.79
N SER B 112 -60.96 -5.51 72.08
CA SER B 112 -62.09 -4.65 72.40
C SER B 112 -63.41 -5.41 72.43
N ILE B 113 -63.62 -6.32 71.47
CA ILE B 113 -64.84 -7.12 71.45
C ILE B 113 -64.80 -8.19 72.54
N ALA B 114 -63.62 -8.73 72.85
CA ALA B 114 -63.50 -9.69 73.95
C ALA B 114 -63.77 -9.05 75.29
N LEU B 115 -63.45 -7.77 75.47
CA LEU B 115 -63.85 -7.04 76.65
C LEU B 115 -65.32 -6.64 76.61
N PHE B 116 -65.86 -6.36 75.42
CA PHE B 116 -67.26 -6.02 75.28
C PHE B 116 -68.16 -7.21 75.59
N SER B 117 -67.68 -8.43 75.37
CA SER B 117 -68.44 -9.62 75.72
C SER B 117 -68.20 -10.04 77.16
N LEU B 118 -66.99 -9.87 77.67
CA LEU B 118 -66.75 -10.19 79.08
C LEU B 118 -67.34 -9.16 80.03
N LEU B 119 -67.73 -7.97 79.55
CA LEU B 119 -68.56 -7.12 80.39
C LEU B 119 -70.03 -7.51 80.31
N VAL B 120 -70.45 -8.13 79.21
CA VAL B 120 -71.83 -8.61 79.11
C VAL B 120 -72.02 -9.83 80.01
N VAL B 121 -71.03 -10.71 80.07
CA VAL B 121 -71.14 -11.84 80.99
C VAL B 121 -71.04 -11.40 82.45
N PHE B 122 -70.42 -10.25 82.72
CA PHE B 122 -70.37 -9.75 84.09
C PHE B 122 -71.62 -8.96 84.44
N LEU B 123 -72.28 -8.36 83.45
CA LEU B 123 -73.59 -7.75 83.66
C LEU B 123 -74.70 -8.79 83.73
N ILE B 124 -74.45 -9.99 83.23
CA ILE B 124 -75.39 -11.09 83.40
C ILE B 124 -75.16 -11.83 84.72
N LEU B 125 -73.89 -12.04 85.09
CA LEU B 125 -73.61 -12.73 86.35
C LEU B 125 -73.83 -11.82 87.55
N PHE B 126 -73.45 -10.55 87.45
CA PHE B 126 -73.39 -9.68 88.63
C PHE B 126 -74.27 -8.44 88.50
N ALA B 127 -75.17 -8.39 87.53
CA ALA B 127 -76.07 -7.26 87.40
C ALA B 127 -77.41 -7.69 86.79
N SER C 54 -83.14 -28.45 92.66
CA SER C 54 -82.09 -27.46 92.50
C SER C 54 -81.89 -27.12 91.03
N VAL C 55 -82.64 -26.13 90.55
CA VAL C 55 -82.54 -25.72 89.15
C VAL C 55 -81.29 -24.89 88.89
N LEU C 56 -80.74 -24.24 89.91
CA LEU C 56 -79.55 -23.42 89.72
C LEU C 56 -78.30 -24.27 89.52
N ALA C 57 -78.07 -25.23 90.43
CA ALA C 57 -76.89 -26.09 90.31
C ALA C 57 -77.01 -27.07 89.15
N ALA C 58 -78.23 -27.35 88.68
CA ALA C 58 -78.38 -28.15 87.47
C ALA C 58 -78.04 -27.33 86.23
N SER C 59 -78.47 -26.07 86.19
CA SER C 59 -78.15 -25.21 85.06
C SER C 59 -76.73 -24.70 85.07
N LYS C 60 -76.00 -24.86 86.19
CA LYS C 60 -74.58 -24.53 86.22
C LYS C 60 -73.78 -25.38 85.25
N MET C 61 -74.14 -26.67 85.13
CA MET C 61 -73.44 -27.56 84.19
C MET C 61 -73.73 -27.19 82.74
N VAL C 62 -74.98 -26.84 82.44
CA VAL C 62 -75.34 -26.46 81.08
C VAL C 62 -74.76 -25.10 80.74
N GLY C 63 -74.58 -24.23 81.75
CA GLY C 63 -73.92 -22.96 81.50
C GLY C 63 -72.43 -23.10 81.28
N ALA C 64 -71.78 -23.98 82.06
CA ALA C 64 -70.36 -24.21 81.88
C ALA C 64 -70.07 -25.01 80.62
N GLY C 65 -71.06 -25.75 80.11
CA GLY C 65 -70.87 -26.44 78.85
C GLY C 65 -70.88 -25.49 77.67
N CYS C 66 -71.84 -24.58 77.63
CA CYS C 66 -71.87 -23.61 76.54
C CYS C 66 -70.85 -22.50 76.70
N ALA C 67 -70.19 -22.37 77.85
CA ALA C 67 -69.17 -21.36 78.03
C ALA C 67 -67.83 -21.78 77.45
N THR C 68 -67.59 -23.08 77.27
CA THR C 68 -66.33 -23.57 76.77
C THR C 68 -66.41 -23.97 75.30
N ILE C 69 -67.45 -23.56 74.59
CA ILE C 69 -67.44 -23.64 73.12
C ILE C 69 -66.64 -22.49 72.54
N ALA C 70 -66.23 -21.53 73.36
CA ALA C 70 -65.29 -20.50 72.96
C ALA C 70 -63.91 -21.06 72.62
N LEU C 71 -63.60 -22.27 73.10
CA LEU C 71 -62.30 -22.87 72.83
C LEU C 71 -62.15 -23.34 71.39
N ALA C 72 -63.26 -23.54 70.66
CA ALA C 72 -63.17 -24.02 69.29
C ALA C 72 -62.54 -22.98 68.38
N GLY C 73 -62.97 -21.73 68.49
CA GLY C 73 -62.35 -20.68 67.69
C GLY C 73 -60.92 -20.40 68.08
N VAL C 74 -60.57 -20.58 69.35
CA VAL C 74 -59.19 -20.45 69.79
C VAL C 74 -58.33 -21.58 69.20
N GLY C 75 -58.89 -22.78 69.13
CA GLY C 75 -58.18 -23.88 68.50
C GLY C 75 -57.99 -23.67 67.00
N ALA C 76 -59.02 -23.17 66.32
CA ALA C 76 -58.88 -22.90 64.88
C ALA C 76 -57.93 -21.74 64.60
N GLY C 77 -57.91 -20.73 65.48
CA GLY C 77 -57.00 -19.63 65.34
C GLY C 77 -55.56 -20.03 65.57
N LEU C 78 -55.31 -20.86 66.59
CA LEU C 78 -53.96 -21.38 66.79
C LEU C 78 -53.56 -22.31 65.65
N GLY C 79 -54.52 -23.01 65.06
CA GLY C 79 -54.21 -23.85 63.92
C GLY C 79 -53.78 -23.06 62.70
N VAL C 80 -54.50 -21.98 62.39
CA VAL C 80 -54.11 -21.18 61.23
C VAL C 80 -52.84 -20.39 61.53
N MET C 81 -52.59 -20.08 62.81
CA MET C 81 -51.37 -19.36 63.17
C MET C 81 -50.13 -20.25 63.04
N PHE C 82 -50.20 -21.47 63.54
CA PHE C 82 -49.06 -22.36 63.38
C PHE C 82 -48.92 -22.88 61.96
N GLY C 83 -50.01 -22.94 61.21
CA GLY C 83 -49.92 -23.27 59.80
C GLY C 83 -49.22 -22.19 59.02
N SER C 84 -49.51 -20.94 59.36
CA SER C 84 -48.80 -19.82 58.76
C SER C 84 -47.35 -19.77 59.23
N LEU C 85 -47.07 -20.26 60.44
CA LEU C 85 -45.68 -20.38 60.89
C LEU C 85 -44.90 -21.36 60.03
N ILE C 86 -45.49 -22.53 59.75
CA ILE C 86 -44.85 -23.53 58.90
C ILE C 86 -44.67 -22.99 57.48
N ASN C 87 -45.68 -22.29 56.96
CA ASN C 87 -45.61 -21.75 55.60
C ASN C 87 -44.55 -20.65 55.49
N GLY C 88 -44.57 -19.69 56.42
CA GLY C 88 -43.57 -18.63 56.42
C GLY C 88 -42.17 -19.09 56.74
N ALA C 89 -42.01 -20.21 57.44
CA ALA C 89 -40.68 -20.77 57.60
C ALA C 89 -40.24 -21.50 56.34
N ALA C 90 -41.19 -22.05 55.57
CA ALA C 90 -40.84 -22.63 54.28
C ALA C 90 -40.49 -21.57 53.25
N ARG C 91 -41.05 -20.36 53.39
CA ARG C 91 -40.73 -19.28 52.47
C ARG C 91 -39.33 -18.72 52.75
N ASN C 92 -39.06 -18.36 53.99
CA ASN C 92 -37.82 -17.69 54.37
C ASN C 92 -37.20 -18.45 55.54
N PRO C 93 -36.45 -19.52 55.26
CA PRO C 93 -35.94 -20.39 56.33
C PRO C 93 -34.74 -19.87 57.09
N ASN C 94 -34.37 -18.59 56.97
CA ASN C 94 -33.25 -18.07 57.75
C ASN C 94 -33.66 -17.10 58.84
N ILE C 95 -34.93 -16.70 58.89
CA ILE C 95 -35.45 -15.93 60.01
C ILE C 95 -36.44 -16.79 60.78
N ALA C 96 -36.25 -18.11 60.70
CA ALA C 96 -37.22 -19.06 61.24
C ALA C 96 -37.35 -18.99 62.76
N LYS C 97 -36.27 -18.71 63.48
CA LYS C 97 -36.38 -18.60 64.92
C LYS C 97 -37.05 -17.30 65.33
N GLN C 98 -36.90 -16.24 64.53
CA GLN C 98 -37.69 -15.03 64.73
C GLN C 98 -39.18 -15.29 64.50
N LEU C 99 -39.50 -16.16 63.54
CA LEU C 99 -40.89 -16.53 63.32
C LEU C 99 -41.43 -17.40 64.45
N VAL C 100 -40.57 -18.22 65.07
CA VAL C 100 -40.99 -18.97 66.26
C VAL C 100 -41.21 -18.01 67.42
N GLY C 101 -40.39 -16.98 67.54
CA GLY C 101 -40.60 -15.97 68.55
C GLY C 101 -41.89 -15.18 68.37
N TYR C 102 -42.28 -14.94 67.12
CA TYR C 102 -43.58 -14.32 66.87
C TYR C 102 -44.73 -15.30 67.09
N ALA C 103 -44.53 -16.57 66.77
CA ALA C 103 -45.56 -17.58 66.94
C ALA C 103 -45.87 -17.83 68.40
N LEU C 104 -44.85 -17.82 69.26
CA LEU C 104 -45.09 -18.01 70.68
C LEU C 104 -45.79 -16.81 71.30
N LEU C 105 -45.50 -15.60 70.81
CA LEU C 105 -46.22 -14.41 71.24
C LEU C 105 -47.69 -14.47 70.84
N GLY C 106 -47.96 -14.87 69.59
CA GLY C 106 -49.35 -15.02 69.16
C GLY C 106 -50.07 -16.13 69.88
N PHE C 107 -49.35 -17.21 70.20
CA PHE C 107 -49.92 -18.30 70.99
C PHE C 107 -50.29 -17.84 72.38
N ALA C 108 -49.42 -17.04 73.01
CA ALA C 108 -49.71 -16.53 74.34
C ALA C 108 -50.90 -15.58 74.32
N LEU C 109 -50.96 -14.70 73.32
CA LEU C 109 -52.07 -13.77 73.27
C LEU C 109 -53.38 -14.40 72.78
N THR C 110 -53.34 -15.61 72.22
CA THR C 110 -54.58 -16.32 71.91
C THR C 110 -55.01 -17.27 73.03
N GLU C 111 -54.06 -17.87 73.74
CA GLU C 111 -54.43 -18.61 74.95
C GLU C 111 -54.83 -17.66 76.07
N SER C 112 -54.54 -16.36 75.95
CA SER C 112 -55.16 -15.38 76.83
C SER C 112 -56.68 -15.38 76.66
N ILE C 113 -57.16 -15.45 75.43
CA ILE C 113 -58.60 -15.59 75.16
C ILE C 113 -59.10 -16.93 75.69
N ALA C 114 -58.30 -17.99 75.52
CA ALA C 114 -58.70 -19.32 76.00
C ALA C 114 -58.85 -19.35 77.52
N LEU C 115 -57.90 -18.75 78.25
CA LEU C 115 -58.00 -18.72 79.71
C LEU C 115 -59.02 -17.70 80.19
N PHE C 116 -59.31 -16.68 79.37
CA PHE C 116 -60.40 -15.76 79.69
C PHE C 116 -61.74 -16.48 79.63
N SER C 117 -61.88 -17.44 78.70
CA SER C 117 -63.06 -18.28 78.71
C SER C 117 -63.04 -19.28 79.86
N LEU C 118 -61.86 -19.83 80.19
CA LEU C 118 -61.79 -20.83 81.25
C LEU C 118 -62.01 -20.25 82.64
N LEU C 119 -61.68 -18.98 82.87
CA LEU C 119 -62.03 -18.36 84.15
C LEU C 119 -63.53 -18.14 84.26
N VAL C 120 -64.20 -17.89 83.14
CA VAL C 120 -65.66 -17.80 83.16
C VAL C 120 -66.28 -19.17 83.41
N VAL C 121 -65.68 -20.23 82.86
CA VAL C 121 -66.11 -21.60 83.16
C VAL C 121 -65.92 -21.95 84.64
N PHE C 122 -64.80 -21.54 85.24
CA PHE C 122 -64.59 -21.81 86.66
C PHE C 122 -65.42 -20.91 87.56
N LEU C 123 -65.80 -19.73 87.07
CA LEU C 123 -66.65 -18.81 87.82
C LEU C 123 -68.12 -19.20 87.78
N ILE C 124 -68.59 -19.75 86.66
CA ILE C 124 -69.96 -20.24 86.56
C ILE C 124 -70.15 -21.46 87.44
N LEU C 125 -69.18 -22.39 87.40
CA LEU C 125 -69.24 -23.57 88.25
C LEU C 125 -69.04 -23.21 89.71
N PHE C 126 -67.89 -22.63 90.03
CA PHE C 126 -67.51 -22.40 91.42
C PHE C 126 -67.63 -20.93 91.80
N ALA C 127 -70.35 -17.52 91.37
CA ALA C 127 -69.92 -16.69 92.50
C ALA C 127 -70.36 -15.25 92.29
N SER D 54 -83.16 -36.47 89.96
CA SER D 54 -81.99 -36.46 89.08
C SER D 54 -82.10 -35.36 88.04
N VAL D 55 -82.15 -34.11 88.49
CA VAL D 55 -82.12 -32.98 87.55
C VAL D 55 -80.68 -32.55 87.28
N LEU D 56 -79.82 -32.54 88.30
CA LEU D 56 -78.41 -32.18 88.10
C LEU D 56 -77.67 -33.28 87.38
N ALA D 57 -77.96 -34.55 87.69
CA ALA D 57 -77.32 -35.66 87.00
C ALA D 57 -77.75 -35.74 85.55
N ALA D 58 -78.99 -35.38 85.25
CA ALA D 58 -79.43 -35.36 83.86
C ALA D 58 -78.87 -34.16 83.12
N SER D 59 -78.70 -33.03 83.81
CA SER D 59 -78.17 -31.85 83.15
C SER D 59 -76.68 -31.93 82.93
N LYS D 60 -75.98 -32.77 83.71
CA LYS D 60 -74.54 -32.98 83.52
C LYS D 60 -74.22 -33.56 82.15
N MET D 61 -75.06 -34.47 81.65
CA MET D 61 -74.81 -35.10 80.36
C MET D 61 -74.94 -34.10 79.22
N VAL D 62 -75.98 -33.26 79.26
CA VAL D 62 -76.16 -32.30 78.18
C VAL D 62 -75.17 -31.14 78.33
N GLY D 63 -74.72 -30.86 79.56
CA GLY D 63 -73.67 -29.88 79.74
C GLY D 63 -72.34 -30.34 79.17
N ALA D 64 -71.99 -31.61 79.41
CA ALA D 64 -70.74 -32.14 78.84
C ALA D 64 -70.83 -32.30 77.33
N GLY D 65 -72.01 -32.65 76.82
CA GLY D 65 -72.18 -32.74 75.38
C GLY D 65 -72.10 -31.41 74.68
N CYS D 66 -72.65 -30.36 75.29
CA CYS D 66 -72.46 -29.03 74.75
C CYS D 66 -71.06 -28.50 75.02
N ALA D 67 -70.35 -29.08 76.00
CA ALA D 67 -68.98 -28.66 76.30
C ALA D 67 -67.99 -29.17 75.28
N THR D 68 -68.14 -30.41 74.82
CA THR D 68 -67.16 -31.01 73.93
C THR D 68 -67.37 -30.64 72.46
N ILE D 69 -68.14 -29.60 72.16
CA ILE D 69 -68.19 -29.07 70.79
C ILE D 69 -66.92 -28.33 70.45
N ALA D 70 -66.14 -27.92 71.44
CA ALA D 70 -64.86 -27.23 71.26
C ALA D 70 -63.81 -28.07 70.54
N LEU D 71 -63.99 -29.38 70.44
CA LEU D 71 -63.06 -30.21 69.68
C LEU D 71 -63.20 -30.00 68.18
N ALA D 72 -64.31 -29.42 67.71
CA ALA D 72 -64.48 -29.16 66.28
C ALA D 72 -63.49 -28.13 65.79
N GLY D 73 -63.35 -27.01 66.49
CA GLY D 73 -62.40 -26.01 66.08
C GLY D 73 -60.96 -26.44 66.23
N VAL D 74 -60.68 -27.30 67.21
CA VAL D 74 -59.33 -27.84 67.37
C VAL D 74 -58.99 -28.80 66.24
N GLY D 75 -59.96 -29.63 65.82
CA GLY D 75 -59.75 -30.50 64.67
C GLY D 75 -59.60 -29.74 63.38
N ALA D 76 -60.37 -28.65 63.20
CA ALA D 76 -60.24 -27.82 62.01
C ALA D 76 -58.90 -27.10 61.97
N GLY D 77 -58.45 -26.56 63.10
CA GLY D 77 -57.17 -25.91 63.17
C GLY D 77 -56.00 -26.86 62.95
N LEU D 78 -56.11 -28.08 63.48
CA LEU D 78 -55.06 -29.06 63.27
C LEU D 78 -55.04 -29.55 61.83
N GLY D 79 -56.20 -29.63 61.19
CA GLY D 79 -56.22 -29.97 59.77
C GLY D 79 -55.61 -28.89 58.90
N VAL D 80 -55.88 -27.62 59.24
CA VAL D 80 -55.28 -26.49 58.53
C VAL D 80 -53.77 -26.50 58.70
N MET D 81 -53.30 -26.76 59.93
CA MET D 81 -51.87 -26.75 60.20
C MET D 81 -51.15 -27.91 59.55
N PHE D 82 -51.77 -29.10 59.53
CA PHE D 82 -51.14 -30.25 58.88
C PHE D 82 -51.15 -30.11 57.37
N GLY D 83 -52.19 -29.51 56.80
CA GLY D 83 -52.18 -29.20 55.39
C GLY D 83 -51.14 -28.15 55.03
N SER D 84 -50.93 -27.18 55.91
CA SER D 84 -49.86 -26.21 55.70
C SER D 84 -48.49 -26.85 55.83
N LEU D 85 -48.36 -27.88 56.68
CA LEU D 85 -47.13 -28.67 56.71
C LEU D 85 -46.87 -29.36 55.39
N ILE D 86 -47.91 -29.93 54.78
CA ILE D 86 -47.76 -30.58 53.48
C ILE D 86 -47.40 -29.56 52.40
N ASN D 87 -48.04 -28.38 52.42
CA ASN D 87 -47.75 -27.33 51.45
C ASN D 87 -46.32 -26.80 51.60
N GLY D 88 -45.89 -26.57 52.84
CA GLY D 88 -44.55 -26.08 53.07
C GLY D 88 -43.47 -27.10 52.74
N ALA D 89 -43.75 -28.37 53.02
CA ALA D 89 -42.80 -29.41 52.64
C ALA D 89 -42.77 -29.65 51.15
N ALA D 90 -43.86 -29.29 50.45
CA ALA D 90 -43.84 -29.34 48.99
C ALA D 90 -43.11 -28.13 48.40
N ARG D 91 -43.11 -27.00 49.08
CA ARG D 91 -42.42 -25.83 48.57
C ARG D 91 -40.91 -25.91 48.82
N ASN D 92 -40.51 -26.17 50.07
CA ASN D 92 -39.11 -26.18 50.47
C ASN D 92 -38.81 -27.53 51.12
N PRO D 93 -38.49 -28.55 50.34
CA PRO D 93 -38.31 -29.90 50.89
C PRO D 93 -37.00 -30.10 51.65
N ASN D 94 -36.09 -29.14 51.65
CA ASN D 94 -34.83 -29.31 52.39
C ASN D 94 -35.03 -29.19 53.89
N ILE D 95 -35.95 -28.33 54.32
CA ILE D 95 -36.15 -28.05 55.73
C ILE D 95 -37.38 -28.80 56.22
N ALA D 96 -37.69 -29.93 55.58
CA ALA D 96 -38.90 -30.67 55.88
C ALA D 96 -38.94 -31.22 57.30
N LYS D 97 -37.79 -31.61 57.86
CA LYS D 97 -37.79 -32.06 59.24
C LYS D 97 -37.88 -30.90 60.23
N GLN D 98 -37.37 -29.73 59.85
CA GLN D 98 -37.63 -28.52 60.63
C GLN D 98 -39.10 -28.14 60.60
N LEU D 99 -39.76 -28.37 59.46
CA LEU D 99 -41.19 -28.07 59.36
C LEU D 99 -42.03 -29.08 60.11
N VAL D 100 -41.60 -30.35 60.17
CA VAL D 100 -42.28 -31.31 61.03
C VAL D 100 -42.03 -30.97 62.50
N GLY D 101 -40.86 -30.41 62.82
CA GLY D 101 -40.63 -29.94 64.18
C GLY D 101 -41.50 -28.76 64.56
N TYR D 102 -41.82 -27.90 63.60
CA TYR D 102 -42.78 -26.84 63.87
C TYR D 102 -44.21 -27.36 63.93
N ALA D 103 -44.52 -28.37 63.12
CA ALA D 103 -45.87 -28.93 63.08
C ALA D 103 -46.20 -29.68 64.35
N LEU D 104 -45.22 -30.36 64.95
CA LEU D 104 -45.52 -31.09 66.18
C LEU D 104 -45.60 -30.16 67.37
N LEU D 105 -44.83 -29.07 67.38
CA LEU D 105 -44.97 -28.05 68.40
C LEU D 105 -46.34 -27.36 68.30
N GLY D 106 -46.76 -27.03 67.08
CA GLY D 106 -48.09 -26.47 66.89
C GLY D 106 -49.20 -27.44 67.20
N PHE D 107 -48.97 -28.73 66.94
CA PHE D 107 -49.95 -29.77 67.27
C PHE D 107 -50.14 -29.88 68.77
N ALA D 108 -49.03 -29.85 69.52
CA ALA D 108 -49.12 -29.89 70.98
C ALA D 108 -49.81 -28.65 71.53
N LEU D 109 -49.42 -27.48 71.03
CA LEU D 109 -49.97 -26.24 71.56
C LEU D 109 -51.39 -26.00 71.10
N THR D 110 -51.86 -26.69 70.06
CA THR D 110 -53.25 -26.66 69.66
C THR D 110 -54.10 -27.67 70.43
N GLU D 111 -53.60 -28.90 70.59
CA GLU D 111 -54.35 -29.91 71.32
C GLU D 111 -54.36 -29.67 72.82
N SER D 112 -53.53 -28.75 73.32
CA SER D 112 -53.67 -28.29 74.70
C SER D 112 -55.05 -27.69 74.96
N ILE D 113 -55.65 -27.04 73.95
CA ILE D 113 -57.00 -26.53 74.11
C ILE D 113 -58.03 -27.66 74.01
N ALA D 114 -57.71 -28.73 73.26
CA ALA D 114 -58.57 -29.90 73.25
C ALA D 114 -58.61 -30.55 74.61
N LEU D 115 -57.47 -30.59 75.30
CA LEU D 115 -57.47 -31.15 76.66
C LEU D 115 -58.02 -30.16 77.68
N PHE D 116 -57.93 -28.85 77.41
CA PHE D 116 -58.70 -27.86 78.16
C PHE D 116 -60.19 -28.14 78.11
N SER D 117 -60.71 -28.45 76.93
CA SER D 117 -62.13 -28.76 76.82
C SER D 117 -62.45 -30.12 77.41
N LEU D 118 -61.54 -31.09 77.31
CA LEU D 118 -61.77 -32.41 77.87
C LEU D 118 -61.77 -32.41 79.39
N LEU D 119 -60.93 -31.57 80.03
CA LEU D 119 -60.98 -31.53 81.49
C LEU D 119 -62.21 -30.80 81.97
N VAL D 120 -62.73 -29.85 81.19
CA VAL D 120 -64.02 -29.23 81.52
C VAL D 120 -65.14 -30.25 81.38
N VAL D 121 -65.05 -31.14 80.39
CA VAL D 121 -66.02 -32.23 80.24
C VAL D 121 -65.96 -33.17 81.44
N PHE D 122 -64.74 -33.55 81.84
CA PHE D 122 -64.57 -34.44 83.00
C PHE D 122 -64.96 -33.75 84.31
N LEU D 123 -64.88 -32.42 84.36
CA LEU D 123 -65.24 -31.69 85.56
C LEU D 123 -66.75 -31.47 85.65
N ILE D 124 -67.41 -31.34 84.51
CA ILE D 124 -68.87 -31.32 84.48
C ILE D 124 -69.42 -32.70 84.86
N LEU D 125 -68.88 -33.75 84.24
CA LEU D 125 -69.43 -35.10 84.42
C LEU D 125 -69.17 -35.63 85.83
N PHE D 126 -67.94 -35.53 86.32
CA PHE D 126 -67.53 -36.26 87.51
C PHE D 126 -67.15 -35.34 88.67
N ALA D 127 -67.59 -34.09 88.64
CA ALA D 127 -67.34 -33.18 89.75
C ALA D 127 -68.43 -32.12 89.84
N SER E 54 -87.46 -41.22 84.08
CA SER E 54 -86.20 -41.42 83.37
C SER E 54 -85.80 -40.19 82.58
N VAL E 55 -85.50 -39.10 83.29
CA VAL E 55 -84.97 -37.92 82.63
C VAL E 55 -83.47 -38.06 82.42
N LEU E 56 -82.80 -38.90 83.21
CA LEU E 56 -81.36 -39.09 83.09
C LEU E 56 -81.01 -39.91 81.85
N ALA E 57 -81.63 -41.08 81.70
CA ALA E 57 -81.37 -41.93 80.54
C ALA E 57 -81.96 -41.35 79.26
N ALA E 58 -82.83 -40.36 79.36
CA ALA E 58 -83.30 -39.65 78.16
C ALA E 58 -82.38 -38.49 77.82
N SER E 59 -81.88 -37.77 78.83
CA SER E 59 -80.97 -36.66 78.60
C SER E 59 -79.59 -37.12 78.17
N LYS E 60 -79.24 -38.38 78.46
CA LYS E 60 -77.97 -38.95 78.00
C LYS E 60 -77.86 -38.92 76.48
N MET E 61 -78.97 -39.16 75.78
CA MET E 61 -78.88 -39.24 74.33
C MET E 61 -78.90 -37.88 73.66
N VAL E 62 -79.58 -36.88 74.24
CA VAL E 62 -79.47 -35.55 73.66
C VAL E 62 -78.11 -34.93 74.02
N GLY E 63 -77.53 -35.31 75.16
CA GLY E 63 -76.16 -34.91 75.45
C GLY E 63 -75.16 -35.56 74.51
N ALA E 64 -75.34 -36.83 74.19
CA ALA E 64 -74.49 -37.49 73.22
C ALA E 64 -74.74 -37.03 71.80
N GLY E 65 -75.91 -36.47 71.52
CA GLY E 65 -76.16 -35.87 70.24
C GLY E 65 -75.45 -34.54 70.09
N CYS E 66 -75.53 -33.70 71.14
CA CYS E 66 -74.78 -32.45 71.15
C CYS E 66 -73.27 -32.68 71.22
N ALA E 67 -72.86 -33.84 71.73
CA ALA E 67 -71.43 -34.13 71.87
C ALA E 67 -70.75 -34.43 70.53
N THR E 68 -71.44 -35.07 69.60
CA THR E 68 -70.84 -35.45 68.34
C THR E 68 -70.98 -34.40 67.25
N ILE E 69 -71.26 -33.15 67.63
CA ILE E 69 -71.15 -32.06 66.68
C ILE E 69 -69.70 -31.73 66.42
N ALA E 70 -68.80 -32.14 67.33
CA ALA E 70 -67.37 -31.92 67.18
C ALA E 70 -66.74 -32.70 66.04
N LEU E 71 -67.42 -33.70 65.48
CA LEU E 71 -66.89 -34.38 64.30
C LEU E 71 -66.95 -33.52 63.05
N ALA E 72 -67.75 -32.45 63.06
CA ALA E 72 -67.85 -31.57 61.90
C ALA E 72 -66.54 -30.85 61.64
N GLY E 73 -65.97 -30.22 62.67
CA GLY E 73 -64.71 -29.52 62.48
C GLY E 73 -63.55 -30.44 62.20
N VAL E 74 -63.59 -31.67 62.70
CA VAL E 74 -62.52 -32.62 62.41
C VAL E 74 -62.64 -33.13 60.98
N GLY E 75 -63.87 -33.32 60.48
CA GLY E 75 -64.04 -33.64 59.07
C GLY E 75 -63.62 -32.52 58.15
N ALA E 76 -63.89 -31.27 58.55
CA ALA E 76 -63.42 -30.12 57.80
C ALA E 76 -61.90 -30.00 57.83
N GLY E 77 -61.28 -30.33 58.96
CA GLY E 77 -59.83 -30.32 59.03
C GLY E 77 -59.19 -31.39 58.16
N LEU E 78 -59.75 -32.59 58.14
CA LEU E 78 -59.24 -33.63 57.24
C LEU E 78 -59.45 -33.26 55.79
N GLY E 79 -60.56 -32.59 55.47
CA GLY E 79 -60.77 -32.13 54.11
C GLY E 79 -59.76 -31.07 53.67
N VAL E 80 -59.46 -30.12 54.56
CA VAL E 80 -58.46 -29.09 54.25
C VAL E 80 -57.07 -29.71 54.14
N MET E 81 -56.77 -30.70 54.99
CA MET E 81 -55.45 -31.32 54.98
C MET E 81 -55.23 -32.16 53.72
N PHE E 82 -56.22 -32.96 53.32
CA PHE E 82 -56.08 -33.73 52.10
C PHE E 82 -56.16 -32.84 50.87
N GLY E 83 -56.86 -31.71 50.98
CA GLY E 83 -56.84 -30.75 49.90
C GLY E 83 -55.48 -30.12 49.67
N SER E 84 -54.81 -29.77 50.76
CA SER E 84 -53.45 -29.28 50.63
C SER E 84 -52.47 -30.39 50.25
N LEU E 85 -52.80 -31.65 50.54
CA LEU E 85 -52.03 -32.76 49.99
C LEU E 85 -52.11 -32.80 48.47
N ILE E 86 -53.32 -32.65 47.92
CA ILE E 86 -53.50 -32.64 46.47
C ILE E 86 -52.79 -31.43 45.86
N ASN E 87 -52.90 -30.27 46.50
CA ASN E 87 -52.24 -29.06 46.03
C ASN E 87 -50.71 -29.20 46.04
N GLY E 88 -50.15 -29.72 47.12
CA GLY E 88 -48.71 -29.90 47.19
C GLY E 88 -48.18 -31.00 46.30
N ALA E 89 -48.98 -32.02 46.02
CA ALA E 89 -48.57 -33.04 45.08
C ALA E 89 -48.73 -32.59 43.64
N ALA E 90 -49.55 -31.57 43.39
CA ALA E 90 -49.56 -30.92 42.10
C ALA E 90 -48.42 -29.94 41.92
N ARG E 91 -47.95 -29.33 43.01
CA ARG E 91 -46.90 -28.33 42.93
C ARG E 91 -45.49 -28.90 43.12
N ASN E 92 -45.37 -30.18 43.45
CA ASN E 92 -44.06 -30.85 43.54
C ASN E 92 -44.29 -32.34 43.42
N PRO E 93 -44.48 -32.85 42.20
CA PRO E 93 -44.89 -34.24 42.02
C PRO E 93 -43.80 -35.27 42.26
N ASN E 94 -42.57 -34.85 42.56
CA ASN E 94 -41.48 -35.79 42.77
C ASN E 94 -41.32 -36.21 44.22
N ILE E 95 -41.99 -35.53 45.15
CA ILE E 95 -41.96 -35.93 46.55
C ILE E 95 -43.38 -36.26 47.00
N ALA E 96 -44.18 -36.78 46.06
CA ALA E 96 -45.58 -37.05 46.35
C ALA E 96 -45.75 -38.17 47.36
N LYS E 97 -44.82 -39.13 47.39
CA LYS E 97 -44.92 -40.18 48.42
C LYS E 97 -44.54 -39.65 49.80
N GLN E 98 -43.62 -38.68 49.86
CA GLN E 98 -43.30 -38.03 51.12
C GLN E 98 -44.47 -37.18 51.60
N LEU E 99 -45.18 -36.55 50.67
CA LEU E 99 -46.35 -35.77 51.06
C LEU E 99 -47.52 -36.66 51.47
N VAL E 100 -47.64 -37.85 50.87
CA VAL E 100 -48.66 -38.80 51.33
C VAL E 100 -48.31 -39.34 52.70
N GLY E 101 -47.01 -39.53 52.98
CA GLY E 101 -46.59 -39.88 54.33
C GLY E 101 -46.90 -38.81 55.35
N TYR E 102 -46.67 -37.55 55.01
CA TYR E 102 -47.05 -36.45 55.90
C TYR E 102 -48.57 -36.33 56.03
N ALA E 103 -49.32 -36.67 54.99
CA ALA E 103 -50.77 -36.64 55.07
C ALA E 103 -51.31 -37.72 55.97
N LEU E 104 -50.67 -38.89 55.97
CA LEU E 104 -51.11 -39.95 56.89
C LEU E 104 -50.67 -39.67 58.32
N LEU E 105 -49.51 -39.06 58.50
CA LEU E 105 -49.10 -38.63 59.84
C LEU E 105 -50.03 -37.54 60.38
N GLY E 106 -50.51 -36.66 59.51
CA GLY E 106 -51.46 -35.65 59.93
C GLY E 106 -52.86 -36.19 60.12
N PHE E 107 -53.23 -37.22 59.36
CA PHE E 107 -54.55 -37.81 59.50
C PHE E 107 -54.66 -38.62 60.78
N ALA E 108 -53.58 -39.32 61.15
CA ALA E 108 -53.60 -40.08 62.39
C ALA E 108 -53.52 -39.21 63.63
N LEU E 109 -53.16 -37.94 63.49
CA LEU E 109 -53.17 -37.00 64.59
C LEU E 109 -54.35 -36.05 64.57
N THR E 110 -55.13 -36.04 63.49
CA THR E 110 -56.36 -35.25 63.43
C THR E 110 -57.60 -36.07 63.75
N GLU E 111 -57.68 -37.32 63.27
CA GLU E 111 -58.76 -38.20 63.69
C GLU E 111 -58.64 -38.66 65.13
N SER E 112 -57.51 -38.40 65.78
CA SER E 112 -57.43 -38.61 67.22
C SER E 112 -58.45 -37.74 67.96
N ILE E 113 -58.67 -36.51 67.50
CA ILE E 113 -59.66 -35.63 68.13
C ILE E 113 -61.08 -36.10 67.80
N ALA E 114 -61.26 -36.72 66.63
CA ALA E 114 -62.53 -37.40 66.34
C ALA E 114 -62.77 -38.54 67.30
N LEU E 115 -61.72 -39.30 67.62
CA LEU E 115 -61.86 -40.36 68.62
C LEU E 115 -62.07 -39.79 70.01
N PHE E 116 -61.54 -38.60 70.29
CA PHE E 116 -61.78 -37.93 71.57
C PHE E 116 -63.26 -37.60 71.73
N SER E 117 -63.85 -36.98 70.71
CA SER E 117 -65.26 -36.59 70.77
C SER E 117 -66.16 -37.82 70.79
N LEU E 118 -65.79 -38.87 70.06
CA LEU E 118 -66.58 -40.10 70.16
C LEU E 118 -66.38 -40.82 71.49
N LEU E 119 -65.23 -40.64 72.15
CA LEU E 119 -65.08 -41.15 73.50
C LEU E 119 -65.99 -40.43 74.47
N VAL E 120 -66.11 -39.11 74.33
CA VAL E 120 -67.03 -38.36 75.19
C VAL E 120 -68.48 -38.75 74.89
N VAL E 121 -68.78 -39.08 73.63
CA VAL E 121 -70.09 -39.61 73.26
C VAL E 121 -70.36 -40.94 73.97
N PHE E 122 -69.41 -41.87 73.87
CA PHE E 122 -69.61 -43.20 74.47
C PHE E 122 -69.50 -43.18 75.98
N LEU E 123 -68.95 -42.10 76.54
CA LEU E 123 -68.89 -41.94 77.99
C LEU E 123 -70.19 -41.34 78.51
N ILE E 124 -70.83 -40.47 77.72
CA ILE E 124 -72.13 -39.95 78.10
C ILE E 124 -73.20 -41.03 77.94
N LEU E 125 -73.15 -41.80 76.84
CA LEU E 125 -74.16 -42.81 76.59
C LEU E 125 -74.09 -43.96 77.58
N PHE E 126 -72.98 -44.69 77.58
CA PHE E 126 -72.89 -45.97 78.28
C PHE E 126 -72.19 -45.87 79.63
N ALA E 127 -71.96 -44.66 80.13
CA ALA E 127 -71.32 -44.49 81.43
C ALA E 127 -71.80 -43.21 82.10
N SER F 54 -93.03 -41.38 77.88
CA SER F 54 -92.00 -41.79 76.93
C SER F 54 -91.25 -40.58 76.38
N VAL F 55 -90.51 -39.90 77.27
CA VAL F 55 -89.59 -38.86 76.86
C VAL F 55 -88.32 -39.48 76.28
N LEU F 56 -88.12 -40.78 76.49
CA LEU F 56 -86.92 -41.47 76.03
C LEU F 56 -86.86 -41.50 74.50
N ALA F 57 -87.95 -41.91 73.86
CA ALA F 57 -87.97 -41.95 72.40
C ALA F 57 -88.14 -40.57 71.78
N ALA F 58 -88.52 -39.56 72.57
CA ALA F 58 -88.53 -38.20 72.07
C ALA F 58 -87.12 -37.63 72.02
N SER F 59 -86.40 -37.74 73.15
CA SER F 59 -85.02 -37.29 73.22
C SER F 59 -84.10 -38.13 72.36
N LYS F 60 -84.49 -39.37 72.02
CA LYS F 60 -83.79 -40.16 71.01
C LYS F 60 -83.68 -39.41 69.69
N MET F 61 -84.79 -38.88 69.19
CA MET F 61 -84.79 -38.22 67.89
C MET F 61 -84.33 -36.77 67.97
N VAL F 62 -84.53 -36.09 69.10
CA VAL F 62 -83.86 -34.79 69.29
C VAL F 62 -82.34 -34.95 69.28
N GLY F 63 -81.84 -35.99 69.96
CA GLY F 63 -80.41 -36.23 69.99
C GLY F 63 -79.86 -36.68 68.66
N ALA F 64 -80.63 -37.47 67.91
CA ALA F 64 -80.18 -37.90 66.59
C ALA F 64 -80.15 -36.73 65.61
N GLY F 65 -81.14 -35.83 65.70
CA GLY F 65 -81.15 -34.65 64.84
C GLY F 65 -80.01 -33.70 65.14
N CYS F 66 -79.76 -33.44 66.41
CA CYS F 66 -78.60 -32.61 66.75
C CYS F 66 -77.28 -33.38 66.68
N ALA F 67 -77.32 -34.70 66.48
CA ALA F 67 -76.13 -35.51 66.30
C ALA F 67 -75.64 -35.48 64.87
N THR F 68 -76.56 -35.51 63.91
CA THR F 68 -76.16 -35.53 62.50
C THR F 68 -75.84 -34.15 61.93
N ILE F 69 -75.55 -33.15 62.78
CA ILE F 69 -74.98 -31.89 62.29
C ILE F 69 -73.49 -32.05 61.99
N ALA F 70 -72.90 -33.19 62.37
CA ALA F 70 -71.49 -33.46 62.06
C ALA F 70 -71.23 -33.64 60.58
N LEU F 71 -72.25 -33.96 59.79
CA LEU F 71 -72.05 -34.16 58.36
C LEU F 71 -71.87 -32.85 57.62
N ALA F 72 -72.21 -31.72 58.25
CA ALA F 72 -71.96 -30.42 57.65
C ALA F 72 -70.47 -30.18 57.45
N GLY F 73 -69.68 -30.39 58.50
CA GLY F 73 -68.25 -30.17 58.38
C GLY F 73 -67.57 -31.20 57.47
N VAL F 74 -68.12 -32.40 57.39
CA VAL F 74 -67.57 -33.40 56.48
C VAL F 74 -67.88 -33.01 55.03
N GLY F 75 -69.06 -32.43 54.80
CA GLY F 75 -69.38 -31.92 53.48
C GLY F 75 -68.51 -30.73 53.08
N ALA F 76 -68.25 -29.83 54.02
CA ALA F 76 -67.37 -28.71 53.75
C ALA F 76 -65.94 -29.17 53.50
N GLY F 77 -65.50 -30.20 54.21
CA GLY F 77 -64.18 -30.76 53.96
C GLY F 77 -64.08 -31.45 52.62
N LEU F 78 -65.11 -32.19 52.23
CA LEU F 78 -65.13 -32.81 50.90
C LEU F 78 -65.17 -31.76 49.80
N GLY F 79 -65.87 -30.66 50.04
CA GLY F 79 -65.90 -29.58 49.06
C GLY F 79 -64.55 -28.90 48.92
N VAL F 80 -63.86 -28.66 50.05
CA VAL F 80 -62.53 -28.06 49.99
C VAL F 80 -61.53 -29.00 49.32
N MET F 81 -61.62 -30.30 49.61
CA MET F 81 -60.70 -31.27 49.02
C MET F 81 -60.92 -31.43 47.52
N PHE F 82 -62.17 -31.53 47.08
CA PHE F 82 -62.43 -31.66 45.66
C PHE F 82 -62.19 -30.33 44.93
N GLY F 83 -62.35 -29.21 45.62
CA GLY F 83 -61.98 -27.94 45.01
C GLY F 83 -60.49 -27.80 44.81
N SER F 84 -59.71 -28.32 45.75
CA SER F 84 -58.27 -28.40 45.56
C SER F 84 -57.91 -29.40 44.46
N LEU F 85 -58.72 -30.45 44.28
CA LEU F 85 -58.47 -31.38 43.19
C LEU F 85 -58.66 -30.70 41.85
N ILE F 86 -59.69 -29.86 41.73
CA ILE F 86 -59.91 -29.13 40.47
C ILE F 86 -58.84 -28.06 40.29
N ASN F 87 -58.37 -27.45 41.39
CA ASN F 87 -57.29 -26.46 41.28
C ASN F 87 -55.98 -27.09 40.84
N GLY F 88 -55.53 -28.13 41.55
CA GLY F 88 -54.28 -28.79 41.23
C GLY F 88 -54.32 -29.61 39.96
N ALA F 89 -55.51 -29.98 39.50
CA ALA F 89 -55.64 -30.60 38.19
C ALA F 89 -55.59 -29.58 37.08
N ALA F 90 -55.91 -28.32 37.37
CA ALA F 90 -55.74 -27.23 36.44
C ALA F 90 -54.37 -26.58 36.55
N ARG F 91 -53.60 -26.91 37.57
CA ARG F 91 -52.24 -26.38 37.65
C ARG F 91 -51.32 -27.12 36.69
N ASN F 92 -51.15 -28.43 36.89
CA ASN F 92 -50.47 -29.28 35.91
C ASN F 92 -51.37 -30.45 35.57
N PRO F 93 -52.00 -30.47 34.40
CA PRO F 93 -52.93 -31.55 34.05
C PRO F 93 -52.29 -32.83 33.55
N ASN F 94 -50.99 -33.03 33.72
CA ASN F 94 -50.41 -34.31 33.35
C ASN F 94 -50.56 -35.35 34.46
N ILE F 95 -50.57 -34.90 35.71
CA ILE F 95 -50.68 -35.80 36.85
C ILE F 95 -52.09 -35.79 37.44
N ALA F 96 -53.10 -35.43 36.64
CA ALA F 96 -54.46 -35.33 37.17
C ALA F 96 -55.03 -36.68 37.51
N LYS F 97 -54.63 -37.74 36.80
CA LYS F 97 -55.09 -39.07 37.17
C LYS F 97 -54.38 -39.62 38.39
N GLN F 98 -53.25 -39.01 38.78
CA GLN F 98 -52.63 -39.33 40.06
C GLN F 98 -53.28 -38.53 41.19
N LEU F 99 -53.64 -37.28 40.90
CA LEU F 99 -54.35 -36.46 41.88
C LEU F 99 -55.76 -36.97 42.13
N VAL F 100 -56.37 -37.64 41.16
CA VAL F 100 -57.65 -38.33 41.41
C VAL F 100 -57.45 -39.48 42.40
N GLY F 101 -56.35 -40.22 42.27
CA GLY F 101 -56.05 -41.26 43.22
C GLY F 101 -55.68 -40.76 44.61
N TYR F 102 -55.19 -39.53 44.70
CA TYR F 102 -55.02 -38.91 46.01
C TYR F 102 -56.32 -38.38 46.59
N ALA F 103 -57.21 -37.85 45.73
CA ALA F 103 -58.50 -37.35 46.18
C ALA F 103 -59.40 -38.49 46.63
N LEU F 104 -59.26 -39.66 46.03
CA LEU F 104 -60.03 -40.81 46.48
C LEU F 104 -59.56 -41.32 47.82
N LEU F 105 -58.25 -41.29 48.08
CA LEU F 105 -57.72 -41.63 49.40
C LEU F 105 -58.21 -40.65 50.46
N GLY F 106 -58.17 -39.35 50.12
CA GLY F 106 -58.70 -38.35 51.04
C GLY F 106 -60.19 -38.46 51.27
N PHE F 107 -60.93 -38.86 50.24
CA PHE F 107 -62.37 -39.05 50.36
C PHE F 107 -62.69 -40.25 51.24
N ALA F 108 -61.95 -41.35 51.07
CA ALA F 108 -62.16 -42.54 51.88
C ALA F 108 -61.75 -42.32 53.33
N LEU F 109 -60.74 -41.48 53.57
CA LEU F 109 -60.34 -41.20 54.95
C LEU F 109 -61.10 -40.03 55.55
N THR F 110 -61.88 -39.29 54.77
CA THR F 110 -62.67 -38.22 55.32
C THR F 110 -64.12 -38.64 55.56
N GLU F 111 -64.58 -39.61 54.77
CA GLU F 111 -65.94 -40.18 54.92
C GLU F 111 -66.01 -41.02 56.20
N SER F 112 -64.87 -41.47 56.72
CA SER F 112 -64.87 -42.27 57.94
C SER F 112 -65.50 -41.49 59.09
N ILE F 113 -65.29 -40.18 59.11
CA ILE F 113 -65.96 -39.34 60.10
C ILE F 113 -67.46 -39.24 59.81
N ALA F 114 -67.83 -39.28 58.52
CA ALA F 114 -69.24 -39.28 58.15
C ALA F 114 -69.94 -40.57 58.59
N LEU F 115 -69.29 -41.71 58.42
CA LEU F 115 -69.90 -42.94 58.94
C LEU F 115 -69.76 -43.09 60.45
N PHE F 116 -68.83 -42.37 61.09
CA PHE F 116 -68.84 -42.32 62.56
C PHE F 116 -70.04 -41.53 63.07
N SER F 117 -70.36 -40.43 62.39
CA SER F 117 -71.57 -39.67 62.74
C SER F 117 -72.84 -40.44 62.42
N LEU F 118 -72.84 -41.20 61.32
CA LEU F 118 -73.97 -42.09 61.08
C LEU F 118 -74.01 -43.24 62.08
N LEU F 119 -72.86 -43.64 62.63
CA LEU F 119 -72.84 -44.66 63.65
C LEU F 119 -73.47 -44.18 64.94
N VAL F 120 -73.13 -42.95 65.37
CA VAL F 120 -73.75 -42.45 66.59
C VAL F 120 -75.23 -42.13 66.36
N VAL F 121 -75.61 -41.78 65.13
CA VAL F 121 -77.02 -41.61 64.80
C VAL F 121 -77.77 -42.94 64.90
N PHE F 122 -77.23 -44.00 64.30
CA PHE F 122 -77.84 -45.31 64.37
C PHE F 122 -77.72 -45.96 65.74
N LEU F 123 -76.85 -45.45 66.59
CA LEU F 123 -76.64 -46.00 67.93
C LEU F 123 -77.51 -45.30 68.97
N ILE F 124 -77.90 -44.05 68.75
CA ILE F 124 -78.87 -43.41 69.63
C ILE F 124 -80.27 -43.40 69.06
N LEU F 125 -80.47 -43.85 67.83
CA LEU F 125 -81.82 -44.08 67.34
C LEU F 125 -82.35 -45.45 67.72
N PHE F 126 -81.59 -46.51 67.43
CA PHE F 126 -82.05 -47.88 67.56
C PHE F 126 -81.36 -48.63 68.69
N ALA F 127 -80.62 -47.94 69.54
CA ALA F 127 -79.93 -48.57 70.66
C ALA F 127 -79.77 -47.60 71.82
N SER G 54 -98.39 -36.45 72.94
CA SER G 54 -97.87 -36.57 71.58
C SER G 54 -96.52 -35.91 71.44
N VAL G 55 -95.71 -35.94 72.51
CA VAL G 55 -94.40 -35.29 72.48
C VAL G 55 -93.37 -36.06 71.66
N LEU G 56 -93.65 -37.32 71.32
CA LEU G 56 -92.78 -38.06 70.42
C LEU G 56 -92.84 -37.48 69.01
N ALA G 57 -94.04 -37.38 68.44
CA ALA G 57 -94.20 -36.78 67.13
C ALA G 57 -94.05 -35.27 67.17
N ALA G 58 -94.11 -34.66 68.35
CA ALA G 58 -93.79 -33.23 68.46
C ALA G 58 -92.28 -33.01 68.39
N SER G 59 -91.52 -33.84 69.11
CA SER G 59 -90.07 -33.73 69.09
C SER G 59 -89.46 -34.26 67.81
N LYS G 60 -90.23 -35.06 67.04
CA LYS G 60 -89.81 -35.43 65.69
C LYS G 60 -89.57 -34.22 64.82
N MET G 61 -90.35 -33.15 65.00
CA MET G 61 -90.19 -31.96 64.17
C MET G 61 -88.92 -31.19 64.52
N VAL G 62 -88.61 -31.04 65.82
CA VAL G 62 -87.38 -30.33 66.18
C VAL G 62 -86.15 -31.19 65.89
N GLY G 63 -86.29 -32.53 65.95
CA GLY G 63 -85.21 -33.39 65.50
C GLY G 63 -84.98 -33.30 64.01
N ALA G 64 -86.07 -33.22 63.24
CA ALA G 64 -85.96 -33.06 61.80
C ALA G 64 -85.41 -31.69 61.41
N GLY G 65 -85.67 -30.69 62.25
CA GLY G 65 -85.10 -29.38 61.99
C GLY G 65 -83.62 -29.32 62.29
N CYS G 66 -83.20 -29.93 63.39
CA CYS G 66 -81.77 -30.01 63.69
C CYS G 66 -81.03 -30.96 62.76
N ALA G 67 -81.73 -31.89 62.12
CA ALA G 67 -81.06 -32.91 61.32
C ALA G 67 -80.57 -32.35 59.99
N THR G 68 -81.28 -31.39 59.41
CA THR G 68 -80.94 -30.88 58.10
C THR G 68 -80.02 -29.66 58.16
N ILE G 69 -79.44 -29.36 59.32
CA ILE G 69 -78.37 -28.37 59.39
C ILE G 69 -77.07 -28.91 58.81
N ALA G 70 -76.99 -30.23 58.60
CA ALA G 70 -75.89 -30.83 57.85
C ALA G 70 -75.83 -30.38 56.40
N LEU G 71 -76.94 -29.90 55.84
CA LEU G 71 -76.93 -29.42 54.46
C LEU G 71 -76.20 -28.09 54.30
N ALA G 72 -76.04 -27.33 55.39
CA ALA G 72 -75.33 -26.06 55.32
C ALA G 72 -73.88 -26.25 54.92
N GLY G 73 -73.19 -27.18 55.58
CA GLY G 73 -71.81 -27.43 55.25
C GLY G 73 -71.61 -28.04 53.87
N VAL G 74 -72.55 -28.86 53.42
CA VAL G 74 -72.40 -29.43 52.08
C VAL G 74 -72.71 -28.38 51.02
N GLY G 75 -73.54 -27.39 51.35
CA GLY G 75 -73.73 -26.28 50.44
C GLY G 75 -72.52 -25.38 50.35
N ALA G 76 -71.86 -25.15 51.48
CA ALA G 76 -70.62 -24.38 51.48
C ALA G 76 -69.51 -25.11 50.74
N GLY G 77 -69.46 -26.44 50.88
CA GLY G 77 -68.49 -27.22 50.15
C GLY G 77 -68.74 -27.25 48.66
N LEU G 78 -70.02 -27.32 48.26
CA LEU G 78 -70.38 -27.21 46.85
C LEU G 78 -70.00 -25.85 46.28
N GLY G 79 -70.18 -24.79 47.06
CA GLY G 79 -69.82 -23.47 46.60
C GLY G 79 -68.32 -23.30 46.42
N VAL G 80 -67.54 -23.80 47.39
CA VAL G 80 -66.07 -23.75 47.28
C VAL G 80 -65.59 -24.58 46.10
N MET G 81 -66.20 -25.75 45.88
CA MET G 81 -65.79 -26.64 44.80
C MET G 81 -66.09 -26.04 43.43
N PHE G 82 -67.27 -25.44 43.26
CA PHE G 82 -67.57 -24.84 41.97
C PHE G 82 -66.86 -23.52 41.75
N GLY G 83 -66.53 -22.78 42.80
CA GLY G 83 -65.71 -21.60 42.65
C GLY G 83 -64.29 -21.95 42.23
N SER G 84 -63.78 -23.06 42.78
CA SER G 84 -62.51 -23.58 42.33
C SER G 84 -62.58 -24.07 40.89
N LEU G 85 -63.73 -24.61 40.48
CA LEU G 85 -63.91 -25.00 39.08
C LEU G 85 -63.84 -23.79 38.16
N ILE G 86 -64.43 -22.67 38.58
CA ILE G 86 -64.36 -21.44 37.80
C ILE G 86 -62.92 -20.92 37.73
N ASN G 87 -62.21 -20.90 38.86
CA ASN G 87 -60.81 -20.47 38.87
C ASN G 87 -59.91 -21.39 38.05
N GLY G 88 -60.18 -22.70 38.08
CA GLY G 88 -59.38 -23.63 37.34
C GLY G 88 -59.63 -23.60 35.85
N ALA G 89 -60.87 -23.33 35.44
CA ALA G 89 -61.14 -23.12 34.03
C ALA G 89 -60.64 -21.76 33.56
N ALA G 90 -60.51 -20.78 34.46
CA ALA G 90 -59.87 -19.53 34.10
C ALA G 90 -58.36 -19.69 33.97
N ARG G 91 -57.75 -20.61 34.72
CA ARG G 91 -56.32 -20.83 34.57
C ARG G 91 -56.00 -21.56 33.28
N ASN G 92 -56.54 -22.76 33.10
CA ASN G 92 -56.35 -23.57 31.89
C ASN G 92 -57.69 -23.81 31.20
N PRO G 93 -58.06 -22.97 30.23
CA PRO G 93 -59.27 -23.22 29.45
C PRO G 93 -59.25 -24.46 28.58
N ASN G 94 -58.09 -25.05 28.31
CA ASN G 94 -58.05 -26.18 27.37
C ASN G 94 -58.60 -27.45 28.00
N ILE G 95 -58.51 -27.58 29.32
CA ILE G 95 -58.92 -28.81 30.00
C ILE G 95 -60.20 -28.58 30.78
N ALA G 96 -61.03 -27.63 30.31
CA ALA G 96 -62.24 -27.27 31.04
C ALA G 96 -63.25 -28.40 31.07
N LYS G 97 -63.30 -29.24 30.02
CA LYS G 97 -64.16 -30.41 30.04
C LYS G 97 -63.69 -31.44 31.07
N GLN G 98 -62.38 -31.62 31.22
CA GLN G 98 -61.86 -32.53 32.24
C GLN G 98 -62.10 -32.00 33.64
N LEU G 99 -61.98 -30.68 33.82
CA LEU G 99 -62.28 -30.09 35.12
C LEU G 99 -63.76 -30.16 35.45
N VAL G 100 -64.63 -30.07 34.45
CA VAL G 100 -66.07 -30.26 34.68
C VAL G 100 -66.36 -31.73 35.01
N GLY G 101 -65.65 -32.65 34.37
CA GLY G 101 -65.78 -34.05 34.73
C GLY G 101 -65.28 -34.38 36.12
N TYR G 102 -64.32 -33.59 36.63
CA TYR G 102 -63.94 -33.73 38.03
C TYR G 102 -64.94 -33.05 38.96
N ALA G 103 -65.52 -31.93 38.54
CA ALA G 103 -66.45 -31.20 39.39
C ALA G 103 -67.76 -31.96 39.57
N LEU G 104 -68.23 -32.64 38.52
CA LEU G 104 -69.44 -33.44 38.66
C LEU G 104 -69.20 -34.69 39.51
N LEU G 105 -67.99 -35.24 39.44
CA LEU G 105 -67.62 -36.36 40.32
C LEU G 105 -67.58 -35.91 41.77
N GLY G 106 -66.98 -34.75 42.04
CA GLY G 106 -66.96 -34.20 43.38
C GLY G 106 -68.34 -33.82 43.87
N PHE G 107 -69.22 -33.39 42.97
CA PHE G 107 -70.60 -33.11 43.32
C PHE G 107 -71.35 -34.38 43.70
N ALA G 108 -71.17 -35.44 42.92
CA ALA G 108 -71.83 -36.71 43.20
C ALA G 108 -71.27 -37.40 44.43
N LEU G 109 -70.05 -37.07 44.84
CA LEU G 109 -69.48 -37.66 46.05
C LEU G 109 -69.68 -36.80 47.30
N THR G 110 -69.85 -35.48 47.17
CA THR G 110 -70.13 -34.68 48.37
C THR G 110 -71.63 -34.58 48.62
N GLU G 111 -72.41 -35.10 47.66
CA GLU G 111 -73.88 -35.19 47.77
C GLU G 111 -74.18 -36.54 48.44
N SER G 112 -73.18 -37.42 48.52
CA SER G 112 -73.36 -38.72 49.14
C SER G 112 -73.64 -38.58 50.63
N ILE G 113 -73.20 -37.48 51.24
CA ILE G 113 -73.49 -37.18 52.64
C ILE G 113 -74.48 -36.04 52.79
N ALA G 114 -74.98 -35.49 51.69
CA ALA G 114 -76.29 -34.83 51.73
C ALA G 114 -77.39 -35.88 51.67
N LEU G 115 -77.15 -36.96 50.90
CA LEU G 115 -78.03 -38.12 50.87
C LEU G 115 -78.12 -38.80 52.23
N PHE G 116 -77.03 -38.84 52.98
CA PHE G 116 -77.06 -39.49 54.29
C PHE G 116 -77.82 -38.65 55.29
N SER G 117 -77.70 -37.32 55.21
CA SER G 117 -78.48 -36.46 56.09
C SER G 117 -79.97 -36.49 55.74
N LEU G 118 -80.29 -36.62 54.45
CA LEU G 118 -81.70 -36.78 54.09
C LEU G 118 -82.23 -38.16 54.48
N LEU G 119 -81.37 -39.18 54.47
CA LEU G 119 -81.77 -40.49 54.98
C LEU G 119 -82.03 -40.42 56.48
N VAL G 120 -81.22 -39.67 57.22
CA VAL G 120 -81.41 -39.53 58.65
C VAL G 120 -82.69 -38.74 58.96
N VAL G 121 -82.96 -37.69 58.18
CA VAL G 121 -84.17 -36.91 58.46
C VAL G 121 -85.43 -37.67 58.01
N PHE G 122 -85.30 -38.58 57.04
CA PHE G 122 -86.44 -39.41 56.68
C PHE G 122 -86.65 -40.54 57.67
N LEU G 123 -85.59 -41.04 58.31
CA LEU G 123 -85.74 -41.99 59.39
C LEU G 123 -86.22 -41.33 60.68
N ILE G 124 -85.98 -40.03 60.85
CA ILE G 124 -86.49 -39.34 62.01
C ILE G 124 -87.96 -38.99 61.83
N LEU G 125 -88.35 -38.56 60.62
CA LEU G 125 -89.75 -38.21 60.38
C LEU G 125 -90.63 -39.44 60.15
N PHE G 126 -90.22 -40.33 59.26
CA PHE G 126 -91.09 -41.39 58.75
C PHE G 126 -90.68 -42.78 59.24
N ALA G 127 -90.01 -42.84 60.39
CA ALA G 127 -89.64 -44.13 60.99
C ALA G 127 -89.47 -43.98 62.49
N SER H 54 -101.94 -28.82 72.35
CA SER H 54 -101.34 -29.10 71.06
C SER H 54 -99.93 -28.53 70.97
N VAL H 55 -98.96 -29.30 71.45
CA VAL H 55 -97.56 -28.89 71.34
C VAL H 55 -96.91 -29.38 70.05
N LEU H 56 -97.62 -30.14 69.23
CA LEU H 56 -97.07 -30.56 67.94
C LEU H 56 -97.00 -29.40 66.97
N ALA H 57 -98.08 -28.61 66.89
CA ALA H 57 -98.08 -27.43 66.01
C ALA H 57 -97.14 -26.35 66.55
N ALA H 58 -96.92 -26.32 67.86
CA ALA H 58 -95.92 -25.41 68.42
C ALA H 58 -94.52 -25.86 68.07
N SER H 59 -94.22 -27.15 68.25
CA SER H 59 -92.89 -27.67 67.96
C SER H 59 -92.59 -27.70 66.47
N LYS H 60 -93.62 -27.64 65.62
CA LYS H 60 -93.38 -27.47 64.20
C LYS H 60 -92.73 -26.13 63.88
N MET H 61 -92.99 -25.11 64.71
CA MET H 61 -92.36 -23.81 64.49
C MET H 61 -90.86 -23.84 64.82
N VAL H 62 -90.49 -24.47 65.93
CA VAL H 62 -89.07 -24.56 66.26
C VAL H 62 -88.36 -25.62 65.44
N GLY H 63 -89.09 -26.57 64.86
CA GLY H 63 -88.49 -27.46 63.88
C GLY H 63 -88.29 -26.78 62.55
N ALA H 64 -89.23 -25.92 62.16
CA ALA H 64 -89.09 -25.19 60.92
C ALA H 64 -88.04 -24.08 61.03
N GLY H 65 -87.80 -23.58 62.24
CA GLY H 65 -86.79 -22.56 62.42
C GLY H 65 -85.38 -23.10 62.22
N CYS H 66 -85.02 -24.14 62.97
CA CYS H 66 -83.69 -24.73 62.86
C CYS H 66 -83.46 -25.42 61.52
N ALA H 67 -84.51 -25.76 60.77
CA ALA H 67 -84.34 -26.42 59.49
C ALA H 67 -83.84 -25.46 58.42
N THR H 68 -84.09 -24.16 58.55
CA THR H 68 -83.62 -23.19 57.58
C THR H 68 -82.27 -22.60 57.95
N ILE H 69 -81.55 -23.18 58.91
CA ILE H 69 -80.16 -22.80 59.14
C ILE H 69 -79.27 -23.39 58.06
N ALA H 70 -79.78 -24.38 57.31
CA ALA H 70 -79.09 -24.94 56.16
C ALA H 70 -78.82 -23.92 55.06
N LEU H 71 -79.62 -22.85 54.98
CA LEU H 71 -79.42 -21.85 53.94
C LEU H 71 -78.22 -20.96 54.21
N ALA H 72 -77.67 -20.99 55.43
CA ALA H 72 -76.50 -20.18 55.75
C ALA H 72 -75.29 -20.64 54.96
N GLY H 73 -74.99 -21.92 55.01
CA GLY H 73 -73.87 -22.44 54.25
C GLY H 73 -74.10 -22.40 52.76
N VAL H 74 -75.36 -22.48 52.32
CA VAL H 74 -75.66 -22.36 50.91
C VAL H 74 -75.39 -20.93 50.42
N GLY H 75 -75.78 -19.93 51.20
CA GLY H 75 -75.48 -18.56 50.84
C GLY H 75 -73.99 -18.24 50.90
N ALA H 76 -73.29 -18.83 51.86
CA ALA H 76 -71.84 -18.63 51.94
C ALA H 76 -71.12 -19.31 50.79
N GLY H 77 -71.59 -20.49 50.37
CA GLY H 77 -71.01 -21.15 49.22
C GLY H 77 -71.29 -20.42 47.93
N LEU H 78 -72.50 -19.85 47.80
CA LEU H 78 -72.81 -19.04 46.62
C LEU H 78 -71.96 -17.77 46.59
N GLY H 79 -71.72 -17.16 47.75
CA GLY H 79 -70.85 -15.99 47.79
C GLY H 79 -69.41 -16.32 47.44
N VAL H 80 -68.92 -17.47 47.91
CA VAL H 80 -67.56 -17.93 47.55
C VAL H 80 -67.47 -18.22 46.06
N MET H 81 -68.51 -18.85 45.49
CA MET H 81 -68.50 -19.20 44.08
C MET H 81 -68.58 -17.96 43.19
N PHE H 82 -69.37 -16.96 43.58
CA PHE H 82 -69.45 -15.76 42.76
C PHE H 82 -68.23 -14.86 42.94
N GLY H 83 -67.59 -14.90 44.12
CA GLY H 83 -66.33 -14.20 44.27
C GLY H 83 -65.22 -14.83 43.44
N SER H 84 -65.21 -16.16 43.35
CA SER H 84 -64.26 -16.82 42.47
C SER H 84 -64.62 -16.61 41.01
N LEU H 85 -65.91 -16.39 40.71
CA LEU H 85 -66.31 -16.00 39.36
C LEU H 85 -65.74 -14.63 38.99
N ILE H 86 -65.80 -13.68 39.92
CA ILE H 86 -65.23 -12.36 39.68
C ILE H 86 -63.72 -12.44 39.52
N ASN H 87 -63.05 -13.26 40.34
CA ASN H 87 -61.60 -13.42 40.21
C ASN H 87 -61.22 -14.08 38.90
N GLY H 88 -61.93 -15.14 38.51
CA GLY H 88 -61.64 -15.81 37.26
C GLY H 88 -61.95 -14.97 36.03
N ALA H 89 -62.93 -14.07 36.14
CA ALA H 89 -63.14 -13.10 35.09
C ALA H 89 -62.03 -12.06 35.05
N ALA H 90 -61.51 -11.68 36.21
CA ALA H 90 -60.42 -10.71 36.26
C ALA H 90 -59.10 -11.27 35.76
N ARG H 91 -58.91 -12.59 35.81
CA ARG H 91 -57.67 -13.17 35.33
C ARG H 91 -57.61 -13.16 33.80
N ASN H 92 -58.57 -13.80 33.14
CA ASN H 92 -58.70 -13.73 31.68
C ASN H 92 -60.14 -13.45 31.33
N PRO H 93 -60.48 -12.21 31.00
CA PRO H 93 -61.89 -11.87 30.69
C PRO H 93 -62.35 -12.30 29.31
N ASN H 94 -61.49 -12.90 28.48
CA ASN H 94 -61.91 -13.31 27.15
C ASN H 94 -62.78 -14.56 27.19
N ILE H 95 -62.78 -15.31 28.29
CA ILE H 95 -63.58 -16.50 28.45
C ILE H 95 -64.64 -16.31 29.54
N ALA H 96 -64.96 -15.04 29.83
CA ALA H 96 -65.86 -14.72 30.93
C ALA H 96 -67.29 -15.15 30.66
N LYS H 97 -67.67 -15.33 29.39
CA LYS H 97 -68.99 -15.89 29.10
C LYS H 97 -69.05 -17.38 29.46
N GLN H 98 -67.99 -18.14 29.17
CA GLN H 98 -67.95 -19.53 29.60
C GLN H 98 -67.84 -19.62 31.12
N LEU H 99 -67.17 -18.66 31.75
CA LEU H 99 -67.07 -18.67 33.20
C LEU H 99 -68.39 -18.30 33.88
N VAL H 100 -69.18 -17.40 33.28
CA VAL H 100 -70.48 -17.10 33.88
C VAL H 100 -71.47 -18.21 33.57
N GLY H 101 -71.25 -18.95 32.48
CA GLY H 101 -72.00 -20.19 32.28
C GLY H 101 -71.68 -21.26 33.29
N TYR H 102 -70.40 -21.42 33.64
CA TYR H 102 -70.01 -22.33 34.71
C TYR H 102 -70.54 -21.86 36.06
N ALA H 103 -70.59 -20.54 36.28
CA ALA H 103 -71.13 -20.03 37.54
C ALA H 103 -72.64 -20.22 37.64
N LEU H 104 -73.35 -20.11 36.52
CA LEU H 104 -74.78 -20.37 36.53
C LEU H 104 -75.07 -21.85 36.70
N LEU H 105 -74.23 -22.73 36.11
CA LEU H 105 -74.36 -24.16 36.35
C LEU H 105 -74.07 -24.51 37.81
N GLY H 106 -73.04 -23.90 38.39
CA GLY H 106 -72.75 -24.14 39.80
C GLY H 106 -73.82 -23.61 40.72
N PHE H 107 -74.45 -22.49 40.35
CA PHE H 107 -75.57 -21.95 41.12
C PHE H 107 -76.77 -22.88 41.06
N ALA H 108 -77.11 -23.35 39.85
CA ALA H 108 -78.26 -24.23 39.68
C ALA H 108 -78.02 -25.61 40.28
N LEU H 109 -76.76 -26.03 40.42
CA LEU H 109 -76.47 -27.32 41.03
C LEU H 109 -76.18 -27.22 42.53
N THR H 110 -75.91 -26.02 43.04
CA THR H 110 -75.75 -25.80 44.47
C THR H 110 -77.08 -25.45 45.12
N GLU H 111 -78.00 -24.86 44.36
CA GLU H 111 -79.36 -24.61 44.82
C GLU H 111 -80.18 -25.88 44.99
N SER H 112 -79.66 -27.04 44.55
CA SER H 112 -80.26 -28.32 44.91
C SER H 112 -80.24 -28.55 46.42
N ILE H 113 -79.22 -28.03 47.10
CA ILE H 113 -79.16 -28.11 48.57
C ILE H 113 -80.26 -27.24 49.19
N ALA H 114 -80.47 -26.04 48.65
CA ALA H 114 -81.54 -25.18 49.16
C ALA H 114 -82.91 -25.75 48.82
N LEU H 115 -83.01 -26.47 47.70
CA LEU H 115 -84.24 -27.19 47.37
C LEU H 115 -84.50 -28.32 48.35
N PHE H 116 -83.46 -29.08 48.73
CA PHE H 116 -83.64 -30.15 49.69
C PHE H 116 -83.80 -29.64 51.11
N SER H 117 -83.43 -28.39 51.38
CA SER H 117 -83.71 -27.79 52.70
C SER H 117 -85.12 -27.24 52.77
N LEU H 118 -85.56 -26.53 51.73
CA LEU H 118 -86.90 -25.96 51.73
C LEU H 118 -87.96 -27.02 51.53
N LEU H 119 -87.63 -28.13 50.86
CA LEU H 119 -88.54 -29.27 50.78
C LEU H 119 -88.75 -29.88 52.16
N VAL H 120 -87.70 -29.94 52.97
CA VAL H 120 -87.83 -30.46 54.33
C VAL H 120 -88.61 -29.49 55.21
N VAL H 121 -88.39 -28.18 55.05
CA VAL H 121 -89.12 -27.24 55.92
C VAL H 121 -90.60 -27.16 55.50
N PHE H 122 -90.91 -27.43 54.22
CA PHE H 122 -92.30 -27.55 53.82
C PHE H 122 -92.92 -28.89 54.22
N LEU H 123 -92.11 -29.95 54.30
CA LEU H 123 -92.60 -31.25 54.74
C LEU H 123 -92.79 -31.32 56.24
N ILE H 124 -92.16 -30.41 57.00
CA ILE H 124 -92.40 -30.34 58.44
C ILE H 124 -93.24 -29.13 58.83
N LEU H 125 -93.58 -28.25 57.89
CA LEU H 125 -94.57 -27.22 58.19
C LEU H 125 -95.99 -27.67 57.81
N PHE H 126 -96.14 -28.31 56.65
CA PHE H 126 -97.45 -28.59 56.08
C PHE H 126 -97.66 -30.08 55.82
N ALA H 127 -97.05 -30.95 56.62
CA ALA H 127 -97.30 -32.38 56.52
C ALA H 127 -97.03 -33.06 57.86
N SER I 54 -101.17 -20.09 74.81
CA SER I 54 -100.22 -19.21 74.11
C SER I 54 -98.92 -19.94 73.82
N VAL I 55 -99.03 -21.23 73.49
CA VAL I 55 -97.85 -22.01 73.17
C VAL I 55 -97.53 -21.95 71.67
N LEU I 56 -98.52 -21.68 70.82
CA LEU I 56 -98.25 -21.57 69.39
C LEU I 56 -97.60 -20.24 69.06
N ALA I 57 -98.11 -19.14 69.62
CA ALA I 57 -97.56 -17.82 69.35
C ALA I 57 -96.18 -17.62 69.97
N ALA I 58 -95.88 -18.34 71.06
CA ALA I 58 -94.55 -18.25 71.67
C ALA I 58 -93.53 -19.08 70.89
N SER I 59 -93.94 -20.26 70.45
CA SER I 59 -93.04 -21.10 69.65
C SER I 59 -92.81 -20.52 68.27
N LYS I 60 -93.80 -19.81 67.71
CA LYS I 60 -93.59 -19.03 66.49
C LYS I 60 -92.50 -17.98 66.71
N MET I 61 -92.56 -17.31 67.85
CA MET I 61 -91.69 -16.17 68.10
C MET I 61 -90.26 -16.61 68.37
N VAL I 62 -90.07 -17.81 68.89
CA VAL I 62 -88.70 -18.31 69.05
C VAL I 62 -88.22 -19.07 67.81
N GLY I 63 -89.13 -19.68 67.05
CA GLY I 63 -88.73 -20.32 65.81
C GLY I 63 -88.33 -19.33 64.73
N ALA I 64 -88.86 -18.11 64.79
CA ALA I 64 -88.40 -17.06 63.87
C ALA I 64 -86.94 -16.69 64.15
N GLY I 65 -86.58 -16.59 65.44
CA GLY I 65 -85.20 -16.37 65.79
C GLY I 65 -84.29 -17.53 65.44
N CYS I 66 -84.80 -18.75 65.53
CA CYS I 66 -84.02 -19.90 65.06
C CYS I 66 -83.98 -19.99 63.53
N ALA I 67 -84.89 -19.30 62.84
CA ALA I 67 -84.93 -19.36 61.38
C ALA I 67 -84.04 -18.31 60.73
N THR I 68 -83.96 -17.13 61.32
CA THR I 68 -83.23 -16.03 60.67
C THR I 68 -81.73 -16.08 60.91
N ILE I 69 -81.19 -17.19 61.42
CA ILE I 69 -79.74 -17.32 61.55
C ILE I 69 -79.07 -17.47 60.19
N ALA I 70 -79.82 -17.90 59.16
CA ALA I 70 -79.24 -18.07 57.83
C ALA I 70 -78.90 -16.75 57.14
N LEU I 71 -79.28 -15.61 57.73
CA LEU I 71 -78.80 -14.34 57.20
C LEU I 71 -77.33 -14.13 57.49
N ALA I 72 -76.79 -14.81 58.50
CA ALA I 72 -75.35 -14.80 58.75
C ALA I 72 -74.58 -15.40 57.59
N GLY I 73 -75.14 -16.43 56.96
CA GLY I 73 -74.44 -17.07 55.85
C GLY I 73 -74.36 -16.22 54.60
N VAL I 74 -75.45 -15.52 54.27
CA VAL I 74 -75.38 -14.62 53.12
C VAL I 74 -74.61 -13.36 53.48
N GLY I 75 -74.59 -12.96 54.75
CA GLY I 75 -73.77 -11.83 55.14
C GLY I 75 -72.29 -12.14 55.08
N ALA I 76 -71.92 -13.41 55.27
CA ALA I 76 -70.53 -13.81 55.08
C ALA I 76 -70.20 -14.02 53.60
N GLY I 77 -71.12 -14.62 52.85
CA GLY I 77 -70.88 -14.88 51.45
C GLY I 77 -70.78 -13.61 50.61
N LEU I 78 -71.64 -12.63 50.91
CA LEU I 78 -71.56 -11.37 50.17
C LEU I 78 -70.33 -10.57 50.55
N GLY I 79 -69.87 -10.65 51.80
CA GLY I 79 -68.62 -10.01 52.15
C GLY I 79 -67.43 -10.64 51.45
N VAL I 80 -67.44 -11.97 51.33
CA VAL I 80 -66.40 -12.67 50.58
C VAL I 80 -66.45 -12.30 49.10
N MET I 81 -67.65 -12.23 48.52
CA MET I 81 -67.79 -11.93 47.10
C MET I 81 -67.42 -10.48 46.79
N PHE I 82 -67.80 -9.54 47.65
CA PHE I 82 -67.44 -8.15 47.43
C PHE I 82 -65.96 -7.90 47.69
N GLY I 83 -65.35 -8.64 48.62
CA GLY I 83 -63.91 -8.55 48.78
C GLY I 83 -63.17 -9.12 47.57
N SER I 84 -63.69 -10.19 46.98
CA SER I 84 -63.11 -10.68 45.75
C SER I 84 -63.38 -9.75 44.58
N LEU I 85 -64.47 -8.98 44.65
CA LEU I 85 -64.71 -7.93 43.65
C LEU I 85 -63.67 -6.83 43.75
N ILE I 86 -63.33 -6.42 44.98
CA ILE I 86 -62.28 -5.42 45.18
C ILE I 86 -60.93 -5.95 44.70
N ASN I 87 -60.62 -7.22 45.01
CA ASN I 87 -59.37 -7.82 44.55
C ASN I 87 -59.31 -7.94 43.03
N GLY I 88 -60.41 -8.34 42.40
CA GLY I 88 -60.42 -8.44 40.96
C GLY I 88 -60.36 -7.10 40.25
N ALA I 89 -60.99 -6.07 40.85
CA ALA I 89 -60.94 -4.75 40.24
C ALA I 89 -59.58 -4.11 40.41
N ALA I 90 -58.88 -4.39 41.52
CA ALA I 90 -57.52 -3.91 41.66
C ALA I 90 -56.53 -4.77 40.87
N ARG I 91 -56.90 -5.99 40.52
CA ARG I 91 -56.01 -6.85 39.76
C ARG I 91 -56.01 -6.49 38.28
N ASN I 92 -57.17 -6.15 37.74
CA ASN I 92 -57.31 -5.80 36.33
C ASN I 92 -58.35 -4.71 36.20
N PRO I 93 -57.95 -3.45 36.34
CA PRO I 93 -58.94 -2.35 36.38
C PRO I 93 -59.51 -1.96 35.02
N ASN I 94 -59.13 -2.63 33.94
CA ASN I 94 -59.72 -2.35 32.64
C ASN I 94 -61.16 -2.83 32.55
N ILE I 95 -61.52 -3.83 33.36
CA ILE I 95 -62.87 -4.39 33.35
C ILE I 95 -63.50 -4.11 34.71
N ALA I 96 -63.17 -2.95 35.29
CA ALA I 96 -63.61 -2.62 36.64
C ALA I 96 -65.10 -2.27 36.71
N LYS I 97 -65.80 -2.20 35.59
CA LYS I 97 -67.26 -2.13 35.61
C LYS I 97 -67.93 -3.43 35.23
N GLN I 98 -67.26 -4.25 34.41
CA GLN I 98 -67.77 -5.58 34.11
C GLN I 98 -67.74 -6.48 35.34
N LEU I 99 -66.73 -6.29 36.20
CA LEU I 99 -66.68 -7.08 37.43
C LEU I 99 -67.75 -6.65 38.42
N VAL I 100 -68.14 -5.37 38.43
CA VAL I 100 -69.28 -4.96 39.23
C VAL I 100 -70.58 -5.47 38.62
N GLY I 101 -70.62 -5.61 37.29
CA GLY I 101 -71.75 -6.27 36.66
C GLY I 101 -71.89 -7.72 37.06
N TYR I 102 -70.78 -8.41 37.27
CA TYR I 102 -70.84 -9.76 37.83
C TYR I 102 -71.18 -9.75 39.32
N ALA I 103 -70.70 -8.74 40.04
CA ALA I 103 -70.95 -8.65 41.48
C ALA I 103 -72.41 -8.40 41.78
N LEU I 104 -73.11 -7.63 40.94
CA LEU I 104 -74.53 -7.40 41.17
C LEU I 104 -75.37 -8.64 40.86
N LEU I 105 -74.95 -9.43 39.85
CA LEU I 105 -75.60 -10.72 39.60
C LEU I 105 -75.40 -11.67 40.78
N GLY I 106 -74.20 -11.67 41.35
CA GLY I 106 -73.95 -12.49 42.53
C GLY I 106 -74.72 -12.02 43.75
N PHE I 107 -74.84 -10.70 43.91
CA PHE I 107 -75.60 -10.14 45.02
C PHE I 107 -77.08 -10.47 44.90
N ALA I 108 -77.62 -10.44 43.68
CA ALA I 108 -79.00 -10.85 43.46
C ALA I 108 -79.20 -12.34 43.72
N LEU I 109 -78.27 -13.17 43.27
CA LEU I 109 -78.48 -14.61 43.41
C LEU I 109 -78.15 -15.13 44.81
N THR I 110 -77.49 -14.33 45.66
CA THR I 110 -77.40 -14.66 47.07
C THR I 110 -78.47 -13.99 47.91
N GLU I 111 -79.00 -12.85 47.46
CA GLU I 111 -80.21 -12.33 48.07
C GLU I 111 -81.41 -13.20 47.74
N SER I 112 -81.32 -14.04 46.71
CA SER I 112 -82.25 -15.16 46.55
C SER I 112 -82.29 -16.03 47.80
N ILE I 113 -81.12 -16.41 48.31
CA ILE I 113 -81.06 -17.23 49.53
C ILE I 113 -81.51 -16.43 50.74
N ALA I 114 -81.14 -15.15 50.80
CA ALA I 114 -81.57 -14.29 51.91
C ALA I 114 -83.09 -14.12 51.95
N LEU I 115 -83.72 -13.96 50.79
CA LEU I 115 -85.17 -13.86 50.73
C LEU I 115 -85.86 -15.20 50.90
N PHE I 116 -85.20 -16.31 50.57
CA PHE I 116 -85.76 -17.62 50.91
C PHE I 116 -85.72 -17.86 52.41
N SER I 117 -84.76 -17.24 53.12
CA SER I 117 -84.78 -17.30 54.58
C SER I 117 -85.86 -16.38 55.15
N LEU I 118 -85.95 -15.16 54.64
CA LEU I 118 -86.93 -14.20 55.11
C LEU I 118 -88.36 -14.64 54.80
N LEU I 119 -88.54 -15.43 53.73
CA LEU I 119 -89.84 -15.99 53.41
C LEU I 119 -90.31 -16.97 54.46
N VAL I 120 -89.41 -17.82 54.98
CA VAL I 120 -89.82 -18.76 56.02
C VAL I 120 -89.98 -18.04 57.35
N VAL I 121 -89.17 -17.00 57.59
CA VAL I 121 -89.34 -16.16 58.78
C VAL I 121 -90.71 -15.47 58.80
N PHE I 122 -91.15 -14.93 57.66
CA PHE I 122 -92.49 -14.36 57.56
C PHE I 122 -93.58 -15.42 57.53
N LEU I 123 -93.28 -16.61 57.01
CA LEU I 123 -94.31 -17.61 56.75
C LEU I 123 -94.63 -18.45 57.98
N ILE I 124 -93.68 -18.62 58.90
CA ILE I 124 -94.03 -19.31 60.14
C ILE I 124 -94.78 -18.41 61.11
N LEU I 125 -94.76 -17.10 60.89
CA LEU I 125 -95.48 -16.16 61.74
C LEU I 125 -96.84 -15.78 61.16
N PHE I 126 -96.85 -15.24 59.95
CA PHE I 126 -98.05 -14.62 59.38
C PHE I 126 -98.59 -15.42 58.19
N ALA I 127 -98.49 -16.75 58.26
CA ALA I 127 -99.07 -17.61 57.24
C ALA I 127 -99.45 -18.97 57.83
N SER J 54 -95.85 -15.29 81.97
CA SER J 54 -95.88 -14.80 80.60
C SER J 54 -94.96 -15.63 79.70
N VAL J 55 -95.56 -16.53 78.92
CA VAL J 55 -94.75 -17.36 78.03
C VAL J 55 -94.39 -16.61 76.74
N LEU J 56 -95.29 -15.74 76.25
CA LEU J 56 -95.07 -15.12 74.95
C LEU J 56 -94.07 -13.96 75.05
N ALA J 57 -94.16 -13.16 76.12
CA ALA J 57 -93.24 -12.06 76.29
C ALA J 57 -91.85 -12.53 76.70
N ALA J 58 -91.75 -13.74 77.27
CA ALA J 58 -90.44 -14.34 77.52
C ALA J 58 -89.88 -14.95 76.25
N SER J 59 -90.75 -15.56 75.44
CA SER J 59 -90.35 -16.13 74.17
C SER J 59 -89.90 -15.07 73.18
N LYS J 60 -90.44 -13.85 73.29
CA LYS J 60 -89.98 -12.74 72.46
C LYS J 60 -88.50 -12.44 72.71
N MET J 61 -88.08 -12.45 73.97
CA MET J 61 -86.69 -12.16 74.27
C MET J 61 -85.78 -13.34 73.93
N VAL J 62 -86.23 -14.57 74.21
CA VAL J 62 -85.36 -15.72 73.90
C VAL J 62 -85.33 -16.01 72.41
N GLY J 63 -86.27 -15.49 71.63
CA GLY J 63 -86.20 -15.57 70.18
C GLY J 63 -85.43 -14.41 69.59
N ALA J 64 -85.46 -13.26 70.27
CA ALA J 64 -84.67 -12.10 69.83
C ALA J 64 -83.18 -12.38 69.97
N GLY J 65 -82.79 -13.02 71.08
CA GLY J 65 -81.39 -13.42 71.24
C GLY J 65 -80.95 -14.40 70.18
N CYS J 66 -81.79 -15.39 69.86
CA CYS J 66 -81.49 -16.30 68.77
C CYS J 66 -81.55 -15.64 67.42
N ALA J 67 -82.26 -14.51 67.30
CA ALA J 67 -82.44 -13.86 66.02
C ALA J 67 -81.24 -12.99 65.64
N THR J 68 -80.69 -12.27 66.60
CA THR J 68 -79.71 -11.24 66.24
C THR J 68 -78.30 -11.79 65.97
N ILE J 69 -78.11 -13.11 65.81
CA ILE J 69 -76.78 -13.64 65.61
C ILE J 69 -76.42 -13.72 64.12
N ALA J 70 -77.27 -13.14 63.27
CA ALA J 70 -76.86 -12.91 61.88
C ALA J 70 -75.80 -11.84 61.77
N LEU J 71 -75.66 -11.00 62.80
CA LEU J 71 -74.65 -9.96 62.80
C LEU J 71 -73.25 -10.54 62.88
N ALA J 72 -73.09 -11.75 63.42
CA ALA J 72 -71.81 -12.45 63.36
C ALA J 72 -71.40 -12.73 61.93
N GLY J 73 -72.33 -13.27 61.13
CA GLY J 73 -71.99 -13.57 59.75
C GLY J 73 -71.79 -12.33 58.90
N VAL J 74 -72.57 -11.28 59.16
CA VAL J 74 -72.35 -10.07 58.38
C VAL J 74 -71.07 -9.36 58.84
N GLY J 75 -70.64 -9.56 60.09
CA GLY J 75 -69.37 -9.00 60.52
C GLY J 75 -68.18 -9.75 59.97
N ALA J 76 -68.31 -11.08 59.86
CA ALA J 76 -67.31 -11.88 59.18
C ALA J 76 -67.23 -11.53 57.69
N GLY J 77 -68.36 -11.13 57.10
CA GLY J 77 -68.31 -10.65 55.72
C GLY J 77 -67.66 -9.28 55.59
N LEU J 78 -68.02 -8.36 56.48
CA LEU J 78 -67.44 -7.01 56.47
C LEU J 78 -65.94 -7.02 56.70
N GLY J 79 -65.46 -7.89 57.57
CA GLY J 79 -64.03 -7.94 57.82
C GLY J 79 -63.24 -8.49 56.65
N VAL J 80 -63.80 -9.50 55.98
CA VAL J 80 -63.15 -10.05 54.79
C VAL J 80 -63.12 -9.02 53.67
N MET J 81 -64.24 -8.31 53.47
CA MET J 81 -64.29 -7.29 52.42
C MET J 81 -63.39 -6.10 52.72
N PHE J 82 -63.34 -5.66 53.97
CA PHE J 82 -62.49 -4.53 54.33
C PHE J 82 -61.04 -4.89 54.56
N GLY J 83 -60.71 -6.18 54.57
CA GLY J 83 -59.31 -6.57 54.54
C GLY J 83 -58.86 -6.76 53.10
N SER J 84 -59.78 -7.22 52.26
CA SER J 84 -59.50 -7.31 50.84
C SER J 84 -59.40 -5.94 50.20
N LEU J 85 -60.06 -4.94 50.76
CA LEU J 85 -59.82 -3.55 50.36
C LEU J 85 -58.39 -3.14 50.61
N ILE J 86 -57.83 -3.54 51.75
CA ILE J 86 -56.43 -3.23 52.08
C ILE J 86 -55.49 -3.95 51.12
N ASN J 87 -55.80 -5.22 50.81
CA ASN J 87 -54.96 -5.98 49.89
C ASN J 87 -55.01 -5.41 48.48
N GLY J 88 -56.20 -5.01 48.02
CA GLY J 88 -56.32 -4.42 46.70
C GLY J 88 -55.71 -3.04 46.59
N ALA J 89 -55.75 -2.27 47.69
CA ALA J 89 -55.04 -0.99 47.69
C ALA J 89 -53.54 -1.18 47.73
N ALA J 90 -53.07 -2.25 48.39
CA ALA J 90 -51.65 -2.57 48.38
C ALA J 90 -51.19 -3.09 47.03
N ARG J 91 -52.09 -3.66 46.23
CA ARG J 91 -51.70 -4.10 44.90
C ARG J 91 -51.61 -2.92 43.94
N ASN J 92 -52.68 -2.14 43.81
CA ASN J 92 -52.70 -0.95 42.95
C ASN J 92 -52.96 0.30 43.79
N PRO J 93 -51.91 1.02 44.20
CA PRO J 93 -52.12 2.21 45.03
C PRO J 93 -52.63 3.42 44.26
N ASN J 94 -52.63 3.40 42.93
CA ASN J 94 -53.01 4.59 42.18
C ASN J 94 -54.51 4.64 41.88
N ILE J 95 -55.21 3.52 42.04
CA ILE J 95 -56.67 3.52 41.90
C ILE J 95 -57.29 3.26 43.26
N ALA J 96 -56.60 3.68 44.33
CA ALA J 96 -57.04 3.42 45.68
C ALA J 96 -58.26 4.23 46.10
N LYS J 97 -58.75 5.15 45.25
CA LYS J 97 -59.99 5.86 45.52
C LYS J 97 -61.21 5.20 44.90
N GLN J 98 -61.00 4.28 43.95
CA GLN J 98 -62.12 3.53 43.37
C GLN J 98 -62.44 2.30 44.20
N LEU J 99 -61.42 1.71 44.82
CA LEU J 99 -61.62 0.53 45.65
C LEU J 99 -62.36 0.86 46.93
N VAL J 100 -62.20 2.09 47.45
CA VAL J 100 -63.00 2.51 48.60
C VAL J 100 -64.47 2.66 48.20
N GLY J 101 -64.73 3.12 46.98
CA GLY J 101 -66.11 3.18 46.50
C GLY J 101 -66.72 1.80 46.34
N TYR J 102 -65.91 0.84 45.86
CA TYR J 102 -66.38 -0.55 45.78
C TYR J 102 -66.61 -1.14 47.18
N ALA J 103 -65.75 -0.79 48.14
CA ALA J 103 -65.90 -1.30 49.49
C ALA J 103 -67.14 -0.73 50.17
N LEU J 104 -67.45 0.54 49.91
CA LEU J 104 -68.66 1.12 50.48
C LEU J 104 -69.93 0.65 49.78
N LEU J 105 -69.87 0.36 48.48
CA LEU J 105 -70.99 -0.29 47.80
C LEU J 105 -71.27 -1.66 48.40
N GLY J 106 -70.23 -2.46 48.60
CA GLY J 106 -70.40 -3.76 49.24
C GLY J 106 -70.81 -3.67 50.70
N PHE J 107 -70.34 -2.64 51.39
CA PHE J 107 -70.74 -2.40 52.77
C PHE J 107 -72.22 -2.09 52.87
N ALA J 108 -72.74 -1.26 51.95
CA ALA J 108 -74.17 -0.97 51.93
C ALA J 108 -74.98 -2.21 51.59
N LEU J 109 -74.51 -3.02 50.64
CA LEU J 109 -75.30 -4.18 50.24
C LEU J 109 -75.24 -5.33 51.24
N THR J 110 -74.21 -5.39 52.09
CA THR J 110 -74.20 -6.35 53.19
C THR J 110 -74.91 -5.83 54.45
N GLU J 111 -74.82 -4.53 54.73
CA GLU J 111 -75.63 -3.97 55.81
C GLU J 111 -77.11 -3.95 55.46
N SER J 112 -77.45 -4.12 54.18
CA SER J 112 -78.82 -4.44 53.79
C SER J 112 -79.34 -5.69 54.51
N ILE J 113 -78.56 -6.77 54.47
CA ILE J 113 -79.00 -7.99 55.18
C ILE J 113 -78.81 -7.85 56.69
N ALA J 114 -77.86 -7.02 57.13
CA ALA J 114 -77.73 -6.76 58.56
C ALA J 114 -78.96 -6.05 59.13
N LEU J 115 -79.45 -5.02 58.44
CA LEU J 115 -80.70 -4.41 58.87
C LEU J 115 -81.91 -5.25 58.51
N PHE J 116 -81.79 -6.20 57.59
CA PHE J 116 -82.87 -7.18 57.40
C PHE J 116 -83.01 -8.10 58.60
N SER J 117 -81.90 -8.48 59.22
CA SER J 117 -81.98 -9.22 60.48
C SER J 117 -82.45 -8.33 61.61
N LEU J 118 -82.09 -7.05 61.60
CA LEU J 118 -82.61 -6.12 62.59
C LEU J 118 -84.12 -5.90 62.43
N LEU J 119 -84.64 -5.96 61.21
CA LEU J 119 -86.09 -5.91 61.01
C LEU J 119 -86.76 -7.15 61.61
N VAL J 120 -86.10 -8.31 61.54
CA VAL J 120 -86.67 -9.51 62.11
C VAL J 120 -86.65 -9.45 63.63
N VAL J 121 -85.57 -8.91 64.22
CA VAL J 121 -85.53 -8.84 65.68
C VAL J 121 -86.48 -7.74 66.20
N PHE J 122 -86.74 -6.71 65.40
CA PHE J 122 -87.68 -5.68 65.81
C PHE J 122 -89.12 -6.04 65.49
N LEU J 123 -89.35 -7.00 64.61
CA LEU J 123 -90.67 -7.57 64.39
C LEU J 123 -90.97 -8.69 65.37
N ILE J 124 -89.93 -9.31 65.94
CA ILE J 124 -90.11 -10.27 67.02
C ILE J 124 -90.37 -9.56 68.34
N LEU J 125 -89.55 -8.57 68.68
CA LEU J 125 -89.70 -7.91 69.97
C LEU J 125 -90.87 -6.93 70.00
N PHE J 126 -91.09 -6.17 68.93
CA PHE J 126 -92.02 -5.05 68.97
C PHE J 126 -93.17 -5.23 67.99
N ALA J 127 -93.59 -6.47 67.75
CA ALA J 127 -94.81 -6.75 66.99
C ALA J 127 -95.38 -8.10 67.38
N LEU K 37 41.42 7.06 -67.96
CA LEU K 37 40.89 6.58 -66.68
C LEU K 37 41.54 5.26 -66.30
N LYS K 38 42.34 4.72 -67.22
CA LYS K 38 43.01 3.44 -67.00
C LYS K 38 44.41 3.69 -66.42
N LEU K 39 44.59 3.35 -65.15
CA LEU K 39 45.82 3.66 -64.46
C LEU K 39 46.61 2.38 -64.18
N PRO K 40 47.95 2.43 -64.29
CA PRO K 40 48.74 1.24 -64.05
C PRO K 40 48.78 0.85 -62.58
N THR K 41 48.78 -0.45 -62.33
CA THR K 41 48.67 -0.97 -60.97
C THR K 41 49.96 -0.72 -60.20
N ALA K 42 49.82 -0.22 -58.98
CA ALA K 42 50.94 -0.06 -58.07
C ALA K 42 51.52 -1.41 -57.69
N PRO K 43 52.83 -1.50 -57.44
CA PRO K 43 53.43 -2.80 -57.12
C PRO K 43 53.02 -3.34 -55.76
N LEU K 44 52.59 -2.50 -54.82
CA LEU K 44 52.17 -2.99 -53.52
C LEU K 44 51.16 -2.03 -52.93
N GLN K 45 50.25 -2.57 -52.12
CA GLN K 45 49.23 -1.79 -51.46
C GLN K 45 49.80 -1.18 -50.19
N LEU K 46 49.22 -0.04 -49.78
CA LEU K 46 49.83 0.77 -48.74
C LEU K 46 48.72 1.40 -47.88
N SER K 47 49.14 2.24 -46.94
CA SER K 47 48.27 2.82 -45.92
C SER K 47 47.46 4.00 -46.44
N GLY K 48 46.85 4.75 -45.54
CA GLY K 48 45.91 5.80 -45.91
C GLY K 48 46.46 7.19 -45.73
N THR K 49 46.02 8.10 -46.61
CA THR K 49 46.02 9.57 -46.58
C THR K 49 47.40 10.20 -46.71
N SER K 50 48.44 9.38 -46.67
CA SER K 50 49.78 9.82 -47.03
C SER K 50 50.53 8.76 -47.80
N ALA K 51 50.01 7.55 -47.88
CA ALA K 51 50.54 6.49 -48.71
C ALA K 51 49.73 6.28 -49.97
N GLN K 52 48.43 6.57 -49.94
CA GLN K 52 47.64 6.53 -51.16
C GLN K 52 47.87 7.75 -52.03
N ILE K 53 48.31 8.87 -51.46
CA ILE K 53 48.76 10.01 -52.26
C ILE K 53 50.00 9.63 -53.04
N ALA K 54 50.95 8.96 -52.38
CA ALA K 54 52.14 8.48 -53.08
C ALA K 54 51.81 7.35 -54.06
N THR K 55 50.80 6.54 -53.76
CA THR K 55 50.35 5.52 -54.68
C THR K 55 49.77 6.13 -55.95
N LEU K 56 48.94 7.16 -55.79
CA LEU K 56 48.41 7.90 -56.93
C LEU K 56 49.49 8.63 -57.71
N LEU K 57 50.49 9.17 -57.00
CA LEU K 57 51.61 9.85 -57.65
C LEU K 57 52.42 8.88 -58.48
N TRP K 58 52.66 7.68 -57.95
CA TRP K 58 53.33 6.63 -58.73
C TRP K 58 52.48 6.18 -59.90
N GLN K 59 51.16 6.10 -59.71
CA GLN K 59 50.27 5.65 -60.77
C GLN K 59 50.22 6.64 -61.93
N VAL K 60 50.28 7.94 -61.64
CA VAL K 60 50.28 8.92 -62.71
C VAL K 60 51.68 9.22 -63.23
N ALA K 61 52.72 8.83 -62.50
CA ALA K 61 54.07 8.97 -63.03
C ALA K 61 54.46 7.80 -63.91
N ALA K 62 53.91 6.60 -63.65
CA ALA K 62 54.14 5.46 -64.54
C ALA K 62 53.38 5.58 -65.86
N LYS K 63 52.33 6.41 -65.90
CA LYS K 63 51.64 6.65 -67.16
C LYS K 63 52.45 7.56 -68.07
N GLU K 64 53.23 8.47 -67.50
CA GLU K 64 54.08 9.37 -68.28
C GLU K 64 55.53 8.94 -68.32
N ASN K 65 55.83 7.72 -67.85
CA ASN K 65 57.18 7.14 -67.81
C ASN K 65 58.14 8.03 -67.03
N GLN K 66 57.65 8.53 -65.90
CA GLN K 66 58.24 9.68 -65.26
C GLN K 66 58.47 9.43 -63.78
N LEU K 67 58.90 8.21 -63.43
CA LEU K 67 59.08 7.85 -62.02
C LEU K 67 60.34 8.48 -61.44
N ASP K 68 61.49 8.21 -62.06
CA ASP K 68 62.77 8.71 -61.59
C ASP K 68 62.95 10.20 -61.85
N LYS K 69 62.07 10.79 -62.66
CA LYS K 69 62.05 12.24 -62.87
C LYS K 69 61.33 12.96 -61.74
N VAL K 70 60.41 12.30 -61.03
CA VAL K 70 59.74 12.96 -59.91
C VAL K 70 60.26 12.51 -58.56
N GLN K 71 60.97 11.37 -58.51
CA GLN K 71 61.55 10.92 -57.24
C GLN K 71 62.66 11.87 -56.77
N ASP K 72 63.54 12.27 -57.69
CA ASP K 72 64.57 13.24 -57.32
C ASP K 72 63.98 14.62 -57.09
N GLU K 73 62.81 14.92 -57.67
CA GLU K 73 62.13 16.17 -57.34
C GLU K 73 61.59 16.15 -55.91
N LEU K 74 61.09 14.99 -55.46
CA LEU K 74 60.70 14.84 -54.07
C LEU K 74 61.89 15.05 -53.13
N TYR K 75 63.02 14.43 -53.46
CA TYR K 75 64.22 14.62 -52.66
C TYR K 75 64.72 16.07 -52.69
N GLN K 76 64.60 16.73 -53.84
CA GLN K 76 65.02 18.12 -53.99
C GLN K 76 64.16 19.03 -53.13
N PHE K 77 62.85 18.77 -53.08
CA PHE K 77 61.99 19.58 -52.24
C PHE K 77 62.22 19.30 -50.76
N ILE K 78 62.65 18.08 -50.42
CA ILE K 78 63.09 17.82 -49.04
C ILE K 78 64.31 18.66 -48.70
N GLU K 79 65.26 18.74 -49.63
CA GLU K 79 66.43 19.60 -49.42
C GLU K 79 66.04 21.08 -49.39
N LEU K 80 65.01 21.47 -50.12
CA LEU K 80 64.52 22.85 -50.11
C LEU K 80 63.88 23.20 -48.77
N PHE K 81 63.16 22.24 -48.17
CA PHE K 81 62.66 22.46 -46.83
C PHE K 81 63.79 22.46 -45.80
N LYS K 82 64.87 21.73 -46.07
CA LYS K 82 66.05 21.81 -45.22
C LYS K 82 66.74 23.16 -45.32
N GLN K 83 66.70 23.78 -46.50
CA GLN K 83 67.48 25.00 -46.73
C GLN K 83 66.81 26.22 -46.10
N HIS K 84 65.59 26.53 -46.52
CA HIS K 84 64.95 27.79 -46.18
C HIS K 84 63.97 27.60 -45.02
N SER K 85 64.01 28.53 -44.06
CA SER K 85 63.01 28.57 -43.01
C SER K 85 61.75 29.29 -43.43
N GLU K 86 61.70 29.81 -44.66
CA GLU K 86 60.54 30.49 -45.17
C GLU K 86 59.73 29.60 -46.12
N LEU K 87 60.30 28.48 -46.54
CA LEU K 87 59.57 27.50 -47.34
C LEU K 87 59.00 26.37 -46.50
N ARG K 88 59.63 26.05 -45.37
CA ARG K 88 58.99 25.16 -44.41
C ARG K 88 58.07 25.91 -43.47
N ARG K 89 58.07 27.24 -43.53
CA ARG K 89 57.02 28.01 -42.87
C ARG K 89 55.67 27.78 -43.51
N LEU K 90 55.64 27.54 -44.82
CA LEU K 90 54.39 27.24 -45.49
C LEU K 90 53.80 25.90 -45.09
N ALA K 91 54.62 24.99 -44.56
CA ALA K 91 54.15 23.68 -44.14
C ALA K 91 53.71 23.64 -42.68
N THR K 92 54.27 24.50 -41.83
CA THR K 92 54.03 24.41 -40.39
C THR K 92 53.26 25.58 -39.82
N ASP K 93 53.42 26.78 -40.34
CA ASP K 93 52.74 27.94 -39.77
C ASP K 93 51.27 27.93 -40.18
N PRO K 94 50.34 27.94 -39.23
CA PRO K 94 48.91 27.93 -39.56
C PRO K 94 48.29 29.30 -39.74
N PHE K 95 49.09 30.37 -39.74
CA PHE K 95 48.55 31.71 -39.90
C PHE K 95 48.77 32.28 -41.29
N VAL K 96 49.53 31.62 -42.14
CA VAL K 96 49.57 32.02 -43.54
C VAL K 96 48.28 31.56 -44.22
N PRO K 97 47.63 32.40 -45.02
CA PRO K 97 46.40 31.96 -45.68
C PRO K 97 46.69 30.98 -46.80
N THR K 98 45.64 30.25 -47.19
CA THR K 98 45.81 29.24 -48.22
C THR K 98 45.96 29.89 -49.60
N LEU K 99 45.43 31.10 -49.77
CA LEU K 99 45.70 31.89 -50.96
C LEU K 99 47.16 32.30 -51.07
N VAL K 100 47.75 32.75 -49.97
CA VAL K 100 49.15 33.18 -49.99
C VAL K 100 50.06 31.98 -50.19
N ARG K 101 49.73 30.84 -49.57
CA ARG K 101 50.53 29.63 -49.72
C ARG K 101 50.46 29.09 -51.14
N THR K 102 49.25 29.05 -51.73
CA THR K 102 49.12 28.60 -53.11
C THR K 102 49.79 29.58 -54.09
N LYS K 103 49.75 30.88 -53.79
CA LYS K 103 50.42 31.83 -54.67
C LYS K 103 51.93 31.83 -54.51
N ILE K 104 52.47 31.41 -53.37
CA ILE K 104 53.91 31.23 -53.30
C ILE K 104 54.32 29.98 -54.08
N ILE K 105 53.59 28.88 -53.89
CA ILE K 105 53.99 27.61 -54.51
C ILE K 105 53.80 27.65 -56.03
N SER K 106 52.74 28.32 -56.50
CA SER K 106 52.51 28.40 -57.94
C SER K 106 53.47 29.38 -58.62
N SER K 107 53.72 30.53 -58.00
CA SER K 107 54.61 31.53 -58.61
C SER K 107 56.08 31.28 -58.32
N VAL K 108 56.41 30.23 -57.57
CA VAL K 108 57.79 29.79 -57.47
C VAL K 108 58.12 28.74 -58.52
N LEU K 109 57.18 27.85 -58.83
CA LEU K 109 57.41 26.83 -59.86
C LEU K 109 56.83 27.25 -61.21
N LYS K 110 57.46 28.22 -61.86
CA LYS K 110 57.06 28.63 -63.22
C LYS K 110 57.77 27.73 -64.22
N ASP K 111 57.36 26.45 -64.21
CA ASP K 111 57.75 25.30 -65.03
C ASP K 111 59.15 24.76 -64.69
N SER K 112 59.98 25.59 -64.04
CA SER K 112 61.15 25.26 -63.18
C SER K 112 62.04 24.14 -63.72
N GLY K 113 62.06 23.99 -65.05
CA GLY K 113 62.57 22.78 -65.68
C GLY K 113 61.91 21.47 -65.28
N ALA K 114 60.82 21.51 -64.53
CA ALA K 114 60.35 20.37 -63.75
C ALA K 114 59.19 19.66 -64.44
N SER K 115 58.84 18.52 -63.85
CA SER K 115 57.68 17.76 -64.31
C SER K 115 56.40 18.48 -63.96
N GLU K 116 55.39 18.34 -64.82
CA GLU K 116 54.10 18.93 -64.51
C GLU K 116 53.35 18.16 -63.43
N ILE K 117 53.71 16.90 -63.21
CA ILE K 117 53.09 16.11 -62.16
C ILE K 117 53.49 16.65 -60.78
N THR K 118 54.75 17.03 -60.63
CA THR K 118 55.24 17.61 -59.38
C THR K 118 54.60 18.97 -59.11
N LYS K 119 54.46 19.79 -60.14
CA LYS K 119 53.83 21.10 -60.00
C LYS K 119 52.33 21.00 -59.73
N LYS K 120 51.64 20.04 -60.33
CA LYS K 120 50.23 19.84 -60.04
C LYS K 120 50.02 19.08 -58.72
N LEU K 121 51.06 18.47 -58.16
CA LEU K 121 50.97 17.86 -56.84
C LEU K 121 51.19 18.88 -55.73
N PHE K 122 52.17 19.77 -55.89
CA PHE K 122 52.50 20.64 -54.77
C PHE K 122 51.55 21.83 -54.65
N GLU K 123 50.92 22.26 -55.73
CA GLU K 123 49.85 23.23 -55.58
C GLU K 123 48.57 22.59 -55.07
N ALA K 124 48.44 21.26 -55.19
CA ALA K 124 47.35 20.55 -54.55
C ALA K 124 47.59 20.35 -53.07
N LEU K 125 48.83 20.05 -52.67
CA LEU K 125 49.14 19.96 -51.25
C LEU K 125 49.21 21.32 -50.60
N ALA K 126 49.44 22.38 -51.38
CA ALA K 126 49.42 23.73 -50.84
C ALA K 126 48.01 24.27 -50.67
N ASP K 127 47.03 23.68 -51.34
CA ASP K 127 45.64 24.10 -51.18
C ASP K 127 45.01 23.62 -49.89
N GLU K 128 45.64 22.69 -49.18
CA GLU K 128 45.15 22.22 -47.90
C GLU K 128 46.10 22.50 -46.74
N GLY K 129 47.28 23.04 -47.00
CA GLY K 129 48.30 23.08 -45.98
C GLY K 129 48.85 21.71 -45.66
N ALA K 130 48.75 20.77 -46.60
CA ALA K 130 49.25 19.41 -46.45
C ALA K 130 50.67 19.26 -46.97
N LEU K 131 51.46 20.34 -46.96
CA LEU K 131 52.84 20.28 -47.41
C LEU K 131 53.72 19.45 -46.50
N SER K 132 53.32 19.24 -45.24
CA SER K 132 54.05 18.38 -44.34
C SER K 132 53.90 16.90 -44.67
N ALA K 133 52.96 16.54 -45.55
CA ALA K 133 52.81 15.17 -45.98
C ALA K 133 53.83 14.76 -47.03
N LEU K 134 54.65 15.71 -47.51
CA LEU K 134 55.68 15.42 -48.50
C LEU K 134 56.73 14.47 -47.96
N LEU K 135 57.09 14.62 -46.69
CA LEU K 135 58.18 13.86 -46.13
C LEU K 135 57.79 12.41 -45.83
N GLU K 136 56.52 12.06 -45.95
CA GLU K 136 56.05 10.67 -45.91
C GLU K 136 55.58 10.16 -47.25
N VAL K 137 55.12 11.05 -48.13
CA VAL K 137 54.89 10.69 -49.52
C VAL K 137 56.22 10.26 -50.16
N THR K 138 57.33 10.87 -49.74
CA THR K 138 58.64 10.44 -50.22
C THR K 138 59.00 9.04 -49.71
N VAL K 139 58.63 8.72 -48.46
CA VAL K 139 58.91 7.39 -47.92
C VAL K 139 58.12 6.32 -48.66
N ASN K 140 56.83 6.58 -48.87
CA ASN K 140 56.01 5.59 -49.56
C ASN K 140 56.34 5.53 -51.05
N TYR K 141 56.85 6.62 -51.61
CA TYR K 141 57.31 6.59 -52.99
C TYR K 141 58.61 5.83 -53.12
N GLU K 142 59.50 5.94 -52.12
CA GLU K 142 60.70 5.11 -52.08
C GLU K 142 60.36 3.64 -51.96
N GLU K 143 59.32 3.32 -51.17
CA GLU K 143 58.88 1.94 -51.03
C GLU K 143 58.34 1.39 -52.34
N LEU K 144 57.51 2.18 -53.02
CA LEU K 144 56.99 1.77 -54.33
C LEU K 144 58.10 1.66 -55.36
N MET K 145 59.09 2.56 -55.30
CA MET K 145 60.14 2.57 -56.31
C MET K 145 61.10 1.39 -56.15
N LEU K 146 61.52 1.11 -54.91
CA LEU K 146 62.37 -0.06 -54.72
C LEU K 146 61.57 -1.36 -54.76
N ALA K 147 60.24 -1.29 -54.71
CA ALA K 147 59.45 -2.45 -55.10
C ALA K 147 59.25 -2.53 -56.61
N HIS K 148 59.60 -1.46 -57.32
CA HIS K 148 59.44 -1.41 -58.80
C HIS K 148 60.62 -2.11 -59.47
N LYS K 149 61.75 -2.21 -58.75
CA LYS K 149 62.97 -2.89 -59.27
C LYS K 149 63.05 -4.28 -58.64
N LYS K 150 61.90 -4.77 -58.14
CA LYS K 150 61.84 -6.11 -57.50
C LYS K 150 62.99 -6.21 -56.47
N ALA L 3 -31.31 -3.33 54.62
CA ALA L 3 -32.14 -2.18 54.27
C ALA L 3 -33.22 -2.39 53.14
N PRO L 4 -32.90 -3.00 51.98
CA PRO L 4 -33.95 -3.19 50.98
C PRO L 4 -34.85 -4.37 51.32
N SER L 5 -35.78 -4.65 50.42
CA SER L 5 -36.68 -5.78 50.53
C SER L 5 -36.83 -6.45 49.17
N GLY L 6 -37.62 -7.52 49.13
CA GLY L 6 -37.79 -8.28 47.93
C GLY L 6 -37.40 -9.73 48.14
N PRO L 7 -36.89 -10.39 47.08
CA PRO L 7 -36.43 -11.78 47.23
C PRO L 7 -35.16 -11.89 48.04
N PHE L 8 -34.71 -13.12 48.29
CA PHE L 8 -33.60 -13.35 49.22
C PHE L 8 -32.27 -12.84 48.68
N TYR L 9 -32.12 -12.77 47.36
CA TYR L 9 -30.93 -12.15 46.80
C TYR L 9 -30.99 -10.63 46.89
N ARG L 10 -32.19 -10.06 46.71
CA ARG L 10 -32.32 -8.61 46.69
C ARG L 10 -32.13 -8.01 48.08
N VAL L 11 -32.46 -8.74 49.13
CA VAL L 11 -32.25 -8.25 50.49
C VAL L 11 -30.80 -8.41 50.93
N ALA L 12 -30.02 -9.23 50.24
CA ALA L 12 -28.62 -9.42 50.54
C ALA L 12 -27.70 -8.53 49.72
N GLY L 13 -28.27 -7.62 48.91
CA GLY L 13 -27.49 -6.79 48.03
C GLY L 13 -27.11 -7.43 46.71
N MET L 14 -27.48 -8.70 46.51
CA MET L 14 -27.20 -9.41 45.27
C MET L 14 -28.21 -8.99 44.22
N SER L 15 -27.73 -8.65 43.03
CA SER L 15 -28.61 -8.33 41.92
C SER L 15 -29.25 -9.61 41.37
N TYR L 16 -30.23 -9.44 40.48
CA TYR L 16 -30.82 -10.62 39.85
C TYR L 16 -29.88 -11.24 38.85
N LEU L 17 -29.10 -10.42 38.14
CA LEU L 17 -28.20 -10.96 37.13
C LEU L 17 -27.08 -11.77 37.77
N ARG L 18 -26.54 -11.30 38.90
CA ARG L 18 -25.53 -12.09 39.58
C ARG L 18 -26.13 -13.34 40.24
N TYR L 19 -27.39 -13.26 40.67
CA TYR L 19 -28.05 -14.45 41.23
C TYR L 19 -28.25 -15.52 40.18
N SER L 20 -28.79 -15.14 39.03
CA SER L 20 -29.03 -16.08 37.95
C SER L 20 -27.72 -16.57 37.35
N ASN L 21 -26.68 -15.75 37.35
CA ASN L 21 -25.40 -16.23 36.85
C ASN L 21 -24.69 -17.13 37.86
N ILE L 22 -24.89 -16.90 39.16
CA ILE L 22 -24.37 -17.83 40.16
C ILE L 22 -25.05 -19.17 40.05
N CYS L 23 -26.38 -19.17 39.84
CA CYS L 23 -27.09 -20.42 39.62
C CYS L 23 -26.69 -21.10 38.32
N ALA L 24 -26.40 -20.32 37.27
CA ALA L 24 -25.99 -20.90 36.00
C ALA L 24 -24.59 -21.51 36.10
N ASP L 25 -23.67 -20.83 36.77
CA ASP L 25 -22.34 -21.37 37.06
C ASP L 25 -22.40 -22.61 37.92
N LEU L 26 -23.31 -22.64 38.89
CA LEU L 26 -23.45 -23.81 39.75
C LEU L 26 -24.10 -24.99 39.04
N LEU L 27 -24.95 -24.74 38.04
CA LEU L 27 -25.41 -25.83 37.19
C LEU L 27 -24.31 -26.31 36.25
N ARG L 28 -23.45 -25.40 35.77
CA ARG L 28 -22.42 -25.80 34.82
C ARG L 28 -21.29 -26.61 35.46
N ASN L 29 -21.10 -26.52 36.77
CA ASN L 29 -20.01 -27.23 37.42
C ASN L 29 -20.29 -28.72 37.63
N VAL L 30 -21.52 -29.17 37.45
CA VAL L 30 -21.88 -30.55 37.78
C VAL L 30 -22.27 -31.32 36.53
N LEU L 31 -21.79 -30.88 35.38
CA LEU L 31 -22.13 -31.52 34.12
C LEU L 31 -21.18 -32.69 33.82
N LYS L 32 -21.53 -33.48 32.80
CA LYS L 32 -20.61 -34.45 32.25
C LYS L 32 -19.44 -33.73 31.60
N GLU L 33 -18.26 -34.37 31.64
CA GLU L 33 -17.04 -33.72 31.15
C GLU L 33 -17.02 -33.40 29.65
N PRO L 34 -17.56 -34.23 28.72
CA PRO L 34 -17.72 -33.72 27.35
C PRO L 34 -18.69 -32.55 27.25
N PHE L 35 -19.71 -32.50 28.11
CA PHE L 35 -20.63 -31.38 28.12
C PHE L 35 -20.12 -30.22 28.96
N LYS L 36 -19.31 -30.49 29.99
CA LYS L 36 -18.68 -29.40 30.74
C LYS L 36 -17.53 -28.78 29.96
N ALA L 37 -17.01 -29.47 28.94
CA ALA L 37 -16.00 -28.89 28.07
C ALA L 37 -16.51 -27.65 27.33
N LYS L 38 -17.78 -27.65 26.94
CA LYS L 38 -18.38 -26.48 26.32
C LYS L 38 -18.89 -25.46 27.33
N ALA L 39 -18.80 -25.76 28.63
CA ALA L 39 -19.38 -24.93 29.66
C ALA L 39 -18.42 -23.87 30.19
N GLN L 40 -17.13 -24.17 30.32
CA GLN L 40 -16.18 -23.17 30.76
C GLN L 40 -15.86 -22.14 29.68
N ALA L 41 -16.21 -22.41 28.42
CA ALA L 41 -16.10 -21.40 27.39
C ALA L 41 -17.11 -20.28 27.63
N ARG L 42 -18.38 -20.63 27.84
CA ARG L 42 -19.43 -19.66 28.09
C ARG L 42 -19.49 -19.19 29.55
N GLN L 43 -18.49 -19.54 30.36
CA GLN L 43 -18.46 -19.12 31.75
C GLN L 43 -17.41 -18.06 32.03
N ALA L 44 -16.38 -17.95 31.19
CA ALA L 44 -15.25 -17.08 31.46
C ALA L 44 -15.62 -15.62 31.26
N ILE L 45 -15.09 -14.76 32.12
CA ILE L 45 -15.32 -13.32 32.06
C ILE L 45 -13.96 -12.66 31.88
N HIS L 46 -13.80 -11.94 30.77
CA HIS L 46 -12.56 -11.20 30.49
C HIS L 46 -12.92 -9.84 29.93
N PHE L 47 -12.92 -8.83 30.78
CA PHE L 47 -13.07 -7.45 30.34
C PHE L 47 -12.46 -6.54 31.38
N ARG L 48 -12.36 -5.26 31.02
CA ARG L 48 -11.89 -4.23 31.93
C ARG L 48 -12.84 -3.04 31.83
N GLN L 49 -12.88 -2.25 32.89
CA GLN L 49 -13.71 -1.06 32.91
C GLN L 49 -12.88 0.11 33.44
N ALA L 50 -13.37 1.31 33.19
CA ALA L 50 -12.61 2.50 33.53
C ALA L 50 -13.56 3.64 33.89
N PRO L 51 -13.58 4.08 35.15
CA PRO L 51 -14.42 5.23 35.53
C PRO L 51 -13.80 6.53 35.05
N TYR L 52 -14.43 7.16 34.06
CA TYR L 52 -13.93 8.41 33.51
C TYR L 52 -14.55 9.56 34.31
N VAL L 53 -13.74 10.21 35.14
CA VAL L 53 -14.28 11.28 35.97
C VAL L 53 -14.50 12.56 35.14
N ASP L 54 -13.50 12.98 34.37
CA ASP L 54 -13.62 14.13 33.49
C ASP L 54 -12.80 13.90 32.22
N GLY L 55 -12.60 12.63 31.85
CA GLY L 55 -11.82 12.28 30.69
C GLY L 55 -10.62 11.38 30.97
N LYS L 56 -10.34 11.03 32.23
CA LYS L 56 -9.28 10.09 32.56
C LYS L 56 -9.76 9.09 33.58
N ALA L 57 -9.18 7.89 33.55
CA ALA L 57 -9.73 6.74 34.26
C ALA L 57 -9.25 6.68 35.71
N GLY L 58 -7.95 6.62 35.91
CA GLY L 58 -7.37 6.10 37.14
C GLY L 58 -6.31 5.09 36.74
N ALA L 59 -6.49 3.82 37.08
CA ALA L 59 -5.69 2.78 36.43
C ALA L 59 -6.58 1.84 35.62
N SER L 60 -7.44 1.03 36.27
CA SER L 60 -8.32 0.06 35.63
C SER L 60 -9.18 -0.68 36.64
N LYS L 61 -10.00 -1.61 36.15
CA LYS L 61 -10.58 -2.66 36.98
C LYS L 61 -10.69 -3.90 36.08
N VAL L 62 -9.75 -4.82 36.24
CA VAL L 62 -9.55 -5.89 35.28
C VAL L 62 -10.22 -7.17 35.81
N TYR L 63 -11.14 -7.72 35.03
CA TYR L 63 -11.76 -9.00 35.32
C TYR L 63 -11.14 -10.06 34.42
N GLU L 64 -10.57 -11.10 35.02
CA GLU L 64 -10.01 -12.21 34.27
C GLU L 64 -10.52 -13.56 34.81
N LEU L 65 -11.78 -13.60 35.19
CA LEU L 65 -12.35 -14.77 35.86
C LEU L 65 -12.70 -15.84 34.82
N GLU L 66 -12.14 -17.04 34.99
CA GLU L 66 -12.48 -18.18 34.14
C GLU L 66 -13.33 -19.21 34.87
N ASN L 67 -13.76 -18.91 36.09
CA ASN L 67 -14.65 -19.80 36.84
C ASN L 67 -16.06 -19.26 36.93
N GLY L 68 -16.33 -18.10 36.33
CA GLY L 68 -17.64 -17.52 36.32
C GLY L 68 -17.69 -16.19 37.04
N ILE L 69 -18.91 -15.78 37.36
CA ILE L 69 -19.17 -14.53 38.04
C ILE L 69 -18.71 -14.71 39.49
N PRO L 70 -18.20 -13.67 40.16
CA PRO L 70 -17.75 -13.85 41.55
C PRO L 70 -18.93 -13.98 42.51
N LYS L 71 -18.96 -15.10 43.24
CA LYS L 71 -20.03 -15.34 44.20
C LYS L 71 -19.84 -14.55 45.48
N THR L 72 -18.64 -14.01 45.71
CA THR L 72 -18.37 -13.27 46.93
C THR L 72 -19.00 -11.87 46.86
N ALA L 73 -18.93 -11.16 47.99
CA ALA L 73 -19.56 -9.87 48.11
C ALA L 73 -18.78 -8.80 47.35
N ASN L 74 -19.52 -7.94 46.64
CA ASN L 74 -18.94 -6.80 45.95
C ASN L 74 -19.85 -5.58 46.07
N GLU M 23 -53.16 6.25 32.49
CA GLU M 23 -53.15 7.37 31.55
C GLU M 23 -52.16 7.12 30.42
N ALA M 24 -52.58 7.43 29.20
CA ALA M 24 -51.77 7.17 28.02
C ALA M 24 -51.57 8.45 27.22
N ALA M 25 -51.16 9.53 27.89
CA ALA M 25 -51.03 10.84 27.27
C ALA M 25 -49.71 11.05 26.55
N ALA M 26 -48.80 10.07 26.59
CA ALA M 26 -47.50 10.16 25.92
C ALA M 26 -47.30 8.91 25.07
N PRO M 27 -47.64 8.96 23.78
CA PRO M 27 -47.51 7.77 22.93
C PRO M 27 -46.09 7.59 22.36
N ALA M 28 -45.20 7.08 23.20
CA ALA M 28 -43.86 6.76 22.74
C ALA M 28 -43.89 5.50 21.87
N GLY M 29 -42.81 5.29 21.12
CA GLY M 29 -42.74 4.17 20.24
C GLY M 29 -41.75 4.37 19.11
N PRO M 30 -41.59 3.35 18.25
CA PRO M 30 -40.63 3.48 17.14
C PRO M 30 -41.06 4.46 16.07
N LYS M 31 -42.34 4.45 15.67
CA LYS M 31 -42.79 5.37 14.63
C LYS M 31 -42.94 6.80 15.15
N GLU M 32 -43.08 6.98 16.46
CA GLU M 32 -43.06 8.31 17.06
C GLU M 32 -41.64 8.82 17.25
N PHE M 33 -40.67 7.92 17.33
CA PHE M 33 -39.27 8.31 17.41
C PHE M 33 -38.77 8.87 16.08
N THR M 34 -39.34 8.40 14.96
CA THR M 34 -38.83 8.76 13.64
C THR M 34 -39.05 10.23 13.34
N GLU M 35 -40.19 10.79 13.74
CA GLU M 35 -40.46 12.20 13.42
C GLU M 35 -39.61 13.13 14.28
N VAL M 36 -39.42 12.81 15.55
CA VAL M 36 -38.55 13.63 16.40
C VAL M 36 -37.10 13.48 15.99
N TRP M 37 -36.73 12.32 15.43
CA TRP M 37 -35.41 12.14 14.85
C TRP M 37 -35.26 12.90 13.53
N ASN M 38 -36.35 13.10 12.80
CA ASN M 38 -36.29 13.91 11.59
C ASN M 38 -36.32 15.41 11.90
N LYS M 39 -36.76 15.80 13.10
CA LYS M 39 -36.62 17.18 13.54
C LYS M 39 -35.24 17.48 14.09
N LYS M 40 -34.76 16.70 15.06
CA LYS M 40 -33.54 17.07 15.76
C LYS M 40 -32.28 16.39 15.24
N ALA M 41 -32.39 15.25 14.59
CA ALA M 41 -31.18 14.75 13.96
C ALA M 41 -31.21 15.07 12.46
N PRO M 42 -30.05 15.31 11.83
CA PRO M 42 -30.05 15.74 10.43
C PRO M 42 -30.49 14.65 9.47
N SER M 43 -30.77 15.06 8.24
CA SER M 43 -31.24 14.18 7.18
C SER M 43 -30.10 13.48 6.45
N THR M 44 -28.88 13.57 6.97
CA THR M 44 -27.74 12.88 6.38
C THR M 44 -27.79 11.38 6.62
N LEU M 45 -28.37 10.95 7.75
CA LEU M 45 -28.38 9.56 8.17
C LEU M 45 -29.78 8.99 8.05
N ILE M 46 -29.86 7.71 7.69
CA ILE M 46 -31.13 7.00 7.73
C ILE M 46 -31.49 6.71 9.18
N VAL M 47 -32.78 6.46 9.43
CA VAL M 47 -33.30 6.30 10.78
C VAL M 47 -32.75 5.00 11.39
N PRO M 48 -32.34 4.99 12.66
CA PRO M 48 -31.82 3.77 13.25
C PRO M 48 -32.89 2.71 13.41
N GLU M 49 -32.46 1.46 13.39
CA GLU M 49 -33.38 0.35 13.59
C GLU M 49 -33.68 0.15 15.07
N PHE M 50 -34.71 -0.63 15.33
CA PHE M 50 -35.18 -0.97 16.67
C PHE M 50 -35.43 -2.47 16.72
N PRO M 51 -35.27 -3.09 17.89
CA PRO M 51 -35.40 -4.55 17.97
C PRO M 51 -36.81 -5.08 17.71
N SER M 52 -37.84 -4.23 17.77
CA SER M 52 -39.18 -4.65 17.40
C SER M 52 -39.39 -4.73 15.89
N ASN M 53 -38.40 -4.36 15.09
CA ASN M 53 -38.48 -4.51 13.65
C ASN M 53 -38.00 -5.89 13.19
N TYR M 54 -37.39 -6.67 14.08
CA TYR M 54 -36.89 -7.98 13.74
C TYR M 54 -37.76 -9.11 14.29
N THR M 55 -38.79 -8.77 15.06
CA THR M 55 -39.66 -9.76 15.70
C THR M 55 -40.99 -9.81 14.99
N ALA M 56 -41.27 -10.94 14.36
CA ALA M 56 -42.53 -11.11 13.64
C ALA M 56 -43.70 -11.43 14.56
N VAL M 57 -43.43 -11.93 15.77
CA VAL M 57 -44.46 -12.39 16.69
C VAL M 57 -44.53 -11.41 17.87
N LYS M 58 -45.73 -10.96 18.18
CA LYS M 58 -45.98 -10.06 19.29
C LYS M 58 -46.85 -10.76 20.33
N ALA M 59 -47.27 -10.01 21.34
CA ALA M 59 -48.00 -10.56 22.49
C ALA M 59 -49.50 -10.38 22.40
N VAL M 60 -49.97 -9.22 21.92
CA VAL M 60 -51.40 -8.95 21.90
C VAL M 60 -52.02 -9.20 20.53
N GLY M 61 -51.20 -9.31 19.48
CA GLY M 61 -51.72 -9.61 18.15
C GLY M 61 -52.17 -11.05 18.04
N GLU M 62 -53.49 -11.24 17.98
CA GLU M 62 -54.12 -12.54 18.22
C GLU M 62 -53.77 -13.56 17.14
N GLY M 63 -53.82 -14.84 17.52
CA GLY M 63 -53.55 -15.92 16.60
C GLY M 63 -52.71 -17.01 17.24
N GLN M 64 -51.97 -17.75 16.41
CA GLN M 64 -50.92 -18.72 16.73
C GLN M 64 -51.41 -19.97 17.46
N VAL M 65 -52.67 -20.08 17.83
CA VAL M 65 -53.14 -21.25 18.54
C VAL M 65 -53.68 -22.31 17.59
N HIS M 66 -54.66 -21.95 16.73
CA HIS M 66 -55.29 -22.73 15.67
C HIS M 66 -55.63 -24.17 16.02
N GLY M 67 -55.97 -24.44 17.27
CA GLY M 67 -56.28 -25.79 17.69
C GLY M 67 -55.80 -26.12 19.09
N ASP M 68 -55.11 -27.26 19.23
CA ASP M 68 -54.67 -27.76 20.51
C ASP M 68 -53.19 -27.48 20.77
N ALA M 69 -52.42 -27.20 19.73
CA ALA M 69 -51.02 -26.82 19.90
C ALA M 69 -50.91 -25.30 20.08
N PHE M 70 -49.70 -24.87 20.45
CA PHE M 70 -49.40 -23.45 20.69
C PHE M 70 -47.90 -23.31 20.65
N PRO M 71 -47.36 -22.23 20.09
CA PRO M 71 -45.92 -22.17 19.82
C PRO M 71 -45.12 -21.86 21.08
N VAL M 72 -44.06 -22.64 21.30
CA VAL M 72 -43.19 -22.45 22.45
C VAL M 72 -41.87 -21.86 21.97
N ASN M 73 -41.18 -21.19 22.88
CA ASN M 73 -39.91 -20.54 22.59
C ASN M 73 -38.99 -20.76 23.78
N PHE M 74 -38.25 -21.85 23.77
CA PHE M 74 -37.32 -22.19 24.84
C PHE M 74 -35.97 -21.59 24.48
N TYR M 75 -35.52 -20.62 25.26
CA TYR M 75 -34.33 -19.85 24.96
C TYR M 75 -33.32 -19.91 26.10
N THR M 76 -32.07 -20.03 25.74
CA THR M 76 -30.92 -19.68 26.55
C THR M 76 -30.24 -18.51 25.85
N PRO M 77 -29.35 -17.77 26.54
CA PRO M 77 -28.60 -16.72 25.83
C PRO M 77 -27.66 -17.25 24.75
N HIS M 78 -27.25 -18.51 24.83
CA HIS M 78 -26.28 -19.07 23.91
C HIS M 78 -26.87 -20.06 22.91
N SER M 79 -28.11 -20.49 23.09
CA SER M 79 -28.68 -21.48 22.20
C SER M 79 -30.20 -21.38 22.21
N ILE M 80 -30.79 -21.52 21.04
CA ILE M 80 -32.24 -21.64 20.90
C ILE M 80 -32.57 -23.12 20.98
N LEU M 81 -33.25 -23.53 22.05
CA LEU M 81 -33.48 -24.95 22.28
C LEU M 81 -34.70 -25.49 21.57
N SER M 82 -35.76 -24.70 21.45
CA SER M 82 -36.96 -25.13 20.74
C SER M 82 -37.72 -23.91 20.27
N GLN M 83 -38.12 -23.93 18.99
CA GLN M 83 -39.13 -23.00 18.48
C GLN M 83 -40.27 -23.76 17.81
N ALA M 84 -40.51 -25.00 18.21
CA ALA M 84 -41.56 -25.82 17.63
C ALA M 84 -42.89 -25.49 18.29
N GLN M 85 -43.91 -26.29 18.01
CA GLN M 85 -45.24 -26.08 18.56
C GLN M 85 -45.61 -27.29 19.40
N LYS M 86 -45.72 -27.08 20.71
CA LYS M 86 -46.07 -28.11 21.67
C LYS M 86 -47.53 -27.96 22.08
N ASP M 87 -48.04 -28.93 22.84
CA ASP M 87 -49.37 -28.82 23.41
C ASP M 87 -49.39 -28.81 24.93
N THR M 88 -48.28 -29.17 25.58
CA THR M 88 -48.21 -29.16 27.04
C THR M 88 -46.79 -28.78 27.44
N VAL M 89 -46.66 -27.77 28.30
CA VAL M 89 -45.37 -27.30 28.81
C VAL M 89 -45.42 -27.30 30.32
N VAL M 90 -44.48 -28.00 30.95
CA VAL M 90 -44.40 -28.09 32.41
C VAL M 90 -43.24 -27.22 32.88
N LEU M 91 -43.55 -26.18 33.66
CA LEU M 91 -42.55 -25.23 34.08
C LEU M 91 -42.41 -25.22 35.60
N PRO M 92 -41.20 -25.09 36.13
CA PRO M 92 -40.99 -25.10 37.59
C PRO M 92 -41.05 -23.70 38.21
N GLY M 93 -42.28 -23.19 38.37
CA GLY M 93 -42.47 -21.89 38.97
C GLY M 93 -42.10 -21.88 40.45
N VAL M 94 -41.96 -20.67 40.99
CA VAL M 94 -41.53 -20.53 42.37
C VAL M 94 -42.64 -20.89 43.35
N ASP M 95 -43.90 -20.92 42.91
CA ASP M 95 -44.98 -21.46 43.70
C ASP M 95 -45.24 -22.92 43.41
N GLY M 96 -44.36 -23.56 42.64
CA GLY M 96 -44.50 -24.96 42.28
C GLY M 96 -44.63 -25.15 40.78
N TYR M 97 -44.62 -26.42 40.40
CA TYR M 97 -44.77 -26.80 39.00
C TYR M 97 -46.17 -26.46 38.52
N PHE M 98 -46.28 -26.19 37.22
CA PHE M 98 -47.57 -25.91 36.61
C PHE M 98 -47.48 -26.23 35.12
N GLY M 99 -48.56 -26.75 34.58
CA GLY M 99 -48.62 -27.14 33.18
C GLY M 99 -49.26 -26.05 32.35
N VAL M 100 -48.69 -25.78 31.19
CA VAL M 100 -49.21 -24.80 30.25
C VAL M 100 -49.82 -25.56 29.09
N LYS M 101 -51.15 -25.53 29.00
CA LYS M 101 -51.89 -26.12 27.90
C LYS M 101 -52.01 -25.09 26.78
N ALA M 102 -52.96 -25.30 25.85
CA ALA M 102 -53.01 -24.57 24.59
C ALA M 102 -53.18 -23.07 24.79
N SER M 103 -54.29 -22.64 25.35
CA SER M 103 -54.53 -21.22 25.60
C SER M 103 -54.55 -21.00 27.10
N HIS M 104 -53.36 -20.87 27.69
CA HIS M 104 -53.22 -20.58 29.11
C HIS M 104 -53.62 -19.14 29.40
N VAL M 105 -53.85 -18.85 30.67
CA VAL M 105 -54.01 -17.44 31.08
C VAL M 105 -52.68 -16.73 30.88
N PRO M 106 -52.67 -15.47 30.44
CA PRO M 106 -51.41 -14.74 30.33
C PRO M 106 -50.73 -14.57 31.68
N THR M 107 -49.47 -15.00 31.75
CA THR M 107 -48.75 -15.00 33.02
C THR M 107 -47.30 -14.61 32.80
N ILE M 108 -46.64 -14.23 33.90
CA ILE M 108 -45.21 -13.99 33.95
C ILE M 108 -44.70 -14.78 35.15
N ALA M 109 -44.19 -15.98 34.90
CA ALA M 109 -43.86 -16.92 35.96
C ALA M 109 -42.36 -16.96 36.16
N GLN M 110 -41.92 -16.54 37.35
CA GLN M 110 -40.53 -16.69 37.72
C GLN M 110 -40.25 -18.17 37.99
N LEU M 111 -39.25 -18.72 37.31
CA LEU M 111 -38.93 -20.13 37.44
C LEU M 111 -37.81 -20.31 38.47
N LYS M 112 -37.96 -21.32 39.31
CA LYS M 112 -36.89 -21.79 40.17
C LYS M 112 -36.12 -22.89 39.46
N PRO M 113 -34.98 -23.34 40.00
CA PRO M 113 -34.33 -24.53 39.44
C PRO M 113 -35.24 -25.75 39.44
N GLY M 114 -35.40 -26.33 38.26
CA GLY M 114 -36.29 -27.46 38.10
C GLY M 114 -36.23 -27.96 36.67
N VAL M 115 -37.12 -28.89 36.35
CA VAL M 115 -37.11 -29.53 35.04
C VAL M 115 -38.26 -28.95 34.19
N VAL M 116 -37.90 -28.38 33.05
CA VAL M 116 -38.88 -27.99 32.05
C VAL M 116 -39.16 -29.20 31.17
N GLU M 117 -40.43 -29.50 30.95
CA GLU M 117 -40.84 -30.68 30.19
C GLU M 117 -41.71 -30.22 29.03
N LEU M 118 -41.25 -30.48 27.81
CA LEU M 118 -41.99 -30.15 26.61
C LEU M 118 -42.73 -31.39 26.13
N HIS M 119 -43.88 -31.21 25.50
CA HIS M 119 -44.69 -32.34 25.06
C HIS M 119 -45.16 -32.12 23.64
N SER M 120 -44.82 -33.06 22.75
CA SER M 120 -45.30 -33.06 21.38
C SER M 120 -46.35 -34.15 21.15
N GLY M 121 -46.73 -34.87 22.19
CA GLY M 121 -47.59 -36.03 22.05
C GLY M 121 -47.02 -37.17 22.86
N ALA M 122 -46.72 -38.28 22.19
CA ALA M 122 -46.00 -39.38 22.83
C ALA M 122 -44.57 -39.04 23.18
N GLU M 123 -43.98 -38.07 22.47
CA GLU M 123 -42.58 -37.70 22.68
C GLU M 123 -42.47 -36.51 23.62
N SER M 124 -41.37 -36.48 24.36
CA SER M 124 -41.16 -35.45 25.38
C SER M 124 -39.69 -35.07 25.42
N GLU M 125 -39.44 -33.79 25.72
CA GLU M 125 -38.10 -33.28 25.98
C GLU M 125 -38.06 -32.75 27.41
N LYS M 126 -37.11 -33.25 28.21
CA LYS M 126 -37.01 -32.87 29.61
C LYS M 126 -35.67 -32.18 29.85
N PHE M 127 -35.69 -30.85 29.86
CA PHE M 127 -34.51 -30.05 30.17
C PHE M 127 -34.56 -29.59 31.62
N PHE M 128 -33.44 -29.72 32.32
CA PHE M 128 -33.31 -29.17 33.66
C PHE M 128 -32.69 -27.78 33.52
N VAL M 129 -33.39 -26.78 34.04
CA VAL M 129 -32.98 -25.40 33.91
C VAL M 129 -32.40 -24.92 35.23
N SER M 130 -31.83 -23.73 35.21
CA SER M 130 -31.14 -23.18 36.37
C SER M 130 -31.87 -22.00 37.00
N GLY M 131 -33.05 -21.67 36.51
CA GLY M 131 -33.75 -20.48 36.93
C GLY M 131 -34.36 -19.81 35.73
N GLY M 132 -34.49 -18.49 35.81
CA GLY M 132 -35.02 -17.72 34.70
C GLY M 132 -36.52 -17.50 34.80
N PHE M 133 -37.09 -17.09 33.68
CA PHE M 133 -38.50 -16.72 33.64
C PHE M 133 -39.24 -17.52 32.56
N ALA M 134 -40.56 -17.30 32.54
CA ALA M 134 -41.42 -17.95 31.57
C ALA M 134 -42.67 -17.09 31.41
N PHE M 135 -42.90 -16.58 30.21
CA PHE M 135 -44.06 -15.77 29.91
C PHE M 135 -45.07 -16.55 29.10
N VAL M 136 -46.35 -16.35 29.39
CA VAL M 136 -47.43 -16.73 28.51
C VAL M 136 -48.13 -15.45 28.09
N HIS M 137 -48.34 -15.28 26.80
CA HIS M 137 -48.76 -14.02 26.24
C HIS M 137 -50.22 -14.10 25.78
N PRO M 138 -50.92 -12.96 25.69
CA PRO M 138 -52.35 -12.99 25.33
C PRO M 138 -52.66 -13.47 23.91
N ASN M 139 -51.65 -13.72 23.07
CA ASN M 139 -51.88 -14.39 21.80
C ASN M 139 -51.52 -15.86 21.84
N GLY M 140 -51.52 -16.47 23.03
CA GLY M 140 -51.33 -17.89 23.17
C GLY M 140 -49.90 -18.39 23.00
N VAL M 141 -48.96 -17.53 22.64
CA VAL M 141 -47.57 -17.95 22.55
C VAL M 141 -46.98 -18.01 23.95
N THR M 142 -45.95 -18.83 24.13
CA THR M 142 -45.22 -18.86 25.38
C THR M 142 -43.73 -18.73 25.09
N ASP M 143 -43.00 -18.30 26.11
CA ASP M 143 -41.58 -18.00 25.97
C ASP M 143 -40.90 -18.40 27.26
N ILE M 144 -39.93 -19.30 27.19
CA ILE M 144 -39.21 -19.77 28.36
C ILE M 144 -37.79 -19.24 28.28
N CYS M 145 -37.43 -18.37 29.22
CA CYS M 145 -36.19 -17.60 29.18
C CYS M 145 -35.31 -18.01 30.35
N VAL M 146 -34.41 -18.95 30.12
CA VAL M 146 -33.53 -19.44 31.17
C VAL M 146 -32.10 -19.03 30.83
N LEU M 147 -31.16 -19.31 31.73
CA LEU M 147 -29.76 -18.98 31.49
C LEU M 147 -28.88 -20.18 31.23
N GLU M 148 -29.27 -21.35 31.72
CA GLU M 148 -28.54 -22.59 31.46
C GLU M 148 -29.52 -23.73 31.61
N ALA M 149 -29.77 -24.44 30.51
CA ALA M 149 -30.74 -25.54 30.51
C ALA M 149 -30.03 -26.79 30.00
N ALA M 150 -29.53 -27.58 30.93
CA ALA M 150 -28.87 -28.85 30.62
C ALA M 150 -29.86 -29.98 30.81
N THR M 151 -30.06 -30.78 29.78
CA THR M 151 -30.91 -31.96 29.91
C THR M 151 -30.20 -33.03 30.73
N LEU M 152 -30.99 -34.00 31.20
CA LEU M 152 -30.61 -34.82 32.35
C LEU M 152 -29.53 -35.84 32.06
N ASP M 153 -29.25 -36.17 30.80
CA ASP M 153 -28.13 -37.07 30.54
C ASP M 153 -26.79 -36.34 30.54
N GLN M 154 -26.79 -35.02 30.41
CA GLN M 154 -25.58 -34.22 30.43
C GLN M 154 -25.10 -33.88 31.83
N VAL M 155 -25.91 -34.13 32.85
CA VAL M 155 -25.55 -33.84 34.24
C VAL M 155 -25.18 -35.16 34.91
N ASP M 156 -24.12 -35.13 35.71
CA ASP M 156 -23.83 -36.41 36.35
C ASP M 156 -24.45 -36.47 37.74
N PRO M 157 -24.95 -37.64 38.16
CA PRO M 157 -25.48 -37.76 39.52
C PRO M 157 -24.42 -37.92 40.60
N ALA M 158 -23.14 -37.98 40.23
CA ALA M 158 -22.09 -38.20 41.23
C ALA M 158 -21.59 -36.90 41.84
N ALA M 159 -21.58 -35.81 41.07
CA ALA M 159 -21.04 -34.55 41.55
C ALA M 159 -22.12 -33.64 42.14
N VAL M 160 -23.39 -34.00 41.98
CA VAL M 160 -24.45 -33.18 42.57
C VAL M 160 -24.52 -33.38 44.08
N LYS M 161 -24.28 -34.60 44.55
CA LYS M 161 -24.20 -34.86 45.98
C LYS M 161 -22.91 -34.34 46.59
N SER M 162 -21.81 -34.42 45.85
CA SER M 162 -20.55 -33.81 46.30
C SER M 162 -20.70 -32.29 46.39
N ALA M 163 -21.41 -31.69 45.43
CA ALA M 163 -21.61 -30.25 45.43
C ALA M 163 -22.57 -29.81 46.53
N LEU M 164 -23.59 -30.62 46.84
CA LEU M 164 -24.48 -30.27 47.94
C LEU M 164 -23.79 -30.46 49.28
N ALA M 165 -22.95 -31.50 49.41
CA ALA M 165 -22.20 -31.70 50.64
C ALA M 165 -21.16 -30.61 50.84
N ALA M 166 -20.55 -30.12 49.76
CA ALA M 166 -19.66 -28.98 49.84
C ALA M 166 -20.40 -27.65 49.98
N ALA M 167 -21.72 -27.63 49.75
CA ALA M 167 -22.50 -26.42 49.84
C ALA M 167 -23.23 -26.29 51.17
N SER M 168 -24.02 -27.31 51.54
CA SER M 168 -24.89 -27.21 52.70
C SER M 168 -24.16 -27.38 54.04
N ALA M 169 -22.86 -27.67 54.01
CA ALA M 169 -22.09 -27.79 55.24
C ALA M 169 -21.40 -26.50 55.65
N ALA M 170 -20.59 -25.92 54.75
CA ALA M 170 -19.89 -24.67 55.04
C ALA M 170 -20.81 -23.50 54.74
N GLN M 171 -21.40 -22.93 55.79
CA GLN M 171 -22.35 -21.82 55.64
C GLN M 171 -21.81 -20.54 56.26
N PRO M 172 -21.31 -19.60 55.44
CA PRO M 172 -20.90 -18.30 55.98
C PRO M 172 -22.12 -17.47 56.38
N THR M 173 -22.00 -16.76 57.50
CA THR M 173 -23.09 -15.94 58.01
C THR M 173 -23.18 -14.59 57.30
N ASP M 174 -22.21 -14.28 56.44
CA ASP M 174 -22.28 -13.07 55.60
C ASP M 174 -23.44 -13.18 54.62
N GLU M 175 -24.07 -12.03 54.33
CA GLU M 175 -25.34 -12.01 53.59
C GLU M 175 -25.18 -12.45 52.14
N PHE M 176 -24.12 -12.04 51.47
CA PHE M 176 -23.92 -12.39 50.07
C PHE M 176 -23.59 -13.87 49.92
N GLU M 177 -22.68 -14.37 50.78
CA GLU M 177 -22.32 -15.78 50.74
C GLU M 177 -23.45 -16.68 51.19
N GLN M 178 -24.31 -16.21 52.11
CA GLN M 178 -25.44 -17.05 52.49
C GLN M 178 -26.57 -16.99 51.48
N ALA M 179 -26.71 -15.91 50.71
CA ALA M 179 -27.63 -15.93 49.59
C ALA M 179 -27.15 -16.86 48.49
N ALA M 180 -25.84 -16.86 48.22
CA ALA M 180 -25.26 -17.81 47.28
C ALA M 180 -25.41 -19.25 47.77
N ASN M 181 -25.31 -19.45 49.09
CA ASN M 181 -25.46 -20.79 49.65
C ASN M 181 -26.90 -21.27 49.58
N ARG M 182 -27.86 -20.35 49.79
CA ARG M 182 -29.27 -20.71 49.66
C ARG M 182 -29.61 -21.08 48.22
N ALA M 183 -29.08 -20.30 47.25
CA ALA M 183 -29.26 -20.65 45.84
C ALA M 183 -28.61 -21.99 45.52
N ALA M 184 -27.45 -22.26 46.13
CA ALA M 184 -26.75 -23.52 45.92
C ALA M 184 -27.55 -24.71 46.42
N ILE M 185 -28.06 -24.63 47.65
CA ILE M 185 -28.77 -25.77 48.20
C ILE M 185 -30.12 -25.95 47.52
N GLU M 186 -30.75 -24.85 47.06
CA GLU M 186 -31.99 -24.97 46.30
C GLU M 186 -31.77 -25.65 44.96
N LEU M 187 -30.76 -25.20 44.20
CA LEU M 187 -30.50 -25.77 42.89
C LEU M 187 -30.02 -27.21 42.99
N TYR M 188 -29.15 -27.52 43.95
CA TYR M 188 -28.61 -28.87 44.05
C TYR M 188 -29.63 -29.83 44.64
N SER M 189 -30.54 -29.35 45.49
CA SER M 189 -31.63 -30.20 45.96
C SER M 189 -32.62 -30.50 44.86
N ALA M 190 -32.96 -29.51 44.03
CA ALA M 190 -33.83 -29.77 42.90
C ALA M 190 -33.17 -30.68 41.87
N LEU M 191 -31.86 -30.56 41.70
CA LEU M 191 -31.16 -31.44 40.76
C LEU M 191 -31.03 -32.85 41.30
N GLU M 192 -30.87 -33.02 42.61
CA GLU M 192 -30.87 -34.36 43.19
C GLU M 192 -32.25 -34.98 43.14
N SER M 193 -33.30 -34.19 43.36
CA SER M 193 -34.64 -34.73 43.25
C SER M 193 -35.08 -34.93 41.80
N ALA M 194 -34.31 -34.40 40.84
CA ALA M 194 -34.69 -34.55 39.43
C ALA M 194 -33.96 -35.68 38.73
N VAL M 195 -32.84 -36.16 39.26
CA VAL M 195 -32.06 -37.15 38.53
C VAL M 195 -32.62 -38.55 38.70
N GLU M 196 -33.18 -38.85 39.88
CA GLU M 196 -33.77 -40.16 40.09
C GLU M 196 -35.27 -40.21 39.85
N ALA M 197 -35.90 -39.07 39.56
CA ALA M 197 -37.35 -39.03 39.35
C ALA M 197 -37.72 -39.17 37.86
N LYS M 198 -36.84 -39.79 37.07
CA LYS M 198 -37.20 -40.14 35.70
C LYS M 198 -37.94 -41.46 35.68
N ALA M 199 -39.11 -41.47 35.05
CA ALA M 199 -39.96 -42.65 35.01
C ALA M 199 -39.41 -43.70 34.07
N SER N 39 17.01 7.61 -5.61
CA SER N 39 16.93 7.63 -7.06
C SER N 39 16.09 6.48 -7.59
N ASN N 40 16.74 5.37 -7.92
CA ASN N 40 16.07 4.22 -8.50
C ASN N 40 15.94 3.05 -7.55
N GLN N 41 16.53 3.14 -6.36
CA GLN N 41 16.39 2.09 -5.35
C GLN N 41 15.26 2.39 -4.37
N ALA N 42 14.92 3.66 -4.17
CA ALA N 42 13.84 4.01 -3.25
C ALA N 42 12.49 3.56 -3.79
N VAL N 43 12.29 3.64 -5.11
CA VAL N 43 11.03 3.21 -5.69
C VAL N 43 10.92 1.69 -5.64
N LYS N 44 12.04 0.96 -5.69
CA LYS N 44 11.99 -0.49 -5.60
C LYS N 44 11.70 -0.94 -4.18
N GLN N 45 12.22 -0.22 -3.18
CA GLN N 45 11.91 -0.57 -1.81
C GLN N 45 10.49 -0.15 -1.44
N ARG N 46 9.97 0.92 -2.06
CA ARG N 46 8.57 1.26 -1.88
C ARG N 46 7.66 0.23 -2.54
N ILE N 47 8.08 -0.33 -3.68
CA ILE N 47 7.35 -1.42 -4.31
C ILE N 47 7.34 -2.64 -3.40
N ARG N 48 8.50 -2.94 -2.79
CA ARG N 48 8.59 -4.04 -1.84
C ARG N 48 7.80 -3.78 -0.57
N ALA N 49 7.57 -2.52 -0.23
CA ALA N 49 6.72 -2.19 0.90
C ALA N 49 5.25 -2.45 0.57
N ILE N 50 4.76 -1.87 -0.52
CA ILE N 50 3.35 -1.99 -0.89
C ILE N 50 2.98 -3.43 -1.28
N LYS N 51 3.94 -4.23 -1.77
CA LYS N 51 3.62 -5.60 -2.16
C LYS N 51 3.30 -6.47 -0.95
N ASN N 52 4.13 -6.40 0.10
CA ASN N 52 3.76 -7.17 1.27
C ASN N 52 2.72 -6.48 2.15
N ILE N 53 2.48 -5.17 1.96
CA ILE N 53 1.29 -4.56 2.55
C ILE N 53 0.03 -5.17 1.93
N GLY N 54 0.02 -5.35 0.60
CA GLY N 54 -1.07 -6.04 -0.05
C GLY N 54 -1.21 -7.49 0.34
N LYS N 55 -0.08 -8.18 0.58
CA LYS N 55 -0.14 -9.55 1.10
C LYS N 55 -0.69 -9.59 2.53
N ILE N 56 -0.31 -8.62 3.36
CA ILE N 56 -0.84 -8.48 4.72
C ILE N 56 -2.35 -8.30 4.69
N THR N 57 -2.83 -7.39 3.86
CA THR N 57 -4.26 -7.09 3.85
C THR N 57 -5.06 -8.19 3.19
N LYS N 58 -4.46 -8.93 2.25
CA LYS N 58 -5.16 -10.10 1.71
C LYS N 58 -5.23 -11.21 2.72
N ALA N 59 -4.22 -11.35 3.58
CA ALA N 59 -4.33 -12.31 4.67
C ALA N 59 -5.36 -11.87 5.70
N MET N 60 -5.39 -10.57 6.00
CA MET N 60 -6.30 -10.05 7.01
C MET N 60 -7.76 -10.12 6.57
N LYS N 61 -8.01 -10.01 5.27
CA LYS N 61 -9.38 -10.17 4.77
C LYS N 61 -9.90 -11.59 5.00
N MET N 62 -9.08 -12.61 4.73
CA MET N 62 -9.52 -13.97 4.98
C MET N 62 -9.55 -14.30 6.47
N VAL N 63 -8.69 -13.65 7.27
CA VAL N 63 -8.76 -13.82 8.73
C VAL N 63 -10.08 -13.30 9.26
N ALA N 64 -10.44 -12.06 8.87
CA ALA N 64 -11.71 -11.48 9.27
C ALA N 64 -12.89 -12.23 8.69
N ALA N 65 -12.74 -12.85 7.52
CA ALA N 65 -13.83 -13.62 6.93
C ALA N 65 -14.06 -14.92 7.69
N SER N 66 -12.98 -15.59 8.11
CA SER N 66 -13.13 -16.79 8.93
C SER N 66 -13.71 -16.45 10.31
N LYS N 67 -13.31 -15.30 10.86
CA LYS N 67 -13.86 -14.87 12.14
C LYS N 67 -15.33 -14.50 12.01
N MET N 68 -15.73 -13.94 10.86
CA MET N 68 -17.13 -13.68 10.62
C MET N 68 -17.93 -14.96 10.43
N LYS N 69 -17.33 -15.97 9.80
CA LYS N 69 -18.03 -17.24 9.60
C LYS N 69 -18.19 -18.00 10.90
N ASN N 70 -17.18 -17.97 11.76
CA ASN N 70 -17.26 -18.70 13.03
C ASN N 70 -18.17 -18.00 14.03
N ALA N 71 -18.13 -16.67 14.08
CA ALA N 71 -18.93 -15.90 15.02
C ALA N 71 -20.26 -15.44 14.43
N GLN N 72 -20.82 -16.19 13.49
CA GLN N 72 -22.14 -15.92 12.96
C GLN N 72 -23.21 -16.76 13.64
N ILE N 73 -22.88 -18.01 13.98
CA ILE N 73 -23.84 -18.92 14.59
C ILE N 73 -24.19 -18.47 16.01
N ALA N 74 -23.24 -17.87 16.74
CA ALA N 74 -23.54 -17.34 18.06
C ALA N 74 -24.45 -16.13 17.98
N VAL N 75 -24.26 -15.31 16.94
CA VAL N 75 -25.13 -14.16 16.71
C VAL N 75 -26.53 -14.63 16.35
N GLU N 76 -26.65 -15.72 15.58
CA GLU N 76 -27.97 -16.26 15.25
C GLU N 76 -28.64 -16.89 16.46
N GLN N 77 -27.85 -17.50 17.35
CA GLN N 77 -28.43 -18.10 18.56
C GLN N 77 -28.88 -17.03 19.55
N SER N 78 -28.11 -15.97 19.72
CA SER N 78 -28.45 -14.94 20.71
C SER N 78 -29.57 -14.02 20.26
N ARG N 79 -30.03 -14.14 19.02
CA ARG N 79 -31.15 -13.33 18.56
C ARG N 79 -32.48 -13.79 19.13
N GLY N 80 -32.54 -15.01 19.67
CA GLY N 80 -33.81 -15.52 20.16
C GLY N 80 -34.26 -14.86 21.45
N LEU N 81 -33.33 -14.66 22.39
CA LEU N 81 -33.73 -14.22 23.72
C LEU N 81 -34.09 -12.74 23.76
N VAL N 82 -33.73 -11.96 22.75
CA VAL N 82 -34.19 -10.56 22.72
C VAL N 82 -35.60 -10.43 22.17
N ASP N 83 -36.18 -11.51 21.65
CA ASP N 83 -37.54 -11.49 21.15
C ASP N 83 -38.62 -11.42 22.24
N PRO N 84 -38.62 -12.25 23.31
CA PRO N 84 -39.74 -12.18 24.26
C PRO N 84 -39.77 -10.92 25.11
N PHE N 85 -38.66 -10.21 25.25
CA PHE N 85 -38.70 -9.01 26.08
C PHE N 85 -39.25 -7.82 25.34
N VAL N 86 -38.98 -7.71 24.03
CA VAL N 86 -39.67 -6.70 23.24
C VAL N 86 -41.06 -7.16 22.84
N ARG N 87 -41.36 -8.45 22.98
CA ARG N 87 -42.73 -8.90 22.87
C ARG N 87 -43.52 -8.53 24.13
N LEU N 88 -42.87 -8.59 25.29
CA LEU N 88 -43.52 -8.33 26.57
C LEU N 88 -43.50 -6.86 26.96
N PHE N 89 -42.32 -6.25 26.95
CA PHE N 89 -42.17 -4.86 27.38
C PHE N 89 -42.29 -3.87 26.23
N GLY N 90 -42.39 -4.34 24.99
CA GLY N 90 -42.51 -3.44 23.87
C GLY N 90 -41.20 -2.82 23.45
N ASP N 91 -41.31 -1.67 22.79
CA ASP N 91 -40.15 -0.97 22.25
C ASP N 91 -40.48 0.52 22.21
N PHE N 92 -39.98 1.28 23.18
CA PHE N 92 -40.35 2.68 23.36
C PHE N 92 -39.07 3.52 23.43
N PRO N 93 -38.51 3.89 22.27
CA PRO N 93 -37.25 4.66 22.31
C PRO N 93 -37.42 6.09 22.77
N ALA N 94 -38.47 6.77 22.32
CA ALA N 94 -38.64 8.20 22.58
C ALA N 94 -39.44 8.43 23.85
N VAL N 95 -38.86 8.04 24.97
CA VAL N 95 -39.48 8.24 26.27
C VAL N 95 -38.87 9.46 26.95
N ASN N 96 -39.70 10.14 27.74
CA ASN N 96 -39.28 11.32 28.50
C ASN N 96 -38.80 10.84 29.86
N SER N 97 -37.49 10.85 30.08
CA SER N 97 -36.90 10.33 31.29
C SER N 97 -36.17 11.42 32.07
N ASN N 98 -35.73 11.05 33.26
CA ASN N 98 -34.93 11.92 34.11
C ASN N 98 -33.44 11.60 34.03
N LYS N 99 -33.09 10.34 33.80
CA LYS N 99 -31.71 9.93 33.67
C LYS N 99 -31.66 8.79 32.68
N SER N 100 -30.64 8.77 31.83
CA SER N 100 -30.52 7.73 30.82
C SER N 100 -29.06 7.38 30.62
N VAL N 101 -28.74 6.10 30.79
CA VAL N 101 -27.41 5.58 30.48
C VAL N 101 -27.45 5.13 29.02
N VAL N 102 -26.69 5.81 28.19
CA VAL N 102 -26.56 5.47 26.78
C VAL N 102 -25.22 4.78 26.59
N VAL N 103 -25.24 3.55 26.08
CA VAL N 103 -23.99 2.87 25.80
C VAL N 103 -23.87 2.68 24.28
N ALA N 104 -22.68 2.98 23.76
CA ALA N 104 -22.36 2.81 22.36
C ALA N 104 -21.34 1.67 22.27
N VAL N 105 -21.75 0.56 21.69
CA VAL N 105 -20.94 -0.65 21.65
C VAL N 105 -19.99 -0.54 20.47
N THR N 106 -18.77 -0.10 20.72
CA THR N 106 -17.76 0.07 19.69
C THR N 106 -16.87 -1.17 19.62
N SER N 107 -15.79 -1.07 18.85
CA SER N 107 -14.86 -2.17 18.66
C SER N 107 -13.61 -1.97 19.50
N ASP N 108 -12.75 -3.00 19.48
CA ASP N 108 -11.50 -2.99 20.23
C ASP N 108 -10.32 -2.64 19.35
N LYS N 109 -10.12 -3.38 18.27
CA LYS N 109 -9.11 -3.04 17.27
C LYS N 109 -9.77 -2.33 16.10
N GLY N 110 -9.01 -1.45 15.45
CA GLY N 110 -9.63 -0.46 14.60
C GLY N 110 -9.34 -0.48 13.11
N LEU N 111 -9.31 -1.66 12.49
CA LEU N 111 -9.27 -1.76 11.04
C LEU N 111 -10.66 -2.03 10.47
N CYS N 112 -11.71 -1.69 11.22
CA CYS N 112 -13.07 -1.98 10.80
C CYS N 112 -13.53 -1.05 9.68
N GLY N 113 -13.01 0.18 9.64
CA GLY N 113 -13.24 1.04 8.51
C GLY N 113 -14.63 1.65 8.43
N GLY N 114 -14.96 2.54 9.36
CA GLY N 114 -16.20 3.27 9.30
C GLY N 114 -17.33 2.71 10.12
N LEU N 115 -17.03 1.99 11.19
CA LEU N 115 -18.06 1.44 12.06
C LEU N 115 -18.15 2.21 13.37
N ASN N 116 -17.01 2.38 14.05
CA ASN N 116 -16.97 3.04 15.35
C ASN N 116 -17.19 4.54 15.26
N SER N 117 -17.02 5.14 14.09
CA SER N 117 -17.37 6.54 13.90
C SER N 117 -18.80 6.69 13.43
N ASN N 118 -19.30 5.71 12.69
CA ASN N 118 -20.70 5.72 12.26
C ASN N 118 -21.64 5.57 13.45
N ILE N 119 -21.29 4.74 14.43
CA ILE N 119 -22.17 4.70 15.60
C ILE N 119 -21.87 5.83 16.57
N THR N 120 -20.75 6.54 16.45
CA THR N 120 -20.62 7.79 17.20
C THR N 120 -21.53 8.86 16.63
N LYS N 121 -21.62 8.93 15.30
CA LYS N 121 -22.59 9.79 14.64
C LYS N 121 -24.02 9.41 15.01
N TYR N 122 -24.31 8.11 15.02
CA TYR N 122 -25.66 7.66 15.41
C TYR N 122 -25.92 7.87 16.89
N THR N 123 -24.88 7.83 17.72
CA THR N 123 -25.01 8.10 19.15
C THR N 123 -25.43 9.54 19.39
N ARG N 124 -24.72 10.49 18.76
CA ARG N 124 -25.10 11.89 18.94
C ARG N 124 -26.42 12.21 18.25
N ALA N 125 -26.74 11.50 17.16
CA ALA N 125 -28.01 11.72 16.46
C ALA N 125 -29.20 11.19 17.24
N THR N 126 -29.04 10.09 17.97
CA THR N 126 -30.13 9.59 18.80
C THR N 126 -30.11 10.20 20.20
N LEU N 127 -29.03 10.88 20.56
CA LEU N 127 -28.94 11.46 21.88
C LEU N 127 -29.45 12.89 21.88
N ALA N 128 -29.20 13.66 20.82
CA ALA N 128 -29.81 14.97 20.70
C ALA N 128 -31.31 14.89 20.52
N THR N 129 -31.81 13.77 19.97
CA THR N 129 -33.25 13.56 19.84
C THR N 129 -33.92 13.42 21.19
N THR N 130 -33.26 12.77 22.15
CA THR N 130 -33.88 12.38 23.42
C THR N 130 -33.18 13.01 24.63
N GLU N 131 -32.93 14.32 24.60
CA GLU N 131 -32.38 14.97 25.78
C GLU N 131 -32.97 16.37 25.99
N SER N 132 -34.12 16.66 25.39
CA SER N 132 -34.71 17.99 25.47
C SER N 132 -35.64 18.16 26.68
N GLU N 133 -35.44 17.40 27.74
CA GLU N 133 -36.23 17.55 28.96
C GLU N 133 -35.42 18.12 30.12
N GLY N 134 -34.19 18.55 29.88
CA GLY N 134 -33.34 19.03 30.95
C GLY N 134 -32.81 17.91 31.84
N LYS N 135 -32.65 16.72 31.28
CA LYS N 135 -32.29 15.54 32.05
C LYS N 135 -30.79 15.29 31.99
N ASP N 136 -30.34 14.39 32.87
CA ASP N 136 -28.96 13.96 32.87
C ASP N 136 -28.79 12.76 31.94
N VAL N 137 -27.64 12.67 31.28
CA VAL N 137 -27.31 11.61 30.34
C VAL N 137 -25.92 11.10 30.65
N VAL N 138 -25.78 9.79 30.81
CA VAL N 138 -24.50 9.13 31.00
C VAL N 138 -24.15 8.36 29.73
N VAL N 139 -23.01 8.67 29.12
CA VAL N 139 -22.58 7.96 27.91
C VAL N 139 -21.46 6.99 28.27
N VAL N 140 -21.65 5.74 27.86
CA VAL N 140 -20.71 4.65 28.11
C VAL N 140 -20.27 4.12 26.75
N SER N 141 -19.07 3.55 26.69
CA SER N 141 -18.61 2.89 25.49
C SER N 141 -18.03 1.54 25.86
N ILE N 142 -18.44 0.50 25.13
CA ILE N 142 -17.86 -0.83 25.23
C ILE N 142 -16.91 -1.00 24.05
N GLY N 143 -15.63 -1.16 24.36
CA GLY N 143 -14.59 -1.18 23.35
C GLY N 143 -13.78 0.11 23.45
N ASP N 144 -12.46 -0.01 23.35
CA ASP N 144 -11.61 1.15 23.55
C ASP N 144 -11.35 1.94 22.29
N LYS N 145 -12.01 1.62 21.18
CA LYS N 145 -12.06 2.54 20.05
C LYS N 145 -13.25 3.47 20.12
N GLY N 146 -14.01 3.44 21.22
CA GLY N 146 -15.07 4.37 21.45
C GLY N 146 -14.70 5.37 22.53
N ARG N 147 -13.78 4.97 23.42
CA ARG N 147 -13.24 5.92 24.38
C ARG N 147 -12.31 6.93 23.72
N SER N 148 -11.79 6.62 22.54
CA SER N 148 -11.01 7.58 21.78
C SER N 148 -11.88 8.51 20.93
N GLN N 149 -13.13 8.15 20.70
CA GLN N 149 -14.01 8.93 19.84
C GLN N 149 -15.17 9.58 20.58
N LEU N 150 -15.35 9.28 21.86
CA LEU N 150 -16.48 9.82 22.62
C LEU N 150 -16.06 10.79 23.73
N THR N 151 -14.80 10.77 24.16
CA THR N 151 -14.33 11.71 25.17
C THR N 151 -13.81 13.02 24.59
N ARG N 152 -14.28 13.40 23.40
CA ARG N 152 -14.03 14.72 22.86
C ARG N 152 -15.28 15.39 22.30
N ILE N 153 -16.34 14.63 22.04
CA ILE N 153 -17.59 15.19 21.55
C ILE N 153 -18.62 15.35 22.68
N GLU N 154 -18.70 14.38 23.60
CA GLU N 154 -19.44 14.51 24.85
C GLU N 154 -18.52 14.03 25.96
N SER N 155 -17.77 14.96 26.55
CA SER N 155 -16.68 14.63 27.46
C SER N 155 -17.08 14.64 28.92
N GLN N 156 -17.85 15.63 29.36
CA GLN N 156 -18.22 15.74 30.76
C GLN N 156 -19.35 14.81 31.15
N ARG N 157 -20.06 14.23 30.19
CA ARG N 157 -21.11 13.26 30.47
C ARG N 157 -20.65 11.82 30.27
N TYR N 158 -19.34 11.61 30.18
CA TYR N 158 -18.74 10.31 29.93
C TYR N 158 -18.19 9.78 31.24
N GLN N 159 -18.89 8.83 31.85
CA GLN N 159 -18.47 8.30 33.14
C GLN N 159 -17.78 6.94 33.08
N LEU N 160 -18.03 6.12 32.07
CA LEU N 160 -17.52 4.76 32.11
C LEU N 160 -17.03 4.34 30.73
N ALA N 161 -15.90 3.62 30.72
CA ALA N 161 -15.30 3.10 29.49
C ALA N 161 -14.95 1.64 29.71
N ILE N 162 -15.52 0.76 28.89
CA ILE N 162 -15.31 -0.68 28.98
C ILE N 162 -14.56 -1.14 27.74
N ALA N 163 -13.60 -2.04 27.93
CA ALA N 163 -12.80 -2.54 26.84
C ALA N 163 -12.51 -4.02 27.05
N ASP N 164 -11.75 -4.59 26.11
CA ASP N 164 -11.25 -5.97 26.12
C ASP N 164 -12.35 -7.02 26.16
N THR N 165 -13.57 -6.68 25.74
CA THR N 165 -14.67 -7.61 25.82
C THR N 165 -14.69 -8.63 24.69
N TYR N 166 -13.82 -8.50 23.69
CA TYR N 166 -13.78 -9.42 22.56
C TYR N 166 -12.47 -10.19 22.48
N LYS N 167 -11.63 -10.12 23.52
CA LYS N 167 -10.32 -10.76 23.46
C LYS N 167 -10.44 -12.28 23.47
N VAL N 168 -11.15 -12.83 24.46
CA VAL N 168 -11.31 -14.28 24.50
C VAL N 168 -12.59 -14.64 23.77
N ARG N 169 -13.73 -14.21 24.31
CA ARG N 169 -15.03 -14.28 23.64
C ARG N 169 -15.99 -13.40 24.43
N VAL N 170 -17.22 -13.32 23.95
CA VAL N 170 -18.29 -12.60 24.63
C VAL N 170 -19.15 -13.63 25.35
N THR N 171 -19.31 -13.46 26.65
CA THR N 171 -20.09 -14.38 27.47
C THR N 171 -21.21 -13.63 28.16
N PHE N 172 -22.15 -14.38 28.73
CA PHE N 172 -23.28 -13.73 29.38
C PHE N 172 -22.94 -13.26 30.79
N GLY N 173 -21.97 -13.90 31.45
CA GLY N 173 -21.53 -13.40 32.74
C GLY N 173 -20.78 -12.08 32.61
N GLN N 174 -20.03 -11.93 31.52
CA GLN N 174 -19.34 -10.68 31.22
C GLN N 174 -20.33 -9.54 30.98
N ALA N 175 -21.34 -9.80 30.15
CA ALA N 175 -22.37 -8.79 29.88
C ALA N 175 -23.23 -8.53 31.10
N SER N 176 -23.40 -9.54 31.96
CA SER N 176 -24.17 -9.32 33.19
C SER N 176 -23.40 -8.47 34.18
N LEU N 177 -22.07 -8.64 34.23
CA LEU N 177 -21.26 -7.76 35.07
C LEU N 177 -21.25 -6.33 34.53
N ILE N 178 -21.17 -6.18 33.21
CA ILE N 178 -21.24 -4.85 32.59
C ILE N 178 -22.58 -4.19 32.86
N VAL N 179 -23.65 -4.98 32.80
CA VAL N 179 -24.97 -4.46 33.16
C VAL N 179 -25.08 -4.16 34.64
N GLU N 180 -24.35 -4.89 35.50
CA GLU N 180 -24.33 -4.56 36.92
C GLU N 180 -23.66 -3.21 37.18
N GLU N 181 -22.56 -2.92 36.48
CA GLU N 181 -22.02 -1.56 36.59
C GLU N 181 -22.90 -0.53 35.90
N LEU N 182 -23.78 -0.94 34.98
CA LEU N 182 -24.79 -0.02 34.47
C LEU N 182 -25.92 0.26 35.45
N ILE N 183 -26.35 -0.74 36.25
CA ILE N 183 -27.34 -0.47 37.29
C ILE N 183 -26.64 -0.18 38.62
N LYS N 184 -25.37 0.20 38.61
CA LYS N 184 -24.81 0.93 39.74
C LYS N 184 -25.57 2.23 39.96
N HIS N 185 -25.56 3.10 38.95
CA HIS N 185 -26.51 4.21 38.92
C HIS N 185 -27.86 3.68 38.45
N ASN N 186 -28.93 4.38 38.82
CA ASN N 186 -30.28 3.96 38.44
C ASN N 186 -30.97 4.99 37.54
N PRO N 187 -30.76 4.90 36.23
CA PRO N 187 -31.45 5.78 35.30
C PRO N 187 -32.87 5.31 35.06
N GLN N 188 -33.58 6.04 34.21
CA GLN N 188 -34.91 5.65 33.80
C GLN N 188 -34.92 4.98 32.44
N SER N 189 -33.78 4.90 31.76
CA SER N 189 -33.71 4.27 30.45
C SER N 189 -32.29 3.78 30.21
N TYR N 190 -32.17 2.83 29.31
CA TYR N 190 -30.87 2.30 28.90
C TYR N 190 -30.85 2.20 27.38
N GLN N 191 -30.16 3.13 26.73
CA GLN N 191 -30.02 3.11 25.27
C GLN N 191 -28.77 2.33 24.90
N ILE N 192 -28.92 1.37 23.99
CA ILE N 192 -27.82 0.52 23.55
C ILE N 192 -27.60 0.81 22.08
N LEU N 193 -26.46 1.40 21.74
CA LEU N 193 -26.12 1.70 20.35
C LEU N 193 -25.16 0.62 19.83
N PHE N 194 -25.59 -0.09 18.80
CA PHE N 194 -24.76 -1.15 18.23
C PHE N 194 -25.16 -1.35 16.78
N ASN N 195 -24.29 -2.03 16.03
CA ASN N 195 -24.52 -2.34 14.63
C ASN N 195 -25.12 -3.73 14.53
N LYS N 196 -26.36 -3.81 14.08
CA LYS N 196 -27.00 -5.10 13.90
C LYS N 196 -26.46 -5.78 12.65
N PHE N 197 -25.95 -7.00 12.81
CA PHE N 197 -25.39 -7.77 11.71
C PHE N 197 -26.55 -8.28 10.86
N ARG N 198 -26.98 -7.44 9.92
CA ARG N 198 -28.03 -7.86 8.99
C ARG N 198 -27.48 -8.86 7.99
N SER N 199 -26.34 -8.55 7.39
CA SER N 199 -25.68 -9.43 6.44
C SER N 199 -24.19 -9.12 6.47
N ALA N 200 -23.43 -9.83 5.63
CA ALA N 200 -22.01 -9.52 5.47
C ALA N 200 -21.78 -8.22 4.71
N ILE N 201 -22.81 -7.67 4.07
CA ILE N 201 -22.71 -6.41 3.36
C ILE N 201 -23.33 -5.26 4.15
N SER N 202 -24.50 -5.48 4.76
CA SER N 202 -25.27 -4.41 5.38
C SER N 202 -25.23 -4.55 6.90
N PHE N 203 -24.93 -3.45 7.58
CA PHE N 203 -24.93 -3.37 9.04
C PHE N 203 -25.82 -2.20 9.42
N LYS N 204 -27.07 -2.47 9.77
CA LYS N 204 -27.96 -1.42 10.23
C LYS N 204 -27.65 -1.09 11.68
N PRO N 205 -27.32 0.16 12.00
CA PRO N 205 -27.14 0.53 13.41
C PRO N 205 -28.48 0.57 14.12
N THR N 206 -28.55 -0.10 15.27
CA THR N 206 -29.79 -0.33 15.97
C THR N 206 -29.69 0.25 17.38
N VAL N 207 -30.70 1.02 17.77
CA VAL N 207 -30.83 1.47 19.15
C VAL N 207 -31.85 0.59 19.85
N ALA N 208 -31.54 0.19 21.08
CA ALA N 208 -32.40 -0.64 21.89
C ALA N 208 -32.55 0.01 23.25
N THR N 209 -33.78 0.02 23.77
CA THR N 209 -34.10 0.77 24.98
C THR N 209 -34.66 -0.18 26.04
N ILE N 210 -34.28 0.06 27.29
CA ILE N 210 -34.72 -0.72 28.45
C ILE N 210 -35.22 0.27 29.49
N LEU N 211 -36.52 0.27 29.74
CA LEU N 211 -37.08 1.14 30.75
C LEU N 211 -36.94 0.50 32.12
N SER N 212 -36.35 1.23 33.06
CA SER N 212 -36.23 0.74 34.42
C SER N 212 -37.63 0.73 35.07
N PRO N 213 -37.92 -0.30 35.92
CA PRO N 213 -39.33 -0.72 36.15
C PRO N 213 -40.28 0.31 36.72
N ASP N 214 -40.06 0.77 37.94
CA ASP N 214 -40.97 1.71 38.58
C ASP N 214 -40.77 3.13 38.08
N LEU N 215 -39.65 3.42 37.42
CA LEU N 215 -39.41 4.78 36.97
C LEU N 215 -40.17 5.08 35.70
N LEU N 216 -40.14 4.16 34.72
CA LEU N 216 -40.80 4.37 33.45
C LEU N 216 -41.65 3.20 32.95
N GLU N 217 -41.37 1.96 33.36
CA GLU N 217 -42.02 0.81 32.73
C GLU N 217 -43.44 0.65 33.21
N LYS N 218 -43.71 0.93 34.49
CA LYS N 218 -45.08 0.83 35.00
C LYS N 218 -45.93 2.02 34.55
N GLN N 219 -45.32 3.09 34.08
CA GLN N 219 -46.06 4.24 33.57
C GLN N 219 -46.27 4.20 32.08
N LEU N 220 -45.34 3.62 31.31
CA LEU N 220 -45.41 3.61 29.86
C LEU N 220 -46.21 2.44 29.31
N GLU N 221 -47.02 1.78 30.13
CA GLU N 221 -47.81 0.65 29.70
C GLU N 221 -49.30 0.83 29.98
N ASP N 222 -49.70 1.99 30.49
CA ASP N 222 -51.09 2.23 30.89
C ASP N 222 -51.95 2.43 29.65
N VAL N 223 -52.90 1.54 29.42
CA VAL N 223 -53.91 1.70 28.38
C VAL N 223 -55.28 1.35 28.99
N THR N 224 -55.97 2.38 29.49
CA THR N 224 -57.22 2.27 30.26
C THR N 224 -57.06 1.25 31.41
N GLY N 225 -56.22 1.62 32.36
CA GLY N 225 -55.72 0.67 33.33
C GLY N 225 -54.25 0.41 33.07
N ASN N 226 -53.94 -0.78 32.57
CA ASN N 226 -52.59 -1.13 32.17
C ASN N 226 -52.65 -2.29 31.19
N SER N 227 -51.58 -2.46 30.41
CA SER N 227 -51.43 -3.62 29.55
C SER N 227 -50.68 -4.75 30.22
N LEU N 228 -49.97 -4.46 31.31
CA LEU N 228 -49.26 -5.49 32.07
C LEU N 228 -50.17 -6.22 33.04
N ASP N 229 -51.35 -5.64 33.34
CA ASP N 229 -52.30 -6.27 34.24
C ASP N 229 -53.05 -7.43 33.59
N ALA N 230 -52.88 -7.64 32.28
CA ALA N 230 -53.36 -8.86 31.66
C ALA N 230 -52.52 -10.06 32.03
N TYR N 231 -51.30 -9.85 32.52
CA TYR N 231 -50.40 -10.93 32.91
C TYR N 231 -50.58 -11.26 34.38
N ASP N 232 -50.71 -12.55 34.67
CA ASP N 232 -50.87 -13.03 36.04
C ASP N 232 -49.49 -13.31 36.62
N ILE N 233 -49.06 -12.45 37.55
CA ILE N 233 -47.71 -12.56 38.11
C ILE N 233 -47.64 -13.78 39.01
N GLU N 234 -46.71 -14.68 38.70
CA GLU N 234 -46.54 -15.95 39.39
C GLU N 234 -45.19 -15.98 40.09
N ALA N 235 -44.79 -14.87 40.69
CA ALA N 235 -43.49 -14.74 41.33
C ALA N 235 -43.63 -14.89 42.83
N SER N 236 -42.50 -14.82 43.53
CA SER N 236 -42.49 -14.93 44.98
C SER N 236 -42.97 -13.64 45.63
N HIS N 237 -42.30 -12.53 45.34
CA HIS N 237 -42.67 -11.24 45.87
C HIS N 237 -43.51 -10.48 44.85
N GLU N 238 -43.71 -9.19 45.09
CA GLU N 238 -44.65 -8.39 44.30
C GLU N 238 -44.14 -8.10 42.91
N ARG N 239 -45.02 -7.48 42.11
CA ARG N 239 -44.71 -7.15 40.72
C ARG N 239 -43.62 -6.10 40.61
N SER N 240 -43.46 -5.24 41.61
CA SER N 240 -42.42 -4.22 41.61
C SER N 240 -41.03 -4.80 41.71
N ASP N 241 -40.89 -6.05 42.16
CA ASP N 241 -39.61 -6.73 42.21
C ASP N 241 -39.39 -7.70 41.07
N VAL N 242 -40.44 -8.36 40.58
CA VAL N 242 -40.28 -9.24 39.42
C VAL N 242 -40.06 -8.40 38.17
N LEU N 243 -40.60 -7.18 38.14
CA LEU N 243 -40.28 -6.25 37.06
C LEU N 243 -38.84 -5.76 37.16
N ARG N 244 -38.33 -5.60 38.38
CA ARG N 244 -36.94 -5.21 38.56
C ARG N 244 -36.00 -6.28 38.06
N ASP N 245 -36.28 -7.54 38.43
CA ASP N 245 -35.49 -8.66 37.95
C ASP N 245 -35.61 -8.82 36.43
N LEU N 246 -36.81 -8.61 35.89
CA LEU N 246 -37.02 -8.73 34.46
C LEU N 246 -36.30 -7.64 33.67
N THR N 247 -36.25 -6.42 34.21
CA THR N 247 -35.58 -5.36 33.47
C THR N 247 -34.07 -5.46 33.56
N GLU N 248 -33.53 -5.91 34.70
CA GLU N 248 -32.09 -6.17 34.76
C GLU N 248 -31.71 -7.33 33.84
N PHE N 249 -32.54 -8.37 33.80
CA PHE N 249 -32.25 -9.49 32.90
C PHE N 249 -32.42 -9.11 31.45
N HIS N 250 -33.34 -8.20 31.14
CA HIS N 250 -33.51 -7.73 29.77
C HIS N 250 -32.35 -6.85 29.33
N LEU N 251 -31.84 -6.01 30.24
CA LEU N 251 -30.64 -5.23 29.97
C LEU N 251 -29.45 -6.13 29.70
N GLY N 252 -29.27 -7.18 30.52
CA GLY N 252 -28.18 -8.11 30.30
C GLY N 252 -28.30 -8.88 29.00
N VAL N 253 -29.52 -9.31 28.66
CA VAL N 253 -29.75 -10.07 27.43
C VAL N 253 -29.47 -9.22 26.20
N THR N 254 -30.04 -8.01 26.14
CA THR N 254 -29.83 -7.21 24.95
C THR N 254 -28.44 -6.59 24.92
N LEU N 255 -27.74 -6.51 26.05
CA LEU N 255 -26.36 -6.04 26.03
C LEU N 255 -25.43 -7.11 25.51
N TYR N 256 -25.66 -8.36 25.92
CA TYR N 256 -24.92 -9.50 25.37
C TYR N 256 -25.14 -9.63 23.88
N ASN N 257 -26.40 -9.56 23.45
CA ASN N 257 -26.71 -9.63 22.02
C ASN N 257 -26.15 -8.43 21.26
N ALA N 258 -26.12 -7.25 21.90
CA ALA N 258 -25.60 -6.06 21.26
C ALA N 258 -24.11 -6.18 20.99
N MET N 259 -23.33 -6.60 21.98
CA MET N 259 -21.91 -6.72 21.74
C MET N 259 -21.56 -7.91 20.86
N LEU N 260 -22.40 -8.95 20.83
CA LEU N 260 -22.15 -10.05 19.91
C LEU N 260 -22.43 -9.64 18.47
N GLU N 261 -23.54 -8.94 18.23
CA GLU N 261 -23.88 -8.38 16.92
C GLU N 261 -22.82 -7.39 16.46
N ASN N 262 -22.33 -6.55 17.38
CA ASN N 262 -21.29 -5.58 17.04
C ASN N 262 -19.96 -6.25 16.74
N ASN N 263 -19.66 -7.37 17.40
CA ASN N 263 -18.45 -8.11 17.08
C ASN N 263 -18.53 -8.72 15.69
N CYS N 264 -19.69 -9.26 15.33
CA CYS N 264 -19.83 -9.83 13.98
C CYS N 264 -19.81 -8.75 12.92
N SER N 265 -20.38 -7.57 13.22
CA SER N 265 -20.30 -6.45 12.28
C SER N 265 -18.89 -5.91 12.18
N GLU N 266 -18.11 -5.96 13.26
CA GLU N 266 -16.70 -5.60 13.20
C GLU N 266 -15.93 -6.52 12.27
N HIS N 267 -16.15 -7.83 12.38
CA HIS N 267 -15.45 -8.77 11.50
C HIS N 267 -15.88 -8.60 10.05
N ALA N 268 -17.18 -8.38 9.81
CA ALA N 268 -17.65 -8.25 8.44
C ALA N 268 -17.32 -6.90 7.82
N SER N 269 -17.08 -5.87 8.62
CA SER N 269 -16.62 -4.60 8.08
C SER N 269 -15.11 -4.60 7.87
N ARG N 270 -14.37 -5.33 8.70
CA ARG N 270 -12.94 -5.48 8.46
C ARG N 270 -12.68 -6.33 7.22
N MET N 271 -13.55 -7.30 6.95
CA MET N 271 -13.44 -8.11 5.73
C MET N 271 -13.61 -7.26 4.47
N SER N 272 -14.37 -6.17 4.54
CA SER N 272 -14.54 -5.28 3.39
C SER N 272 -13.48 -4.19 3.35
N ALA N 273 -13.07 -3.68 4.51
CA ALA N 273 -12.02 -2.67 4.55
C ALA N 273 -10.68 -3.22 4.12
N MET N 274 -10.41 -4.49 4.40
CA MET N 274 -9.16 -5.07 3.93
C MET N 274 -9.23 -5.43 2.45
N GLU N 275 -10.41 -5.70 1.91
CA GLU N 275 -10.57 -5.80 0.46
C GLU N 275 -10.31 -4.46 -0.22
N ASN N 276 -10.80 -3.37 0.36
CA ASN N 276 -10.49 -2.04 -0.15
C ASN N 276 -9.01 -1.72 -0.04
N SER N 277 -8.35 -2.19 1.02
CA SER N 277 -6.92 -1.96 1.15
C SER N 277 -6.11 -2.79 0.17
N THR N 278 -6.55 -4.00 -0.15
CA THR N 278 -5.88 -4.77 -1.21
C THR N 278 -6.08 -4.12 -2.57
N LYS N 279 -7.27 -3.58 -2.82
CA LYS N 279 -7.53 -2.89 -4.08
C LYS N 279 -6.67 -1.63 -4.19
N SER N 280 -6.55 -0.87 -3.11
CA SER N 280 -5.75 0.35 -3.14
C SER N 280 -4.26 0.06 -3.21
N ALA N 281 -3.79 -0.96 -2.51
CA ALA N 281 -2.38 -1.31 -2.56
C ALA N 281 -2.04 -2.21 -3.74
N GLY N 282 -3.01 -2.54 -4.59
CA GLY N 282 -2.70 -3.11 -5.87
C GLY N 282 -2.69 -2.02 -6.92
N GLU N 283 -3.56 -1.03 -6.75
CA GLU N 283 -3.58 0.12 -7.65
C GLU N 283 -2.33 0.97 -7.52
N MET N 284 -1.93 1.26 -6.28
CA MET N 284 -0.70 2.00 -6.00
C MET N 284 0.52 1.24 -6.50
N LEU N 285 0.51 -0.09 -6.33
CA LEU N 285 1.61 -0.91 -6.81
C LEU N 285 1.67 -0.94 -8.34
N GLY N 286 0.51 -0.94 -8.99
CA GLY N 286 0.49 -0.93 -10.44
C GLY N 286 0.97 0.37 -11.02
N LYS N 287 0.67 1.49 -10.36
CA LYS N 287 1.21 2.77 -10.83
C LYS N 287 2.70 2.88 -10.53
N LEU N 288 3.13 2.37 -9.38
CA LEU N 288 4.54 2.50 -9.00
C LEU N 288 5.43 1.57 -9.81
N THR N 289 4.86 0.45 -10.31
CA THR N 289 5.59 -0.41 -11.24
C THR N 289 5.86 0.30 -12.57
N LEU N 290 4.87 1.02 -13.08
CA LEU N 290 5.06 1.79 -14.31
C LEU N 290 6.06 2.92 -14.09
N ASP N 291 6.01 3.56 -12.92
CA ASP N 291 6.99 4.60 -12.59
C ASP N 291 8.40 4.04 -12.51
N TYR N 292 8.55 2.86 -11.91
CA TYR N 292 9.85 2.20 -11.85
C TYR N 292 10.34 1.81 -13.23
N ASN N 293 9.44 1.38 -14.11
CA ASN N 293 9.84 0.99 -15.45
C ASN N 293 10.30 2.19 -16.27
N ARG N 294 9.60 3.32 -16.11
CA ARG N 294 10.04 4.56 -16.75
C ARG N 294 11.39 5.01 -16.23
N LYS N 295 11.61 4.92 -14.91
CA LYS N 295 12.90 5.30 -14.34
C LYS N 295 14.01 4.35 -14.76
N ARG N 296 13.69 3.07 -14.92
CA ARG N 296 14.68 2.08 -15.35
C ARG N 296 15.09 2.32 -16.80
N GLN N 297 14.11 2.57 -17.67
CA GLN N 297 14.39 2.87 -19.06
C GLN N 297 15.19 4.15 -19.21
N ALA N 298 14.81 5.20 -18.47
CA ALA N 298 15.56 6.44 -18.48
C ALA N 298 16.96 6.27 -17.92
N THR N 299 17.14 5.36 -16.95
CA THR N 299 18.45 5.09 -16.39
C THR N 299 19.38 4.45 -17.40
N ILE N 300 18.93 3.41 -18.10
CA ILE N 300 19.80 2.78 -19.10
C ILE N 300 20.08 3.74 -20.25
N THR N 301 19.08 4.58 -20.61
CA THR N 301 19.30 5.55 -21.67
C THR N 301 20.32 6.61 -21.27
N THR N 302 20.25 7.13 -20.05
CA THR N 302 21.17 8.20 -19.67
C THR N 302 22.58 7.67 -19.42
N GLU N 303 22.70 6.43 -18.91
CA GLU N 303 24.02 5.85 -18.73
C GLU N 303 24.68 5.52 -20.07
N LEU N 304 23.88 5.06 -21.02
CA LEU N 304 24.40 4.77 -22.34
C LEU N 304 24.80 6.04 -23.08
N ILE N 305 24.01 7.11 -22.93
CA ILE N 305 24.33 8.40 -23.54
C ILE N 305 25.62 8.97 -22.94
N GLU N 306 25.82 8.75 -21.63
CA GLU N 306 27.08 9.17 -21.00
C GLU N 306 28.27 8.39 -21.56
N ILE N 307 28.11 7.09 -21.79
CA ILE N 307 29.20 6.28 -22.32
C ILE N 307 29.52 6.66 -23.76
N ILE N 308 28.50 6.92 -24.57
CA ILE N 308 28.72 7.36 -25.96
C ILE N 308 29.36 8.73 -26.01
N ALA N 309 28.95 9.64 -25.12
CA ALA N 309 29.56 10.97 -25.09
C ALA N 309 31.00 10.93 -24.61
N GLY N 310 31.33 9.98 -23.73
CA GLY N 310 32.72 9.78 -23.37
C GLY N 310 33.55 9.17 -24.48
N ALA N 311 32.99 8.22 -25.22
CA ALA N 311 33.74 7.56 -26.28
C ALA N 311 33.87 8.42 -27.53
N SER N 312 32.95 9.35 -27.75
CA SER N 312 33.03 10.21 -28.92
C SER N 312 34.00 11.36 -28.74
N ALA N 313 34.40 11.65 -27.50
CA ALA N 313 35.44 12.63 -27.28
C ALA N 313 36.83 12.05 -27.49
N LEU N 314 36.96 10.72 -27.43
CA LEU N 314 38.23 10.04 -27.62
C LEU N 314 38.35 9.40 -29.00
N MET N 315 37.28 8.78 -29.49
CA MET N 315 37.29 8.20 -30.82
C MET N 315 36.82 9.21 -31.85
N GLY O 85 56.93 -8.03 -36.45
CA GLY O 85 56.06 -6.90 -36.23
C GLY O 85 56.70 -5.96 -35.24
N ARG O 86 56.53 -4.66 -35.48
CA ARG O 86 57.09 -3.64 -34.62
C ARG O 86 55.99 -3.08 -33.74
N VAL O 87 56.26 -2.97 -32.44
CA VAL O 87 55.29 -2.36 -31.54
C VAL O 87 55.24 -0.87 -31.80
N LEU O 88 54.09 -0.38 -32.23
CA LEU O 88 53.88 1.06 -32.34
C LEU O 88 53.68 1.67 -30.97
N SER O 89 52.65 1.24 -30.26
CA SER O 89 52.32 1.76 -28.94
C SER O 89 51.88 0.59 -28.07
N VAL O 90 52.21 0.68 -26.79
CA VAL O 90 51.84 -0.33 -25.81
C VAL O 90 51.31 0.38 -24.57
N GLY O 91 50.27 -0.18 -23.97
CA GLY O 91 49.69 0.38 -22.77
C GLY O 91 48.40 -0.30 -22.40
N ASP O 92 48.20 -0.51 -21.09
CA ASP O 92 47.02 -1.16 -20.52
C ASP O 92 46.83 -2.58 -21.06
N GLY O 93 47.94 -3.26 -21.31
CA GLY O 93 47.89 -4.60 -21.85
C GLY O 93 47.45 -4.71 -23.29
N ILE O 94 47.55 -3.62 -24.06
CA ILE O 94 47.23 -3.62 -25.48
C ILE O 94 48.45 -3.11 -26.23
N ALA O 95 48.91 -3.89 -27.20
CA ALA O 95 50.05 -3.51 -28.03
C ALA O 95 49.57 -3.32 -29.46
N ARG O 96 49.62 -2.10 -29.95
CA ARG O 96 49.35 -1.81 -31.35
C ARG O 96 50.62 -2.13 -32.14
N VAL O 97 50.55 -3.10 -33.04
CA VAL O 97 51.72 -3.68 -33.68
C VAL O 97 51.66 -3.40 -35.17
N TYR O 98 52.69 -2.72 -35.68
CA TYR O 98 52.80 -2.51 -37.12
C TYR O 98 53.28 -3.78 -37.80
N GLY O 99 52.78 -4.03 -39.00
CA GLY O 99 53.19 -5.21 -39.72
C GLY O 99 52.37 -6.41 -39.33
N LEU O 100 53.03 -7.56 -39.18
CA LEU O 100 52.40 -8.88 -39.03
C LEU O 100 51.37 -9.08 -40.13
N LYS O 101 51.85 -9.02 -41.38
CA LYS O 101 50.98 -8.75 -42.52
C LYS O 101 50.06 -9.92 -42.82
N SER O 102 50.53 -11.14 -42.59
CA SER O 102 49.67 -12.32 -42.72
C SER O 102 49.56 -12.95 -41.34
N VAL O 103 48.66 -12.42 -40.53
CA VAL O 103 48.34 -12.95 -39.22
C VAL O 103 46.85 -13.20 -39.18
N GLN O 104 46.45 -14.22 -38.44
CA GLN O 104 45.03 -14.57 -38.35
C GLN O 104 44.39 -13.88 -37.15
N ALA O 105 43.08 -13.70 -37.25
CA ALA O 105 42.32 -13.14 -36.14
C ALA O 105 42.21 -14.19 -35.04
N GLY O 106 42.69 -13.85 -33.85
CA GLY O 106 42.71 -14.79 -32.76
C GLY O 106 43.94 -15.65 -32.68
N GLU O 107 45.01 -15.28 -33.38
CA GLU O 107 46.23 -16.06 -33.43
C GLU O 107 47.19 -15.60 -32.35
N LEU O 108 47.84 -16.58 -31.69
CA LEU O 108 48.92 -16.30 -30.76
C LEU O 108 50.09 -15.62 -31.44
N VAL O 109 50.57 -14.53 -30.85
CA VAL O 109 51.83 -13.92 -31.25
C VAL O 109 52.78 -14.02 -30.06
N CYS O 110 54.05 -13.69 -30.31
CA CYS O 110 55.07 -13.74 -29.28
C CYS O 110 55.88 -12.46 -29.34
N PHE O 111 56.17 -11.89 -28.18
CA PHE O 111 56.91 -10.64 -28.10
C PHE O 111 58.39 -10.92 -27.88
N ASP O 112 59.20 -9.85 -27.86
CA ASP O 112 60.62 -9.98 -27.56
C ASP O 112 60.85 -10.38 -26.11
N SER O 113 59.97 -9.96 -25.21
CA SER O 113 60.11 -10.23 -23.79
C SER O 113 59.57 -11.59 -23.38
N GLY O 114 59.25 -12.45 -24.35
CA GLY O 114 58.75 -13.77 -24.05
C GLY O 114 57.28 -13.85 -23.69
N VAL O 115 56.62 -12.72 -23.51
CA VAL O 115 55.21 -12.70 -23.16
C VAL O 115 54.39 -12.98 -24.42
N LYS O 116 53.34 -13.77 -24.28
CA LYS O 116 52.51 -14.13 -25.41
C LYS O 116 51.48 -13.04 -25.69
N GLY O 117 50.73 -13.22 -26.77
CA GLY O 117 49.72 -12.26 -27.16
C GLY O 117 48.65 -12.95 -27.98
N MET O 118 47.68 -12.16 -28.43
CA MET O 118 46.65 -12.65 -29.33
C MET O 118 46.21 -11.52 -30.24
N ALA O 119 46.33 -11.72 -31.55
CA ALA O 119 45.91 -10.74 -32.54
C ALA O 119 44.39 -10.70 -32.54
N LEU O 120 43.81 -9.68 -31.90
CA LEU O 120 42.38 -9.70 -31.65
C LEU O 120 41.60 -8.91 -32.69
N ASN O 121 41.97 -7.65 -32.93
CA ASN O 121 41.39 -6.90 -34.04
C ASN O 121 42.49 -6.49 -35.01
N LEU O 122 42.32 -6.88 -36.26
CA LEU O 122 43.31 -6.65 -37.32
C LEU O 122 42.86 -5.44 -38.10
N GLN O 123 43.64 -4.37 -38.06
CA GLN O 123 43.27 -3.15 -38.75
C GLN O 123 44.15 -2.94 -39.97
N ALA O 124 43.80 -1.93 -40.77
CA ALA O 124 44.48 -1.70 -42.03
C ALA O 124 45.89 -1.18 -41.85
N ASP O 125 46.19 -0.57 -40.70
CA ASP O 125 47.52 -0.02 -40.43
C ASP O 125 48.28 -0.79 -39.37
N HIS O 126 47.60 -1.34 -38.36
CA HIS O 126 48.26 -2.04 -37.28
C HIS O 126 47.41 -3.24 -36.87
N VAL O 127 47.90 -3.96 -35.87
CA VAL O 127 47.18 -5.06 -35.24
C VAL O 127 47.03 -4.73 -33.77
N GLY O 128 45.81 -4.81 -33.26
CA GLY O 128 45.60 -4.69 -31.83
C GLY O 128 45.78 -6.01 -31.14
N VAL O 129 46.82 -6.11 -30.31
CA VAL O 129 47.22 -7.37 -29.68
C VAL O 129 46.93 -7.25 -28.19
N VAL O 130 46.13 -8.18 -27.66
CA VAL O 130 45.96 -8.28 -26.22
C VAL O 130 47.11 -9.08 -25.63
N VAL O 131 47.65 -8.61 -24.51
CA VAL O 131 48.90 -9.13 -23.96
C VAL O 131 48.57 -10.13 -22.86
N PHE O 132 49.09 -11.35 -22.99
CA PHE O 132 48.87 -12.40 -21.99
C PHE O 132 49.87 -12.21 -20.84
N GLY O 133 49.65 -11.18 -20.06
CA GLY O 133 50.51 -10.91 -18.94
C GLY O 133 50.74 -9.43 -18.77
N ASN O 134 51.78 -9.10 -18.03
CA ASN O 134 52.07 -7.70 -17.71
C ASN O 134 52.81 -7.05 -18.87
N ASP O 135 52.21 -5.99 -19.42
CA ASP O 135 52.75 -5.31 -20.60
C ASP O 135 53.87 -4.33 -20.28
N SER O 136 54.37 -4.30 -19.04
CA SER O 136 55.45 -3.38 -18.68
C SER O 136 56.79 -3.81 -19.24
N VAL O 137 56.90 -5.01 -19.79
CA VAL O 137 58.14 -5.50 -20.39
C VAL O 137 58.15 -5.31 -21.90
N ILE O 138 57.11 -4.70 -22.46
CA ILE O 138 57.01 -4.43 -23.89
C ILE O 138 57.27 -2.94 -24.10
N HIS O 139 58.10 -2.62 -25.09
CA HIS O 139 58.45 -1.25 -25.41
C HIS O 139 58.08 -0.96 -26.86
N GLN O 140 58.08 0.32 -27.21
CA GLN O 140 57.93 0.73 -28.59
C GLN O 140 59.12 0.26 -29.40
N GLY O 141 58.85 -0.38 -30.53
CA GLY O 141 59.91 -0.92 -31.36
C GLY O 141 60.30 -2.34 -31.04
N ASP O 142 59.65 -2.97 -30.07
CA ASP O 142 59.91 -4.37 -29.78
C ASP O 142 59.38 -5.24 -30.91
N LEU O 143 60.10 -6.34 -31.15
CA LEU O 143 59.75 -7.24 -32.24
C LEU O 143 58.69 -8.24 -31.79
N VAL O 144 57.63 -8.35 -32.59
CA VAL O 144 56.54 -9.27 -32.33
C VAL O 144 56.59 -10.35 -33.39
N TYR O 145 56.77 -11.59 -32.96
CA TYR O 145 56.76 -12.73 -33.86
C TYR O 145 55.41 -13.42 -33.78
N ARG O 146 54.87 -13.79 -34.93
CA ARG O 146 53.66 -14.59 -34.93
C ARG O 146 54.02 -16.07 -34.85
N THR O 147 53.17 -16.82 -34.16
CA THR O 147 53.39 -18.25 -33.97
C THR O 147 52.70 -19.08 -35.04
N GLY O 148 51.83 -18.49 -35.84
CA GLY O 148 51.15 -19.20 -36.90
C GLY O 148 49.97 -20.03 -36.47
N GLN O 149 49.64 -20.06 -35.18
CA GLN O 149 48.61 -20.95 -34.67
C GLN O 149 47.60 -20.15 -33.84
N ILE O 150 46.33 -20.53 -33.98
CA ILE O 150 45.29 -20.05 -33.09
C ILE O 150 45.54 -20.60 -31.68
N VAL O 151 45.01 -19.89 -30.68
CA VAL O 151 45.25 -20.21 -29.28
C VAL O 151 44.70 -21.58 -28.94
N ASN O 152 45.56 -22.45 -28.43
CA ASN O 152 45.17 -23.82 -28.12
C ASN O 152 45.65 -24.17 -26.71
N VAL O 153 45.02 -25.18 -26.12
CA VAL O 153 45.36 -25.65 -24.78
C VAL O 153 45.64 -27.14 -24.82
N PRO O 154 46.43 -27.69 -23.90
CA PRO O 154 46.54 -29.15 -23.80
C PRO O 154 45.27 -29.76 -23.23
N ILE O 155 44.70 -30.70 -23.96
CA ILE O 155 43.54 -31.47 -23.50
C ILE O 155 43.97 -32.92 -23.37
N GLY O 156 43.16 -33.69 -22.65
CA GLY O 156 43.43 -35.10 -22.46
C GLY O 156 43.32 -35.53 -21.02
N PRO O 157 43.58 -36.81 -20.74
CA PRO O 157 43.45 -37.32 -19.37
C PRO O 157 44.56 -36.87 -18.44
N GLY O 158 45.65 -36.32 -18.96
CA GLY O 158 46.68 -35.78 -18.09
C GLY O 158 46.34 -34.46 -17.45
N THR O 159 45.27 -33.81 -17.91
CA THR O 159 44.77 -32.60 -17.28
C THR O 159 44.01 -32.87 -16.00
N LEU O 160 43.61 -34.12 -15.74
CA LEU O 160 42.92 -34.47 -14.51
C LEU O 160 43.87 -34.36 -13.33
N GLY O 161 43.38 -33.84 -12.22
CA GLY O 161 44.19 -33.67 -11.03
C GLY O 161 45.13 -32.50 -11.06
N ARG O 162 45.11 -31.69 -12.11
CA ARG O 162 46.09 -30.64 -12.31
C ARG O 162 45.43 -29.28 -12.23
N VAL O 163 46.09 -28.35 -11.55
CA VAL O 163 45.65 -26.98 -11.46
C VAL O 163 46.34 -26.22 -12.58
N THR O 164 45.57 -25.85 -13.60
CA THR O 164 46.10 -25.10 -14.72
C THR O 164 45.64 -23.64 -14.61
N ASP O 165 46.35 -22.77 -15.33
CA ASP O 165 45.92 -21.39 -15.43
C ASP O 165 45.00 -21.27 -16.65
N GLY O 166 44.63 -20.04 -17.02
CA GLY O 166 43.70 -19.80 -18.11
C GLY O 166 44.19 -20.17 -19.50
N LEU O 167 45.43 -20.62 -19.65
CA LEU O 167 45.99 -20.99 -20.93
C LEU O 167 46.43 -22.44 -20.97
N GLY O 168 46.09 -23.23 -19.95
CA GLY O 168 46.44 -24.63 -19.91
C GLY O 168 47.77 -24.93 -19.26
N GLN O 169 48.57 -23.92 -18.97
CA GLN O 169 49.86 -24.14 -18.31
C GLN O 169 49.62 -24.48 -16.84
N PRO O 170 50.31 -25.47 -16.30
CA PRO O 170 50.08 -25.84 -14.90
C PRO O 170 50.66 -24.83 -13.93
N ILE O 171 49.96 -24.63 -12.82
CA ILE O 171 50.40 -23.74 -11.76
C ILE O 171 50.47 -24.45 -10.41
N ASP O 172 50.28 -25.77 -10.40
CA ASP O 172 50.29 -26.51 -9.15
C ASP O 172 51.69 -26.95 -8.73
N GLY O 173 52.70 -26.70 -9.55
CA GLY O 173 54.05 -27.08 -9.19
C GLY O 173 54.33 -28.56 -9.28
N LYS O 174 53.51 -29.32 -10.01
CA LYS O 174 53.69 -30.76 -10.17
C LYS O 174 54.28 -31.11 -11.52
N GLY O 175 55.17 -30.27 -12.04
CA GLY O 175 55.88 -30.58 -13.26
C GLY O 175 55.04 -30.32 -14.50
N PRO O 176 55.57 -30.68 -15.67
CA PRO O 176 54.83 -30.44 -16.91
C PRO O 176 53.70 -31.44 -17.09
N LEU O 177 52.81 -31.10 -18.02
CA LEU O 177 51.63 -31.91 -18.29
C LEU O 177 52.02 -33.11 -19.16
N THR O 178 51.98 -34.29 -18.58
CA THR O 178 52.14 -35.52 -19.35
C THR O 178 50.78 -35.98 -19.86
N ASN O 179 50.82 -36.75 -20.96
CA ASN O 179 49.68 -37.50 -21.50
C ASN O 179 48.54 -36.57 -21.94
N VAL O 180 48.90 -35.58 -22.75
CA VAL O 180 47.95 -34.57 -23.20
C VAL O 180 48.18 -34.31 -24.68
N ARG O 181 47.26 -33.57 -25.30
CA ARG O 181 47.38 -33.17 -26.69
C ARG O 181 46.74 -31.80 -26.85
N SER O 182 47.26 -31.01 -27.79
CA SER O 182 46.78 -29.65 -27.98
C SER O 182 45.49 -29.63 -28.79
N SER O 183 44.57 -28.75 -28.39
CA SER O 183 43.34 -28.52 -29.12
C SER O 183 42.92 -27.08 -28.92
N LEU O 184 42.23 -26.54 -29.90
CA LEU O 184 41.89 -25.12 -29.90
C LEU O 184 40.86 -24.80 -28.83
N VAL O 185 40.92 -23.56 -28.33
CA VAL O 185 40.01 -23.16 -27.26
C VAL O 185 38.63 -22.83 -27.81
N GLU O 186 38.53 -22.33 -29.04
CA GLU O 186 37.26 -21.91 -29.62
C GLU O 186 36.92 -22.84 -30.76
N VAL O 187 36.18 -23.89 -30.43
CA VAL O 187 35.66 -24.86 -31.39
C VAL O 187 34.19 -24.52 -31.62
N LYS O 188 33.72 -24.75 -32.83
CA LYS O 188 32.31 -24.53 -33.14
C LYS O 188 31.44 -25.53 -32.39
N ALA O 189 30.33 -25.04 -31.85
CA ALA O 189 29.42 -25.87 -31.09
C ALA O 189 28.73 -26.89 -31.98
N PRO O 190 28.43 -28.09 -31.46
CA PRO O 190 27.83 -29.14 -32.30
C PRO O 190 26.40 -28.82 -32.70
N GLY O 191 26.06 -29.16 -33.94
CA GLY O 191 24.81 -28.74 -34.54
C GLY O 191 23.63 -29.59 -34.14
N ILE O 192 22.58 -29.53 -34.96
CA ILE O 192 21.28 -30.13 -34.62
C ILE O 192 21.38 -31.65 -34.65
N ILE O 193 21.95 -32.21 -35.72
CA ILE O 193 22.03 -33.65 -35.85
C ILE O 193 23.07 -34.24 -34.91
N ALA O 194 24.02 -33.44 -34.46
CA ALA O 194 24.97 -33.88 -33.45
C ALA O 194 24.33 -33.99 -32.07
N ARG O 195 23.21 -33.33 -31.82
CA ARG O 195 22.58 -33.36 -30.51
C ARG O 195 21.83 -34.68 -30.29
N GLN O 196 21.32 -34.81 -29.07
CA GLN O 196 20.42 -35.89 -28.68
C GLN O 196 19.57 -35.34 -27.55
N SER O 197 18.40 -35.94 -27.33
CA SER O 197 17.52 -35.46 -26.28
C SER O 197 18.09 -35.78 -24.91
N VAL O 198 18.07 -34.77 -24.03
CA VAL O 198 18.70 -34.88 -22.71
C VAL O 198 17.76 -35.68 -21.82
N ARG O 199 18.14 -36.92 -21.51
CA ARG O 199 17.30 -37.82 -20.73
C ARG O 199 17.94 -38.36 -19.47
N GLU O 200 19.25 -38.58 -19.46
CA GLU O 200 19.76 -39.19 -18.23
C GLU O 200 20.12 -38.11 -17.20
N PRO O 201 19.87 -38.37 -15.93
CA PRO O 201 20.04 -37.33 -14.91
C PRO O 201 21.49 -37.15 -14.50
N LEU O 202 21.80 -35.93 -14.09
CA LEU O 202 23.05 -35.61 -13.42
C LEU O 202 22.71 -35.21 -11.99
N PHE O 203 23.12 -36.03 -11.03
CA PHE O 203 22.80 -35.77 -9.64
C PHE O 203 23.85 -34.84 -9.03
N THR O 204 23.38 -33.73 -8.48
CA THR O 204 24.27 -32.79 -7.82
C THR O 204 24.53 -33.14 -6.37
N GLY O 205 23.76 -34.05 -5.77
CA GLY O 205 23.85 -34.33 -4.37
C GLY O 205 23.16 -33.34 -3.48
N VAL O 206 22.64 -32.25 -4.03
CA VAL O 206 21.84 -31.27 -3.31
C VAL O 206 20.38 -31.62 -3.58
N LYS O 207 19.64 -31.93 -2.52
CA LYS O 207 18.31 -32.52 -2.72
C LYS O 207 17.28 -31.50 -3.15
N ALA O 208 17.51 -30.20 -2.90
CA ALA O 208 16.67 -29.18 -3.51
C ALA O 208 16.85 -29.15 -5.01
N VAL O 209 18.11 -29.22 -5.48
CA VAL O 209 18.39 -29.26 -6.90
C VAL O 209 17.96 -30.60 -7.51
N ASP O 210 18.25 -31.71 -6.84
CA ASP O 210 17.91 -32.99 -7.43
C ASP O 210 16.41 -33.28 -7.41
N ALA O 211 15.68 -32.68 -6.48
CA ALA O 211 14.24 -32.90 -6.37
C ALA O 211 13.43 -31.89 -7.18
N LEU O 212 13.70 -30.60 -7.02
CA LEU O 212 12.85 -29.56 -7.60
C LEU O 212 13.35 -29.04 -8.93
N VAL O 213 14.66 -28.81 -9.07
CA VAL O 213 15.22 -28.14 -10.24
C VAL O 213 16.19 -29.12 -10.89
N PRO O 214 15.73 -30.21 -11.48
CA PRO O 214 16.65 -31.31 -11.80
C PRO O 214 17.52 -31.03 -13.01
N ILE O 215 18.67 -31.69 -13.04
CA ILE O 215 19.66 -31.52 -14.08
C ILE O 215 19.75 -32.81 -14.88
N GLY O 216 19.87 -32.68 -16.20
CA GLY O 216 20.21 -33.79 -17.07
C GLY O 216 21.64 -33.64 -17.58
N ARG O 217 22.16 -34.74 -18.09
CA ARG O 217 23.51 -34.74 -18.65
C ARG O 217 23.46 -34.12 -20.03
N GLY O 218 24.17 -33.01 -20.21
CA GLY O 218 24.08 -32.23 -21.42
C GLY O 218 23.32 -30.92 -21.27
N GLN O 219 23.07 -30.48 -20.05
CA GLN O 219 22.25 -29.32 -19.78
C GLN O 219 23.10 -28.13 -19.37
N ARG O 220 22.62 -26.94 -19.66
CA ARG O 220 23.20 -25.69 -19.17
C ARG O 220 22.28 -25.15 -18.09
N GLU O 221 22.75 -25.11 -16.86
CA GLU O 221 21.94 -24.65 -15.74
C GLU O 221 22.63 -23.48 -15.06
N LEU O 222 22.02 -22.32 -15.11
CA LEU O 222 22.60 -21.12 -14.53
C LEU O 222 22.41 -21.14 -13.02
N ILE O 223 23.51 -21.01 -12.28
CA ILE O 223 23.47 -20.79 -10.83
C ILE O 223 23.57 -19.29 -10.64
N ILE O 224 22.42 -18.64 -10.45
CA ILE O 224 22.36 -17.20 -10.38
C ILE O 224 21.96 -16.80 -8.96
N GLY O 225 22.51 -15.69 -8.51
CA GLY O 225 22.17 -15.17 -7.20
C GLY O 225 23.09 -14.04 -6.83
N ASP O 226 22.83 -13.46 -5.66
CA ASP O 226 23.68 -12.39 -5.17
C ASP O 226 24.96 -12.97 -4.59
N ARG O 227 25.81 -12.10 -4.07
CA ARG O 227 27.06 -12.55 -3.46
C ARG O 227 26.78 -13.30 -2.17
N GLN O 228 27.63 -14.30 -1.90
CA GLN O 228 27.70 -14.99 -0.61
C GLN O 228 26.40 -15.72 -0.25
N THR O 229 25.73 -16.24 -1.29
CA THR O 229 24.49 -16.97 -1.09
C THR O 229 24.64 -18.47 -1.30
N GLY O 230 25.78 -18.93 -1.80
CA GLY O 230 26.03 -20.35 -1.90
C GLY O 230 26.04 -20.91 -3.31
N LYS O 231 26.47 -20.11 -4.28
CA LYS O 231 26.58 -20.60 -5.65
C LYS O 231 27.77 -21.54 -5.79
N THR O 232 28.92 -21.14 -5.27
CA THR O 232 30.10 -22.00 -5.26
C THR O 232 29.87 -23.24 -4.41
N ALA O 233 29.06 -23.12 -3.35
CA ALA O 233 28.78 -24.28 -2.51
C ALA O 233 27.97 -25.33 -3.27
N VAL O 234 27.01 -24.90 -4.09
CA VAL O 234 26.25 -25.82 -4.93
C VAL O 234 27.13 -26.44 -6.00
N ALA O 235 28.04 -25.66 -6.58
CA ALA O 235 28.94 -26.19 -7.60
C ALA O 235 29.92 -27.22 -7.03
N ILE O 236 30.50 -26.92 -5.86
CA ILE O 236 31.47 -27.83 -5.26
C ILE O 236 30.76 -29.07 -4.71
N ASP O 237 29.51 -28.93 -4.23
CA ASP O 237 28.74 -30.11 -3.84
C ASP O 237 28.42 -30.99 -5.04
N ALA O 238 28.18 -30.39 -6.21
CA ALA O 238 27.99 -31.18 -7.43
C ALA O 238 29.25 -31.95 -7.82
N ILE O 239 30.41 -31.29 -7.71
CA ILE O 239 31.68 -31.96 -8.05
C ILE O 239 32.00 -33.10 -7.07
N ILE O 240 31.79 -32.85 -5.78
CA ILE O 240 32.06 -33.86 -4.76
C ILE O 240 31.10 -35.03 -4.89
N HIS O 241 29.84 -34.75 -5.25
CA HIS O 241 28.91 -35.83 -5.46
C HIS O 241 29.21 -36.61 -6.73
N GLN O 242 29.81 -35.96 -7.73
CA GLN O 242 30.24 -36.73 -8.90
C GLN O 242 31.41 -37.65 -8.55
N LYS O 243 32.28 -37.23 -7.64
CA LYS O 243 33.31 -38.13 -7.15
C LYS O 243 32.69 -39.30 -6.38
N ASN O 244 31.66 -39.02 -5.57
CA ASN O 244 31.05 -40.08 -4.78
C ASN O 244 30.27 -41.05 -5.66
N CYS O 245 29.61 -40.56 -6.71
CA CYS O 245 28.92 -41.45 -7.65
C CYS O 245 29.86 -42.17 -8.59
N ASN O 246 31.07 -41.65 -8.80
CA ASN O 246 32.00 -42.26 -9.74
C ASN O 246 32.59 -43.56 -9.23
N GLU O 247 32.45 -43.85 -7.93
CA GLU O 247 32.97 -45.10 -7.38
C GLU O 247 32.00 -46.26 -7.52
N GLN O 248 30.71 -46.00 -7.73
CA GLN O 248 29.71 -47.07 -7.76
C GLN O 248 29.07 -47.21 -9.13
N VAL O 249 29.69 -46.68 -10.17
CA VAL O 249 29.19 -46.81 -11.54
C VAL O 249 30.30 -47.43 -12.36
N PRO O 250 29.99 -48.00 -13.52
CA PRO O 250 31.06 -48.46 -14.42
C PRO O 250 31.82 -47.33 -15.08
N LYS O 251 32.72 -47.70 -15.99
CA LYS O 251 33.61 -46.75 -16.65
C LYS O 251 32.85 -45.79 -17.56
N ALA O 252 31.74 -46.24 -18.15
CA ALA O 252 31.06 -45.45 -19.17
C ALA O 252 30.34 -44.25 -18.57
N GLN O 253 29.53 -44.47 -17.54
CA GLN O 253 28.74 -43.38 -16.95
C GLN O 253 29.46 -42.72 -15.77
N ARG O 254 30.70 -42.32 -15.98
CA ARG O 254 31.47 -41.56 -15.00
C ARG O 254 31.56 -40.12 -15.45
N VAL O 255 31.38 -39.19 -14.51
CA VAL O 255 31.36 -37.77 -14.80
C VAL O 255 32.70 -37.18 -14.36
N TYR O 256 33.36 -36.48 -15.29
CA TYR O 256 34.65 -35.86 -15.04
C TYR O 256 34.46 -34.35 -15.01
N CYS O 257 34.78 -33.74 -13.88
CA CYS O 257 34.42 -32.36 -13.63
C CYS O 257 35.56 -31.42 -14.01
N VAL O 258 35.20 -30.22 -14.48
CA VAL O 258 36.15 -29.14 -14.71
C VAL O 258 35.60 -27.90 -14.02
N TYR O 259 36.42 -27.31 -13.16
CA TYR O 259 36.08 -26.08 -12.46
C TYR O 259 36.92 -24.96 -13.04
N VAL O 260 36.27 -23.95 -13.60
CA VAL O 260 36.96 -22.78 -14.12
C VAL O 260 36.75 -21.64 -13.14
N ALA O 261 37.84 -21.08 -12.64
CA ALA O 261 37.82 -20.00 -11.68
C ALA O 261 38.23 -18.71 -12.39
N VAL O 262 37.24 -17.91 -12.77
CA VAL O 262 37.46 -16.69 -13.53
C VAL O 262 37.47 -15.51 -12.57
N GLY O 263 38.63 -14.88 -12.43
CA GLY O 263 38.73 -13.66 -11.67
C GLY O 263 38.65 -13.82 -10.17
N GLN O 264 38.81 -15.04 -9.67
CA GLN O 264 38.76 -15.27 -8.23
C GLN O 264 40.07 -14.89 -7.58
N LYS O 265 40.05 -14.81 -6.26
CA LYS O 265 41.27 -14.61 -5.49
C LYS O 265 42.11 -15.88 -5.52
N ARG O 266 43.43 -15.71 -5.56
CA ARG O 266 44.34 -16.84 -5.71
C ARG O 266 44.43 -17.67 -4.44
N SER O 267 44.17 -17.09 -3.28
CA SER O 267 44.09 -17.86 -2.05
C SER O 267 42.78 -18.60 -1.89
N THR O 268 41.74 -18.20 -2.62
CA THR O 268 40.48 -18.92 -2.60
C THR O 268 40.61 -20.25 -3.33
N VAL O 269 41.34 -20.25 -4.45
CA VAL O 269 41.48 -21.47 -5.24
C VAL O 269 42.58 -22.37 -4.75
N ALA O 270 43.28 -21.99 -3.68
CA ALA O 270 44.11 -22.95 -2.96
C ALA O 270 43.30 -23.68 -1.90
N GLN O 271 42.29 -23.00 -1.34
CA GLN O 271 41.34 -23.67 -0.46
C GLN O 271 40.54 -24.72 -1.21
N LEU O 272 40.22 -24.47 -2.47
CA LEU O 272 39.45 -25.44 -3.24
C LEU O 272 40.28 -26.66 -3.63
N VAL O 273 41.56 -26.47 -3.94
CA VAL O 273 42.37 -27.65 -4.23
C VAL O 273 42.70 -28.39 -2.94
N LYS O 274 42.74 -27.69 -1.80
CA LYS O 274 42.88 -28.37 -0.52
C LYS O 274 41.64 -29.20 -0.21
N LEU O 275 40.46 -28.66 -0.47
CA LEU O 275 39.22 -29.39 -0.21
C LEU O 275 39.04 -30.55 -1.17
N PHE O 276 39.47 -30.38 -2.42
CA PHE O 276 39.35 -31.46 -3.40
C PHE O 276 40.38 -32.56 -3.16
N THR O 277 41.56 -32.22 -2.65
CA THR O 277 42.52 -33.27 -2.30
C THR O 277 42.20 -33.88 -0.94
N GLN O 278 41.39 -33.20 -0.12
CA GLN O 278 40.98 -33.79 1.14
C GLN O 278 39.80 -34.73 0.96
N THR O 279 38.84 -34.35 0.10
CA THR O 279 37.69 -35.21 -0.11
C THR O 279 37.99 -36.36 -1.07
N GLY O 280 38.97 -36.18 -1.95
CA GLY O 280 39.24 -37.15 -2.99
C GLY O 280 38.72 -36.76 -4.36
N ALA O 281 38.10 -35.58 -4.47
CA ALA O 281 37.47 -35.16 -5.72
C ALA O 281 38.46 -34.65 -6.74
N MET O 282 39.74 -34.51 -6.39
CA MET O 282 40.74 -34.07 -7.36
C MET O 282 41.11 -35.16 -8.34
N ARG O 283 40.69 -36.41 -8.11
CA ARG O 283 40.98 -37.48 -9.05
C ARG O 283 40.24 -37.29 -10.36
N TYR O 284 39.07 -36.65 -10.32
CA TYR O 284 38.25 -36.44 -11.50
C TYR O 284 38.11 -34.97 -11.88
N THR O 285 38.85 -34.07 -11.25
CA THR O 285 38.66 -32.64 -11.43
C THR O 285 39.87 -32.00 -12.10
N ILE O 286 39.62 -31.36 -13.24
CA ILE O 286 40.52 -30.36 -13.80
C ILE O 286 40.15 -29.01 -13.21
N MET O 287 41.13 -28.18 -12.89
CA MET O 287 40.85 -26.88 -12.34
C MET O 287 41.61 -25.81 -13.12
N VAL O 288 40.87 -25.06 -13.93
CA VAL O 288 41.40 -23.90 -14.63
C VAL O 288 41.22 -22.69 -13.73
N SER O 289 42.26 -21.86 -13.64
CA SER O 289 42.28 -20.77 -12.66
C SER O 289 42.97 -19.55 -13.25
N ALA O 290 42.20 -18.62 -13.78
CA ALA O 290 42.69 -17.29 -14.12
C ALA O 290 42.25 -16.37 -12.99
N THR O 291 43.20 -15.99 -12.14
CA THR O 291 42.87 -15.25 -10.93
C THR O 291 42.71 -13.77 -11.23
N ALA O 292 42.52 -12.98 -10.17
CA ALA O 292 42.26 -11.56 -10.31
C ALA O 292 43.49 -10.78 -10.75
N SER O 293 44.68 -11.26 -10.41
CA SER O 293 45.91 -10.61 -10.84
C SER O 293 46.31 -10.98 -12.27
N ASP O 294 45.60 -11.92 -12.89
CA ASP O 294 45.91 -12.30 -14.26
C ASP O 294 45.43 -11.22 -15.22
N ALA O 295 46.00 -11.25 -16.43
CA ALA O 295 45.60 -10.32 -17.47
C ALA O 295 44.19 -10.63 -17.94
N ALA O 296 43.50 -9.58 -18.37
CA ALA O 296 42.12 -9.73 -18.83
C ALA O 296 41.93 -10.67 -20.03
N PRO O 297 42.85 -10.82 -21.00
CA PRO O 297 42.68 -11.91 -21.96
C PRO O 297 42.81 -13.30 -21.37
N LEU O 298 43.56 -13.47 -20.29
CA LEU O 298 43.64 -14.78 -19.65
C LEU O 298 42.33 -15.14 -18.96
N GLN O 299 41.70 -14.17 -18.30
CA GLN O 299 40.39 -14.40 -17.71
C GLN O 299 39.31 -14.55 -18.77
N PHE O 300 39.48 -13.88 -19.91
CA PHE O 300 38.56 -14.06 -21.04
C PHE O 300 38.68 -15.45 -21.64
N LEU O 301 39.89 -16.00 -21.69
CA LEU O 301 40.12 -17.28 -22.34
C LEU O 301 40.03 -18.48 -21.41
N ALA O 302 40.01 -18.26 -20.09
CA ALA O 302 39.91 -19.39 -19.16
C ALA O 302 38.62 -20.21 -19.28
N PRO O 303 37.42 -19.64 -19.48
CA PRO O 303 36.26 -20.53 -19.73
C PRO O 303 36.36 -21.32 -21.01
N TYR O 304 36.96 -20.78 -22.06
CA TYR O 304 37.12 -21.54 -23.30
C TYR O 304 38.17 -22.63 -23.16
N SER O 305 39.23 -22.38 -22.39
CA SER O 305 40.22 -23.42 -22.10
C SER O 305 39.60 -24.55 -21.28
N GLY O 306 38.81 -24.21 -20.27
CA GLY O 306 38.11 -25.21 -19.50
C GLY O 306 37.08 -25.97 -20.31
N CYS O 307 36.40 -25.29 -21.24
CA CYS O 307 35.42 -25.97 -22.07
C CYS O 307 36.09 -26.87 -23.09
N ALA O 308 37.31 -26.54 -23.53
CA ALA O 308 38.04 -27.46 -24.41
C ALA O 308 38.51 -28.69 -23.64
N MET O 309 39.00 -28.49 -22.41
CA MET O 309 39.42 -29.62 -21.59
C MET O 309 38.25 -30.51 -21.20
N ALA O 310 37.05 -29.96 -21.09
CA ALA O 310 35.87 -30.77 -20.83
C ALA O 310 35.27 -31.35 -22.10
N GLU O 311 35.46 -30.68 -23.23
CA GLU O 311 35.01 -31.19 -24.51
C GLU O 311 35.85 -32.37 -24.97
N TYR O 312 37.06 -32.52 -24.43
CA TYR O 312 37.79 -33.78 -24.61
C TYR O 312 36.98 -34.96 -24.09
N PHE O 313 36.43 -34.83 -22.88
CA PHE O 313 35.63 -35.91 -22.32
C PHE O 313 34.29 -36.04 -23.00
N ARG O 314 33.71 -34.92 -23.45
CA ARG O 314 32.44 -34.98 -24.17
C ARG O 314 32.60 -35.65 -25.52
N ASP O 315 33.73 -35.44 -26.20
CA ASP O 315 33.88 -35.91 -27.56
C ASP O 315 34.25 -37.39 -27.66
N THR O 316 34.68 -38.01 -26.57
CA THR O 316 35.14 -39.40 -26.62
C THR O 316 34.18 -40.36 -25.91
N GLY O 317 32.90 -40.00 -25.82
CA GLY O 317 31.92 -40.90 -25.26
C GLY O 317 31.74 -40.80 -23.76
N LYS O 318 32.51 -39.97 -23.08
CA LYS O 318 32.39 -39.82 -21.65
C LYS O 318 31.59 -38.57 -21.32
N HIS O 319 31.44 -38.28 -20.03
CA HIS O 319 30.55 -37.22 -19.59
C HIS O 319 31.32 -36.21 -18.76
N GLY O 320 31.20 -34.94 -19.13
CA GLY O 320 31.88 -33.88 -18.44
C GLY O 320 30.95 -33.03 -17.60
N LEU O 321 31.53 -32.25 -16.69
CA LEU O 321 30.77 -31.31 -15.86
C LEU O 321 31.61 -30.04 -15.75
N ILE O 322 31.26 -29.04 -16.53
CA ILE O 322 32.02 -27.81 -16.60
C ILE O 322 31.31 -26.76 -15.76
N ILE O 323 32.08 -26.02 -14.97
CA ILE O 323 31.55 -25.03 -14.04
C ILE O 323 32.34 -23.74 -14.23
N TYR O 324 31.69 -22.71 -14.74
CA TYR O 324 32.30 -21.40 -14.91
C TYR O 324 31.87 -20.52 -13.75
N ASP O 325 32.72 -20.45 -12.72
CA ASP O 325 32.38 -19.66 -11.55
C ASP O 325 32.62 -18.18 -11.84
N ASP O 326 31.55 -17.39 -11.72
CA ASP O 326 31.51 -15.97 -12.06
C ASP O 326 31.86 -15.74 -13.53
N LEU O 327 30.93 -16.19 -14.37
CA LEU O 327 30.91 -15.81 -15.79
C LEU O 327 30.73 -14.32 -15.97
N SER O 328 30.12 -13.64 -14.99
CA SER O 328 30.03 -12.20 -14.96
C SER O 328 31.36 -11.51 -14.69
N LYS O 329 32.43 -12.25 -14.42
CA LYS O 329 33.78 -11.69 -14.36
C LYS O 329 34.52 -11.88 -15.67
N GLN O 330 34.25 -12.98 -16.38
CA GLN O 330 34.74 -13.13 -17.75
C GLN O 330 34.15 -12.05 -18.65
N SER O 331 32.87 -11.71 -18.43
CA SER O 331 32.25 -10.63 -19.19
C SER O 331 32.93 -9.29 -18.92
N VAL O 332 33.37 -9.07 -17.68
CA VAL O 332 34.03 -7.83 -17.32
C VAL O 332 35.43 -7.76 -17.93
N ALA O 333 36.13 -8.90 -17.96
CA ALA O 333 37.45 -8.93 -18.61
C ALA O 333 37.33 -8.71 -20.12
N TYR O 334 36.29 -9.26 -20.75
CA TYR O 334 36.07 -9.01 -22.16
C TYR O 334 35.66 -7.57 -22.42
N ARG O 335 34.90 -6.97 -21.50
CA ARG O 335 34.57 -5.55 -21.61
C ARG O 335 35.81 -4.69 -21.53
N GLN O 336 36.75 -5.06 -20.65
CA GLN O 336 38.01 -4.32 -20.53
C GLN O 336 38.83 -4.41 -21.82
N MET O 337 38.92 -5.62 -22.40
CA MET O 337 39.65 -5.76 -23.65
C MET O 337 38.96 -5.05 -24.81
N SER O 338 37.63 -5.00 -24.80
CA SER O 338 36.92 -4.36 -25.90
C SER O 338 36.96 -2.85 -25.80
N LEU O 339 36.97 -2.31 -24.58
CA LEU O 339 37.05 -0.86 -24.42
C LEU O 339 38.48 -0.37 -24.60
N LEU O 340 39.48 -1.21 -24.30
CA LEU O 340 40.85 -0.79 -24.55
C LEU O 340 41.25 -0.97 -26.00
N LEU O 341 40.53 -1.78 -26.76
CA LEU O 341 40.71 -1.88 -28.20
C LEU O 341 39.84 -0.90 -28.96
N ARG O 342 39.08 -0.06 -28.24
CA ARG O 342 38.22 0.98 -28.79
C ARG O 342 37.15 0.42 -29.73
N ARG O 343 36.69 -0.78 -29.43
CA ARG O 343 35.49 -1.30 -30.06
C ARG O 343 34.28 -0.58 -29.51
N PRO O 344 33.28 -0.29 -30.34
CA PRO O 344 32.18 0.60 -29.93
C PRO O 344 31.31 -0.04 -28.86
N PRO O 345 31.16 0.61 -27.71
CA PRO O 345 30.47 -0.01 -26.58
C PRO O 345 28.97 0.08 -26.70
N GLY O 346 28.30 -0.85 -26.03
CA GLY O 346 26.85 -0.85 -25.97
C GLY O 346 26.36 -0.64 -24.55
N ARG O 347 25.37 -1.42 -24.15
CA ARG O 347 24.74 -1.25 -22.85
C ARG O 347 25.67 -1.67 -21.73
N GLU O 348 25.81 -0.80 -20.73
CA GLU O 348 26.77 -0.91 -19.62
C GLU O 348 28.21 -1.06 -20.11
N ALA O 349 28.52 -0.39 -21.22
CA ALA O 349 29.80 -0.39 -21.92
C ALA O 349 30.26 -1.78 -22.36
N PHE O 350 29.35 -2.73 -22.46
CA PHE O 350 29.69 -4.02 -22.98
C PHE O 350 29.68 -3.97 -24.50
N PRO O 351 30.53 -4.74 -25.17
CA PRO O 351 30.55 -4.72 -26.63
C PRO O 351 29.30 -5.37 -27.21
N GLY O 352 29.18 -5.25 -28.54
CA GLY O 352 28.01 -5.81 -29.21
C GLY O 352 27.98 -7.32 -29.18
N ASP O 353 29.14 -7.96 -29.13
CA ASP O 353 29.24 -9.41 -29.20
C ASP O 353 29.52 -10.06 -27.85
N VAL O 354 29.02 -9.50 -26.75
CA VAL O 354 29.16 -10.19 -25.47
C VAL O 354 28.13 -11.31 -25.33
N PHE O 355 26.96 -11.16 -25.94
CA PHE O 355 26.03 -12.28 -26.05
C PHE O 355 26.62 -13.39 -26.91
N TYR O 356 27.32 -13.01 -27.99
CA TYR O 356 28.02 -13.98 -28.82
C TYR O 356 29.16 -14.65 -28.05
N LEU O 357 29.85 -13.89 -27.21
CA LEU O 357 30.90 -14.43 -26.33
C LEU O 357 30.36 -15.52 -25.41
N HIS O 358 29.26 -15.23 -24.72
CA HIS O 358 28.74 -16.23 -23.79
C HIS O 358 27.99 -17.35 -24.48
N SER O 359 27.40 -17.09 -25.64
CA SER O 359 26.65 -18.12 -26.33
C SER O 359 27.57 -19.10 -27.04
N ARG O 360 28.66 -18.60 -27.62
CA ARG O 360 29.74 -19.43 -28.17
C ARG O 360 30.27 -20.42 -27.14
N LEU O 361 30.33 -19.99 -25.88
CA LEU O 361 30.85 -20.84 -24.81
C LEU O 361 29.79 -21.82 -24.32
N LEU O 362 28.59 -21.34 -24.06
CA LEU O 362 27.58 -22.20 -23.44
C LEU O 362 26.86 -23.12 -24.41
N GLU O 363 26.96 -22.89 -25.73
CA GLU O 363 26.37 -23.85 -26.65
C GLU O 363 27.26 -25.06 -26.90
N ARG O 364 28.48 -25.05 -26.38
CA ARG O 364 29.35 -26.22 -26.47
C ARG O 364 29.05 -27.27 -25.42
N ALA O 365 28.10 -27.01 -24.52
CA ALA O 365 27.63 -27.99 -23.56
C ALA O 365 26.45 -28.72 -24.18
N ALA O 366 26.69 -29.94 -24.66
CA ALA O 366 25.72 -30.66 -25.44
C ALA O 366 25.61 -32.09 -24.94
N LYS O 367 24.56 -32.77 -25.40
CA LYS O 367 24.42 -34.22 -25.25
C LYS O 367 24.53 -34.79 -26.66
N LEU O 368 25.66 -35.42 -26.96
CA LEU O 368 25.90 -35.89 -28.31
C LEU O 368 25.08 -37.14 -28.61
N SER O 369 24.86 -37.37 -29.90
CA SER O 369 24.10 -38.52 -30.33
C SER O 369 24.93 -39.78 -30.22
N LYS O 370 24.29 -40.92 -30.45
CA LYS O 370 25.00 -42.20 -30.35
C LYS O 370 25.91 -42.45 -31.54
N GLU O 371 25.77 -41.69 -32.63
CA GLU O 371 26.70 -41.82 -33.74
C GLU O 371 28.05 -41.18 -33.39
N LEU O 372 28.04 -40.09 -32.64
CA LEU O 372 29.28 -39.43 -32.24
C LEU O 372 29.89 -40.02 -30.98
N GLY O 373 29.17 -40.87 -30.25
CA GLY O 373 29.73 -41.47 -29.07
C GLY O 373 28.78 -41.46 -27.90
N GLY O 374 27.81 -40.56 -27.92
CA GLY O 374 26.89 -40.43 -26.82
C GLY O 374 27.44 -39.68 -25.62
N GLY O 375 28.54 -38.96 -25.79
CA GLY O 375 29.08 -38.18 -24.70
C GLY O 375 28.24 -36.96 -24.40
N SER O 376 28.46 -36.40 -23.21
CA SER O 376 27.68 -35.26 -22.76
C SER O 376 28.58 -34.26 -22.05
N LEU O 377 28.15 -33.02 -22.03
CA LEU O 377 28.81 -31.97 -21.26
C LEU O 377 27.75 -31.14 -20.58
N THR O 378 27.76 -31.15 -19.26
CA THR O 378 26.80 -30.41 -18.45
C THR O 378 27.48 -29.15 -17.91
N ALA O 379 26.86 -28.00 -18.16
CA ALA O 379 27.44 -26.72 -17.77
C ALA O 379 26.66 -26.11 -16.61
N PHE O 380 27.39 -25.54 -15.66
CA PHE O 380 26.82 -24.76 -14.57
C PHE O 380 27.49 -23.40 -14.57
N PRO O 381 27.03 -22.45 -15.38
CA PRO O 381 27.54 -21.09 -15.28
C PRO O 381 27.04 -20.41 -14.02
N VAL O 382 27.88 -19.54 -13.48
CA VAL O 382 27.57 -18.80 -12.27
C VAL O 382 27.56 -17.32 -12.62
N ILE O 383 26.45 -16.65 -12.30
CA ILE O 383 26.30 -15.22 -12.54
C ILE O 383 25.95 -14.57 -11.22
N GLU O 384 26.72 -13.56 -10.83
CA GLU O 384 26.51 -12.84 -9.58
C GLU O 384 25.66 -11.60 -9.86
N THR O 385 24.39 -11.65 -9.44
CA THR O 385 23.56 -10.46 -9.51
C THR O 385 23.89 -9.54 -8.35
N GLN O 386 23.26 -8.36 -8.36
CA GLN O 386 23.63 -7.31 -7.42
C GLN O 386 22.69 -7.25 -6.22
N ALA O 387 21.40 -7.02 -6.47
CA ALA O 387 20.38 -7.03 -5.42
C ALA O 387 19.18 -7.82 -5.89
N GLY O 388 19.45 -9.01 -6.42
CA GLY O 388 18.42 -9.78 -7.08
C GLY O 388 18.04 -9.28 -8.45
N ASP O 389 18.79 -8.31 -8.98
CA ASP O 389 18.45 -7.67 -10.25
C ASP O 389 18.89 -8.58 -11.38
N VAL O 390 17.95 -9.43 -11.83
CA VAL O 390 18.19 -10.25 -13.02
C VAL O 390 17.83 -9.53 -14.30
N SER O 391 17.54 -8.23 -14.24
CA SER O 391 17.35 -7.41 -15.42
C SER O 391 18.62 -6.69 -15.83
N ALA O 392 19.78 -7.16 -15.37
CA ALA O 392 21.05 -6.64 -15.86
C ALA O 392 21.34 -7.23 -17.23
N TYR O 393 22.41 -6.74 -17.86
CA TYR O 393 22.67 -7.10 -19.25
C TYR O 393 23.21 -8.52 -19.36
N ILE O 394 24.25 -8.83 -18.59
CA ILE O 394 24.88 -10.15 -18.66
C ILE O 394 23.98 -11.20 -18.04
N ALA O 395 23.20 -10.81 -17.02
CA ALA O 395 22.29 -11.74 -16.38
C ALA O 395 21.15 -12.15 -17.32
N THR O 396 20.58 -11.17 -18.04
CA THR O 396 19.58 -11.50 -19.05
C THR O 396 20.16 -12.29 -20.21
N ASN O 397 21.43 -12.04 -20.55
CA ASN O 397 22.07 -12.80 -21.63
C ASN O 397 22.21 -14.27 -21.26
N VAL O 398 22.77 -14.56 -20.09
CA VAL O 398 22.95 -15.96 -19.70
C VAL O 398 21.61 -16.61 -19.31
N ILE O 399 20.62 -15.83 -18.88
CA ILE O 399 19.28 -16.39 -18.67
C ILE O 399 18.64 -16.78 -19.99
N SER O 400 18.84 -15.95 -21.03
CA SER O 400 18.34 -16.29 -22.35
C SER O 400 19.09 -17.45 -22.98
N ILE O 401 20.35 -17.65 -22.59
CA ILE O 401 21.13 -18.71 -23.22
C ILE O 401 20.82 -20.07 -22.59
N THR O 402 20.88 -20.16 -21.27
CA THR O 402 20.89 -21.44 -20.59
C THR O 402 19.51 -22.09 -20.58
N ASP O 403 19.49 -23.38 -20.24
CA ASP O 403 18.25 -24.14 -20.22
C ASP O 403 17.43 -23.82 -18.98
N GLY O 404 17.98 -24.09 -17.80
CA GLY O 404 17.31 -23.85 -16.56
C GLY O 404 17.91 -22.68 -15.82
N GLN O 405 17.66 -22.66 -14.51
CA GLN O 405 18.05 -21.56 -13.64
C GLN O 405 17.98 -22.01 -12.19
N ILE O 406 19.02 -21.77 -11.41
CA ILE O 406 19.00 -22.02 -9.98
C ILE O 406 19.19 -20.67 -9.30
N PHE O 407 18.10 -20.11 -8.78
CA PHE O 407 18.14 -18.79 -8.17
C PHE O 407 18.34 -18.93 -6.67
N LEU O 408 19.34 -18.23 -6.15
CA LEU O 408 19.68 -18.26 -4.74
C LEU O 408 19.39 -16.88 -4.13
N GLU O 409 18.51 -16.83 -3.14
CA GLU O 409 18.12 -15.56 -2.55
C GLU O 409 18.91 -15.26 -1.28
N THR O 410 19.06 -13.97 -1.03
CA THR O 410 19.77 -13.50 0.15
C THR O 410 18.92 -13.63 1.41
N GLU O 411 17.62 -13.37 1.32
CA GLU O 411 16.76 -13.43 2.50
C GLU O 411 16.39 -14.87 2.87
N LEU O 412 16.48 -15.80 1.92
CA LEU O 412 16.32 -17.20 2.27
C LEU O 412 17.56 -17.76 2.96
N PHE O 413 18.72 -17.14 2.72
CA PHE O 413 19.97 -17.64 3.27
C PHE O 413 20.04 -17.45 4.77
N TYR O 414 19.68 -16.26 5.25
CA TYR O 414 19.76 -15.97 6.68
C TYR O 414 18.58 -16.54 7.45
N LYS O 415 17.50 -16.89 6.77
CA LYS O 415 16.32 -17.54 7.33
C LYS O 415 16.55 -19.00 7.66
N GLY O 416 17.76 -19.53 7.57
CA GLY O 416 18.02 -20.92 7.85
C GLY O 416 17.96 -21.83 6.65
N ILE O 417 17.30 -21.41 5.59
CA ILE O 417 17.18 -22.22 4.37
C ILE O 417 18.53 -22.15 3.66
N ARG O 418 19.37 -23.15 3.88
CA ARG O 418 20.65 -23.25 3.19
C ARG O 418 20.74 -24.67 2.67
N PRO O 419 20.89 -24.89 1.35
CA PRO O 419 21.00 -23.99 0.19
C PRO O 419 19.77 -23.15 -0.09
N ALA O 420 19.98 -21.86 -0.31
CA ALA O 420 18.92 -20.87 -0.36
C ALA O 420 18.22 -20.84 -1.72
N LEU O 421 17.73 -21.98 -2.18
CA LEU O 421 17.12 -22.08 -3.49
C LEU O 421 15.73 -21.46 -3.47
N ASN O 422 15.54 -20.42 -4.27
CA ASN O 422 14.19 -19.90 -4.51
C ASN O 422 13.44 -20.89 -5.38
N VAL O 423 12.47 -21.60 -4.78
CA VAL O 423 11.75 -22.64 -5.51
C VAL O 423 10.82 -22.03 -6.55
N GLY O 424 10.31 -20.82 -6.30
CA GLY O 424 9.43 -20.19 -7.25
C GLY O 424 10.12 -19.62 -8.46
N LEU O 425 11.38 -19.19 -8.32
CA LEU O 425 12.11 -18.55 -9.40
C LEU O 425 13.15 -19.44 -10.07
N SER O 426 13.23 -20.70 -9.67
CA SER O 426 14.19 -21.63 -10.27
C SER O 426 13.47 -22.50 -11.29
N VAL O 427 13.95 -22.47 -12.53
CA VAL O 427 13.31 -23.15 -13.64
C VAL O 427 14.25 -24.28 -14.09
N SER O 428 13.68 -25.29 -14.74
CA SER O 428 14.44 -26.29 -15.47
C SER O 428 13.65 -26.63 -16.72
N ARG O 429 14.14 -26.18 -17.89
CA ARG O 429 13.42 -26.39 -19.13
C ARG O 429 13.46 -27.83 -19.61
N VAL O 430 14.50 -28.58 -19.26
CA VAL O 430 14.48 -30.02 -19.51
C VAL O 430 13.49 -30.70 -18.57
N GLY O 431 13.47 -30.28 -17.31
CA GLY O 431 12.39 -30.62 -16.41
C GLY O 431 12.43 -32.04 -15.91
N SER O 432 11.23 -32.60 -15.75
CA SER O 432 11.02 -33.93 -15.19
C SER O 432 11.43 -35.05 -16.12
N ALA O 433 11.79 -34.76 -17.37
CA ALA O 433 12.19 -35.80 -18.31
C ALA O 433 13.62 -36.27 -18.09
N ALA O 434 14.38 -35.60 -17.23
CA ALA O 434 15.78 -35.93 -16.97
C ALA O 434 16.05 -35.95 -15.48
N GLN O 435 15.19 -36.62 -14.72
CA GLN O 435 15.42 -36.80 -13.29
C GLN O 435 15.17 -38.25 -12.90
N PHE O 436 15.45 -38.54 -11.64
CA PHE O 436 15.30 -39.88 -11.09
C PHE O 436 13.84 -40.28 -11.10
N PRO O 437 13.48 -41.44 -11.67
CA PRO O 437 12.08 -41.85 -11.67
C PRO O 437 11.55 -42.18 -10.29
N GLY O 438 12.41 -42.56 -9.35
CA GLY O 438 11.99 -42.65 -7.97
C GLY O 438 11.68 -41.29 -7.37
N MET O 439 12.42 -40.26 -7.81
CA MET O 439 12.16 -38.89 -7.38
C MET O 439 11.03 -38.25 -8.16
N LYS O 440 10.78 -38.73 -9.39
CA LYS O 440 9.80 -38.09 -10.27
C LYS O 440 8.38 -38.26 -9.75
N GLN O 441 8.09 -39.37 -9.07
CA GLN O 441 6.75 -39.61 -8.55
C GLN O 441 6.53 -38.97 -7.18
N VAL O 442 7.60 -38.56 -6.50
CA VAL O 442 7.49 -38.06 -5.14
C VAL O 442 7.74 -36.55 -5.07
N ALA O 443 8.60 -36.01 -5.96
CA ALA O 443 8.83 -34.57 -5.98
C ALA O 443 7.73 -33.81 -6.70
N GLY O 444 6.91 -34.52 -7.50
CA GLY O 444 5.78 -33.87 -8.15
C GLY O 444 4.73 -33.40 -7.17
N THR O 445 4.48 -34.18 -6.13
CA THR O 445 3.65 -33.69 -5.03
C THR O 445 4.36 -32.60 -4.25
N LEU O 446 5.69 -32.68 -4.16
CA LEU O 446 6.46 -31.74 -3.35
C LEU O 446 6.43 -30.33 -3.92
N LYS O 447 6.57 -30.18 -5.24
CA LYS O 447 6.55 -28.84 -5.81
C LYS O 447 5.16 -28.22 -5.77
N LEU O 448 4.11 -29.04 -5.85
CA LEU O 448 2.75 -28.50 -5.72
C LEU O 448 2.47 -28.10 -4.27
N GLU O 449 2.93 -28.89 -3.30
CA GLU O 449 2.78 -28.51 -1.89
C GLU O 449 3.58 -27.26 -1.56
N LEU O 450 4.77 -27.11 -2.16
CA LEU O 450 5.57 -25.92 -1.91
C LEU O 450 4.98 -24.69 -2.59
N ALA O 451 4.36 -24.86 -3.76
CA ALA O 451 3.69 -23.73 -4.39
C ALA O 451 2.45 -23.30 -3.60
N GLN O 452 1.71 -24.28 -3.06
CA GLN O 452 0.60 -23.97 -2.18
C GLN O 452 1.08 -23.30 -0.90
N TYR O 453 2.25 -23.69 -0.40
CA TYR O 453 2.82 -23.04 0.77
C TYR O 453 3.28 -21.62 0.47
N ARG O 454 3.73 -21.37 -0.77
CA ARG O 454 4.12 -20.02 -1.17
C ARG O 454 2.92 -19.11 -1.36
N GLU O 455 1.78 -19.66 -1.80
CA GLU O 455 0.57 -18.86 -1.96
C GLU O 455 0.00 -18.40 -0.63
N VAL O 456 0.25 -19.13 0.46
CA VAL O 456 -0.37 -18.91 1.76
C VAL O 456 0.66 -18.39 2.77
N ALA O 457 1.89 -18.14 2.33
CA ALA O 457 3.01 -17.81 3.22
C ALA O 457 2.86 -16.48 3.94
N ALA O 458 1.89 -15.64 3.56
CA ALA O 458 1.59 -14.45 4.35
C ALA O 458 0.79 -14.77 5.61
N PHE O 459 0.04 -15.87 5.61
CA PHE O 459 -0.75 -16.27 6.78
C PHE O 459 0.08 -16.85 7.90
N ALA O 460 1.37 -17.15 7.66
CA ALA O 460 2.17 -17.93 8.60
C ALA O 460 2.45 -17.16 9.90
N GLN O 461 2.62 -15.85 9.81
CA GLN O 461 2.93 -15.02 10.97
C GLN O 461 1.68 -14.39 11.57
N PHE O 462 0.55 -15.07 11.50
CA PHE O 462 -0.70 -14.63 12.10
C PHE O 462 -1.00 -15.46 13.34
N GLY O 463 -1.65 -14.83 14.30
CA GLY O 463 -1.97 -15.51 15.55
C GLY O 463 -3.30 -16.21 15.56
N SER O 464 -4.34 -15.54 15.04
CA SER O 464 -5.66 -16.13 14.96
C SER O 464 -5.66 -17.22 13.88
N ASP O 465 -5.78 -18.47 14.31
CA ASP O 465 -5.56 -19.59 13.41
C ASP O 465 -6.71 -19.74 12.42
N LEU O 466 -6.36 -20.11 11.20
CA LEU O 466 -7.25 -20.06 10.05
C LEU O 466 -8.07 -21.35 9.96
N ASP O 467 -8.68 -21.58 8.80
CA ASP O 467 -9.73 -22.56 8.59
C ASP O 467 -9.24 -24.02 8.53
N ALA O 468 -8.00 -24.31 8.95
CA ALA O 468 -7.38 -25.62 9.09
C ALA O 468 -7.14 -26.35 7.77
N ALA O 469 -7.56 -25.79 6.63
CA ALA O 469 -7.05 -26.24 5.34
C ALA O 469 -5.78 -25.49 4.98
N THR O 470 -5.72 -24.20 5.33
CA THR O 470 -4.48 -23.45 5.15
C THR O 470 -3.49 -23.72 6.27
N GLN O 471 -3.97 -24.13 7.46
CA GLN O 471 -3.03 -24.54 8.50
C GLN O 471 -2.32 -25.83 8.14
N TYR O 472 -3.00 -26.72 7.41
CA TYR O 472 -2.40 -27.98 7.01
C TYR O 472 -1.26 -27.75 6.02
N VAL O 473 -1.48 -26.90 5.01
CA VAL O 473 -0.41 -26.59 4.08
C VAL O 473 0.65 -25.72 4.76
N LEU O 474 0.27 -24.85 5.70
CA LEU O 474 1.25 -24.01 6.37
C LEU O 474 2.13 -24.78 7.34
N GLU O 475 1.70 -25.96 7.80
CA GLU O 475 2.60 -26.81 8.57
C GLU O 475 3.35 -27.77 7.66
N ARG O 476 2.68 -28.27 6.62
CA ARG O 476 3.28 -29.24 5.71
C ARG O 476 4.42 -28.62 4.90
N GLY O 477 4.17 -27.45 4.30
CA GLY O 477 5.21 -26.77 3.56
C GLY O 477 6.32 -26.22 4.44
N ALA O 478 6.00 -25.84 5.67
CA ALA O 478 7.04 -25.37 6.58
C ALA O 478 7.91 -26.51 7.08
N ARG O 479 7.42 -27.74 7.05
CA ARG O 479 8.31 -28.87 7.29
C ARG O 479 9.02 -29.33 6.02
N LEU O 480 8.40 -29.16 4.86
CA LEU O 480 9.05 -29.52 3.60
C LEU O 480 10.21 -28.59 3.27
N THR O 481 10.10 -27.31 3.61
CA THR O 481 11.23 -26.40 3.44
C THR O 481 12.34 -26.69 4.44
N GLU O 482 12.02 -27.31 5.57
CA GLU O 482 13.07 -27.77 6.46
C GLU O 482 13.69 -29.06 5.98
N MET O 483 12.97 -29.83 5.17
CA MET O 483 13.55 -31.06 4.63
C MET O 483 14.52 -30.80 3.49
N LEU O 484 14.46 -29.65 2.83
CA LEU O 484 15.37 -29.30 1.74
C LEU O 484 16.66 -28.65 2.23
N LYS O 485 16.81 -28.42 3.53
CA LYS O 485 18.04 -27.90 4.07
C LYS O 485 19.15 -28.95 3.96
N GLN O 486 20.39 -28.47 3.93
CA GLN O 486 21.54 -29.33 3.71
C GLN O 486 22.79 -28.59 4.16
N LYS O 487 23.67 -29.29 4.85
CA LYS O 487 24.93 -28.70 5.27
C LYS O 487 25.93 -28.74 4.11
N GLN O 488 27.03 -28.02 4.29
CA GLN O 488 27.98 -27.80 3.20
C GLN O 488 28.96 -28.96 3.09
N PHE O 489 29.32 -29.28 1.84
CA PHE O 489 30.35 -30.25 1.46
C PHE O 489 30.02 -31.65 1.95
N ALA O 490 28.73 -31.97 2.04
CA ALA O 490 28.27 -33.32 2.35
C ALA O 490 27.08 -33.65 1.46
N PRO O 491 27.33 -33.98 0.19
CA PRO O 491 26.24 -34.29 -0.71
C PRO O 491 25.67 -35.69 -0.47
N ILE O 492 24.40 -35.83 -0.83
CA ILE O 492 23.62 -37.02 -0.49
C ILE O 492 23.36 -37.83 -1.76
N PRO O 493 23.41 -39.15 -1.71
CA PRO O 493 22.99 -39.96 -2.85
C PRO O 493 21.51 -39.82 -3.14
N ILE O 494 21.13 -40.14 -4.38
CA ILE O 494 19.79 -39.84 -4.85
C ILE O 494 18.76 -40.79 -4.25
N GLU O 495 19.17 -42.01 -3.88
CA GLU O 495 18.24 -42.94 -3.25
C GLU O 495 17.94 -42.57 -1.81
N ARG O 496 18.82 -41.79 -1.17
CA ARG O 496 18.57 -41.31 0.18
C ARG O 496 17.72 -40.05 0.18
N GLN O 497 17.90 -39.18 -0.81
CA GLN O 497 17.02 -38.02 -0.94
C GLN O 497 15.63 -38.44 -1.37
N THR O 498 15.51 -39.53 -2.12
CA THR O 498 14.20 -40.03 -2.53
C THR O 498 13.40 -40.54 -1.34
N VAL O 499 14.04 -41.31 -0.46
CA VAL O 499 13.35 -41.78 0.74
C VAL O 499 13.15 -40.63 1.73
N ALA O 500 14.02 -39.62 1.70
CA ALA O 500 13.83 -38.49 2.59
C ALA O 500 12.66 -37.61 2.13
N VAL O 501 12.39 -37.55 0.84
CA VAL O 501 11.22 -36.83 0.36
C VAL O 501 9.97 -37.71 0.50
N TYR O 502 10.12 -39.03 0.41
CA TYR O 502 8.99 -39.93 0.66
C TYR O 502 8.60 -39.94 2.13
N ALA O 503 9.54 -39.68 3.03
CA ALA O 503 9.25 -39.61 4.46
C ALA O 503 8.57 -38.31 4.86
N ALA O 504 8.48 -37.34 3.97
CA ALA O 504 7.91 -36.05 4.31
C ALA O 504 6.70 -35.67 3.48
N THR O 505 6.60 -36.13 2.23
CA THR O 505 5.45 -35.83 1.41
C THR O 505 4.32 -36.85 1.60
N LYS O 506 4.59 -37.97 2.24
CA LYS O 506 3.59 -38.99 2.50
C LYS O 506 3.06 -38.91 3.93
N GLY O 507 3.42 -37.88 4.68
CA GLY O 507 2.88 -37.65 6.00
C GLY O 507 3.59 -38.34 7.14
N PHE O 508 4.72 -38.99 6.88
CA PHE O 508 5.46 -39.73 7.91
C PHE O 508 6.31 -38.82 8.78
N LEU O 509 6.36 -37.52 8.49
CA LEU O 509 7.36 -36.67 9.09
C LEU O 509 6.92 -36.27 10.50
N ASP O 510 7.72 -35.41 11.14
CA ASP O 510 7.65 -35.11 12.57
C ASP O 510 6.39 -34.30 12.86
N LYS O 511 5.26 -35.01 12.90
CA LYS O 511 3.97 -34.41 13.20
C LYS O 511 3.74 -34.23 14.69
N VAL O 512 4.67 -34.69 15.53
CA VAL O 512 4.75 -34.27 16.92
C VAL O 512 5.37 -32.88 16.96
N ARG O 513 5.37 -32.26 18.13
CA ARG O 513 5.87 -30.90 18.26
C ARG O 513 7.36 -30.85 17.95
N VAL O 514 7.79 -29.78 17.27
CA VAL O 514 8.97 -29.84 16.42
C VAL O 514 10.20 -29.31 17.15
N GLN O 515 10.24 -29.49 18.47
CA GLN O 515 11.52 -29.43 19.16
C GLN O 515 12.31 -30.73 19.03
N ASP O 516 11.73 -31.76 18.43
CA ASP O 516 12.47 -32.96 18.03
C ASP O 516 12.75 -32.82 16.54
N ILE O 517 13.89 -32.21 16.21
CA ILE O 517 14.32 -32.05 14.83
C ILE O 517 15.65 -32.75 14.56
N VAL O 518 16.66 -32.50 15.41
CA VAL O 518 18.01 -33.03 15.19
C VAL O 518 18.02 -34.55 15.30
N ALA O 519 17.21 -35.10 16.21
CA ALA O 519 16.98 -36.54 16.28
C ALA O 519 15.79 -36.98 15.42
N ALA O 520 15.45 -36.23 14.38
CA ALA O 520 14.32 -36.57 13.51
C ALA O 520 14.59 -36.41 12.03
N GLU O 521 15.54 -35.57 11.61
CA GLU O 521 15.73 -35.35 10.18
C GLU O 521 16.46 -36.52 9.53
N GLU O 522 17.65 -36.86 10.04
CA GLU O 522 18.44 -37.95 9.50
C GLU O 522 18.21 -39.27 10.22
N ALA O 523 17.22 -39.32 11.12
CA ALA O 523 16.86 -40.57 11.76
C ALA O 523 16.28 -41.56 10.76
N VAL O 524 15.66 -41.05 9.69
CA VAL O 524 15.14 -41.91 8.62
C VAL O 524 16.28 -42.61 7.91
N ILE O 525 17.29 -41.86 7.45
CA ILE O 525 18.36 -42.50 6.70
C ILE O 525 19.35 -43.23 7.61
N SER O 526 19.31 -42.98 8.93
CA SER O 526 20.18 -43.71 9.83
C SER O 526 19.49 -44.90 10.50
N GLN O 527 18.17 -45.02 10.41
CA GLN O 527 17.45 -46.10 11.07
C GLN O 527 16.78 -47.07 10.13
N VAL O 528 16.33 -46.63 8.96
CA VAL O 528 15.81 -47.55 7.95
C VAL O 528 16.96 -48.39 7.42
N ASN O 529 16.72 -49.70 7.26
CA ASN O 529 17.77 -50.64 6.89
C ASN O 529 18.25 -50.37 5.46
N PRO O 530 19.56 -50.54 5.20
CA PRO O 530 20.11 -50.09 3.91
C PRO O 530 19.83 -50.99 2.73
N ALA O 531 18.94 -51.98 2.86
CA ALA O 531 18.59 -52.79 1.71
C ALA O 531 17.69 -52.02 0.75
N VAL O 532 16.82 -51.17 1.30
CA VAL O 532 15.88 -50.43 0.47
C VAL O 532 16.59 -49.36 -0.36
N PHE O 533 17.76 -48.88 0.10
CA PHE O 533 18.57 -47.99 -0.73
C PHE O 533 19.14 -48.74 -1.93
N LYS O 534 19.53 -50.01 -1.72
CA LYS O 534 20.05 -50.82 -2.81
C LYS O 534 18.97 -51.11 -3.84
N ILE O 535 17.76 -51.43 -3.38
CA ILE O 535 16.67 -51.71 -4.31
C ILE O 535 16.24 -50.45 -5.05
N LEU O 536 16.16 -49.32 -4.35
CA LEU O 536 15.76 -48.06 -4.97
C LEU O 536 16.82 -47.56 -5.95
N LYS O 537 18.10 -47.79 -5.66
CA LYS O 537 19.15 -47.42 -6.60
C LYS O 537 19.15 -48.33 -7.82
N ALA O 538 18.92 -49.62 -7.62
CA ALA O 538 19.01 -50.56 -8.74
C ALA O 538 17.82 -50.45 -9.68
N ASN O 539 16.61 -50.36 -9.15
CA ASN O 539 15.45 -50.21 -10.03
C ASN O 539 15.28 -48.79 -10.52
N GLY O 540 15.77 -47.81 -9.76
CA GLY O 540 15.57 -46.43 -10.11
C GLY O 540 14.16 -45.93 -9.91
N LYS O 541 13.34 -46.67 -9.16
CA LYS O 541 11.92 -46.38 -9.07
C LYS O 541 11.39 -46.94 -7.77
N ILE O 542 10.33 -46.32 -7.26
CA ILE O 542 9.60 -46.86 -6.11
C ILE O 542 8.56 -47.81 -6.69
N THR O 543 8.94 -49.06 -6.84
CA THR O 543 8.10 -50.10 -7.41
C THR O 543 6.95 -50.44 -6.46
N PRO O 544 5.88 -51.05 -6.98
CA PRO O 544 4.80 -51.52 -6.09
C PRO O 544 5.23 -52.60 -5.11
N ALA O 545 6.35 -53.27 -5.34
CA ALA O 545 6.90 -54.23 -4.40
C ALA O 545 7.89 -53.60 -3.43
N LEU O 546 7.93 -52.28 -3.34
CA LEU O 546 8.91 -51.63 -2.47
C LEU O 546 8.26 -50.59 -1.55
N ASP O 547 7.19 -49.94 -2.01
CA ASP O 547 6.55 -48.90 -1.21
C ASP O 547 5.88 -49.48 0.04
N ALA O 548 5.49 -50.76 0.01
CA ALA O 548 4.97 -51.42 1.20
C ALA O 548 6.01 -51.50 2.29
N HIS O 549 7.21 -51.98 1.96
CA HIS O 549 8.31 -52.01 2.92
C HIS O 549 8.80 -50.61 3.24
N LEU O 550 8.59 -49.65 2.33
CA LEU O 550 9.00 -48.28 2.61
C LEU O 550 8.12 -47.66 3.69
N LYS O 551 6.81 -47.84 3.57
CA LYS O 551 5.90 -47.36 4.61
C LYS O 551 6.06 -48.15 5.90
N ALA O 552 6.39 -49.45 5.78
CA ALA O 552 6.63 -50.28 6.96
C ALA O 552 7.85 -49.81 7.73
N GLU O 553 8.98 -49.63 7.04
CA GLU O 553 10.21 -49.15 7.65
C GLU O 553 10.11 -47.70 8.11
N LEU O 554 9.30 -46.87 7.44
CA LEU O 554 9.13 -45.50 7.88
C LEU O 554 8.20 -45.40 9.07
N ARG O 555 7.36 -46.39 9.31
CA ARG O 555 6.53 -46.36 10.51
C ARG O 555 7.28 -46.81 11.75
N LYS O 556 8.23 -47.73 11.61
CA LYS O 556 9.01 -48.21 12.76
C LYS O 556 10.33 -47.45 12.94
N VAL O 557 10.25 -46.12 12.93
CA VAL O 557 11.41 -45.27 13.20
C VAL O 557 11.49 -45.04 14.70
N LYS O 558 12.71 -44.99 15.23
CA LYS O 558 12.89 -45.03 16.68
C LYS O 558 12.69 -43.66 17.32
N LEU O 559 13.53 -42.68 16.95
CA LEU O 559 13.71 -41.38 17.59
C LEU O 559 13.93 -41.54 19.10
N PRO O 560 15.08 -42.06 19.53
CA PRO O 560 15.27 -42.36 20.96
C PRO O 560 15.64 -41.16 21.80
N GLY O 561 15.72 -39.96 21.23
CA GLY O 561 16.17 -38.79 21.98
C GLY O 561 15.13 -38.17 22.86
N ALA O 562 13.85 -38.41 22.58
CA ALA O 562 12.78 -37.84 23.40
C ALA O 562 12.52 -38.71 24.63
N ALA P 40 56.94 3.58 -43.82
CA ALA P 40 56.19 4.60 -43.09
C ALA P 40 56.78 4.81 -41.71
N ASP P 41 57.63 3.88 -41.28
CA ASP P 41 58.26 3.98 -39.98
C ASP P 41 59.41 4.98 -40.00
N ALA P 42 59.91 5.29 -38.80
CA ALA P 42 60.76 6.45 -38.61
C ALA P 42 62.20 6.25 -39.08
N LYS P 43 62.59 5.05 -39.50
CA LYS P 43 64.00 4.85 -39.83
C LYS P 43 64.36 5.36 -41.23
N ALA P 44 63.54 5.05 -42.24
CA ALA P 44 63.75 5.70 -43.54
C ALA P 44 63.32 7.15 -43.50
N LEU P 45 62.39 7.48 -42.61
CA LEU P 45 61.96 8.85 -42.38
C LEU P 45 63.07 9.69 -41.75
N ASP P 46 64.00 9.07 -41.02
CA ASP P 46 65.22 9.73 -40.58
C ASP P 46 66.35 9.62 -41.58
N GLU P 47 66.32 8.60 -42.45
CA GLU P 47 67.27 8.53 -43.55
C GLU P 47 67.05 9.66 -44.55
N LEU P 48 65.81 10.15 -44.67
CA LEU P 48 65.53 11.30 -45.53
C LEU P 48 66.16 12.59 -45.04
N ARG P 49 66.62 12.63 -43.78
CA ARG P 49 67.38 13.79 -43.31
C ARG P 49 68.74 13.88 -43.99
N LYS P 50 69.29 12.74 -44.40
CA LYS P 50 70.50 12.76 -45.22
C LYS P 50 70.13 13.10 -46.66
N PRO P 51 70.89 13.96 -47.33
CA PRO P 51 70.50 14.39 -48.68
C PRO P 51 70.78 13.31 -49.72
N LYS P 52 69.80 13.08 -50.60
CA LYS P 52 69.91 12.08 -51.65
C LYS P 52 69.26 12.56 -52.94
N PHE P 53 69.47 13.84 -53.28
CA PHE P 53 68.70 14.43 -54.37
C PHE P 53 69.23 14.04 -55.74
N SER P 54 70.55 13.87 -55.88
CA SER P 54 71.27 13.42 -57.08
C SER P 54 71.14 14.33 -58.30
N SER P 55 70.44 15.45 -58.16
CA SER P 55 70.28 16.46 -59.20
C SER P 55 69.84 17.74 -58.52
N LYS P 56 70.13 18.88 -59.15
CA LYS P 56 69.88 20.16 -58.50
C LYS P 56 69.24 21.17 -59.45
N TYR P 57 68.34 20.71 -60.32
CA TYR P 57 67.74 21.58 -61.33
C TYR P 57 66.45 22.24 -60.84
N LEU P 58 66.16 22.18 -59.53
CA LEU P 58 65.09 22.99 -58.95
C LEU P 58 65.63 23.80 -57.79
N ILE P 59 66.69 23.30 -57.15
CA ILE P 59 67.18 23.88 -55.90
C ILE P 59 67.81 25.24 -56.16
N GLN P 60 68.73 25.32 -57.14
CA GLN P 60 69.29 26.63 -57.47
C GLN P 60 68.34 27.49 -58.29
N HIS P 61 67.23 26.95 -58.77
CA HIS P 61 66.27 27.76 -59.49
C HIS P 61 65.31 28.48 -58.54
N VAL P 62 64.74 27.76 -57.59
CA VAL P 62 63.71 28.35 -56.73
C VAL P 62 64.27 29.02 -55.49
N SER P 63 65.53 28.77 -55.12
CA SER P 63 66.08 29.43 -53.94
C SER P 63 66.34 30.90 -54.19
N GLN P 64 66.65 31.26 -55.44
CA GLN P 64 66.72 32.66 -55.83
C GLN P 64 65.39 33.17 -56.33
N LYS P 65 64.37 32.32 -56.37
CA LYS P 65 63.01 32.70 -56.73
C LYS P 65 62.06 32.72 -55.54
N LEU P 66 62.49 32.20 -54.39
CA LEU P 66 61.60 32.13 -53.23
C LEU P 66 61.43 33.49 -52.58
N ILE P 67 62.54 34.14 -52.24
CA ILE P 67 62.56 35.40 -51.50
C ILE P 67 61.93 36.55 -52.30
N PRO P 68 62.13 36.70 -53.63
CA PRO P 68 61.29 37.67 -54.36
C PRO P 68 59.82 37.28 -54.47
N ALA P 69 59.44 36.03 -54.20
CA ALA P 69 58.03 35.68 -54.19
C ALA P 69 57.39 35.98 -52.84
N VAL P 70 58.11 35.68 -51.75
CA VAL P 70 57.64 35.92 -50.39
C VAL P 70 57.51 37.42 -50.11
N LYS P 71 58.41 38.24 -50.66
CA LYS P 71 58.36 39.68 -50.49
C LYS P 71 57.18 40.31 -51.22
N GLU P 72 56.59 39.60 -52.17
CA GLU P 72 55.39 40.09 -52.84
C GLU P 72 54.15 39.95 -51.97
N TRP P 73 54.22 39.19 -50.87
CA TRP P 73 53.08 38.95 -50.01
C TRP P 73 53.35 39.31 -48.55
N GLU P 74 54.33 40.16 -48.27
CA GLU P 74 54.73 40.43 -46.89
C GLU P 74 53.73 41.27 -46.10
N LYS P 75 52.73 41.86 -46.74
CA LYS P 75 51.69 42.54 -45.99
C LYS P 75 50.55 41.60 -45.61
N SER P 76 50.50 40.42 -46.22
CA SER P 76 49.58 39.37 -45.82
C SER P 76 50.14 38.48 -44.73
N TYR P 77 51.46 38.44 -44.59
CA TYR P 77 52.11 37.66 -43.55
C TYR P 77 51.92 38.35 -42.20
N GLN P 78 51.56 37.59 -41.20
CA GLN P 78 51.72 38.05 -39.83
C GLN P 78 53.10 37.66 -39.32
N PRO P 79 53.70 38.47 -38.46
CA PRO P 79 55.05 38.16 -37.94
C PRO P 79 55.05 36.89 -37.10
N PRO P 80 56.09 36.07 -37.22
CA PRO P 80 56.11 34.78 -36.51
C PRO P 80 56.23 34.97 -35.00
N VAL P 81 55.90 33.91 -34.29
CA VAL P 81 55.67 34.03 -32.85
C VAL P 81 56.29 32.81 -32.16
N ILE P 82 57.04 33.05 -31.09
CA ILE P 82 57.70 31.96 -30.37
C ILE P 82 57.34 32.02 -28.89
N HIS P 83 57.73 33.09 -28.22
CA HIS P 83 57.50 33.22 -26.78
C HIS P 83 56.26 34.04 -26.46
N LEU P 84 55.77 34.83 -27.40
CA LEU P 84 54.42 35.37 -27.32
C LEU P 84 53.43 34.34 -27.83
N GLY P 85 52.17 34.71 -27.91
CA GLY P 85 51.14 33.81 -28.40
C GLY P 85 50.29 34.49 -29.46
N ARG P 86 49.56 33.67 -30.19
CA ARG P 86 48.64 34.16 -31.19
C ARG P 86 47.42 33.26 -31.22
N VAL P 87 46.24 33.86 -31.27
CA VAL P 87 45.00 33.11 -31.14
C VAL P 87 44.72 32.38 -32.45
N LEU P 88 44.72 31.05 -32.39
CA LEU P 88 44.27 30.25 -33.52
C LEU P 88 42.76 30.34 -33.65
N SER P 89 42.06 29.97 -32.58
CA SER P 89 40.61 29.86 -32.58
C SER P 89 40.11 30.34 -31.23
N VAL P 90 39.03 31.11 -31.24
CA VAL P 90 38.41 31.57 -30.01
C VAL P 90 36.90 31.34 -30.13
N GLY P 91 36.30 30.90 -29.03
CA GLY P 91 34.88 30.64 -29.00
C GLY P 91 34.42 30.03 -27.71
N ASP P 92 33.29 30.51 -27.19
CA ASP P 92 32.63 30.03 -25.97
C ASP P 92 33.51 30.16 -24.72
N GLY P 93 34.48 31.08 -24.75
CA GLY P 93 35.34 31.29 -23.60
C GLY P 93 36.63 30.52 -23.62
N ILE P 94 36.98 29.88 -24.73
CA ILE P 94 38.22 29.13 -24.88
C ILE P 94 38.99 29.71 -26.05
N ALA P 95 40.24 30.04 -25.83
CA ALA P 95 41.15 30.44 -26.89
C ALA P 95 42.22 29.37 -27.06
N ARG P 96 42.38 28.89 -28.28
CA ARG P 96 43.49 28.01 -28.61
C ARG P 96 44.62 28.89 -29.13
N VAL P 97 45.74 28.90 -28.42
CA VAL P 97 46.80 29.87 -28.64
C VAL P 97 48.00 29.18 -29.26
N TYR P 98 48.36 29.59 -30.46
CA TYR P 98 49.62 29.17 -31.08
C TYR P 98 50.78 29.88 -30.41
N GLY P 99 51.92 29.20 -30.38
CA GLY P 99 53.09 29.79 -29.77
C GLY P 99 53.09 29.59 -28.27
N LEU P 100 53.50 30.63 -27.53
CA LEU P 100 53.63 30.63 -26.08
C LEU P 100 54.48 29.44 -25.60
N LYS P 101 55.76 29.51 -26.00
CA LYS P 101 56.64 28.36 -25.85
C LYS P 101 56.95 28.06 -24.38
N SER P 102 57.12 29.08 -23.56
CA SER P 102 57.57 28.89 -22.19
C SER P 102 56.48 29.21 -21.18
N VAL P 103 55.21 28.94 -21.50
CA VAL P 103 54.17 29.11 -20.50
C VAL P 103 54.17 27.89 -19.59
N GLN P 104 53.77 28.13 -18.35
CA GLN P 104 53.55 27.08 -17.37
C GLN P 104 52.08 26.68 -17.38
N ALA P 105 51.81 25.50 -16.83
CA ALA P 105 50.43 25.04 -16.71
C ALA P 105 49.74 25.79 -15.60
N GLY P 106 48.55 26.30 -15.87
CA GLY P 106 47.83 27.09 -14.88
C GLY P 106 48.28 28.52 -14.75
N GLU P 107 48.99 29.02 -15.76
CA GLU P 107 49.59 30.35 -15.70
C GLU P 107 48.64 31.40 -16.25
N LEU P 108 48.58 32.55 -15.58
CA LEU P 108 47.88 33.71 -16.09
C LEU P 108 48.53 34.19 -17.38
N VAL P 109 47.73 34.33 -18.42
CA VAL P 109 48.15 35.02 -19.64
C VAL P 109 47.25 36.25 -19.80
N CYS P 110 47.66 37.14 -20.70
CA CYS P 110 46.93 38.37 -20.95
C CYS P 110 46.86 38.60 -22.44
N PHE P 111 45.66 38.67 -22.98
CA PHE P 111 45.46 38.96 -24.38
C PHE P 111 45.76 40.43 -24.66
N ASP P 112 45.93 40.76 -25.94
CA ASP P 112 46.25 42.13 -26.31
C ASP P 112 45.09 43.10 -26.12
N SER P 113 43.87 42.58 -26.00
CA SER P 113 42.69 43.40 -25.73
C SER P 113 42.49 43.67 -24.26
N GLY P 114 43.41 43.21 -23.40
CA GLY P 114 43.38 43.49 -21.99
C GLY P 114 42.79 42.41 -21.12
N VAL P 115 41.96 41.54 -21.68
CA VAL P 115 41.29 40.51 -20.90
C VAL P 115 42.29 39.40 -20.56
N LYS P 116 42.23 38.91 -19.33
CA LYS P 116 43.19 37.93 -18.85
C LYS P 116 42.77 36.52 -19.22
N GLY P 117 43.67 35.58 -19.00
CA GLY P 117 43.42 34.20 -19.33
C GLY P 117 44.09 33.23 -18.38
N MET P 118 44.05 31.94 -18.69
CA MET P 118 44.70 30.94 -17.84
C MET P 118 45.05 29.74 -18.70
N ALA P 119 46.33 29.48 -18.86
CA ALA P 119 46.80 28.38 -19.71
C ALA P 119 46.57 27.06 -19.00
N LEU P 120 45.53 26.33 -19.42
CA LEU P 120 45.10 25.15 -18.68
C LEU P 120 45.71 23.86 -19.22
N ASN P 121 45.42 23.50 -20.46
CA ASN P 121 46.01 22.30 -21.05
C ASN P 121 46.98 22.74 -22.14
N LEU P 122 48.24 22.38 -21.94
CA LEU P 122 49.33 22.78 -22.83
C LEU P 122 49.56 21.65 -23.81
N GLN P 123 48.90 21.73 -24.97
CA GLN P 123 49.04 20.67 -25.95
C GLN P 123 50.27 20.94 -26.83
N ALA P 124 50.55 20.01 -27.74
CA ALA P 124 51.83 20.02 -28.45
C ALA P 124 51.91 21.13 -29.48
N ASP P 125 50.80 21.50 -30.10
CA ASP P 125 50.80 22.54 -31.13
C ASP P 125 50.05 23.80 -30.72
N HIS P 126 49.35 23.81 -29.60
CA HIS P 126 48.61 24.97 -29.16
C HIS P 126 48.43 24.88 -27.65
N VAL P 127 48.04 26.00 -27.06
CA VAL P 127 47.73 26.10 -25.64
C VAL P 127 46.24 26.39 -25.50
N GLY P 128 45.57 25.62 -24.66
CA GLY P 128 44.16 25.87 -24.40
C GLY P 128 43.99 26.85 -23.26
N VAL P 129 43.54 28.06 -23.58
CA VAL P 129 43.46 29.16 -22.63
C VAL P 129 41.99 29.44 -22.35
N VAL P 130 41.62 29.37 -21.08
CA VAL P 130 40.29 29.80 -20.67
C VAL P 130 40.32 31.30 -20.42
N VAL P 131 39.22 31.99 -20.72
CA VAL P 131 39.19 33.44 -20.76
C VAL P 131 38.51 33.95 -19.49
N PHE P 132 39.23 34.78 -18.72
CA PHE P 132 38.68 35.43 -17.54
C PHE P 132 37.84 36.65 -17.95
N GLY P 133 36.73 36.37 -18.61
CA GLY P 133 35.85 37.43 -19.03
C GLY P 133 35.13 37.06 -20.30
N ASN P 134 34.57 38.08 -20.94
CA ASN P 134 33.85 37.90 -22.20
C ASN P 134 34.86 37.76 -23.34
N ASP P 135 34.73 36.68 -24.10
CA ASP P 135 35.68 36.38 -25.17
C ASP P 135 35.29 37.00 -26.50
N SER P 136 34.45 38.03 -26.50
CA SER P 136 34.07 38.71 -27.73
C SER P 136 35.09 39.73 -28.18
N VAL P 137 36.08 40.05 -27.34
CA VAL P 137 37.09 41.04 -27.68
C VAL P 137 38.35 40.34 -28.18
N ILE P 138 38.27 39.02 -28.34
CA ILE P 138 39.39 38.22 -28.81
C ILE P 138 39.10 37.80 -30.24
N HIS P 139 40.06 37.99 -31.12
CA HIS P 139 39.94 37.62 -32.52
C HIS P 139 41.01 36.60 -32.86
N GLN P 140 40.85 35.96 -34.03
CA GLN P 140 41.92 35.14 -34.56
C GLN P 140 43.08 36.05 -34.97
N GLY P 141 44.28 35.72 -34.50
CA GLY P 141 45.45 36.51 -34.79
C GLY P 141 45.77 37.55 -33.74
N ASP P 142 44.96 37.64 -32.69
CA ASP P 142 45.28 38.52 -31.58
C ASP P 142 46.50 37.99 -30.83
N LEU P 143 47.35 38.90 -30.39
CA LEU P 143 48.53 38.51 -29.64
C LEU P 143 48.16 38.16 -28.22
N VAL P 144 48.74 37.08 -27.71
CA VAL P 144 48.56 36.66 -26.33
C VAL P 144 49.90 36.82 -25.64
N TYR P 145 49.89 37.43 -24.46
CA TYR P 145 51.10 37.73 -23.72
C TYR P 145 51.14 36.90 -22.46
N ARG P 146 52.26 36.22 -22.24
CA ARG P 146 52.48 35.49 -21.01
C ARG P 146 52.88 36.46 -19.91
N THR P 147 52.23 36.36 -18.75
CA THR P 147 52.44 37.32 -17.68
C THR P 147 53.51 36.89 -16.68
N GLY P 148 53.94 35.64 -16.70
CA GLY P 148 54.98 35.17 -15.82
C GLY P 148 54.48 34.63 -14.49
N GLN P 149 53.22 34.84 -14.16
CA GLN P 149 52.68 34.49 -12.86
C GLN P 149 51.63 33.40 -12.99
N ILE P 150 51.69 32.42 -12.08
CA ILE P 150 50.54 31.58 -11.82
C ILE P 150 49.47 32.44 -11.14
N VAL P 151 48.21 32.04 -11.31
CA VAL P 151 47.07 32.89 -10.96
C VAL P 151 47.05 33.19 -9.47
N ASN P 152 46.90 34.46 -9.12
CA ASN P 152 47.02 34.91 -7.74
C ASN P 152 46.00 35.99 -7.44
N VAL P 153 45.63 36.11 -6.17
CA VAL P 153 44.65 37.09 -5.71
C VAL P 153 45.29 37.95 -4.63
N PRO P 154 44.78 39.16 -4.37
CA PRO P 154 45.30 39.96 -3.25
C PRO P 154 44.77 39.44 -1.93
N ILE P 155 45.67 39.08 -1.02
CA ILE P 155 45.31 38.64 0.33
C ILE P 155 45.87 39.62 1.34
N GLY P 156 45.22 39.68 2.49
CA GLY P 156 45.65 40.56 3.56
C GLY P 156 44.48 41.20 4.29
N PRO P 157 44.79 42.14 5.19
CA PRO P 157 43.72 42.84 5.92
C PRO P 157 42.98 43.85 5.08
N GLY P 158 43.50 44.23 3.91
CA GLY P 158 42.80 45.18 3.06
C GLY P 158 41.57 44.63 2.39
N THR P 159 41.48 43.30 2.25
CA THR P 159 40.28 42.67 1.73
C THR P 159 39.16 42.62 2.76
N LEU P 160 39.45 42.87 4.03
CA LEU P 160 38.46 42.77 5.09
C LEU P 160 37.45 43.89 5.02
N GLY P 161 36.34 43.65 4.35
CA GLY P 161 35.30 44.65 4.18
C GLY P 161 34.94 44.93 2.74
N ARG P 162 35.62 44.33 1.78
CA ARG P 162 35.40 44.63 0.38
C ARG P 162 34.54 43.57 -0.28
N VAL P 163 33.91 43.95 -1.38
CA VAL P 163 33.15 43.04 -2.23
C VAL P 163 33.99 42.84 -3.48
N THR P 164 34.38 41.59 -3.72
CA THR P 164 35.41 41.25 -4.67
C THR P 164 34.85 40.31 -5.73
N ASP P 165 35.45 40.31 -6.92
CA ASP P 165 35.08 39.33 -7.92
C ASP P 165 35.89 38.06 -7.69
N GLY P 166 35.76 37.09 -8.58
CA GLY P 166 36.42 35.82 -8.40
C GLY P 166 37.91 35.82 -8.71
N LEU P 167 38.43 36.96 -9.16
CA LEU P 167 39.83 37.08 -9.53
C LEU P 167 40.62 38.00 -8.62
N GLY P 168 39.95 38.79 -7.78
CA GLY P 168 40.65 39.67 -6.86
C GLY P 168 40.35 41.14 -7.01
N GLN P 169 39.66 41.54 -8.07
CA GLN P 169 39.37 42.96 -8.26
C GLN P 169 38.13 43.35 -7.49
N PRO P 170 38.14 44.51 -6.81
CA PRO P 170 36.96 44.91 -6.03
C PRO P 170 35.86 45.43 -6.94
N ILE P 171 34.63 45.03 -6.65
CA ILE P 171 33.47 45.39 -7.46
C ILE P 171 32.49 46.25 -6.69
N ASP P 172 32.82 46.65 -5.48
CA ASP P 172 31.91 47.45 -4.67
C ASP P 172 31.96 48.93 -4.98
N GLY P 173 32.85 49.35 -5.89
CA GLY P 173 32.96 50.76 -6.22
C GLY P 173 33.59 51.60 -5.13
N LYS P 174 34.58 51.06 -4.42
CA LYS P 174 35.27 51.79 -3.36
C LYS P 174 36.77 51.86 -3.61
N GLY P 175 37.16 51.87 -4.88
CA GLY P 175 38.54 52.02 -5.24
C GLY P 175 39.31 50.72 -5.18
N PRO P 176 40.60 50.76 -5.57
CA PRO P 176 41.40 49.53 -5.58
C PRO P 176 41.76 49.02 -4.20
N LEU P 177 42.38 47.85 -4.13
CA LEU P 177 42.69 47.21 -2.86
C LEU P 177 43.99 47.77 -2.30
N THR P 178 43.92 48.31 -1.10
CA THR P 178 45.07 48.87 -0.40
C THR P 178 45.38 48.01 0.83
N ASN P 179 46.66 48.02 1.23
CA ASN P 179 47.20 47.24 2.34
C ASN P 179 46.91 45.75 2.15
N VAL P 180 47.49 45.21 1.08
CA VAL P 180 47.13 43.88 0.60
C VAL P 180 48.33 43.36 -0.19
N ARG P 181 48.45 42.03 -0.26
CA ARG P 181 49.56 41.43 -0.99
C ARG P 181 49.07 40.25 -1.82
N SER P 182 49.82 39.94 -2.87
CA SER P 182 49.41 38.92 -3.82
C SER P 182 49.85 37.53 -3.35
N SER P 183 48.93 36.58 -3.44
CA SER P 183 49.22 35.20 -3.04
C SER P 183 48.53 34.25 -3.99
N LEU P 184 49.17 33.11 -4.23
CA LEU P 184 48.68 32.12 -5.17
C LEU P 184 47.38 31.50 -4.71
N VAL P 185 46.55 31.09 -5.67
CA VAL P 185 45.30 30.41 -5.36
C VAL P 185 45.42 28.89 -5.39
N GLU P 186 46.64 28.36 -5.53
CA GLU P 186 46.81 26.92 -5.60
C GLU P 186 47.81 26.47 -4.55
N VAL P 187 47.62 26.95 -3.32
CA VAL P 187 48.47 26.54 -2.21
C VAL P 187 48.07 25.12 -1.80
N LYS P 188 49.07 24.28 -1.57
CA LYS P 188 48.79 22.94 -1.07
C LYS P 188 48.37 23.02 0.39
N ALA P 189 47.41 22.17 0.76
CA ALA P 189 46.87 22.14 2.10
C ALA P 189 47.92 21.70 3.11
N PRO P 190 47.84 22.16 4.36
CA PRO P 190 48.83 21.76 5.38
C PRO P 190 48.70 20.29 5.74
N GLY P 191 49.85 19.63 5.89
CA GLY P 191 49.91 18.20 6.05
C GLY P 191 49.58 17.72 7.45
N ILE P 192 50.15 16.57 7.80
CA ILE P 192 49.84 15.93 9.06
C ILE P 192 50.55 16.63 10.21
N ILE P 193 51.84 16.91 10.03
CA ILE P 193 52.64 17.52 11.09
C ILE P 193 52.31 18.99 11.30
N ALA P 194 51.63 19.63 10.35
CA ALA P 194 51.25 21.03 10.48
C ALA P 194 49.96 21.23 11.24
N ARG P 195 49.10 20.22 11.29
CA ARG P 195 47.79 20.34 11.90
C ARG P 195 47.83 19.97 13.37
N GLN P 196 46.71 20.21 14.04
CA GLN P 196 46.47 19.68 15.37
C GLN P 196 44.99 19.37 15.50
N SER P 197 44.60 18.83 16.65
CA SER P 197 43.24 18.37 16.82
C SER P 197 42.29 19.55 17.03
N VAL P 198 41.08 19.40 16.50
CA VAL P 198 40.08 20.47 16.53
C VAL P 198 39.42 20.48 17.90
N ARG P 199 39.61 21.58 18.63
CA ARG P 199 39.10 21.68 19.99
C ARG P 199 38.20 22.89 20.22
N GLU P 200 38.53 24.03 19.65
CA GLU P 200 37.79 25.26 19.91
C GLU P 200 36.45 25.24 19.17
N PRO P 201 35.37 25.75 19.79
CA PRO P 201 34.03 25.54 19.24
C PRO P 201 33.66 26.28 17.95
N LEU P 202 33.80 27.60 17.89
CA LEU P 202 33.21 28.44 16.83
C LEU P 202 31.71 28.19 16.72
N PHE P 203 30.95 28.72 17.68
CA PHE P 203 29.50 28.59 17.67
C PHE P 203 28.92 29.35 16.49
N THR P 204 27.78 28.88 16.00
CA THR P 204 27.13 29.49 14.84
C THR P 204 25.92 30.34 15.21
N GLY P 205 25.42 30.24 16.43
CA GLY P 205 24.24 30.98 16.82
C GLY P 205 22.93 30.33 16.48
N VAL P 206 22.95 29.25 15.70
CA VAL P 206 21.76 28.45 15.41
C VAL P 206 21.75 27.30 16.39
N LYS P 207 20.75 27.27 17.28
CA LYS P 207 20.79 26.33 18.38
C LYS P 207 20.50 24.90 17.98
N ALA P 208 19.85 24.69 16.82
CA ALA P 208 19.76 23.34 16.28
C ALA P 208 21.14 22.83 15.88
N VAL P 209 21.93 23.68 15.23
CA VAL P 209 23.30 23.33 14.87
C VAL P 209 24.16 23.19 16.12
N ASP P 210 24.21 24.23 16.95
CA ASP P 210 25.09 24.24 18.11
C ASP P 210 24.67 23.25 19.21
N ALA P 211 23.45 22.71 19.14
CA ALA P 211 23.04 21.67 20.06
C ALA P 211 23.25 20.26 19.50
N LEU P 212 22.95 20.04 18.21
CA LEU P 212 22.98 18.68 17.67
C LEU P 212 24.15 18.41 16.75
N VAL P 213 24.56 19.36 15.91
CA VAL P 213 25.67 19.15 14.98
C VAL P 213 26.76 20.16 15.33
N PRO P 214 27.51 19.96 16.41
CA PRO P 214 28.39 21.03 16.90
C PRO P 214 29.61 21.18 16.01
N ILE P 215 29.84 22.41 15.56
CA ILE P 215 30.95 22.69 14.66
C ILE P 215 32.22 22.80 15.49
N GLY P 216 33.36 22.56 14.85
CA GLY P 216 34.66 22.90 15.40
C GLY P 216 35.27 24.04 14.60
N ARG P 217 36.33 24.60 15.16
CA ARG P 217 36.87 25.83 14.59
C ARG P 217 37.77 25.58 13.39
N GLY P 218 38.16 24.34 13.12
CA GLY P 218 38.90 24.03 11.92
C GLY P 218 38.23 22.97 11.07
N GLN P 219 36.92 22.83 11.25
CA GLN P 219 36.17 21.71 10.71
C GLN P 219 35.41 22.12 9.45
N ARG P 220 35.40 21.24 8.46
CA ARG P 220 34.61 21.40 7.25
C ARG P 220 33.23 20.81 7.48
N GLU P 221 32.20 21.63 7.38
CA GLU P 221 30.83 21.19 7.62
C GLU P 221 29.96 21.52 6.41
N LEU P 222 29.38 20.49 5.81
CA LEU P 222 28.60 20.66 4.60
C LEU P 222 27.14 20.96 4.93
N ILE P 223 26.63 22.07 4.41
CA ILE P 223 25.21 22.38 4.47
C ILE P 223 24.61 21.93 3.15
N ILE P 224 23.75 20.91 3.21
CA ILE P 224 23.22 20.31 2.00
C ILE P 224 21.70 20.25 2.11
N GLY P 225 21.03 20.49 0.99
CA GLY P 225 19.58 20.41 0.96
C GLY P 225 19.08 20.73 -0.43
N ASP P 226 17.76 20.84 -0.55
CA ASP P 226 17.14 21.25 -1.79
C ASP P 226 17.19 22.75 -1.94
N ARG P 227 16.57 23.26 -3.00
CA ARG P 227 16.47 24.70 -3.19
C ARG P 227 15.47 25.29 -2.22
N GLN P 228 15.83 26.47 -1.68
CA GLN P 228 15.00 27.25 -0.76
C GLN P 228 14.63 26.45 0.49
N THR P 229 15.65 25.82 1.08
CA THR P 229 15.49 25.08 2.33
C THR P 229 16.30 25.69 3.46
N GLY P 230 16.94 26.83 3.26
CA GLY P 230 17.57 27.56 4.32
C GLY P 230 19.05 27.33 4.52
N LYS P 231 19.81 27.07 3.45
CA LYS P 231 21.24 26.83 3.59
C LYS P 231 22.02 28.13 3.71
N THR P 232 21.70 29.10 2.84
CA THR P 232 22.27 30.43 2.93
C THR P 232 21.88 31.10 4.24
N ALA P 233 20.70 30.79 4.77
CA ALA P 233 20.28 31.32 6.06
C ALA P 233 21.18 30.83 7.19
N VAL P 234 21.55 29.55 7.17
CA VAL P 234 22.43 29.00 8.21
C VAL P 234 23.82 29.62 8.11
N ALA P 235 24.35 29.75 6.89
CA ALA P 235 25.67 30.36 6.72
C ALA P 235 25.67 31.83 7.11
N ILE P 236 24.60 32.55 6.76
CA ILE P 236 24.49 33.97 7.10
C ILE P 236 24.38 34.17 8.60
N ASP P 237 23.54 33.38 9.28
CA ASP P 237 23.42 33.49 10.73
C ASP P 237 24.72 33.11 11.43
N ALA P 238 25.50 32.21 10.84
CA ALA P 238 26.84 31.94 11.35
C ALA P 238 27.73 33.17 11.26
N ILE P 239 27.69 33.88 10.13
CA ILE P 239 28.50 35.10 9.97
C ILE P 239 28.05 36.20 10.92
N ILE P 240 26.73 36.35 11.11
CA ILE P 240 26.20 37.36 12.02
C ILE P 240 26.60 37.05 13.46
N HIS P 241 26.60 35.75 13.81
CA HIS P 241 27.03 35.39 15.16
C HIS P 241 28.52 35.58 15.36
N GLN P 242 29.33 35.44 14.31
CA GLN P 242 30.73 35.81 14.48
C GLN P 242 30.91 37.30 14.65
N LYS P 243 30.04 38.12 14.04
CA LYS P 243 30.08 39.55 14.32
C LYS P 243 29.70 39.85 15.77
N ASN P 244 28.71 39.13 16.28
CA ASN P 244 28.27 39.35 17.66
C ASN P 244 29.30 38.85 18.67
N CYS P 245 30.07 37.84 18.30
CA CYS P 245 31.09 37.32 19.21
C CYS P 245 32.43 38.02 19.08
N ASN P 246 32.70 38.69 17.96
CA ASN P 246 33.99 39.34 17.77
C ASN P 246 34.15 40.60 18.59
N GLU P 247 33.04 41.19 19.04
CA GLU P 247 33.08 42.36 19.92
C GLU P 247 33.05 41.98 21.38
N GLN P 248 33.34 40.72 21.70
CA GLN P 248 33.25 40.21 23.06
C GLN P 248 34.44 39.38 23.48
N VAL P 249 35.29 38.93 22.56
CA VAL P 249 36.39 38.03 22.86
C VAL P 249 37.71 38.79 22.69
N PRO P 250 38.78 38.41 23.42
CA PRO P 250 40.06 39.15 23.33
C PRO P 250 40.96 38.87 22.13
N LYS P 251 40.54 39.36 20.95
CA LYS P 251 41.42 39.70 19.82
C LYS P 251 42.06 38.50 19.11
N ALA P 252 41.94 37.30 19.68
CA ALA P 252 42.57 36.11 19.12
C ALA P 252 41.61 34.97 18.89
N GLN P 253 40.45 34.97 19.52
CA GLN P 253 39.35 34.10 19.15
C GLN P 253 38.42 34.76 18.16
N ARG P 254 38.79 35.93 17.63
CA ARG P 254 37.95 36.64 16.68
C ARG P 254 37.97 35.94 15.34
N VAL P 255 36.82 35.89 14.69
CA VAL P 255 36.59 35.07 13.51
C VAL P 255 36.30 35.99 12.34
N TYR P 256 37.09 35.83 11.27
CA TYR P 256 36.95 36.63 10.07
C TYR P 256 36.26 35.79 9.01
N CYS P 257 35.05 36.16 8.64
CA CYS P 257 34.28 35.40 7.68
C CYS P 257 34.68 35.76 6.26
N VAL P 258 34.59 34.77 5.37
CA VAL P 258 34.75 35.00 3.93
C VAL P 258 33.60 34.26 3.24
N TYR P 259 32.77 35.00 2.52
CA TYR P 259 31.62 34.45 1.83
C TYR P 259 31.93 34.40 0.34
N VAL P 260 31.91 33.21 -0.24
CA VAL P 260 32.10 33.04 -1.68
C VAL P 260 30.75 32.74 -2.31
N ALA P 261 30.29 33.65 -3.15
CA ALA P 261 29.02 33.53 -3.85
C ALA P 261 29.30 33.06 -5.27
N VAL P 262 29.12 31.77 -5.52
CA VAL P 262 29.39 31.17 -6.81
C VAL P 262 28.07 31.00 -7.55
N GLY P 263 27.95 31.61 -8.71
CA GLY P 263 26.80 31.38 -9.56
C GLY P 263 25.52 32.03 -9.14
N GLN P 264 25.49 32.73 -8.00
CA GLN P 264 24.31 33.45 -7.59
C GLN P 264 24.12 34.68 -8.45
N LYS P 265 22.91 35.23 -8.44
CA LYS P 265 22.70 36.46 -9.16
C LYS P 265 23.18 37.64 -8.32
N ARG P 266 23.33 38.78 -8.99
CA ARG P 266 23.96 39.93 -8.36
C ARG P 266 23.03 40.66 -7.40
N SER P 267 21.72 40.51 -7.57
CA SER P 267 20.77 41.09 -6.63
C SER P 267 20.87 40.42 -5.27
N THR P 268 21.08 39.11 -5.25
CA THR P 268 21.22 38.36 -3.99
C THR P 268 22.49 38.78 -3.26
N VAL P 269 23.58 38.95 -4.01
CA VAL P 269 24.85 39.38 -3.43
C VAL P 269 24.74 40.80 -2.90
N ALA P 270 24.02 41.67 -3.62
CA ALA P 270 23.83 43.03 -3.14
C ALA P 270 22.95 43.09 -1.90
N GLN P 271 21.92 42.23 -1.84
CA GLN P 271 21.10 42.12 -0.64
C GLN P 271 21.89 41.59 0.54
N LEU P 272 22.84 40.68 0.29
CA LEU P 272 23.69 40.18 1.36
C LEU P 272 24.69 41.22 1.84
N VAL P 273 25.19 42.05 0.93
CA VAL P 273 26.08 43.14 1.34
C VAL P 273 25.31 44.19 2.15
N LYS P 274 24.05 44.43 1.77
CA LYS P 274 23.20 45.35 2.53
C LYS P 274 22.91 44.81 3.91
N LEU P 275 22.67 43.50 4.01
CA LEU P 275 22.46 42.87 5.31
C LEU P 275 23.70 42.94 6.19
N PHE P 276 24.87 42.60 5.63
CA PHE P 276 26.11 42.61 6.40
C PHE P 276 26.58 44.01 6.75
N THR P 277 26.16 45.03 6.01
CA THR P 277 26.50 46.39 6.41
C THR P 277 25.50 46.93 7.43
N GLN P 278 24.21 46.61 7.28
CA GLN P 278 23.22 47.11 8.21
C GLN P 278 23.24 46.37 9.54
N THR P 279 23.94 45.23 9.64
CA THR P 279 24.19 44.61 10.92
C THR P 279 25.62 44.79 11.41
N GLY P 280 26.52 45.32 10.59
CA GLY P 280 27.89 45.51 10.97
C GLY P 280 28.80 44.33 10.74
N ALA P 281 28.32 43.27 10.10
CA ALA P 281 29.14 42.08 9.88
C ALA P 281 30.16 42.26 8.77
N MET P 282 30.07 43.33 7.98
CA MET P 282 31.00 43.57 6.89
C MET P 282 32.37 44.03 7.39
N ARG P 283 32.51 44.38 8.66
CA ARG P 283 33.82 44.77 9.17
C ARG P 283 34.76 43.57 9.29
N TYR P 284 34.21 42.38 9.48
CA TYR P 284 34.99 41.16 9.55
C TYR P 284 34.82 40.26 8.33
N THR P 285 33.98 40.63 7.38
CA THR P 285 33.63 39.75 6.27
C THR P 285 34.26 40.24 4.97
N ILE P 286 34.85 39.31 4.23
CA ILE P 286 35.19 39.49 2.82
C ILE P 286 34.12 38.78 2.01
N MET P 287 33.74 39.35 0.88
CA MET P 287 32.81 38.68 -0.02
C MET P 287 33.44 38.54 -1.39
N VAL P 288 33.61 37.30 -1.83
CA VAL P 288 34.08 36.99 -3.17
C VAL P 288 32.87 36.63 -4.00
N SER P 289 32.65 37.37 -5.08
CA SER P 289 31.40 37.30 -5.83
C SER P 289 31.68 37.08 -7.32
N ALA P 290 31.64 35.83 -7.75
CA ALA P 290 31.60 35.50 -9.17
C ALA P 290 30.17 35.13 -9.49
N THR P 291 29.43 36.07 -10.08
CA THR P 291 28.01 35.90 -10.27
C THR P 291 27.73 35.04 -11.51
N ALA P 292 26.46 34.93 -11.85
CA ALA P 292 26.06 34.12 -13.00
C ALA P 292 26.45 34.76 -14.32
N SER P 293 26.56 36.09 -14.37
CA SER P 293 26.99 36.77 -15.58
C SER P 293 28.47 36.63 -15.85
N ASP P 294 29.25 36.22 -14.86
CA ASP P 294 30.69 36.07 -15.04
C ASP P 294 31.00 34.85 -15.88
N ALA P 295 32.26 34.76 -16.31
CA ALA P 295 32.70 33.63 -17.10
C ALA P 295 32.76 32.36 -16.25
N ALA P 296 32.78 31.22 -16.93
CA ALA P 296 32.92 29.96 -16.23
C ALA P 296 34.25 29.79 -15.47
N PRO P 297 35.43 30.24 -15.96
CA PRO P 297 36.61 30.15 -15.10
C PRO P 297 36.59 31.08 -13.90
N LEU P 298 35.84 32.18 -13.95
CA LEU P 298 35.74 33.04 -12.78
C LEU P 298 34.95 32.37 -11.66
N GLN P 299 33.84 31.71 -12.01
CA GLN P 299 33.08 30.97 -11.01
C GLN P 299 33.79 29.71 -10.58
N PHE P 300 34.58 29.09 -11.47
CA PHE P 300 35.42 27.97 -11.09
C PHE P 300 36.49 28.39 -10.10
N LEU P 301 37.05 29.58 -10.28
CA LEU P 301 38.20 30.01 -9.50
C LEU P 301 37.83 30.78 -8.25
N ALA P 302 36.58 31.22 -8.13
CA ALA P 302 36.19 32.02 -6.97
C ALA P 302 36.23 31.29 -5.62
N PRO P 303 35.91 29.99 -5.48
CA PRO P 303 36.20 29.35 -4.19
C PRO P 303 37.68 29.28 -3.87
N TYR P 304 38.55 29.12 -4.86
CA TYR P 304 39.97 29.14 -4.59
C TYR P 304 40.45 30.55 -4.23
N SER P 305 39.86 31.58 -4.84
CA SER P 305 40.17 32.95 -4.45
C SER P 305 39.72 33.24 -3.03
N GLY P 306 38.53 32.78 -2.67
CA GLY P 306 38.04 32.99 -1.31
C GLY P 306 38.82 32.19 -0.29
N CYS P 307 39.25 30.98 -0.64
CA CYS P 307 40.08 30.20 0.25
C CYS P 307 41.47 30.80 0.41
N ALA P 308 42.03 31.38 -0.66
CA ALA P 308 43.32 32.04 -0.53
C ALA P 308 43.22 33.32 0.28
N MET P 309 42.09 34.04 0.17
CA MET P 309 41.89 35.21 1.02
C MET P 309 41.66 34.84 2.47
N ALA P 310 41.05 33.68 2.71
CA ALA P 310 40.79 33.22 4.07
C ALA P 310 41.98 32.52 4.70
N GLU P 311 42.92 32.05 3.88
CA GLU P 311 44.12 31.41 4.41
C GLU P 311 45.09 32.40 5.01
N TYR P 312 44.94 33.70 4.73
CA TYR P 312 45.78 34.71 5.36
C TYR P 312 45.54 34.74 6.86
N PHE P 313 44.27 34.69 7.27
CA PHE P 313 43.96 34.66 8.69
C PHE P 313 44.35 33.34 9.33
N ARG P 314 44.27 32.23 8.58
CA ARG P 314 44.68 30.95 9.11
C ARG P 314 46.19 30.88 9.30
N ASP P 315 46.95 31.48 8.39
CA ASP P 315 48.40 31.44 8.47
C ASP P 315 48.99 32.51 9.37
N THR P 316 48.25 33.56 9.70
CA THR P 316 48.74 34.58 10.61
C THR P 316 48.14 34.47 12.00
N GLY P 317 47.82 33.25 12.45
CA GLY P 317 47.42 33.03 13.82
C GLY P 317 45.99 33.37 14.16
N LYS P 318 45.24 33.99 13.24
CA LYS P 318 43.86 34.32 13.51
C LYS P 318 42.98 33.14 13.11
N HIS P 319 41.68 33.29 13.25
CA HIS P 319 40.76 32.20 12.98
C HIS P 319 39.78 32.62 11.88
N GLY P 320 39.69 31.79 10.85
CA GLY P 320 38.87 32.13 9.70
C GLY P 320 37.64 31.28 9.55
N LEU P 321 36.64 31.81 8.84
CA LEU P 321 35.42 31.08 8.52
C LEU P 321 35.14 31.30 7.05
N ILE P 322 35.07 30.23 6.28
CA ILE P 322 34.88 30.33 4.84
C ILE P 322 33.61 29.60 4.46
N ILE P 323 32.76 30.27 3.70
CA ILE P 323 31.51 29.70 3.22
C ILE P 323 31.59 29.66 1.70
N TYR P 324 31.62 28.46 1.14
CA TYR P 324 31.55 28.27 -0.31
C TYR P 324 30.08 28.04 -0.65
N ASP P 325 29.35 29.14 -0.83
CA ASP P 325 27.95 29.00 -1.20
C ASP P 325 27.85 28.57 -2.65
N ASP P 326 27.01 27.55 -2.89
CA ASP P 326 26.78 26.92 -4.19
C ASP P 326 28.09 26.36 -4.77
N LEU P 327 28.61 25.36 -4.06
CA LEU P 327 29.74 24.59 -4.58
C LEU P 327 29.32 23.70 -5.74
N SER P 328 28.04 23.35 -5.81
CA SER P 328 27.46 22.64 -6.93
C SER P 328 27.29 23.50 -8.17
N LYS P 329 27.48 24.81 -8.05
CA LYS P 329 27.60 25.68 -9.22
C LYS P 329 29.03 25.89 -9.64
N GLN P 330 29.98 25.80 -8.71
CA GLN P 330 31.39 25.80 -9.10
C GLN P 330 31.75 24.52 -9.83
N SER P 331 31.15 23.39 -9.43
CA SER P 331 31.34 22.15 -10.17
C SER P 331 30.75 22.24 -11.57
N VAL P 332 29.64 22.96 -11.74
CA VAL P 332 29.01 23.11 -13.05
C VAL P 332 29.84 24.01 -13.94
N ALA P 333 30.42 25.08 -13.37
CA ALA P 333 31.33 25.95 -14.12
C ALA P 333 32.59 25.21 -14.53
N TYR P 334 33.10 24.35 -13.65
CA TYR P 334 34.25 23.52 -13.99
C TYR P 334 33.92 22.51 -15.07
N ARG P 335 32.70 21.95 -15.04
CA ARG P 335 32.26 21.04 -16.08
C ARG P 335 32.21 21.72 -17.44
N GLN P 336 31.66 22.93 -17.49
CA GLN P 336 31.62 23.68 -18.74
C GLN P 336 33.01 24.01 -19.25
N MET P 337 33.87 24.47 -18.34
CA MET P 337 35.24 24.86 -18.68
C MET P 337 36.04 23.68 -19.21
N SER P 338 35.85 22.50 -18.65
CA SER P 338 36.58 21.33 -19.11
C SER P 338 35.95 20.68 -20.33
N LEU P 339 34.63 20.79 -20.52
CA LEU P 339 34.02 20.23 -21.71
C LEU P 339 34.36 21.05 -22.94
N LEU P 340 34.51 22.36 -22.78
CA LEU P 340 34.91 23.17 -23.91
C LEU P 340 36.40 23.08 -24.21
N LEU P 341 37.20 22.53 -23.30
CA LEU P 341 38.58 22.15 -23.57
C LEU P 341 38.69 20.76 -24.18
N ARG P 342 37.56 20.14 -24.50
CA ARG P 342 37.44 18.83 -25.15
C ARG P 342 38.08 17.72 -24.33
N ARG P 343 37.98 17.81 -23.01
CA ARG P 343 38.33 16.69 -22.15
C ARG P 343 37.13 15.76 -22.03
N PRO P 344 37.36 14.45 -21.94
CA PRO P 344 36.25 13.48 -22.02
C PRO P 344 35.37 13.52 -20.79
N PRO P 345 34.06 13.52 -20.97
CA PRO P 345 33.14 13.63 -19.84
C PRO P 345 32.89 12.30 -19.14
N GLY P 346 32.35 12.39 -17.93
CA GLY P 346 32.10 11.22 -17.11
C GLY P 346 30.67 11.12 -16.58
N ARG P 347 30.54 10.95 -15.27
CA ARG P 347 29.22 10.87 -14.63
C ARG P 347 28.51 12.21 -14.71
N GLU P 348 27.33 12.21 -15.33
CA GLU P 348 26.54 13.42 -15.64
C GLU P 348 27.35 14.45 -16.39
N ALA P 349 28.23 13.96 -17.27
CA ALA P 349 29.17 14.71 -18.09
C ALA P 349 30.12 15.58 -17.28
N PHE P 350 30.37 15.24 -16.03
CA PHE P 350 31.38 15.93 -15.24
C PHE P 350 32.76 15.40 -15.62
N PRO P 351 33.81 16.16 -15.34
CA PRO P 351 35.17 15.61 -15.48
C PRO P 351 35.41 14.46 -14.52
N GLY P 352 36.43 13.68 -14.84
CA GLY P 352 36.84 12.62 -13.93
C GLY P 352 37.42 13.17 -12.65
N ASP P 353 38.14 14.29 -12.73
CA ASP P 353 38.82 14.89 -11.59
C ASP P 353 37.98 15.93 -10.87
N VAL P 354 36.65 15.79 -10.90
CA VAL P 354 35.82 16.74 -10.17
C VAL P 354 35.78 16.41 -8.68
N PHE P 355 36.24 15.23 -8.28
CA PHE P 355 36.45 14.96 -6.86
C PHE P 355 37.65 15.72 -6.35
N TYR P 356 38.74 15.73 -7.12
CA TYR P 356 39.97 16.41 -6.73
C TYR P 356 39.77 17.91 -6.66
N LEU P 357 38.86 18.43 -7.49
CA LEU P 357 38.50 19.85 -7.48
C LEU P 357 38.00 20.32 -6.13
N HIS P 358 37.13 19.54 -5.49
CA HIS P 358 36.60 19.92 -4.20
C HIS P 358 37.43 19.39 -3.05
N SER P 359 38.17 18.29 -3.25
CA SER P 359 39.00 17.77 -2.18
C SER P 359 40.21 18.66 -1.92
N ARG P 360 40.89 19.11 -2.98
CA ARG P 360 42.02 20.02 -2.80
C ARG P 360 41.59 21.41 -2.39
N LEU P 361 40.31 21.75 -2.54
CA LEU P 361 39.79 23.01 -2.03
C LEU P 361 39.44 22.91 -0.54
N LEU P 362 38.70 21.87 -0.17
CA LEU P 362 38.22 21.76 1.19
C LEU P 362 39.28 21.29 2.16
N GLU P 363 40.33 20.60 1.69
CA GLU P 363 41.38 20.18 2.60
C GLU P 363 42.24 21.33 3.10
N ARG P 364 42.12 22.51 2.50
CA ARG P 364 42.80 23.71 2.97
C ARG P 364 42.19 24.30 4.22
N ALA P 365 41.03 23.81 4.65
CA ALA P 365 40.41 24.21 5.90
C ALA P 365 40.98 23.33 7.00
N ALA P 366 41.86 23.87 7.83
CA ALA P 366 42.57 23.10 8.83
C ALA P 366 42.67 23.90 10.12
N LYS P 367 43.21 23.25 11.14
CA LYS P 367 43.57 23.89 12.42
C LYS P 367 45.05 23.65 12.61
N LEU P 368 45.86 24.70 12.48
CA LEU P 368 47.30 24.54 12.45
C LEU P 368 47.86 24.30 13.85
N SER P 369 49.10 23.82 13.88
CA SER P 369 49.79 23.54 15.12
C SER P 369 50.27 24.84 15.76
N LYS P 370 50.77 24.73 16.99
CA LYS P 370 51.22 25.90 17.74
C LYS P 370 52.46 26.53 17.13
N GLU P 371 53.30 25.75 16.47
CA GLU P 371 54.47 26.32 15.82
C GLU P 371 54.13 26.99 14.49
N LEU P 372 52.93 26.77 13.97
CA LEU P 372 52.45 27.48 12.79
C LEU P 372 51.48 28.59 13.14
N GLY P 373 51.31 28.90 14.42
CA GLY P 373 50.44 29.97 14.86
C GLY P 373 49.22 29.50 15.60
N GLY P 374 48.77 28.28 15.37
CA GLY P 374 47.54 27.81 15.95
C GLY P 374 46.28 28.32 15.29
N GLY P 375 46.41 28.98 14.14
CA GLY P 375 45.25 29.53 13.47
C GLY P 375 44.43 28.45 12.80
N SER P 376 43.17 28.78 12.53
CA SER P 376 42.24 27.80 12.00
C SER P 376 41.47 28.37 10.83
N LEU P 377 40.88 27.47 10.06
CA LEU P 377 39.98 27.83 8.98
C LEU P 377 38.91 26.76 8.91
N THR P 378 37.66 27.15 9.06
CA THR P 378 36.54 26.22 9.02
C THR P 378 35.68 26.49 7.81
N ALA P 379 35.40 25.44 7.05
CA ALA P 379 34.71 25.55 5.78
C ALA P 379 33.23 25.22 5.95
N PHE P 380 32.38 25.95 5.24
CA PHE P 380 30.96 25.61 5.11
C PHE P 380 30.61 25.56 3.63
N PRO P 381 30.92 24.46 2.96
CA PRO P 381 30.47 24.31 1.58
C PRO P 381 28.98 24.05 1.52
N VAL P 382 28.35 24.50 0.45
CA VAL P 382 26.92 24.35 0.23
C VAL P 382 26.73 23.56 -1.06
N ILE P 383 25.87 22.54 -1.01
CA ILE P 383 25.50 21.74 -2.16
C ILE P 383 23.98 21.76 -2.27
N GLU P 384 23.47 22.08 -3.46
CA GLU P 384 22.04 21.97 -3.72
C GLU P 384 21.74 20.62 -4.35
N THR P 385 20.82 19.89 -3.75
CA THR P 385 20.37 18.63 -4.31
C THR P 385 19.12 18.83 -5.15
N GLN P 386 18.77 17.79 -5.92
CA GLN P 386 17.61 17.83 -6.79
C GLN P 386 16.59 16.82 -6.28
N ALA P 387 15.47 17.33 -5.75
CA ALA P 387 14.35 16.54 -5.21
C ALA P 387 14.81 15.64 -4.07
N GLY P 388 15.76 16.13 -3.27
CA GLY P 388 16.27 15.37 -2.15
C GLY P 388 17.18 14.22 -2.51
N ASP P 389 17.63 14.13 -3.75
CA ASP P 389 18.53 13.05 -4.18
C ASP P 389 19.92 13.30 -3.61
N VAL P 390 20.24 12.62 -2.52
CA VAL P 390 21.55 12.74 -1.91
C VAL P 390 22.58 11.92 -2.67
N SER P 391 22.13 10.97 -3.49
CA SER P 391 23.00 10.07 -4.24
C SER P 391 23.51 10.68 -5.53
N ALA P 392 23.50 12.00 -5.68
CA ALA P 392 24.09 12.64 -6.84
C ALA P 392 25.61 12.57 -6.76
N TYR P 393 26.26 12.93 -7.87
CA TYR P 393 27.70 12.74 -7.98
C TYR P 393 28.46 13.75 -7.11
N ILE P 394 28.20 15.03 -7.32
CA ILE P 394 28.89 16.08 -6.57
C ILE P 394 28.50 16.05 -5.10
N ALA P 395 27.23 15.71 -4.82
CA ALA P 395 26.76 15.63 -3.44
C ALA P 395 27.47 14.53 -2.68
N THR P 396 27.60 13.35 -3.29
CA THR P 396 28.29 12.24 -2.61
C THR P 396 29.78 12.50 -2.49
N ASN P 397 30.39 13.17 -3.47
CA ASN P 397 31.80 13.53 -3.38
C ASN P 397 32.06 14.48 -2.21
N VAL P 398 31.27 15.55 -2.10
CA VAL P 398 31.50 16.52 -1.04
C VAL P 398 31.07 15.98 0.32
N ILE P 399 30.12 15.04 0.38
CA ILE P 399 29.84 14.34 1.63
C ILE P 399 31.04 13.49 2.06
N SER P 400 31.68 12.81 1.11
CA SER P 400 32.87 12.03 1.43
C SER P 400 34.07 12.91 1.76
N ILE P 401 34.08 14.18 1.34
CA ILE P 401 35.22 15.04 1.65
C ILE P 401 35.08 15.67 3.03
N THR P 402 33.94 16.31 3.31
CA THR P 402 33.81 17.11 4.51
C THR P 402 33.66 16.25 5.75
N ASP P 403 33.81 16.89 6.91
CA ASP P 403 33.69 16.18 8.17
C ASP P 403 32.23 15.94 8.51
N GLY P 404 31.48 17.01 8.77
CA GLY P 404 30.10 16.89 9.14
C GLY P 404 29.16 17.08 7.97
N GLN P 405 27.87 16.99 8.30
CA GLN P 405 26.79 17.22 7.34
C GLN P 405 25.68 17.97 8.05
N ILE P 406 25.01 18.86 7.33
CA ILE P 406 23.82 19.54 7.81
C ILE P 406 22.78 19.34 6.71
N PHE P 407 21.82 18.48 6.96
CA PHE P 407 20.81 18.15 5.96
C PHE P 407 19.57 19.00 6.20
N LEU P 408 19.06 19.62 5.15
CA LEU P 408 17.88 20.48 5.22
C LEU P 408 16.81 19.91 4.30
N GLU P 409 15.82 19.25 4.89
CA GLU P 409 14.76 18.62 4.14
C GLU P 409 13.65 19.62 3.86
N THR P 410 13.00 19.47 2.70
CA THR P 410 11.95 20.41 2.33
C THR P 410 10.60 20.02 2.90
N GLU P 411 10.48 18.84 3.51
CA GLU P 411 9.26 18.49 4.22
C GLU P 411 9.32 18.91 5.68
N LEU P 412 10.51 18.97 6.27
CA LEU P 412 10.64 19.57 7.59
C LEU P 412 10.52 21.08 7.52
N PHE P 413 10.88 21.67 6.39
CA PHE P 413 10.79 23.13 6.24
C PHE P 413 9.35 23.59 6.22
N TYR P 414 8.48 22.83 5.58
CA TYR P 414 7.08 23.23 5.47
C TYR P 414 6.23 22.75 6.63
N LYS P 415 6.80 21.97 7.55
CA LYS P 415 6.13 21.62 8.79
C LYS P 415 6.42 22.60 9.91
N GLY P 416 6.97 23.77 9.60
CA GLY P 416 7.25 24.78 10.59
C GLY P 416 8.63 24.68 11.22
N ILE P 417 9.34 23.57 11.02
CA ILE P 417 10.66 23.38 11.63
C ILE P 417 11.65 24.22 10.84
N ARG P 418 12.00 25.38 11.38
CA ARG P 418 12.98 26.27 10.75
C ARG P 418 14.08 26.57 11.77
N PRO P 419 15.35 26.22 11.50
CA PRO P 419 15.94 25.56 10.33
C PRO P 419 15.55 24.10 10.20
N ALA P 420 15.42 23.63 8.96
CA ALA P 420 14.87 22.31 8.68
C ALA P 420 15.91 21.20 8.84
N LEU P 421 16.54 21.14 10.01
CA LEU P 421 17.62 20.20 10.26
C LEU P 421 17.07 18.78 10.32
N ASN P 422 17.59 17.91 9.45
CA ASN P 422 17.25 16.49 9.48
C ASN P 422 18.11 15.85 10.55
N VAL P 423 17.53 15.64 11.73
CA VAL P 423 18.31 15.28 12.91
C VAL P 423 18.81 13.85 12.87
N GLY P 424 18.16 12.98 12.08
CA GLY P 424 18.65 11.63 11.90
C GLY P 424 19.72 11.49 10.84
N LEU P 425 19.96 12.54 10.06
CA LEU P 425 20.94 12.51 8.99
C LEU P 425 22.06 13.52 9.14
N SER P 426 21.89 14.55 9.96
CA SER P 426 22.93 15.55 10.17
C SER P 426 23.94 15.03 11.17
N VAL P 427 25.16 14.75 10.69
CA VAL P 427 26.22 14.13 11.47
C VAL P 427 27.34 15.18 11.60
N SER P 428 28.13 15.05 12.67
CA SER P 428 29.40 15.76 12.78
C SER P 428 30.45 14.81 13.30
N ARG P 429 31.70 14.99 12.84
CA ARG P 429 32.77 14.08 13.21
C ARG P 429 33.28 14.33 14.62
N VAL P 430 33.23 15.57 15.08
CA VAL P 430 33.86 15.90 16.36
C VAL P 430 33.00 15.42 17.53
N GLY P 431 31.70 15.73 17.51
CA GLY P 431 30.83 15.43 18.62
C GLY P 431 31.22 16.19 19.87
N SER P 432 31.81 15.49 20.83
CA SER P 432 32.37 16.14 22.01
C SER P 432 33.69 16.83 21.66
N ALA P 433 34.23 17.55 22.64
CA ALA P 433 35.50 18.30 22.58
C ALA P 433 35.52 19.38 21.50
N ALA P 434 34.35 19.77 20.99
CA ALA P 434 34.26 20.91 20.07
C ALA P 434 33.03 21.74 20.33
N GLN P 435 32.34 21.57 21.45
CA GLN P 435 31.16 22.37 21.76
C GLN P 435 31.30 22.95 23.16
N PHE P 436 30.29 23.73 23.51
CA PHE P 436 30.23 24.35 24.83
C PHE P 436 30.12 23.25 25.89
N PRO P 437 30.94 23.30 26.95
CA PRO P 437 30.83 22.28 28.01
C PRO P 437 29.50 22.31 28.75
N GLY P 438 28.86 23.48 28.82
CA GLY P 438 27.51 23.52 29.34
C GLY P 438 26.51 22.87 28.41
N MET P 439 26.68 23.08 27.10
CA MET P 439 25.79 22.47 26.11
C MET P 439 26.02 20.96 26.01
N LYS P 440 27.22 20.49 26.34
CA LYS P 440 27.51 19.07 26.24
C LYS P 440 26.77 18.27 27.31
N GLN P 441 26.56 18.86 28.49
CA GLN P 441 25.78 18.20 29.53
C GLN P 441 24.30 18.16 29.20
N VAL P 442 23.80 19.14 28.47
CA VAL P 442 22.36 19.28 28.22
C VAL P 442 21.92 18.59 26.93
N ALA P 443 22.72 18.65 25.87
CA ALA P 443 22.29 18.21 24.56
C ALA P 443 22.39 16.71 24.35
N GLY P 444 23.00 15.96 25.28
CA GLY P 444 22.95 14.51 25.18
C GLY P 444 21.56 13.96 25.44
N THR P 445 20.87 14.53 26.44
CA THR P 445 19.48 14.21 26.73
C THR P 445 18.53 14.73 25.66
N LEU P 446 18.99 15.64 24.80
CA LEU P 446 18.27 16.06 23.61
C LEU P 446 18.49 15.12 22.44
N LYS P 447 19.74 14.73 22.20
CA LYS P 447 20.09 13.79 21.14
C LYS P 447 19.46 12.43 21.35
N LEU P 448 19.35 12.00 22.61
CA LEU P 448 18.72 10.71 22.89
C LEU P 448 17.21 10.79 22.76
N GLU P 449 16.61 11.87 23.26
CA GLU P 449 15.16 11.91 23.33
C GLU P 449 14.54 12.29 21.99
N LEU P 450 15.27 12.98 21.12
CA LEU P 450 14.79 13.12 19.74
C LEU P 450 14.83 11.78 19.00
N ALA P 451 15.80 10.92 19.32
CA ALA P 451 15.83 9.59 18.74
C ALA P 451 14.69 8.73 19.28
N GLN P 452 14.34 8.91 20.56
CA GLN P 452 13.16 8.28 21.12
C GLN P 452 11.89 8.79 20.45
N TYR P 453 11.85 10.07 20.08
CA TYR P 453 10.69 10.64 19.41
C TYR P 453 10.57 10.12 17.98
N ARG P 454 11.68 9.91 17.29
CA ARG P 454 11.63 9.54 15.89
C ARG P 454 11.24 8.08 15.68
N GLU P 455 11.64 7.20 16.59
CA GLU P 455 11.30 5.78 16.44
C GLU P 455 9.89 5.47 16.93
N VAL P 456 9.19 6.46 17.49
CA VAL P 456 7.81 6.29 17.96
C VAL P 456 6.86 6.87 16.92
N ALA P 457 7.24 8.02 16.34
CA ALA P 457 6.38 8.78 15.44
C ALA P 457 6.11 8.09 14.11
N ALA P 458 6.79 6.97 13.81
CA ALA P 458 6.43 6.12 12.68
C ALA P 458 5.28 5.16 13.02
N PHE P 459 4.66 5.32 14.18
CA PHE P 459 3.49 4.59 14.62
C PHE P 459 2.41 5.57 15.05
N ALA P 460 2.24 6.64 14.26
CA ALA P 460 1.32 7.72 14.61
C ALA P 460 0.04 7.67 13.80
N GLN P 461 -0.28 6.51 13.21
CA GLN P 461 -1.54 6.32 12.51
C GLN P 461 -2.61 5.71 13.38
N PHE P 462 -2.25 5.08 14.50
CA PHE P 462 -3.20 4.36 15.34
C PHE P 462 -3.51 5.11 16.62
N GLY P 463 -2.49 5.48 17.40
CA GLY P 463 -2.70 6.23 18.62
C GLY P 463 -3.13 5.41 19.81
N SER P 464 -2.59 4.20 19.98
CA SER P 464 -2.96 3.37 21.11
C SER P 464 -2.38 3.91 22.42
N ASP P 465 -1.30 4.68 22.34
CA ASP P 465 -0.66 5.39 23.47
C ASP P 465 -0.23 4.41 24.56
N LEU P 466 0.75 3.59 24.18
CA LEU P 466 1.11 2.39 24.95
C LEU P 466 1.68 2.74 26.31
N ASP P 467 0.93 2.36 27.36
CA ASP P 467 1.28 2.47 28.78
C ASP P 467 1.66 3.88 29.23
N ALA P 468 1.15 4.90 28.51
CA ALA P 468 1.51 6.32 28.68
C ALA P 468 3.02 6.55 28.65
N ALA P 469 3.73 5.74 27.86
CA ALA P 469 5.16 5.89 27.66
C ALA P 469 5.50 6.28 26.23
N THR P 470 4.93 5.58 25.25
CA THR P 470 5.01 6.03 23.87
C THR P 470 4.24 7.34 23.65
N GLN P 471 3.23 7.60 24.49
CA GLN P 471 2.56 8.89 24.46
C GLN P 471 3.46 9.97 25.08
N TYR P 472 4.20 9.64 26.14
CA TYR P 472 5.00 10.64 26.84
C TYR P 472 6.23 11.05 26.03
N VAL P 473 6.86 10.10 25.34
CA VAL P 473 8.10 10.41 24.64
C VAL P 473 7.83 11.26 23.41
N LEU P 474 6.67 11.10 22.76
CA LEU P 474 6.34 12.03 21.69
C LEU P 474 5.89 13.37 22.25
N GLU P 475 5.28 13.37 23.42
CA GLU P 475 4.84 14.60 24.08
C GLU P 475 6.00 15.38 24.69
N ARG P 476 7.20 14.79 24.72
CA ARG P 476 8.43 15.52 25.01
C ARG P 476 9.22 15.84 23.74
N GLY P 477 9.22 14.93 22.76
CA GLY P 477 9.95 15.16 21.53
C GLY P 477 9.35 16.24 20.66
N ALA P 478 8.02 16.39 20.68
CA ALA P 478 7.38 17.51 20.00
C ALA P 478 7.76 18.83 20.66
N ARG P 479 7.89 18.84 21.99
CA ARG P 479 8.41 20.01 22.67
C ARG P 479 9.85 20.30 22.31
N LEU P 480 10.67 19.28 22.11
CA LEU P 480 12.07 19.51 21.76
C LEU P 480 12.21 20.05 20.34
N THR P 481 11.44 19.50 19.39
CA THR P 481 11.49 20.01 18.02
C THR P 481 10.90 21.42 17.92
N GLU P 482 9.87 21.72 18.71
CA GLU P 482 9.38 23.08 18.75
C GLU P 482 10.33 24.02 19.49
N MET P 483 11.14 23.48 20.40
CA MET P 483 12.17 24.28 21.05
C MET P 483 13.26 24.66 20.06
N LEU P 484 13.65 23.74 19.19
CA LEU P 484 14.78 23.94 18.28
C LEU P 484 14.50 24.94 17.16
N LYS P 485 13.26 25.37 16.96
CA LYS P 485 12.98 26.35 15.92
C LYS P 485 13.46 27.73 16.35
N GLN P 486 13.85 28.54 15.36
CA GLN P 486 14.23 29.92 15.62
C GLN P 486 14.03 30.75 14.35
N LYS P 487 14.14 32.06 14.51
CA LYS P 487 13.91 33.00 13.41
C LYS P 487 15.14 33.09 12.52
N GLN P 488 15.10 34.00 11.56
CA GLN P 488 16.16 34.21 10.59
C GLN P 488 16.82 35.56 10.85
N PHE P 489 18.14 35.61 10.60
CA PHE P 489 18.99 36.80 10.80
C PHE P 489 18.98 37.27 12.25
N ALA P 490 18.79 36.34 13.18
CA ALA P 490 18.80 36.64 14.61
C ALA P 490 19.48 35.50 15.34
N PRO P 491 20.81 35.49 15.38
CA PRO P 491 21.52 34.40 16.07
C PRO P 491 21.54 34.62 17.57
N ILE P 492 21.64 33.51 18.30
CA ILE P 492 21.57 33.51 19.75
C ILE P 492 22.96 33.27 20.31
N PRO P 493 23.35 33.94 21.39
CA PRO P 493 24.57 33.54 22.09
C PRO P 493 24.40 32.17 22.73
N ILE P 494 25.53 31.52 22.97
CA ILE P 494 25.52 30.09 23.32
C ILE P 494 24.97 29.88 24.74
N GLU P 495 25.12 30.87 25.63
CA GLU P 495 24.59 30.75 26.97
C GLU P 495 23.07 30.79 26.97
N ARG P 496 22.48 31.65 26.14
CA ARG P 496 21.03 31.69 26.00
C ARG P 496 20.48 30.51 25.22
N GLN P 497 21.34 29.74 24.55
CA GLN P 497 20.89 28.49 23.97
C GLN P 497 20.91 27.37 25.01
N THR P 498 22.01 27.25 25.76
CA THR P 498 22.09 26.16 26.72
C THR P 498 21.27 26.40 27.97
N VAL P 499 20.76 27.62 28.18
CA VAL P 499 19.69 27.80 29.16
C VAL P 499 18.36 27.34 28.57
N ALA P 500 18.14 27.57 27.27
CA ALA P 500 16.87 27.25 26.65
C ALA P 500 16.66 25.75 26.46
N VAL P 501 17.75 24.99 26.23
CA VAL P 501 17.62 23.54 26.18
C VAL P 501 17.60 22.95 27.59
N TYR P 502 18.13 23.68 28.57
CA TYR P 502 18.02 23.28 29.97
C TYR P 502 16.57 23.30 30.44
N ALA P 503 15.76 24.21 29.88
CA ALA P 503 14.36 24.30 30.24
C ALA P 503 13.48 23.29 29.51
N ALA P 504 14.05 22.37 28.74
CA ALA P 504 13.25 21.40 28.02
C ALA P 504 13.74 19.98 28.25
N THR P 505 15.05 19.81 28.45
CA THR P 505 15.58 18.49 28.79
C THR P 505 15.24 18.12 30.23
N LYS P 506 15.17 19.12 31.10
CA LYS P 506 14.57 19.01 32.43
C LYS P 506 13.07 19.22 32.30
N GLY P 507 12.41 19.56 33.40
CA GLY P 507 11.00 19.87 33.33
C GLY P 507 10.76 21.26 32.78
N PHE P 508 9.97 22.07 33.48
CA PHE P 508 9.75 23.51 33.28
C PHE P 508 8.96 23.84 32.02
N LEU P 509 8.68 22.87 31.15
CA LEU P 509 7.87 23.12 29.96
C LEU P 509 6.85 22.02 29.72
N ASP P 510 6.70 21.06 30.63
CA ASP P 510 5.70 20.01 30.46
C ASP P 510 4.29 20.50 30.68
N LYS P 511 4.13 21.71 31.20
CA LYS P 511 2.85 22.31 31.52
C LYS P 511 2.25 23.10 30.36
N VAL P 512 3.00 23.29 29.27
CA VAL P 512 2.55 24.13 28.16
C VAL P 512 2.20 23.24 26.99
N ARG P 513 1.41 23.79 26.06
CA ARG P 513 1.16 23.09 24.82
C ARG P 513 2.35 23.23 23.89
N VAL P 514 2.35 22.44 22.81
CA VAL P 514 3.44 22.51 21.84
C VAL P 514 3.30 23.69 20.88
N GLN P 515 2.24 24.48 20.99
CA GLN P 515 2.00 25.56 20.06
C GLN P 515 2.63 26.88 20.49
N ASP P 516 3.18 26.98 21.69
CA ASP P 516 3.68 28.25 22.19
C ASP P 516 5.04 28.11 22.89
N ILE P 517 5.79 27.06 22.57
CA ILE P 517 7.12 26.92 23.13
C ILE P 517 8.10 27.90 22.50
N VAL P 518 7.83 28.36 21.28
CA VAL P 518 8.66 29.41 20.70
C VAL P 518 8.43 30.76 21.37
N ALA P 519 7.31 30.92 22.08
CA ALA P 519 7.11 32.07 22.94
C ALA P 519 7.45 31.76 24.40
N ALA P 520 7.34 30.50 24.81
CA ALA P 520 7.73 30.12 26.15
C ALA P 520 9.23 30.23 26.36
N GLU P 521 10.03 29.93 25.33
CA GLU P 521 11.47 30.12 25.47
C GLU P 521 11.86 31.58 25.38
N GLU P 522 11.04 32.41 24.71
CA GLU P 522 11.24 33.85 24.77
C GLU P 522 10.93 34.38 26.17
N ALA P 523 9.91 33.80 26.81
CA ALA P 523 9.62 34.10 28.21
C ALA P 523 10.74 33.63 29.13
N VAL P 524 11.38 32.50 28.79
CA VAL P 524 12.46 31.98 29.62
C VAL P 524 13.69 32.88 29.52
N ILE P 525 14.11 33.22 28.31
CA ILE P 525 15.31 34.03 28.14
C ILE P 525 15.06 35.48 28.57
N SER P 526 13.81 35.95 28.42
CA SER P 526 13.52 37.34 28.71
C SER P 526 13.33 37.61 30.20
N GLN P 527 12.96 36.59 30.99
CA GLN P 527 12.60 36.83 32.38
C GLN P 527 13.53 36.19 33.39
N VAL P 528 14.32 35.17 33.00
CA VAL P 528 15.43 34.75 33.84
C VAL P 528 16.45 35.87 33.88
N ASN P 529 16.95 36.17 35.09
CA ASN P 529 17.84 37.30 35.33
C ASN P 529 19.12 37.14 34.51
N PRO P 530 19.56 38.18 33.78
CA PRO P 530 20.72 38.04 32.89
C PRO P 530 22.06 37.83 33.58
N ALA P 531 22.13 37.74 34.91
CA ALA P 531 23.37 37.35 35.55
C ALA P 531 23.66 35.86 35.46
N VAL P 532 22.67 35.04 35.08
CA VAL P 532 22.93 33.62 34.84
C VAL P 532 23.80 33.45 33.59
N PHE P 533 23.56 34.26 32.57
CA PHE P 533 24.27 34.12 31.31
C PHE P 533 25.73 34.51 31.43
N LYS P 534 26.03 35.48 32.28
CA LYS P 534 27.42 35.89 32.48
C LYS P 534 28.22 34.81 33.20
N ILE P 535 27.63 34.18 34.22
CA ILE P 535 28.27 33.08 34.92
C ILE P 535 28.43 31.86 34.02
N LEU P 536 27.42 31.58 33.19
CA LEU P 536 27.50 30.41 32.32
C LEU P 536 28.47 30.62 31.16
N LYS P 537 28.63 31.86 30.71
CA LYS P 537 29.65 32.14 29.69
C LYS P 537 31.04 32.11 30.30
N ALA P 538 31.21 32.65 31.51
CA ALA P 538 32.53 32.69 32.12
C ALA P 538 32.98 31.35 32.66
N ASN P 539 32.05 30.44 32.92
CA ASN P 539 32.45 29.11 33.39
C ASN P 539 32.64 28.15 32.23
N GLY P 540 31.74 28.20 31.24
CA GLY P 540 31.71 27.25 30.15
C GLY P 540 30.83 26.05 30.41
N LYS P 541 30.78 25.58 31.65
CA LYS P 541 29.88 24.53 32.08
C LYS P 541 28.97 25.10 33.16
N ILE P 542 28.04 24.28 33.64
CA ILE P 542 27.21 24.67 34.78
C ILE P 542 27.94 24.17 36.03
N THR P 543 28.38 25.12 36.85
CA THR P 543 28.91 24.80 38.15
C THR P 543 27.76 24.30 39.04
N PRO P 544 28.07 23.50 40.08
CA PRO P 544 26.99 23.01 40.96
C PRO P 544 26.27 24.09 41.74
N ALA P 545 26.84 25.29 41.84
CA ALA P 545 26.10 26.45 42.33
C ALA P 545 25.25 27.10 41.26
N LEU P 546 25.44 26.75 39.98
CA LEU P 546 24.72 27.39 38.89
C LEU P 546 23.49 26.65 38.42
N ASP P 547 23.53 25.31 38.37
CA ASP P 547 22.31 24.57 38.06
C ASP P 547 21.30 24.69 39.20
N ALA P 548 21.78 24.92 40.41
CA ALA P 548 20.90 25.23 41.55
C ALA P 548 20.14 26.53 41.32
N HIS P 549 20.84 27.60 40.99
CA HIS P 549 20.20 28.88 40.74
C HIS P 549 19.38 28.87 39.46
N LEU P 550 19.75 28.02 38.50
CA LEU P 550 19.00 27.94 37.26
C LEU P 550 17.69 27.17 37.45
N LYS P 551 17.72 26.09 38.23
CA LYS P 551 16.47 25.47 38.66
C LYS P 551 15.67 26.35 39.60
N ALA P 552 16.32 27.27 40.30
CA ALA P 552 15.60 28.23 41.12
C ALA P 552 14.84 29.23 40.27
N GLU P 553 15.50 29.80 39.26
CA GLU P 553 14.89 30.88 38.48
C GLU P 553 14.03 30.39 37.32
N LEU P 554 14.02 29.11 37.01
CA LEU P 554 13.08 28.63 36.00
C LEU P 554 11.71 28.32 36.58
N ARG P 555 11.52 28.44 37.90
CA ARG P 555 10.21 28.51 38.50
C ARG P 555 9.85 29.90 38.96
N LYS P 556 10.82 30.82 39.01
CA LYS P 556 10.57 32.20 39.36
C LYS P 556 9.92 33.00 38.23
N VAL P 557 9.92 32.47 37.00
CA VAL P 557 9.40 33.18 35.85
C VAL P 557 7.96 32.75 35.61
N LYS P 558 7.19 33.63 34.97
CA LYS P 558 5.82 33.35 34.60
C LYS P 558 5.79 33.16 33.08
N LEU P 559 5.72 31.90 32.67
CA LEU P 559 5.58 31.58 31.26
C LEU P 559 4.11 31.56 30.87
N PRO P 560 3.73 32.18 29.74
CA PRO P 560 2.32 32.33 29.40
C PRO P 560 1.66 31.10 28.81
N GLY P 561 2.31 29.94 28.85
CA GLY P 561 1.71 28.74 28.28
C GLY P 561 0.57 28.18 29.10
N ALA P 562 -0.64 28.29 28.56
CA ALA P 562 -1.82 27.76 29.22
C ALA P 562 -2.55 26.79 28.30
N LYS Q 43 67.92 18.67 -37.96
CA LYS Q 43 66.96 19.06 -36.95
C LYS Q 43 65.88 19.94 -37.58
N ALA Q 44 66.20 20.49 -38.75
CA ALA Q 44 65.31 21.42 -39.42
C ALA Q 44 64.07 20.73 -40.00
N LEU Q 45 64.09 19.41 -40.16
CA LEU Q 45 62.94 18.67 -40.65
C LEU Q 45 62.21 17.90 -39.54
N ASP Q 46 62.43 18.27 -38.28
CA ASP Q 46 61.68 17.63 -37.22
C ASP Q 46 60.24 18.12 -37.14
N GLU Q 47 59.97 19.30 -37.70
CA GLU Q 47 58.63 19.87 -37.70
C GLU Q 47 57.71 19.20 -38.71
N LEU Q 48 58.26 18.42 -39.64
CA LEU Q 48 57.48 17.81 -40.72
C LEU Q 48 57.45 16.30 -40.63
N ARG Q 49 57.87 15.71 -39.51
CA ARG Q 49 57.96 14.27 -39.39
C ARG Q 49 56.61 13.58 -39.18
N LYS Q 50 55.54 14.35 -39.02
CA LYS Q 50 54.20 13.78 -39.01
C LYS Q 50 53.26 14.89 -39.45
N PRO Q 51 52.48 14.68 -40.51
CA PRO Q 51 51.58 15.73 -40.98
C PRO Q 51 50.22 15.69 -40.29
N LYS Q 52 49.68 16.88 -40.08
CA LYS Q 52 48.39 17.05 -39.43
C LYS Q 52 47.59 18.07 -40.24
N PHE Q 53 46.45 17.65 -40.76
CA PHE Q 53 45.67 18.53 -41.64
C PHE Q 53 44.19 18.22 -41.48
N SER Q 54 43.38 19.15 -41.97
CA SER Q 54 41.95 18.94 -42.15
C SER Q 54 41.73 18.25 -43.49
N SER Q 55 40.47 18.21 -43.95
CA SER Q 55 40.07 17.68 -45.25
C SER Q 55 40.45 16.20 -45.39
N LYS Q 56 39.74 15.37 -44.62
CA LYS Q 56 39.78 13.91 -44.66
C LYS Q 56 39.75 13.34 -46.07
N TYR Q 57 39.01 13.99 -46.97
CA TYR Q 57 39.08 13.68 -48.40
C TYR Q 57 40.14 14.57 -49.06
N LEU Q 58 41.38 14.33 -48.64
CA LEU Q 58 42.51 15.03 -49.26
C LEU Q 58 42.92 14.35 -50.56
N ILE Q 59 42.78 13.03 -50.62
CA ILE Q 59 43.18 12.26 -51.80
C ILE Q 59 42.28 12.61 -52.99
N GLN Q 60 41.04 13.03 -52.73
CA GLN Q 60 40.17 13.47 -53.82
C GLN Q 60 40.65 14.77 -54.42
N HIS Q 61 41.08 15.72 -53.58
CA HIS Q 61 41.60 16.99 -54.08
C HIS Q 61 42.98 16.84 -54.70
N VAL Q 62 43.74 15.82 -54.33
CA VAL Q 62 44.99 15.56 -55.03
C VAL Q 62 44.72 14.85 -56.36
N SER Q 63 43.72 13.99 -56.42
CA SER Q 63 43.43 13.28 -57.66
C SER Q 63 42.68 14.14 -58.67
N GLN Q 64 42.06 15.23 -58.23
CA GLN Q 64 41.49 16.18 -59.17
C GLN Q 64 42.52 17.18 -59.68
N LYS Q 65 43.76 17.09 -59.21
CA LYS Q 65 44.86 17.86 -59.76
C LYS Q 65 45.90 17.01 -60.47
N LEU Q 66 46.00 15.73 -60.13
CA LEU Q 66 47.08 14.89 -60.68
C LEU Q 66 46.71 14.19 -61.98
N ILE Q 67 45.48 13.71 -62.13
CA ILE Q 67 45.09 13.12 -63.41
C ILE Q 67 44.97 14.13 -64.56
N PRO Q 68 44.76 15.45 -64.39
CA PRO Q 68 45.01 16.32 -65.54
C PRO Q 68 46.46 16.73 -65.72
N ALA Q 69 47.37 16.28 -64.86
CA ALA Q 69 48.80 16.50 -65.14
C ALA Q 69 49.31 15.50 -66.16
N VAL Q 70 48.61 14.39 -66.33
CA VAL Q 70 48.88 13.45 -67.41
C VAL Q 70 48.49 14.12 -68.73
N LYS Q 71 49.40 14.09 -69.71
CA LYS Q 71 49.15 14.75 -70.98
C LYS Q 71 48.14 14.00 -71.84
N GLU Q 72 47.77 12.78 -71.46
CA GLU Q 72 46.73 12.03 -72.16
C GLU Q 72 45.33 12.40 -71.68
N TRP Q 73 45.17 12.75 -70.40
CA TRP Q 73 43.85 12.88 -69.80
C TRP Q 73 43.44 14.34 -69.57
N GLU Q 74 44.02 15.27 -70.32
CA GLU Q 74 43.38 16.57 -70.55
C GLU Q 74 42.44 16.52 -71.75
N LYS Q 75 42.19 15.34 -72.30
CA LYS Q 75 41.33 15.15 -73.46
C LYS Q 75 39.88 14.87 -73.03
N SER Q 76 39.32 15.88 -72.35
CA SER Q 76 37.94 15.86 -71.83
C SER Q 76 37.71 14.70 -70.85
N TYR Q 77 38.71 14.48 -69.98
CA TYR Q 77 38.56 13.53 -68.88
C TYR Q 77 38.43 14.30 -67.57
N GLN Q 78 37.35 15.11 -67.49
CA GLN Q 78 37.17 15.95 -66.31
C GLN Q 78 36.20 15.32 -65.33
N PRO Q 79 36.46 15.44 -64.03
CA PRO Q 79 35.43 15.11 -63.05
C PRO Q 79 34.44 16.26 -62.93
N PRO Q 80 33.15 16.01 -63.19
CA PRO Q 80 32.15 17.08 -63.10
C PRO Q 80 31.85 17.41 -61.65
N VAL Q 81 32.11 18.66 -61.26
CA VAL Q 81 32.03 19.07 -59.86
C VAL Q 81 31.28 20.36 -59.64
N ILE Q 82 30.62 20.93 -60.65
CA ILE Q 82 29.88 22.16 -60.44
C ILE Q 82 28.44 21.83 -60.09
N HIS Q 83 27.74 21.19 -61.02
CA HIS Q 83 26.36 20.77 -60.78
C HIS Q 83 26.23 19.27 -60.68
N LEU Q 84 27.34 18.54 -60.63
CA LEU Q 84 27.34 17.10 -60.46
C LEU Q 84 28.20 16.74 -59.26
N GLY Q 85 28.24 15.45 -58.94
CA GLY Q 85 29.03 15.03 -57.81
C GLY Q 85 29.15 13.52 -57.66
N ARG Q 86 30.28 13.06 -57.13
CA ARG Q 86 30.53 11.65 -56.92
C ARG Q 86 30.27 11.29 -55.47
N VAL Q 87 29.69 10.11 -55.25
CA VAL Q 87 29.48 9.62 -53.89
C VAL Q 87 30.81 9.19 -53.30
N LEU Q 88 31.17 9.76 -52.16
CA LEU Q 88 32.33 9.28 -51.42
C LEU Q 88 31.96 8.06 -50.59
N SER Q 89 31.05 8.25 -49.64
CA SER Q 89 30.59 7.20 -48.75
C SER Q 89 29.08 7.08 -48.88
N VAL Q 90 28.57 5.88 -48.64
CA VAL Q 90 27.15 5.66 -48.53
C VAL Q 90 26.92 4.54 -47.51
N GLY Q 91 25.95 4.75 -46.64
CA GLY Q 91 25.66 3.80 -45.59
C GLY Q 91 24.77 4.42 -44.54
N ASP Q 92 23.93 3.58 -43.92
CA ASP Q 92 22.83 3.90 -43.01
C ASP Q 92 22.03 5.15 -43.40
N GLY Q 93 21.67 5.26 -44.68
CA GLY Q 93 20.77 6.30 -45.14
C GLY Q 93 21.37 7.68 -45.28
N ILE Q 94 22.69 7.81 -45.22
CA ILE Q 94 23.38 9.07 -45.45
C ILE Q 94 24.47 8.81 -46.47
N ALA Q 95 24.44 9.55 -47.58
CA ALA Q 95 25.48 9.48 -48.60
C ALA Q 95 26.32 10.75 -48.54
N ARG Q 96 27.64 10.59 -48.48
CA ARG Q 96 28.56 11.71 -48.54
C ARG Q 96 29.02 11.87 -49.97
N VAL Q 97 28.89 13.08 -50.50
CA VAL Q 97 29.01 13.33 -51.93
C VAL Q 97 30.08 14.39 -52.16
N TYR Q 98 31.12 14.02 -52.90
CA TYR Q 98 32.13 14.99 -53.31
C TYR Q 98 31.57 15.92 -54.37
N GLY Q 99 32.15 17.10 -54.48
CA GLY Q 99 31.73 18.03 -55.51
C GLY Q 99 30.45 18.73 -55.13
N LEU Q 100 29.55 18.90 -56.11
CA LEU Q 100 28.29 19.64 -55.97
C LEU Q 100 28.53 21.04 -55.40
N LYS Q 101 29.44 21.76 -56.04
CA LYS Q 101 29.90 23.03 -55.50
C LYS Q 101 28.86 24.15 -55.64
N SER Q 102 27.79 23.92 -56.39
CA SER Q 102 26.73 24.91 -56.55
C SER Q 102 25.41 24.44 -55.95
N VAL Q 103 25.42 23.39 -55.14
CA VAL Q 103 24.18 22.88 -54.57
C VAL Q 103 23.77 23.77 -53.40
N GLN Q 104 22.46 23.91 -53.23
CA GLN Q 104 21.91 24.69 -52.14
C GLN Q 104 21.66 23.80 -50.93
N ALA Q 105 21.58 24.42 -49.76
CA ALA Q 105 21.21 23.69 -48.56
C ALA Q 105 19.72 23.34 -48.63
N GLY Q 106 19.41 22.08 -48.35
CA GLY Q 106 18.03 21.63 -48.40
C GLY Q 106 17.52 21.34 -49.79
N GLU Q 107 18.40 21.25 -50.78
CA GLU Q 107 17.98 21.07 -52.16
C GLU Q 107 17.82 19.59 -52.48
N LEU Q 108 16.74 19.26 -53.17
CA LEU Q 108 16.49 17.90 -53.66
C LEU Q 108 17.52 17.57 -54.74
N VAL Q 109 18.39 16.61 -54.46
CA VAL Q 109 19.31 16.11 -55.47
C VAL Q 109 18.83 14.75 -55.93
N CYS Q 110 19.36 14.29 -57.06
CA CYS Q 110 18.95 13.03 -57.66
C CYS Q 110 20.17 12.20 -57.98
N PHE Q 111 20.23 10.99 -57.44
CA PHE Q 111 21.29 10.05 -57.75
C PHE Q 111 21.10 9.47 -59.13
N ASP Q 112 22.15 8.87 -59.67
CA ASP Q 112 22.07 8.27 -60.99
C ASP Q 112 21.23 7.00 -61.01
N SER Q 113 21.01 6.38 -59.85
CA SER Q 113 20.13 5.22 -59.76
C SER Q 113 18.67 5.58 -59.92
N GLY Q 114 18.31 6.85 -59.72
CA GLY Q 114 16.93 7.29 -59.77
C GLY Q 114 16.37 7.65 -58.41
N VAL Q 115 17.00 7.20 -57.34
CA VAL Q 115 16.58 7.54 -55.99
C VAL Q 115 16.99 8.99 -55.70
N LYS Q 116 16.09 9.74 -55.09
CA LYS Q 116 16.36 11.14 -54.82
C LYS Q 116 16.93 11.31 -53.42
N GLY Q 117 17.45 12.50 -53.16
CA GLY Q 117 18.07 12.78 -51.89
C GLY Q 117 17.88 14.22 -51.47
N MET Q 118 18.61 14.68 -50.47
CA MET Q 118 18.47 16.04 -49.99
C MET Q 118 19.80 16.50 -49.43
N ALA Q 119 20.33 17.59 -49.99
CA ALA Q 119 21.59 18.16 -49.50
C ALA Q 119 21.35 18.76 -48.13
N LEU Q 120 21.72 18.04 -47.09
CA LEU Q 120 21.49 18.50 -45.73
C LEU Q 120 22.69 19.25 -45.18
N ASN Q 121 23.84 18.58 -45.09
CA ASN Q 121 25.06 19.20 -44.61
C ASN Q 121 25.90 19.56 -45.83
N LEU Q 122 25.96 20.85 -46.13
CA LEU Q 122 26.94 21.37 -47.06
C LEU Q 122 28.21 21.58 -46.27
N GLN Q 123 29.24 20.78 -46.54
CA GLN Q 123 30.51 20.90 -45.84
C GLN Q 123 31.55 21.52 -46.77
N ALA Q 124 32.75 21.76 -46.22
CA ALA Q 124 33.79 22.43 -46.97
C ALA Q 124 34.36 21.57 -48.09
N ASP Q 125 34.37 20.25 -47.91
CA ASP Q 125 34.95 19.35 -48.88
C ASP Q 125 33.98 18.31 -49.42
N HIS Q 126 32.75 18.24 -48.92
CA HIS Q 126 31.77 17.29 -49.41
C HIS Q 126 30.38 17.82 -49.11
N VAL Q 127 29.36 17.09 -49.54
CA VAL Q 127 27.97 17.39 -49.25
C VAL Q 127 27.36 16.18 -48.57
N GLY Q 128 26.76 16.39 -47.41
CA GLY Q 128 26.05 15.32 -46.74
C GLY Q 128 24.64 15.17 -47.25
N VAL Q 129 24.37 14.13 -48.02
CA VAL Q 129 23.09 13.94 -48.70
C VAL Q 129 22.30 12.89 -47.94
N VAL Q 130 21.04 13.20 -47.67
CA VAL Q 130 20.14 12.30 -46.96
C VAL Q 130 19.25 11.61 -47.98
N VAL Q 131 19.31 10.29 -48.03
CA VAL Q 131 18.74 9.50 -49.12
C VAL Q 131 17.26 9.28 -48.87
N PHE Q 132 16.44 9.55 -49.88
CA PHE Q 132 14.98 9.43 -49.78
C PHE Q 132 14.49 8.11 -50.32
N GLY Q 133 15.24 7.03 -50.08
CA GLY Q 133 14.80 5.72 -50.48
C GLY Q 133 15.69 4.66 -49.90
N ASN Q 134 15.67 3.49 -50.54
CA ASN Q 134 16.58 2.42 -50.16
C ASN Q 134 17.99 2.78 -50.61
N ASP Q 135 18.92 2.82 -49.68
CA ASP Q 135 20.29 3.22 -49.98
C ASP Q 135 21.13 2.09 -50.58
N SER Q 136 20.55 0.91 -50.78
CA SER Q 136 21.28 -0.21 -51.34
C SER Q 136 21.56 -0.06 -52.83
N VAL Q 137 20.90 0.89 -53.50
CA VAL Q 137 21.11 1.11 -54.93
C VAL Q 137 22.11 2.23 -55.18
N ILE Q 138 22.82 2.68 -54.16
CA ILE Q 138 23.82 3.73 -54.27
C ILE Q 138 25.18 3.14 -53.96
N HIS Q 139 26.16 3.44 -54.80
CA HIS Q 139 27.51 2.93 -54.66
C HIS Q 139 28.49 4.06 -54.48
N GLN Q 140 29.71 3.71 -54.15
CA GLN Q 140 30.79 4.69 -54.16
C GLN Q 140 31.19 4.99 -55.59
N GLY Q 141 31.19 6.27 -55.95
CA GLY Q 141 31.48 6.68 -57.29
C GLY Q 141 30.26 6.88 -58.16
N ASP Q 142 29.06 6.78 -57.60
CA ASP Q 142 27.85 7.09 -58.35
C ASP Q 142 27.76 8.58 -58.59
N LEU Q 143 27.12 8.95 -59.69
CA LEU Q 143 26.99 10.37 -60.02
C LEU Q 143 25.75 10.92 -59.37
N VAL Q 144 25.89 12.07 -58.71
CA VAL Q 144 24.80 12.77 -58.04
C VAL Q 144 24.54 14.05 -58.80
N TYR Q 145 23.34 14.19 -59.32
CA TYR Q 145 22.94 15.38 -60.06
C TYR Q 145 22.06 16.23 -59.16
N ARG Q 146 22.26 17.54 -59.18
CA ARG Q 146 21.35 18.41 -58.48
C ARG Q 146 20.20 18.77 -59.40
N THR Q 147 19.02 18.96 -58.82
CA THR Q 147 17.84 19.30 -59.58
C THR Q 147 17.61 20.80 -59.70
N GLY Q 148 18.31 21.60 -58.91
CA GLY Q 148 18.15 23.03 -58.96
C GLY Q 148 17.02 23.58 -58.11
N GLN Q 149 16.44 22.77 -57.24
CA GLN Q 149 15.23 23.16 -56.53
C GLN Q 149 15.26 22.59 -55.13
N ILE Q 150 14.81 23.40 -54.15
CA ILE Q 150 14.60 22.94 -52.78
C ILE Q 150 13.50 21.87 -52.80
N VAL Q 151 13.51 21.01 -51.78
CA VAL Q 151 12.74 19.77 -51.77
C VAL Q 151 11.26 20.06 -51.86
N ASN Q 152 10.64 19.59 -52.93
CA ASN Q 152 9.32 20.02 -53.34
C ASN Q 152 8.41 18.83 -53.55
N VAL Q 153 7.11 19.06 -53.39
CA VAL Q 153 6.08 18.06 -53.70
C VAL Q 153 5.06 18.70 -54.63
N PRO Q 154 4.32 17.92 -55.41
CA PRO Q 154 3.24 18.49 -56.23
C PRO Q 154 2.06 18.89 -55.38
N ILE Q 155 1.60 20.13 -55.51
CA ILE Q 155 0.43 20.62 -54.81
C ILE Q 155 -0.61 21.09 -55.81
N GLY Q 156 -1.88 20.96 -55.45
CA GLY Q 156 -2.94 21.41 -56.32
C GLY Q 156 -4.16 20.52 -56.30
N PRO Q 157 -5.10 20.77 -57.21
CA PRO Q 157 -6.32 19.95 -57.27
C PRO Q 157 -6.11 18.58 -57.89
N GLY Q 158 -4.97 18.31 -58.50
CA GLY Q 158 -4.69 16.99 -59.01
C GLY Q 158 -4.26 15.99 -57.96
N THR Q 159 -4.01 16.45 -56.73
CA THR Q 159 -3.62 15.56 -55.64
C THR Q 159 -4.82 14.90 -54.98
N LEU Q 160 -6.03 15.42 -55.18
CA LEU Q 160 -7.21 14.88 -54.53
C LEU Q 160 -7.57 13.52 -55.14
N GLY Q 161 -7.76 12.52 -54.27
CA GLY Q 161 -8.07 11.18 -54.71
C GLY Q 161 -6.88 10.29 -54.87
N ARG Q 162 -5.68 10.80 -54.71
CA ARG Q 162 -4.46 10.07 -55.02
C ARG Q 162 -3.75 9.65 -53.73
N VAL Q 163 -3.27 8.42 -53.72
CA VAL Q 163 -2.39 7.94 -52.67
C VAL Q 163 -0.97 8.30 -53.05
N THR Q 164 -0.19 8.74 -52.08
CA THR Q 164 1.10 9.34 -52.33
C THR Q 164 2.10 8.78 -51.32
N ASP Q 165 3.36 8.71 -51.72
CA ASP Q 165 4.43 8.42 -50.76
C ASP Q 165 4.88 9.74 -50.14
N GLY Q 166 5.92 9.70 -49.32
CA GLY Q 166 6.38 10.90 -48.65
C GLY Q 166 7.13 11.90 -49.48
N LEU Q 167 7.28 11.67 -50.79
CA LEU Q 167 8.03 12.57 -51.65
C LEU Q 167 7.21 13.21 -52.75
N GLY Q 168 5.98 12.76 -52.98
CA GLY Q 168 5.10 13.35 -53.97
C GLY Q 168 4.72 12.42 -55.11
N GLN Q 169 5.41 11.30 -55.29
CA GLN Q 169 5.02 10.47 -56.43
C GLN Q 169 3.94 9.48 -56.03
N PRO Q 170 2.93 9.28 -56.87
CA PRO Q 170 1.79 8.45 -56.48
C PRO Q 170 2.10 6.96 -56.48
N ILE Q 171 1.45 6.26 -55.55
CA ILE Q 171 1.64 4.83 -55.37
C ILE Q 171 0.35 4.04 -55.55
N ASP Q 172 -0.75 4.70 -55.94
CA ASP Q 172 -2.00 3.99 -56.19
C ASP Q 172 -2.08 3.40 -57.59
N GLY Q 173 -1.10 3.64 -58.43
CA GLY Q 173 -1.09 3.06 -59.77
C GLY Q 173 -2.05 3.71 -60.73
N LYS Q 174 -2.33 4.99 -60.56
CA LYS Q 174 -3.26 5.72 -61.42
C LYS Q 174 -2.52 6.77 -62.26
N GLY Q 175 -1.27 6.51 -62.60
CA GLY Q 175 -0.51 7.40 -63.44
C GLY Q 175 0.01 8.60 -62.67
N PRO Q 176 0.71 9.50 -63.36
CA PRO Q 176 1.30 10.67 -62.69
C PRO Q 176 0.24 11.69 -62.31
N LEU Q 177 0.67 12.64 -61.49
CA LEU Q 177 -0.20 13.73 -61.07
C LEU Q 177 -0.29 14.76 -62.18
N THR Q 178 -1.52 15.06 -62.62
CA THR Q 178 -1.73 15.82 -63.84
C THR Q 178 -1.96 17.31 -63.58
N ASN Q 179 -3.02 17.66 -62.86
CA ASN Q 179 -3.43 19.06 -62.69
C ASN Q 179 -2.82 19.57 -61.39
N VAL Q 180 -1.51 19.78 -61.41
CA VAL Q 180 -0.76 19.94 -60.18
C VAL Q 180 0.46 20.82 -60.46
N ARG Q 181 1.06 21.35 -59.40
CA ARG Q 181 2.30 22.12 -59.52
C ARG Q 181 3.12 21.95 -58.26
N SER Q 182 4.42 22.19 -58.38
CA SER Q 182 5.35 21.87 -57.31
C SER Q 182 5.56 23.05 -56.38
N SER Q 183 5.52 22.79 -55.07
CA SER Q 183 5.82 23.79 -54.05
C SER Q 183 6.68 23.16 -52.98
N LEU Q 184 7.30 24.01 -52.17
CA LEU Q 184 8.29 23.53 -51.20
C LEU Q 184 7.62 22.86 -50.02
N VAL Q 185 8.30 21.85 -49.47
CA VAL Q 185 7.79 21.19 -48.28
C VAL Q 185 8.16 21.94 -47.01
N GLU Q 186 9.17 22.80 -47.05
CA GLU Q 186 9.65 23.51 -45.88
C GLU Q 186 9.29 24.98 -46.07
N VAL Q 187 8.07 25.33 -45.68
CA VAL Q 187 7.58 26.70 -45.75
C VAL Q 187 7.53 27.24 -44.32
N LYS Q 188 7.99 28.46 -44.14
CA LYS Q 188 7.78 29.17 -42.89
C LYS Q 188 6.29 29.40 -42.67
N ALA Q 189 5.84 29.19 -41.44
CA ALA Q 189 4.44 29.36 -41.09
C ALA Q 189 4.01 30.81 -41.22
N PRO Q 190 2.72 31.08 -41.45
CA PRO Q 190 2.27 32.47 -41.50
C PRO Q 190 2.40 33.17 -40.16
N GLY Q 191 2.69 34.47 -40.22
CA GLY Q 191 3.04 35.24 -39.04
C GLY Q 191 1.87 35.61 -38.16
N ILE Q 192 1.96 36.78 -37.54
CA ILE Q 192 0.95 37.19 -36.58
C ILE Q 192 -0.16 37.97 -37.28
N ILE Q 193 0.20 38.85 -38.21
CA ILE Q 193 -0.80 39.60 -38.95
C ILE Q 193 -1.56 38.71 -39.93
N ALA Q 194 -0.89 37.68 -40.44
CA ALA Q 194 -1.49 36.76 -41.41
C ALA Q 194 -2.60 35.90 -40.83
N ARG Q 195 -2.75 35.85 -39.51
CA ARG Q 195 -3.76 35.03 -38.87
C ARG Q 195 -4.90 35.88 -38.33
N GLN Q 196 -6.01 35.21 -38.08
CA GLN Q 196 -7.14 35.79 -37.38
C GLN Q 196 -7.67 34.73 -36.41
N SER Q 197 -8.53 35.15 -35.49
CA SER Q 197 -9.03 34.25 -34.48
C SER Q 197 -9.95 33.20 -35.10
N VAL Q 198 -9.97 32.02 -34.48
CA VAL Q 198 -10.73 30.90 -35.01
C VAL Q 198 -12.20 31.12 -34.66
N ARG Q 199 -13.05 31.21 -35.69
CA ARG Q 199 -14.46 31.50 -35.53
C ARG Q 199 -15.37 30.35 -35.96
N GLU Q 200 -15.05 29.69 -37.01
CA GLU Q 200 -15.95 28.74 -37.63
C GLU Q 200 -15.70 27.34 -37.06
N PRO Q 201 -16.75 26.52 -36.92
CA PRO Q 201 -16.57 25.20 -36.34
C PRO Q 201 -16.27 24.13 -37.39
N LEU Q 202 -15.34 23.25 -37.04
CA LEU Q 202 -15.06 22.05 -37.83
C LEU Q 202 -15.70 20.88 -37.10
N PHE Q 203 -16.81 20.39 -37.65
CA PHE Q 203 -17.55 19.32 -36.99
C PHE Q 203 -16.87 18.00 -37.27
N THR Q 204 -16.48 17.30 -36.22
CA THR Q 204 -15.87 15.99 -36.36
C THR Q 204 -16.89 14.93 -36.73
N GLY Q 205 -18.13 15.12 -36.32
CA GLY Q 205 -19.15 14.10 -36.44
C GLY Q 205 -19.18 13.13 -35.29
N VAL Q 206 -18.21 13.21 -34.39
CA VAL Q 206 -18.21 12.42 -33.17
C VAL Q 206 -19.00 13.17 -32.11
N LYS Q 207 -19.88 12.47 -31.40
CA LYS Q 207 -20.72 13.11 -30.41
C LYS Q 207 -19.91 13.58 -29.21
N ALA Q 208 -18.98 12.74 -28.74
CA ALA Q 208 -18.16 13.12 -27.60
C ALA Q 208 -17.20 14.25 -27.92
N VAL Q 209 -16.78 14.36 -29.17
CA VAL Q 209 -15.88 15.43 -29.58
C VAL Q 209 -16.62 16.73 -29.81
N ASP Q 210 -17.68 16.71 -30.63
CA ASP Q 210 -18.36 17.94 -31.01
C ASP Q 210 -19.15 18.56 -29.87
N ALA Q 211 -19.39 17.84 -28.79
CA ALA Q 211 -20.05 18.39 -27.61
C ALA Q 211 -19.05 18.89 -26.57
N LEU Q 212 -18.05 18.08 -26.22
CA LEU Q 212 -17.19 18.34 -25.08
C LEU Q 212 -15.88 19.03 -25.44
N VAL Q 213 -15.26 18.66 -26.55
CA VAL Q 213 -14.05 19.32 -27.01
C VAL Q 213 -14.26 19.88 -28.42
N PRO Q 214 -15.02 20.96 -28.58
CA PRO Q 214 -15.35 21.44 -29.92
C PRO Q 214 -14.14 22.06 -30.61
N ILE Q 215 -14.04 21.81 -31.91
CA ILE Q 215 -12.82 22.03 -32.67
C ILE Q 215 -13.12 22.98 -33.82
N GLY Q 216 -12.46 24.12 -33.83
CA GLY Q 216 -12.69 25.11 -34.86
C GLY Q 216 -11.75 24.99 -36.04
N ARG Q 217 -12.09 25.70 -37.11
CA ARG Q 217 -11.28 25.65 -38.32
C ARG Q 217 -10.02 26.49 -38.12
N GLY Q 218 -8.86 25.88 -38.32
CA GLY Q 218 -7.59 26.52 -38.04
C GLY Q 218 -6.96 26.09 -36.74
N GLN Q 219 -7.59 25.17 -36.02
CA GLN Q 219 -7.09 24.69 -34.75
C GLN Q 219 -6.10 23.55 -34.96
N ARG Q 220 -5.36 23.23 -33.92
CA ARG Q 220 -4.54 22.04 -33.86
C ARG Q 220 -4.95 21.27 -32.61
N GLU Q 221 -5.53 20.10 -32.81
CA GLU Q 221 -6.06 19.30 -31.71
C GLU Q 221 -5.33 17.97 -31.67
N LEU Q 222 -4.57 17.75 -30.60
CA LEU Q 222 -3.85 16.51 -30.43
C LEU Q 222 -4.81 15.38 -30.06
N ILE Q 223 -4.72 14.27 -30.77
CA ILE Q 223 -5.41 13.04 -30.41
C ILE Q 223 -4.37 12.13 -29.78
N ILE Q 224 -4.42 11.98 -28.47
CA ILE Q 224 -3.38 11.28 -27.72
C ILE Q 224 -4.01 10.11 -26.98
N GLY Q 225 -3.31 8.98 -26.94
CA GLY Q 225 -3.78 7.83 -26.20
C GLY Q 225 -2.91 6.64 -26.50
N ASP Q 226 -3.22 5.54 -25.82
CA ASP Q 226 -2.46 4.31 -25.97
C ASP Q 226 -2.76 3.64 -27.32
N ARG Q 227 -2.09 2.53 -27.58
CA ARG Q 227 -2.35 1.79 -28.80
C ARG Q 227 -3.69 1.07 -28.70
N GLN Q 228 -4.44 1.11 -29.80
CA GLN Q 228 -5.80 0.58 -29.91
C GLN Q 228 -6.73 1.20 -28.87
N THR Q 229 -6.83 2.54 -28.93
CA THR Q 229 -7.80 3.28 -28.13
C THR Q 229 -8.74 4.11 -28.99
N GLY Q 230 -8.65 4.00 -30.31
CA GLY Q 230 -9.58 4.68 -31.19
C GLY Q 230 -9.17 6.06 -31.65
N LYS Q 231 -7.88 6.29 -31.89
CA LYS Q 231 -7.44 7.60 -32.39
C LYS Q 231 -7.70 7.72 -33.89
N THR Q 232 -7.30 6.68 -34.64
CA THR Q 232 -7.55 6.65 -36.07
C THR Q 232 -9.03 6.63 -36.38
N ALA Q 233 -9.85 6.06 -35.49
CA ALA Q 233 -11.29 6.06 -35.68
C ALA Q 233 -11.87 7.46 -35.63
N VAL Q 234 -11.41 8.29 -34.68
CA VAL Q 234 -11.84 9.68 -34.59
C VAL Q 234 -11.39 10.45 -35.82
N ALA Q 235 -10.16 10.19 -36.28
CA ALA Q 235 -9.61 10.89 -37.44
C ALA Q 235 -10.39 10.57 -38.73
N ILE Q 236 -10.68 9.29 -38.95
CA ILE Q 236 -11.41 8.94 -40.16
C ILE Q 236 -12.90 9.25 -40.05
N ASP Q 237 -13.46 9.32 -38.83
CA ASP Q 237 -14.81 9.87 -38.69
C ASP Q 237 -14.85 11.34 -39.06
N ALA Q 238 -13.78 12.08 -38.73
CA ALA Q 238 -13.68 13.47 -39.15
C ALA Q 238 -13.63 13.60 -40.68
N ILE Q 239 -12.85 12.73 -41.34
CA ILE Q 239 -12.74 12.80 -42.80
C ILE Q 239 -14.07 12.43 -43.48
N ILE Q 240 -14.71 11.35 -43.02
CA ILE Q 240 -15.99 10.93 -43.57
C ILE Q 240 -17.07 11.99 -43.32
N HIS Q 241 -17.04 12.65 -42.16
CA HIS Q 241 -18.01 13.69 -41.91
C HIS Q 241 -17.75 14.94 -42.73
N GLN Q 242 -16.49 15.23 -43.07
CA GLN Q 242 -16.23 16.32 -44.01
C GLN Q 242 -16.78 16.00 -45.39
N LYS Q 243 -16.74 14.72 -45.79
CA LYS Q 243 -17.42 14.34 -47.03
C LYS Q 243 -18.92 14.53 -46.92
N ASN Q 244 -19.49 14.18 -45.76
CA ASN Q 244 -20.94 14.26 -45.60
C ASN Q 244 -21.43 15.71 -45.57
N CYS Q 245 -20.63 16.61 -44.99
CA CYS Q 245 -21.00 18.02 -44.96
C CYS Q 245 -20.59 18.78 -46.21
N ASN Q 246 -19.70 18.23 -47.04
CA ASN Q 246 -19.26 18.96 -48.22
C ASN Q 246 -20.32 19.06 -49.30
N GLU Q 247 -21.31 18.19 -49.30
CA GLU Q 247 -22.35 18.24 -50.33
C GLU Q 247 -23.49 19.18 -49.96
N GLN Q 248 -23.50 19.73 -48.75
CA GLN Q 248 -24.57 20.58 -48.28
C GLN Q 248 -24.16 22.02 -48.04
N VAL Q 249 -22.88 22.35 -48.22
CA VAL Q 249 -22.38 23.71 -48.03
C VAL Q 249 -22.01 24.26 -49.40
N PRO Q 250 -21.82 25.57 -49.56
CA PRO Q 250 -21.24 26.08 -50.80
C PRO Q 250 -19.76 25.70 -50.90
N LYS Q 251 -19.18 25.97 -52.07
CA LYS Q 251 -17.83 25.52 -52.36
C LYS Q 251 -16.78 26.29 -51.58
N ALA Q 252 -17.11 27.50 -51.13
CA ALA Q 252 -16.19 28.27 -50.30
C ALA Q 252 -16.14 27.79 -48.85
N GLN Q 253 -17.01 26.85 -48.47
CA GLN Q 253 -17.05 26.35 -47.11
C GLN Q 253 -16.72 24.85 -47.03
N ARG Q 254 -16.29 24.25 -48.13
CA ARG Q 254 -15.94 22.84 -48.13
C ARG Q 254 -14.58 22.63 -47.51
N VAL Q 255 -14.34 21.41 -47.02
CA VAL Q 255 -13.10 21.04 -46.35
C VAL Q 255 -12.46 19.90 -47.12
N TYR Q 256 -11.21 20.09 -47.53
CA TYR Q 256 -10.47 19.10 -48.29
C TYR Q 256 -9.41 18.48 -47.37
N CYS Q 257 -9.47 17.16 -47.22
CA CYS Q 257 -8.69 16.48 -46.19
C CYS Q 257 -7.38 15.93 -46.73
N VAL Q 258 -6.39 15.87 -45.85
CA VAL Q 258 -5.12 15.20 -46.11
C VAL Q 258 -4.87 14.24 -44.97
N TYR Q 259 -4.61 12.99 -45.28
CA TYR Q 259 -4.31 11.98 -44.26
C TYR Q 259 -2.87 11.52 -44.45
N VAL Q 260 -1.99 11.88 -43.52
CA VAL Q 260 -0.61 11.45 -43.55
C VAL Q 260 -0.47 10.24 -42.64
N ALA Q 261 -0.02 9.13 -43.22
CA ALA Q 261 0.16 7.87 -42.49
C ALA Q 261 1.65 7.61 -42.38
N VAL Q 262 2.20 7.87 -41.20
CA VAL Q 262 3.63 7.76 -40.96
C VAL Q 262 3.88 6.50 -40.14
N GLY Q 263 4.68 5.59 -40.69
CA GLY Q 263 5.06 4.41 -39.95
C GLY Q 263 3.97 3.37 -39.80
N GLN Q 264 2.87 3.50 -40.52
CA GLN Q 264 1.81 2.51 -40.46
C GLN Q 264 2.16 1.30 -41.32
N LYS Q 265 1.38 0.24 -41.16
CA LYS Q 265 1.45 -0.88 -42.08
C LYS Q 265 0.87 -0.47 -43.43
N ARG Q 266 1.40 -1.07 -44.49
CA ARG Q 266 0.86 -0.82 -45.82
C ARG Q 266 -0.53 -1.43 -45.99
N SER Q 267 -0.80 -2.50 -45.23
CA SER Q 267 -2.11 -3.14 -45.29
C SER Q 267 -3.20 -2.26 -44.69
N THR Q 268 -2.90 -1.59 -43.57
CA THR Q 268 -3.91 -0.72 -42.96
C THR Q 268 -4.13 0.53 -43.79
N VAL Q 269 -3.10 1.01 -44.48
CA VAL Q 269 -3.26 2.11 -45.42
C VAL Q 269 -4.12 1.68 -46.61
N ALA Q 270 -3.95 0.44 -47.07
CA ALA Q 270 -4.76 -0.05 -48.19
C ALA Q 270 -6.22 -0.25 -47.77
N GLN Q 271 -6.45 -0.76 -46.57
CA GLN Q 271 -7.81 -0.88 -46.04
C GLN Q 271 -8.44 0.49 -45.82
N LEU Q 272 -7.65 1.49 -45.45
CA LEU Q 272 -8.19 2.82 -45.25
C LEU Q 272 -8.50 3.51 -46.58
N VAL Q 273 -7.72 3.22 -47.61
CA VAL Q 273 -8.03 3.70 -48.95
C VAL Q 273 -9.31 3.06 -49.47
N LYS Q 274 -9.50 1.77 -49.19
CA LYS Q 274 -10.76 1.12 -49.55
C LYS Q 274 -11.95 1.71 -48.78
N LEU Q 275 -11.73 2.09 -47.51
CA LEU Q 275 -12.79 2.73 -46.74
C LEU Q 275 -13.15 4.09 -47.30
N PHE Q 276 -12.14 4.92 -47.58
CA PHE Q 276 -12.40 6.24 -48.15
C PHE Q 276 -12.91 6.19 -49.58
N THR Q 277 -12.69 5.09 -50.30
CA THR Q 277 -13.28 4.94 -51.61
C THR Q 277 -14.73 4.47 -51.53
N GLN Q 278 -15.02 3.54 -50.62
CA GLN Q 278 -16.39 3.02 -50.52
C GLN Q 278 -17.31 3.91 -49.69
N THR Q 279 -16.78 4.93 -49.04
CA THR Q 279 -17.63 5.95 -48.43
C THR Q 279 -17.70 7.23 -49.24
N GLY Q 280 -17.08 7.26 -50.41
CA GLY Q 280 -17.06 8.45 -51.23
C GLY Q 280 -16.16 9.55 -50.76
N ALA Q 281 -15.40 9.34 -49.69
CA ALA Q 281 -14.60 10.38 -49.07
C ALA Q 281 -13.30 10.65 -49.80
N MET Q 282 -12.92 9.81 -50.75
CA MET Q 282 -11.66 9.98 -51.47
C MET Q 282 -11.72 11.16 -52.45
N ARG Q 283 -12.92 11.67 -52.76
CA ARG Q 283 -13.04 12.83 -53.64
C ARG Q 283 -12.42 14.08 -53.02
N TYR Q 284 -12.42 14.19 -51.70
CA TYR Q 284 -11.86 15.34 -51.01
C TYR Q 284 -10.60 15.00 -50.22
N THR Q 285 -10.07 13.80 -50.35
CA THR Q 285 -9.00 13.31 -49.49
C THR Q 285 -7.75 13.01 -50.30
N ILE Q 286 -6.62 13.52 -49.82
CA ILE Q 286 -5.30 13.07 -50.24
C ILE Q 286 -4.75 12.16 -49.16
N MET Q 287 -4.03 11.13 -49.56
CA MET Q 287 -3.36 10.27 -48.59
C MET Q 287 -1.87 10.21 -48.90
N VAL Q 288 -1.07 10.69 -47.96
CA VAL Q 288 0.37 10.53 -48.00
C VAL Q 288 0.71 9.30 -47.16
N SER Q 289 1.58 8.44 -47.67
CA SER Q 289 1.82 7.14 -47.05
C SER Q 289 3.32 6.84 -47.02
N ALA Q 290 3.94 7.09 -45.88
CA ALA Q 290 5.29 6.62 -45.61
C ALA Q 290 5.16 5.50 -44.59
N THR Q 291 5.17 4.27 -45.08
CA THR Q 291 4.86 3.11 -44.27
C THR Q 291 6.09 2.68 -43.47
N ALA Q 292 5.95 1.56 -42.76
CA ALA Q 292 7.04 1.08 -41.91
C ALA Q 292 8.18 0.50 -42.72
N SER Q 293 7.91 0.08 -43.96
CA SER Q 293 8.95 -0.43 -44.84
C SER Q 293 9.74 0.67 -45.51
N ASP Q 294 9.19 1.88 -45.58
CA ASP Q 294 9.86 2.98 -46.24
C ASP Q 294 11.03 3.48 -45.40
N ALA Q 295 11.93 4.22 -46.04
CA ALA Q 295 13.09 4.76 -45.36
C ALA Q 295 12.67 5.83 -44.37
N ALA Q 296 13.40 5.92 -43.27
CA ALA Q 296 13.11 6.92 -42.25
C ALA Q 296 13.20 8.38 -42.71
N PRO Q 297 14.01 8.79 -43.70
CA PRO Q 297 13.81 10.13 -44.26
C PRO Q 297 12.45 10.35 -44.90
N LEU Q 298 11.87 9.31 -45.50
CA LEU Q 298 10.53 9.47 -46.07
C LEU Q 298 9.48 9.59 -44.98
N GLN Q 299 9.65 8.88 -43.86
CA GLN Q 299 8.72 9.03 -42.75
C GLN Q 299 8.91 10.35 -42.03
N PHE Q 300 10.12 10.89 -42.07
CA PHE Q 300 10.35 12.23 -41.55
C PHE Q 300 9.72 13.29 -42.43
N LEU Q 301 9.78 13.12 -43.74
CA LEU Q 301 9.35 14.16 -44.66
C LEU Q 301 7.88 14.08 -45.07
N ALA Q 302 7.24 12.93 -44.87
CA ALA Q 302 5.83 12.80 -45.26
C ALA Q 302 4.86 13.74 -44.54
N PRO Q 303 5.00 14.08 -43.25
CA PRO Q 303 4.16 15.16 -42.72
C PRO Q 303 4.36 16.51 -43.38
N TYR Q 304 5.59 16.85 -43.78
CA TYR Q 304 5.80 18.13 -44.45
C TYR Q 304 5.25 18.12 -45.87
N SER Q 305 5.35 16.97 -46.54
CA SER Q 305 4.75 16.81 -47.87
C SER Q 305 3.25 16.96 -47.82
N GLY Q 306 2.61 16.25 -46.89
CA GLY Q 306 1.17 16.39 -46.73
C GLY Q 306 0.75 17.77 -46.27
N CYS Q 307 1.60 18.43 -45.47
CA CYS Q 307 1.27 19.77 -45.02
C CYS Q 307 1.37 20.77 -46.15
N ALA Q 308 2.30 20.58 -47.09
CA ALA Q 308 2.33 21.45 -48.27
C ALA Q 308 1.12 21.20 -49.16
N MET Q 309 0.72 19.93 -49.31
CA MET Q 309 -0.46 19.59 -50.10
C MET Q 309 -1.73 20.17 -49.49
N ALA Q 310 -1.78 20.32 -48.17
CA ALA Q 310 -2.91 20.97 -47.50
C ALA Q 310 -2.76 22.48 -47.43
N GLU Q 311 -1.54 22.98 -47.44
CA GLU Q 311 -1.29 24.41 -47.46
C GLU Q 311 -1.68 25.03 -48.77
N TYR Q 312 -1.73 24.24 -49.86
CA TYR Q 312 -2.39 24.70 -51.08
C TYR Q 312 -3.83 25.13 -50.81
N PHE Q 313 -4.60 24.28 -50.11
CA PHE Q 313 -5.99 24.59 -49.80
C PHE Q 313 -6.09 25.75 -48.81
N ARG Q 314 -5.15 25.82 -47.87
CA ARG Q 314 -5.16 26.94 -46.93
C ARG Q 314 -4.88 28.26 -47.64
N ASP Q 315 -3.88 28.29 -48.52
CA ASP Q 315 -3.48 29.53 -49.18
C ASP Q 315 -4.44 29.97 -50.27
N THR Q 316 -5.18 29.05 -50.88
CA THR Q 316 -6.13 29.43 -51.93
C THR Q 316 -7.52 29.73 -51.40
N GLY Q 317 -7.63 30.06 -50.10
CA GLY Q 317 -8.89 30.50 -49.53
C GLY Q 317 -9.85 29.40 -49.14
N LYS Q 318 -9.53 28.14 -49.45
CA LYS Q 318 -10.39 27.03 -49.07
C LYS Q 318 -9.98 26.52 -47.69
N HIS Q 319 -10.59 25.44 -47.25
CA HIS Q 319 -10.36 24.93 -45.90
C HIS Q 319 -9.75 23.54 -45.97
N GLY Q 320 -8.72 23.32 -45.17
CA GLY Q 320 -8.04 22.04 -45.15
C GLY Q 320 -8.10 21.38 -43.80
N LEU Q 321 -7.96 20.06 -43.79
CA LEU Q 321 -7.94 19.29 -42.55
C LEU Q 321 -6.89 18.21 -42.69
N ILE Q 322 -5.82 18.29 -41.90
CA ILE Q 322 -4.72 17.36 -42.03
C ILE Q 322 -4.61 16.53 -40.76
N ILE Q 323 -4.37 15.24 -40.93
CA ILE Q 323 -4.24 14.30 -39.83
C ILE Q 323 -2.87 13.65 -39.93
N TYR Q 324 -2.00 13.93 -38.97
CA TYR Q 324 -0.70 13.29 -38.87
C TYR Q 324 -0.86 12.06 -38.00
N ASP Q 325 -1.10 10.92 -38.61
CA ASP Q 325 -1.36 9.71 -37.83
C ASP Q 325 -0.05 9.11 -37.35
N ASP Q 326 0.08 9.01 -36.03
CA ASP Q 326 1.28 8.57 -35.32
C ASP Q 326 2.46 9.49 -35.68
N LEU Q 327 2.32 10.74 -35.23
CA LEU Q 327 3.40 11.70 -35.24
C LEU Q 327 4.53 11.32 -34.29
N SER Q 328 4.30 10.39 -33.35
CA SER Q 328 5.37 9.77 -32.59
C SER Q 328 6.32 8.98 -33.48
N LYS Q 329 5.79 8.35 -34.52
CA LYS Q 329 6.62 7.58 -35.44
C LYS Q 329 7.48 8.47 -36.31
N GLN Q 330 7.03 9.70 -36.58
CA GLN Q 330 7.88 10.66 -37.26
C GLN Q 330 9.06 11.08 -36.38
N SER Q 331 8.83 11.24 -35.08
CA SER Q 331 9.92 11.57 -34.18
C SER Q 331 10.87 10.39 -34.00
N VAL Q 332 10.35 9.16 -34.12
CA VAL Q 332 11.22 7.99 -34.11
C VAL Q 332 12.08 7.93 -35.36
N ALA Q 333 11.50 8.24 -36.53
CA ALA Q 333 12.27 8.29 -37.77
C ALA Q 333 13.31 9.41 -37.75
N TYR Q 334 12.95 10.57 -37.17
CA TYR Q 334 13.90 11.65 -37.07
C TYR Q 334 15.00 11.35 -36.06
N ARG Q 335 14.68 10.63 -35.00
CA ARG Q 335 15.70 10.19 -34.06
C ARG Q 335 16.65 9.21 -34.71
N GLN Q 336 16.13 8.35 -35.59
CA GLN Q 336 16.98 7.45 -36.36
C GLN Q 336 17.92 8.22 -37.27
N MET Q 337 17.39 9.20 -38.00
CA MET Q 337 18.22 10.04 -38.87
C MET Q 337 19.26 10.83 -38.09
N SER Q 338 18.91 11.28 -36.88
CA SER Q 338 19.85 12.06 -36.09
C SER Q 338 20.94 11.21 -35.47
N LEU Q 339 20.61 10.02 -34.99
CA LEU Q 339 21.63 9.15 -34.42
C LEU Q 339 22.51 8.52 -35.47
N LEU Q 340 21.99 8.30 -36.69
CA LEU Q 340 22.86 7.84 -37.76
C LEU Q 340 23.72 8.96 -38.33
N LEU Q 341 23.34 10.21 -38.11
CA LEU Q 341 24.18 11.36 -38.42
C LEU Q 341 25.11 11.72 -37.27
N ARG Q 342 25.15 10.89 -36.22
CA ARG Q 342 26.02 11.04 -35.05
C ARG Q 342 25.81 12.35 -34.32
N ARG Q 343 24.58 12.84 -34.31
CA ARG Q 343 24.24 14.01 -33.52
C ARG Q 343 24.04 13.61 -32.07
N PRO Q 344 24.43 14.45 -31.12
CA PRO Q 344 24.35 14.08 -29.70
C PRO Q 344 22.91 14.02 -29.23
N PRO Q 345 22.49 12.89 -28.68
CA PRO Q 345 21.08 12.74 -28.30
C PRO Q 345 20.79 13.33 -26.93
N GLY Q 346 19.53 13.70 -26.74
CA GLY Q 346 19.08 14.30 -25.50
C GLY Q 346 18.24 13.39 -24.65
N ARG Q 347 17.02 13.80 -24.36
CA ARG Q 347 16.12 13.02 -23.52
C ARG Q 347 15.47 11.92 -24.35
N GLU Q 348 15.48 10.70 -23.80
CA GLU Q 348 15.01 9.47 -24.47
C GLU Q 348 15.69 9.26 -25.81
N ALA Q 349 16.97 9.62 -25.88
CA ALA Q 349 17.83 9.59 -27.07
C ALA Q 349 17.31 10.42 -28.24
N PHE Q 350 16.37 11.32 -28.01
CA PHE Q 350 15.86 12.17 -29.07
C PHE Q 350 16.83 13.32 -29.32
N PRO Q 351 16.86 13.85 -30.54
CA PRO Q 351 17.71 15.01 -30.81
C PRO Q 351 17.20 16.26 -30.11
N GLY Q 352 18.04 17.29 -30.10
CA GLY Q 352 17.66 18.54 -29.49
C GLY Q 352 16.60 19.29 -30.27
N ASP Q 353 16.55 19.12 -31.58
CA ASP Q 353 15.59 19.80 -32.45
C ASP Q 353 14.41 18.90 -32.79
N VAL Q 354 13.98 18.06 -31.85
CA VAL Q 354 12.78 17.27 -32.05
C VAL Q 354 11.54 18.05 -31.65
N PHE Q 355 11.69 19.10 -30.84
CA PHE Q 355 10.58 20.03 -30.64
C PHE Q 355 10.39 20.91 -31.86
N TYR Q 356 11.51 21.34 -32.47
CA TYR Q 356 11.46 22.17 -33.67
C TYR Q 356 10.86 21.40 -34.85
N LEU Q 357 11.08 20.08 -34.86
CA LEU Q 357 10.52 19.20 -35.89
C LEU Q 357 9.01 19.24 -35.92
N HIS Q 358 8.37 19.25 -34.75
CA HIS Q 358 6.92 19.28 -34.72
C HIS Q 358 6.36 20.69 -34.67
N SER Q 359 7.13 21.67 -34.19
CA SER Q 359 6.61 23.04 -34.18
C SER Q 359 6.61 23.64 -35.58
N ARG Q 360 7.64 23.34 -36.39
CA ARG Q 360 7.64 23.67 -37.81
C ARG Q 360 6.40 23.14 -38.52
N LEU Q 361 6.03 21.91 -38.20
CA LEU Q 361 4.93 21.25 -38.89
C LEU Q 361 3.59 21.80 -38.44
N LEU Q 362 3.42 21.95 -37.12
CA LEU Q 362 2.12 22.29 -36.61
C LEU Q 362 1.83 23.79 -36.61
N GLU Q 363 2.84 24.66 -36.71
CA GLU Q 363 2.51 26.08 -36.84
C GLU Q 363 1.98 26.44 -38.21
N ARG Q 364 2.08 25.56 -39.20
CA ARG Q 364 1.52 25.83 -40.51
C ARG Q 364 0.03 25.60 -40.59
N ALA Q 365 -0.57 25.03 -39.54
CA ALA Q 365 -2.02 24.89 -39.45
C ALA Q 365 -2.56 26.15 -38.78
N ALA Q 366 -3.18 27.01 -39.58
CA ALA Q 366 -3.60 28.32 -39.09
C ALA Q 366 -4.92 28.68 -39.73
N LYS Q 367 -5.47 29.81 -39.29
CA LYS Q 367 -6.65 30.42 -39.90
C LYS Q 367 -6.21 31.76 -40.47
N LEU Q 368 -6.17 31.85 -41.79
CA LEU Q 368 -5.59 33.03 -42.43
C LEU Q 368 -6.54 34.22 -42.35
N SER Q 369 -5.96 35.41 -42.45
CA SER Q 369 -6.73 36.64 -42.33
C SER Q 369 -7.49 36.92 -43.63
N LYS Q 370 -8.31 37.97 -43.60
CA LYS Q 370 -9.16 38.28 -44.74
C LYS Q 370 -8.38 38.83 -45.94
N GLU Q 371 -7.18 39.36 -45.73
CA GLU Q 371 -6.35 39.81 -46.83
C GLU Q 371 -5.39 38.74 -47.32
N LEU Q 372 -5.57 37.50 -46.85
CA LEU Q 372 -4.82 36.36 -47.36
C LEU Q 372 -5.74 35.27 -47.88
N GLY Q 373 -6.97 35.61 -48.22
CA GLY Q 373 -7.94 34.68 -48.73
C GLY Q 373 -8.91 34.17 -47.69
N GLY Q 374 -8.53 34.18 -46.42
CA GLY Q 374 -9.41 33.73 -45.36
C GLY Q 374 -9.47 32.23 -45.18
N GLY Q 375 -8.59 31.48 -45.82
CA GLY Q 375 -8.61 30.04 -45.71
C GLY Q 375 -8.06 29.56 -44.39
N SER Q 376 -8.20 28.25 -44.16
CA SER Q 376 -7.78 27.67 -42.90
C SER Q 376 -7.18 26.30 -43.13
N LEU Q 377 -6.39 25.86 -42.16
CA LEU Q 377 -5.89 24.49 -42.12
C LEU Q 377 -5.98 23.99 -40.68
N THR Q 378 -6.63 22.85 -40.50
CA THR Q 378 -6.83 22.26 -39.19
C THR Q 378 -5.98 21.00 -39.08
N ALA Q 379 -5.14 20.93 -38.05
CA ALA Q 379 -4.29 19.77 -37.85
C ALA Q 379 -4.90 18.86 -36.79
N PHE Q 380 -4.77 17.55 -37.02
CA PHE Q 380 -5.07 16.53 -36.01
C PHE Q 380 -3.83 15.66 -35.85
N PRO Q 381 -2.84 16.09 -35.08
CA PRO Q 381 -1.70 15.22 -34.82
C PRO Q 381 -2.08 14.10 -33.87
N VAL Q 382 -1.51 12.93 -34.10
CA VAL Q 382 -1.77 11.74 -33.31
C VAL Q 382 -0.47 11.34 -32.62
N ILE Q 383 -0.49 11.25 -31.31
CA ILE Q 383 0.65 10.82 -30.51
C ILE Q 383 0.22 9.59 -29.72
N GLU Q 384 0.97 8.51 -29.84
CA GLU Q 384 0.73 7.29 -29.08
C GLU Q 384 1.55 7.32 -27.80
N THR Q 385 0.92 7.02 -26.68
CA THR Q 385 1.58 6.96 -25.38
C THR Q 385 1.80 5.52 -24.97
N GLN Q 386 2.76 5.33 -24.06
CA GLN Q 386 3.06 4.03 -23.48
C GLN Q 386 2.48 3.99 -22.08
N ALA Q 387 1.54 3.06 -21.86
CA ALA Q 387 0.87 2.82 -20.57
C ALA Q 387 0.19 4.07 -20.02
N GLY Q 388 -0.28 4.95 -20.91
CA GLY Q 388 -0.92 6.17 -20.48
C GLY Q 388 0.01 7.22 -19.91
N ASP Q 389 1.30 7.11 -20.17
CA ASP Q 389 2.25 8.14 -19.73
C ASP Q 389 2.19 9.29 -20.72
N VAL Q 390 1.45 10.34 -20.36
CA VAL Q 390 1.41 11.53 -21.19
C VAL Q 390 2.41 12.58 -20.76
N SER Q 391 3.22 12.30 -19.73
CA SER Q 391 4.33 13.14 -19.34
C SER Q 391 5.63 12.77 -20.06
N ALA Q 392 5.52 12.04 -21.17
CA ALA Q 392 6.70 11.68 -21.96
C ALA Q 392 7.23 12.90 -22.70
N TYR Q 393 8.35 12.70 -23.40
CA TYR Q 393 9.02 13.83 -24.05
C TYR Q 393 8.25 14.32 -25.26
N ILE Q 394 7.95 13.43 -26.20
CA ILE Q 394 7.29 13.85 -27.43
C ILE Q 394 5.83 14.18 -27.17
N ALA Q 395 5.20 13.48 -26.21
CA ALA Q 395 3.84 13.79 -25.80
C ALA Q 395 3.73 15.22 -25.26
N THR Q 396 4.58 15.57 -24.29
CA THR Q 396 4.54 16.92 -23.74
C THR Q 396 5.07 17.97 -24.71
N ASN Q 397 5.87 17.58 -25.71
CA ASN Q 397 6.23 18.52 -26.75
C ASN Q 397 5.03 18.90 -27.60
N VAL Q 398 4.28 17.91 -28.07
CA VAL Q 398 3.12 18.22 -28.91
C VAL Q 398 1.95 18.77 -28.09
N ILE Q 399 1.89 18.49 -26.79
CA ILE Q 399 0.87 19.14 -25.96
C ILE Q 399 1.15 20.64 -25.84
N SER Q 400 2.42 21.01 -25.70
CA SER Q 400 2.80 22.40 -25.63
C SER Q 400 2.94 23.06 -27.01
N ILE Q 401 2.46 22.42 -28.07
CA ILE Q 401 2.38 23.01 -29.39
C ILE Q 401 0.93 23.22 -29.81
N THR Q 402 0.11 22.18 -29.67
CA THR Q 402 -1.26 22.19 -30.13
C THR Q 402 -2.15 23.00 -29.19
N ASP Q 403 -3.36 23.28 -29.66
CA ASP Q 403 -4.28 24.14 -28.93
C ASP Q 403 -5.00 23.37 -27.84
N GLY Q 404 -5.47 22.17 -28.14
CA GLY Q 404 -6.13 21.35 -27.15
C GLY Q 404 -5.67 19.92 -27.23
N GLN Q 405 -6.39 19.02 -26.58
CA GLN Q 405 -6.06 17.60 -26.59
C GLN Q 405 -7.34 16.78 -26.64
N ILE Q 406 -7.22 15.58 -27.19
CA ILE Q 406 -8.26 14.58 -27.09
C ILE Q 406 -7.59 13.37 -26.44
N PHE Q 407 -7.68 13.30 -25.12
CA PHE Q 407 -7.13 12.17 -24.38
C PHE Q 407 -8.07 10.99 -24.52
N LEU Q 408 -7.61 9.92 -25.15
CA LEU Q 408 -8.40 8.70 -25.28
C LEU Q 408 -7.88 7.70 -24.26
N GLU Q 409 -8.66 7.46 -23.22
CA GLU Q 409 -8.26 6.59 -22.14
C GLU Q 409 -8.33 5.14 -22.55
N THR Q 410 -7.36 4.35 -22.10
CA THR Q 410 -7.34 2.94 -22.40
C THR Q 410 -8.23 2.12 -21.48
N GLU Q 411 -8.66 2.70 -20.36
CA GLU Q 411 -9.54 2.01 -19.45
C GLU Q 411 -10.98 2.05 -19.93
N LEU Q 412 -11.41 3.19 -20.46
CA LEU Q 412 -12.77 3.30 -20.97
C LEU Q 412 -12.95 2.60 -22.30
N PHE Q 413 -11.87 2.36 -23.04
CA PHE Q 413 -11.99 1.70 -24.34
C PHE Q 413 -12.29 0.21 -24.20
N TYR Q 414 -11.86 -0.39 -23.09
CA TYR Q 414 -12.14 -1.79 -22.83
C TYR Q 414 -13.36 -2.00 -21.96
N LYS Q 415 -13.93 -0.93 -21.41
CA LYS Q 415 -15.22 -0.96 -20.76
C LYS Q 415 -16.36 -0.66 -21.72
N GLY Q 416 -16.12 -0.76 -23.03
CA GLY Q 416 -17.14 -0.54 -24.02
C GLY Q 416 -17.42 0.91 -24.35
N ILE Q 417 -16.91 1.86 -23.57
CA ILE Q 417 -17.16 3.28 -23.80
C ILE Q 417 -16.30 3.70 -24.98
N ARG Q 418 -16.89 3.73 -26.18
CA ARG Q 418 -16.16 4.08 -27.39
C ARG Q 418 -16.95 5.15 -28.12
N PRO Q 419 -16.36 6.33 -28.40
CA PRO Q 419 -14.98 6.79 -28.20
C PRO Q 419 -14.62 7.07 -26.74
N ALA Q 420 -13.44 6.58 -26.34
CA ALA Q 420 -13.03 6.57 -24.95
C ALA Q 420 -12.44 7.89 -24.51
N LEU Q 421 -13.21 8.96 -24.66
CA LEU Q 421 -12.75 10.32 -24.39
C LEU Q 421 -12.60 10.52 -22.89
N ASN Q 422 -11.38 10.80 -22.45
CA ASN Q 422 -11.12 11.23 -21.08
C ASN Q 422 -11.63 12.65 -20.93
N VAL Q 423 -12.85 12.80 -20.39
CA VAL Q 423 -13.50 14.10 -20.36
C VAL Q 423 -12.88 15.03 -19.34
N GLY Q 424 -12.15 14.49 -18.35
CA GLY Q 424 -11.54 15.35 -17.36
C GLY Q 424 -10.25 15.99 -17.82
N LEU Q 425 -9.54 15.34 -18.73
CA LEU Q 425 -8.22 15.80 -19.17
C LEU Q 425 -8.25 16.49 -20.52
N SER Q 426 -9.13 16.07 -21.43
CA SER Q 426 -9.15 16.59 -22.79
C SER Q 426 -9.83 17.95 -22.81
N VAL Q 427 -9.11 18.97 -23.27
CA VAL Q 427 -9.64 20.32 -23.39
C VAL Q 427 -9.59 20.73 -24.86
N SER Q 428 -10.27 21.84 -25.16
CA SER Q 428 -10.16 22.51 -26.45
C SER Q 428 -10.56 23.97 -26.20
N ARG Q 429 -9.55 24.84 -26.10
CA ARG Q 429 -9.79 26.21 -25.68
C ARG Q 429 -9.78 27.22 -26.82
N VAL Q 430 -9.69 26.75 -28.05
CA VAL Q 430 -9.74 27.63 -29.21
C VAL Q 430 -11.04 27.46 -29.98
N GLY Q 431 -11.46 26.21 -30.17
CA GLY Q 431 -12.77 25.93 -30.70
C GLY Q 431 -13.89 25.93 -29.69
N SER Q 432 -13.59 26.34 -28.45
CA SER Q 432 -14.65 26.55 -27.47
C SER Q 432 -15.53 27.73 -27.85
N ALA Q 433 -14.94 28.78 -28.43
CA ALA Q 433 -15.73 29.87 -28.97
C ALA Q 433 -16.27 29.51 -30.34
N ALA Q 434 -15.61 28.61 -31.06
CA ALA Q 434 -16.06 28.12 -32.36
C ALA Q 434 -16.88 26.86 -32.21
N GLN Q 435 -17.93 26.92 -31.39
CA GLN Q 435 -18.85 25.81 -31.20
C GLN Q 435 -20.18 26.17 -31.84
N PHE Q 436 -20.85 25.15 -32.39
CA PHE Q 436 -22.20 25.28 -32.90
C PHE Q 436 -23.14 25.70 -31.78
N PRO Q 437 -23.82 26.83 -31.88
CA PRO Q 437 -24.76 27.21 -30.83
C PRO Q 437 -25.98 26.30 -30.86
N GLY Q 438 -26.56 26.08 -29.69
CA GLY Q 438 -27.46 24.96 -29.55
C GLY Q 438 -26.71 23.78 -28.97
N MET Q 439 -25.62 23.37 -29.63
CA MET Q 439 -24.70 22.47 -28.96
C MET Q 439 -23.95 23.19 -27.85
N LYS Q 440 -23.72 24.49 -28.01
CA LYS Q 440 -23.19 25.30 -26.90
C LYS Q 440 -24.25 25.56 -25.83
N GLN Q 441 -25.53 25.43 -26.18
CA GLN Q 441 -26.60 25.67 -25.20
C GLN Q 441 -26.79 24.47 -24.28
N VAL Q 442 -26.57 23.26 -24.81
CA VAL Q 442 -26.80 22.04 -24.05
C VAL Q 442 -25.50 21.41 -23.56
N ALA Q 443 -24.40 21.56 -24.29
CA ALA Q 443 -23.20 20.81 -23.99
C ALA Q 443 -22.44 21.38 -22.79
N GLY Q 444 -22.65 22.66 -22.48
CA GLY Q 444 -22.08 23.21 -21.25
C GLY Q 444 -22.69 22.58 -20.01
N THR Q 445 -24.01 22.40 -20.02
CA THR Q 445 -24.68 21.67 -18.95
C THR Q 445 -24.29 20.20 -18.96
N LEU Q 446 -24.08 19.62 -20.15
CA LEU Q 446 -23.62 18.24 -20.26
C LEU Q 446 -22.25 18.05 -19.62
N LYS Q 447 -21.33 18.98 -19.88
CA LYS Q 447 -19.98 18.88 -19.32
C LYS Q 447 -19.99 19.18 -17.82
N LEU Q 448 -20.89 20.05 -17.37
CA LEU Q 448 -21.02 20.29 -15.93
C LEU Q 448 -21.56 19.06 -15.21
N GLU Q 449 -22.56 18.39 -15.80
CA GLU Q 449 -23.12 17.20 -15.18
C GLU Q 449 -22.16 16.02 -15.22
N LEU Q 450 -21.35 15.92 -16.29
CA LEU Q 450 -20.29 14.92 -16.30
C LEU Q 450 -19.13 15.30 -15.37
N ALA Q 451 -19.00 16.59 -15.04
CA ALA Q 451 -18.01 16.99 -14.05
C ALA Q 451 -18.44 16.57 -12.65
N GLN Q 452 -19.69 16.82 -12.29
CA GLN Q 452 -20.19 16.40 -10.99
C GLN Q 452 -20.58 14.92 -10.97
N TYR Q 453 -20.51 14.23 -12.11
CA TYR Q 453 -20.57 12.77 -12.13
C TYR Q 453 -19.26 12.14 -11.67
N ARG Q 454 -18.15 12.83 -11.89
CA ARG Q 454 -16.83 12.33 -11.47
C ARG Q 454 -16.48 12.74 -10.05
N GLU Q 455 -17.47 13.09 -9.24
CA GLU Q 455 -17.31 13.23 -7.81
C GLU Q 455 -17.74 11.98 -7.05
N VAL Q 456 -18.32 11.01 -7.75
CA VAL Q 456 -18.74 9.74 -7.16
C VAL Q 456 -18.23 8.62 -8.08
N ALA Q 457 -17.19 8.93 -8.85
CA ALA Q 457 -16.69 8.04 -9.90
C ALA Q 457 -15.98 6.84 -9.27
N ALA Q 458 -16.58 5.66 -9.43
CA ALA Q 458 -16.11 4.33 -9.01
C ALA Q 458 -16.02 4.14 -7.50
N PHE Q 459 -16.62 5.02 -6.71
CA PHE Q 459 -16.87 4.76 -5.29
C PHE Q 459 -18.33 5.07 -4.96
N ALA Q 460 -19.23 4.55 -5.81
CA ALA Q 460 -20.67 4.69 -5.55
C ALA Q 460 -21.08 3.91 -4.30
N GLN Q 461 -20.79 2.60 -4.29
CA GLN Q 461 -20.81 1.83 -3.06
C GLN Q 461 -19.59 0.90 -3.04
N PHE Q 462 -18.61 1.14 -3.91
CA PHE Q 462 -17.45 0.26 -3.95
C PHE Q 462 -16.52 0.48 -2.76
N GLY Q 463 -16.32 1.74 -2.36
CA GLY Q 463 -15.43 1.99 -1.24
C GLY Q 463 -16.04 1.78 0.14
N SER Q 464 -16.97 2.64 0.55
CA SER Q 464 -17.48 2.47 1.92
C SER Q 464 -19.00 2.52 2.02
N ASP Q 465 -19.66 3.39 1.26
CA ASP Q 465 -21.06 3.69 1.52
C ASP Q 465 -21.71 4.29 0.28
N LEU Q 466 -23.04 4.26 0.26
CA LEU Q 466 -23.84 4.87 -0.79
C LEU Q 466 -24.86 5.79 -0.16
N ASP Q 467 -25.10 6.93 -0.80
CA ASP Q 467 -25.92 7.98 -0.21
C ASP Q 467 -27.40 7.84 -0.51
N ALA Q 468 -27.74 7.38 -1.74
CA ALA Q 468 -29.08 7.23 -2.31
C ALA Q 468 -29.84 8.55 -2.47
N ALA Q 469 -29.18 9.68 -2.20
CA ALA Q 469 -29.61 10.98 -2.69
C ALA Q 469 -28.81 11.42 -3.90
N THR Q 470 -27.55 10.99 -3.97
CA THR Q 470 -26.73 11.07 -5.18
C THR Q 470 -26.77 9.79 -5.99
N GLN Q 471 -27.87 9.04 -5.91
CA GLN Q 471 -28.13 7.98 -6.88
C GLN Q 471 -28.52 8.59 -8.23
N TYR Q 472 -29.06 9.81 -8.20
CA TYR Q 472 -29.52 10.47 -9.41
C TYR Q 472 -28.35 10.88 -10.30
N VAL Q 473 -27.26 11.36 -9.70
CA VAL Q 473 -26.10 11.74 -10.50
C VAL Q 473 -25.42 10.52 -11.10
N LEU Q 474 -25.46 9.37 -10.41
CA LEU Q 474 -24.92 8.15 -10.98
C LEU Q 474 -25.78 7.61 -12.12
N GLU Q 475 -27.08 7.51 -11.90
CA GLU Q 475 -28.02 7.02 -12.91
C GLU Q 475 -28.41 8.08 -13.93
N ARG Q 476 -27.76 9.24 -13.91
CA ARG Q 476 -27.82 10.21 -15.00
C ARG Q 476 -26.49 10.35 -15.73
N GLY Q 477 -25.37 10.24 -15.02
CA GLY Q 477 -24.08 10.20 -15.67
C GLY Q 477 -23.86 8.93 -16.47
N ALA Q 478 -24.48 7.82 -16.04
CA ALA Q 478 -24.45 6.63 -16.88
C ALA Q 478 -25.25 6.83 -18.17
N ARG Q 479 -26.33 7.61 -18.12
CA ARG Q 479 -27.09 7.91 -19.33
C ARG Q 479 -26.33 8.86 -20.24
N LEU Q 480 -25.65 9.86 -19.66
CA LEU Q 480 -24.85 10.77 -20.46
C LEU Q 480 -23.61 10.10 -21.03
N THR Q 481 -23.10 9.07 -20.35
CA THR Q 481 -22.00 8.29 -20.88
C THR Q 481 -22.47 7.41 -22.03
N GLU Q 482 -23.57 6.69 -21.84
CA GLU Q 482 -24.10 5.83 -22.91
C GLU Q 482 -24.70 6.62 -24.05
N MET Q 483 -25.00 7.90 -23.85
CA MET Q 483 -25.44 8.75 -24.94
C MET Q 483 -24.28 9.04 -25.90
N LEU Q 484 -23.09 9.23 -25.36
CA LEU Q 484 -21.94 9.64 -26.16
C LEU Q 484 -21.23 8.48 -26.84
N LYS Q 485 -21.55 7.23 -26.49
CA LYS Q 485 -21.02 6.10 -27.22
C LYS Q 485 -21.59 6.08 -28.63
N GLN Q 486 -20.75 5.67 -29.57
CA GLN Q 486 -21.08 5.81 -30.98
C GLN Q 486 -20.24 4.82 -31.78
N LYS Q 487 -20.89 4.09 -32.69
CA LYS Q 487 -20.21 3.06 -33.44
C LYS Q 487 -19.33 3.66 -34.52
N GLN Q 488 -18.49 2.81 -35.11
CA GLN Q 488 -17.44 3.27 -36.00
C GLN Q 488 -17.97 3.49 -37.41
N PHE Q 489 -17.29 4.38 -38.14
CA PHE Q 489 -17.57 4.77 -39.53
C PHE Q 489 -18.97 5.35 -39.71
N ALA Q 490 -19.58 5.88 -38.65
CA ALA Q 490 -20.91 6.48 -38.73
C ALA Q 490 -20.88 7.82 -38.02
N PRO Q 491 -20.42 8.87 -38.69
CA PRO Q 491 -20.46 10.19 -38.08
C PRO Q 491 -21.84 10.80 -38.20
N ILE Q 492 -22.17 11.66 -37.23
CA ILE Q 492 -23.50 12.23 -37.11
C ILE Q 492 -23.43 13.71 -37.47
N PRO Q 493 -24.40 14.24 -38.22
CA PRO Q 493 -24.51 15.69 -38.37
C PRO Q 493 -24.77 16.35 -37.02
N ILE Q 494 -24.34 17.60 -36.90
CA ILE Q 494 -24.32 18.26 -35.59
C ILE Q 494 -25.74 18.57 -35.12
N GLU Q 495 -26.67 18.78 -36.06
CA GLU Q 495 -28.06 19.04 -35.70
C GLU Q 495 -28.76 17.80 -35.17
N ARG Q 496 -28.24 16.61 -35.48
CA ARG Q 496 -28.75 15.38 -34.89
C ARG Q 496 -27.97 14.97 -33.65
N GLN Q 497 -26.90 15.68 -33.31
CA GLN Q 497 -26.21 15.46 -32.05
C GLN Q 497 -26.75 16.37 -30.97
N THR Q 498 -27.07 17.63 -31.30
CA THR Q 498 -27.59 18.53 -30.29
C THR Q 498 -29.00 18.14 -29.86
N VAL Q 499 -29.77 17.51 -30.74
CA VAL Q 499 -31.10 17.01 -30.35
C VAL Q 499 -30.97 15.79 -29.46
N ALA Q 500 -29.97 14.93 -29.72
CA ALA Q 500 -29.75 13.77 -28.87
C ALA Q 500 -29.25 14.17 -27.49
N VAL Q 501 -28.36 15.16 -27.41
CA VAL Q 501 -27.92 15.61 -26.10
C VAL Q 501 -28.99 16.48 -25.42
N TYR Q 502 -29.90 17.06 -26.20
CA TYR Q 502 -31.06 17.74 -25.63
C TYR Q 502 -32.00 16.74 -24.97
N ALA Q 503 -32.25 15.61 -25.62
CA ALA Q 503 -33.06 14.56 -25.04
C ALA Q 503 -32.36 13.91 -23.86
N ALA Q 504 -31.03 13.82 -23.89
CA ALA Q 504 -30.33 13.19 -22.78
C ALA Q 504 -30.19 14.12 -21.58
N THR Q 505 -30.19 15.44 -21.81
CA THR Q 505 -29.93 16.39 -20.74
C THR Q 505 -31.21 16.95 -20.13
N LYS Q 506 -32.20 17.31 -20.94
CA LYS Q 506 -33.44 17.88 -20.42
C LYS Q 506 -34.28 16.88 -19.65
N GLY Q 507 -34.03 15.58 -19.79
CA GLY Q 507 -34.66 14.60 -18.94
C GLY Q 507 -35.64 13.69 -19.65
N PHE Q 508 -35.54 13.61 -20.96
CA PHE Q 508 -36.46 12.80 -21.75
C PHE Q 508 -36.06 11.33 -21.82
N LEU Q 509 -35.01 10.92 -21.12
CA LEU Q 509 -34.52 9.55 -21.21
C LEU Q 509 -34.21 8.94 -19.85
N ASP Q 510 -34.68 9.55 -18.75
CA ASP Q 510 -34.33 9.04 -17.43
C ASP Q 510 -35.07 7.76 -17.08
N LYS Q 511 -36.23 7.52 -17.68
CA LYS Q 511 -36.94 6.27 -17.43
C LYS Q 511 -36.52 5.15 -18.38
N VAL Q 512 -35.67 5.46 -19.36
CA VAL Q 512 -35.07 4.42 -20.19
C VAL Q 512 -33.98 3.73 -19.38
N ARG Q 513 -33.95 2.39 -19.44
CA ARG Q 513 -32.87 1.65 -18.79
C ARG Q 513 -31.54 1.93 -19.48
N VAL Q 514 -30.46 1.74 -18.71
CA VAL Q 514 -29.12 2.05 -19.19
C VAL Q 514 -28.67 1.09 -20.30
N GLN Q 515 -29.28 -0.09 -20.39
CA GLN Q 515 -28.93 -1.08 -21.40
C GLN Q 515 -29.47 -0.74 -22.78
N ASP Q 516 -30.36 0.25 -22.89
CA ASP Q 516 -31.04 0.52 -24.15
C ASP Q 516 -31.08 2.01 -24.48
N ILE Q 517 -30.16 2.80 -23.95
CA ILE Q 517 -30.10 4.21 -24.30
C ILE Q 517 -29.52 4.39 -25.71
N VAL Q 518 -28.66 3.47 -26.15
CA VAL Q 518 -28.15 3.52 -27.52
C VAL Q 518 -29.26 3.22 -28.53
N ALA Q 519 -30.24 2.41 -28.15
CA ALA Q 519 -31.42 2.22 -28.99
C ALA Q 519 -32.41 3.36 -28.84
N ALA Q 520 -32.48 3.96 -27.65
CA ALA Q 520 -33.38 5.09 -27.43
C ALA Q 520 -32.93 6.31 -28.22
N GLU Q 521 -31.62 6.50 -28.39
CA GLU Q 521 -31.09 7.62 -29.17
C GLU Q 521 -31.46 7.50 -30.64
N GLU Q 522 -31.27 6.31 -31.23
CA GLU Q 522 -31.64 6.13 -32.63
C GLU Q 522 -33.16 6.14 -32.80
N ALA Q 523 -33.90 5.72 -31.76
CA ALA Q 523 -35.36 5.85 -31.81
C ALA Q 523 -35.81 7.30 -31.76
N VAL Q 524 -35.12 8.14 -30.97
CA VAL Q 524 -35.41 9.57 -30.93
C VAL Q 524 -35.09 10.23 -32.27
N ILE Q 525 -33.95 9.88 -32.86
CA ILE Q 525 -33.56 10.46 -34.14
C ILE Q 525 -34.48 9.98 -35.27
N SER Q 526 -34.99 8.75 -35.18
CA SER Q 526 -35.88 8.24 -36.22
C SER Q 526 -37.30 8.76 -36.07
N GLN Q 527 -37.81 8.89 -34.85
CA GLN Q 527 -39.23 9.18 -34.65
C GLN Q 527 -39.56 10.67 -34.64
N VAL Q 528 -38.63 11.52 -34.20
CA VAL Q 528 -38.86 12.95 -34.29
C VAL Q 528 -38.81 13.37 -35.75
N ASN Q 529 -39.76 14.21 -36.17
CA ASN Q 529 -39.90 14.62 -37.55
C ASN Q 529 -38.69 15.43 -38.00
N PRO Q 530 -38.28 15.30 -39.27
CA PRO Q 530 -37.03 15.93 -39.71
C PRO Q 530 -37.11 17.43 -39.98
N ALA Q 531 -38.22 18.09 -39.65
CA ALA Q 531 -38.27 19.54 -39.83
C ALA Q 531 -37.46 20.26 -38.76
N VAL Q 532 -37.42 19.71 -37.54
CA VAL Q 532 -36.70 20.35 -36.44
C VAL Q 532 -35.20 20.31 -36.69
N PHE Q 533 -34.71 19.29 -37.41
CA PHE Q 533 -33.31 19.21 -37.76
C PHE Q 533 -32.94 20.31 -38.75
N LYS Q 534 -33.80 20.55 -39.74
CA LYS Q 534 -33.54 21.60 -40.71
C LYS Q 534 -33.64 22.98 -40.07
N ILE Q 535 -34.57 23.15 -39.12
CA ILE Q 535 -34.70 24.45 -38.46
C ILE Q 535 -33.51 24.73 -37.56
N LEU Q 536 -33.04 23.70 -36.85
CA LEU Q 536 -31.88 23.87 -35.98
C LEU Q 536 -30.60 24.01 -36.78
N LYS Q 537 -30.53 23.41 -37.97
CA LYS Q 537 -29.35 23.57 -38.81
C LYS Q 537 -29.32 24.92 -39.50
N ALA Q 538 -30.47 25.46 -39.88
CA ALA Q 538 -30.50 26.74 -40.59
C ALA Q 538 -30.40 27.91 -39.61
N ASN Q 539 -31.17 27.87 -38.53
CA ASN Q 539 -31.12 28.95 -37.54
C ASN Q 539 -29.83 28.93 -36.74
N GLY Q 540 -29.20 27.77 -36.62
CA GLY Q 540 -27.94 27.67 -35.92
C GLY Q 540 -28.03 27.75 -34.41
N LYS Q 541 -29.23 27.68 -33.84
CA LYS Q 541 -29.42 27.70 -32.39
C LYS Q 541 -30.82 27.20 -32.09
N ILE Q 542 -30.99 26.61 -30.90
CA ILE Q 542 -32.33 26.25 -30.46
C ILE Q 542 -33.03 27.53 -30.03
N THR Q 543 -33.88 28.06 -30.90
CA THR Q 543 -34.61 29.28 -30.61
C THR Q 543 -35.70 29.01 -29.58
N PRO Q 544 -36.19 30.05 -28.89
CA PRO Q 544 -37.38 29.87 -28.05
C PRO Q 544 -38.64 29.48 -28.81
N ALA Q 545 -38.68 29.71 -30.12
CA ALA Q 545 -39.72 29.14 -30.95
C ALA Q 545 -39.50 27.67 -31.24
N LEU Q 546 -38.28 27.16 -31.05
CA LEU Q 546 -37.96 25.78 -31.43
C LEU Q 546 -37.98 24.81 -30.27
N ASP Q 547 -37.63 25.25 -29.06
CA ASP Q 547 -37.55 24.30 -27.94
C ASP Q 547 -38.93 23.82 -27.50
N ALA Q 548 -39.97 24.63 -27.72
CA ALA Q 548 -41.33 24.18 -27.44
C ALA Q 548 -41.76 23.08 -28.39
N HIS Q 549 -41.50 23.26 -29.69
CA HIS Q 549 -41.82 22.23 -30.67
C HIS Q 549 -40.93 21.01 -30.51
N LEU Q 550 -39.72 21.20 -30.00
CA LEU Q 550 -38.81 20.08 -29.75
C LEU Q 550 -39.25 19.28 -28.54
N LYS Q 551 -39.70 19.95 -27.48
CA LYS Q 551 -40.24 19.24 -26.32
C LYS Q 551 -41.59 18.61 -26.65
N ALA Q 552 -42.32 19.17 -27.61
CA ALA Q 552 -43.52 18.52 -28.11
C ALA Q 552 -43.18 17.23 -28.84
N GLU Q 553 -42.23 17.29 -29.78
CA GLU Q 553 -41.86 16.11 -30.55
C GLU Q 553 -41.03 15.11 -29.75
N LEU Q 554 -40.53 15.50 -28.58
CA LEU Q 554 -39.75 14.61 -27.74
C LEU Q 554 -40.58 13.89 -26.69
N ARG Q 555 -41.85 14.29 -26.50
CA ARG Q 555 -42.73 13.57 -25.61
C ARG Q 555 -43.66 12.60 -26.33
N LYS Q 556 -43.57 12.52 -27.66
CA LYS Q 556 -44.33 11.52 -28.40
C LYS Q 556 -43.39 10.57 -29.12
N VAL Q 557 -42.33 10.14 -28.47
CA VAL Q 557 -41.42 9.16 -29.03
C VAL Q 557 -41.54 7.87 -28.24
N LYS Q 558 -41.43 6.74 -28.95
CA LYS Q 558 -41.66 5.42 -28.38
C LYS Q 558 -40.32 4.86 -27.96
N LEU Q 559 -39.89 5.23 -26.75
CA LEU Q 559 -38.63 4.72 -26.22
C LEU Q 559 -38.79 3.25 -25.87
N PRO Q 560 -37.97 2.38 -26.46
CA PRO Q 560 -38.21 0.93 -26.36
C PRO Q 560 -37.91 0.39 -24.97
N GLY Q 561 -38.61 -0.68 -24.62
CA GLY Q 561 -38.53 -1.21 -23.28
C GLY Q 561 -39.26 -0.30 -22.30
N ALA Q 562 -38.76 -0.34 -21.05
CA ALA Q 562 -39.18 0.52 -19.94
C ALA Q 562 -40.67 0.48 -19.61
N ASP R 36 69.75 10.86 -23.76
CA ASP R 36 69.84 10.77 -22.31
C ASP R 36 68.47 11.00 -21.66
N ALA R 37 67.99 12.24 -21.74
CA ALA R 37 66.78 12.66 -21.07
C ALA R 37 65.69 12.95 -22.09
N GLY R 38 64.48 13.15 -21.58
CA GLY R 38 63.34 13.53 -22.40
C GLY R 38 62.81 14.89 -22.00
N TYR R 39 61.84 15.35 -22.78
CA TYR R 39 61.27 16.67 -22.58
C TYR R 39 59.74 16.57 -22.50
N VAL R 40 59.15 17.50 -21.76
CA VAL R 40 57.71 17.57 -21.61
C VAL R 40 57.09 17.99 -22.94
N SER R 41 56.18 17.18 -23.46
CA SER R 41 55.52 17.46 -24.72
C SER R 41 54.12 18.01 -24.55
N GLN R 42 53.42 17.62 -23.48
CA GLN R 42 52.01 17.95 -23.33
C GLN R 42 51.61 17.77 -21.87
N VAL R 43 50.94 18.78 -21.31
CA VAL R 43 50.41 18.72 -19.95
C VAL R 43 48.91 18.97 -20.04
N ILE R 44 48.12 17.95 -19.74
CA ILE R 44 46.67 18.08 -19.59
C ILE R 44 46.32 17.54 -18.22
N GLY R 45 46.12 18.43 -17.25
CA GLY R 45 45.73 18.05 -15.92
C GLY R 45 46.84 17.38 -15.15
N PRO R 46 46.54 16.23 -14.55
CA PRO R 46 47.58 15.43 -13.89
C PRO R 46 48.29 14.45 -14.80
N VAL R 47 48.15 14.57 -16.11
CA VAL R 47 48.71 13.62 -17.07
C VAL R 47 49.69 14.39 -17.94
N VAL R 48 50.95 13.95 -17.95
CA VAL R 48 52.03 14.62 -18.67
C VAL R 48 52.52 13.67 -19.76
N ASP R 49 52.61 14.18 -20.99
CA ASP R 49 53.20 13.45 -22.10
C ASP R 49 54.65 13.88 -22.24
N VAL R 50 55.56 12.91 -22.12
CA VAL R 50 57.00 13.17 -22.20
C VAL R 50 57.52 12.51 -23.47
N ARG R 51 58.27 13.27 -24.26
CA ARG R 51 58.85 12.78 -25.50
C ARG R 51 60.33 12.52 -25.31
N PHE R 52 60.78 11.35 -25.74
CA PHE R 52 62.18 10.95 -25.68
C PHE R 52 62.71 10.78 -27.10
N ASP R 53 64.00 11.08 -27.28
CA ASP R 53 64.66 10.84 -28.57
C ASP R 53 65.54 9.60 -28.42
N GLY R 54 64.91 8.44 -28.61
CA GLY R 54 65.61 7.18 -28.47
C GLY R 54 65.70 6.70 -27.03
N GLU R 55 65.58 5.38 -26.85
CA GLU R 55 65.64 4.68 -25.56
C GLU R 55 64.56 5.21 -24.61
N LEU R 56 63.32 4.90 -24.98
CA LEU R 56 62.17 5.18 -24.14
C LEU R 56 62.24 4.40 -22.83
N PRO R 57 61.70 4.94 -21.74
CA PRO R 57 61.62 4.17 -20.51
C PRO R 57 60.52 3.12 -20.59
N SER R 58 60.62 2.14 -19.71
CA SER R 58 59.61 1.10 -19.62
C SER R 58 58.32 1.66 -19.02
N ILE R 59 57.24 0.91 -19.19
CA ILE R 59 56.01 1.21 -18.48
C ILE R 59 56.21 0.93 -17.00
N LEU R 60 55.63 1.78 -16.15
CA LEU R 60 55.73 1.87 -14.68
C LEU R 60 57.08 2.38 -14.22
N SER R 61 57.92 2.88 -15.11
CA SER R 61 59.17 3.49 -14.71
C SER R 61 58.93 4.86 -14.12
N SER R 62 59.87 5.31 -13.28
CA SER R 62 59.78 6.60 -12.63
C SER R 62 60.61 7.63 -13.40
N LEU R 63 60.06 8.82 -13.56
CA LEU R 63 60.76 9.92 -14.22
C LEU R 63 60.79 11.12 -13.30
N GLU R 64 61.96 11.75 -13.21
CA GLU R 64 62.13 12.95 -12.42
C GLU R 64 62.03 14.16 -13.33
N VAL R 65 61.39 15.22 -12.86
CA VAL R 65 61.36 16.49 -13.56
C VAL R 65 62.26 17.45 -12.80
N GLU R 66 63.29 17.95 -13.48
CA GLU R 66 64.14 18.97 -12.89
C GLU R 66 63.82 20.32 -13.50
N GLY R 67 64.15 21.38 -12.77
CA GLY R 67 63.68 22.70 -13.08
C GLY R 67 62.38 23.04 -12.39
N HIS R 68 61.69 22.06 -11.83
CA HIS R 68 60.47 22.27 -11.07
C HIS R 68 60.82 22.71 -9.66
N SER R 69 59.87 23.40 -9.03
CA SER R 69 60.09 23.90 -7.67
C SER R 69 60.15 22.75 -6.67
N VAL R 70 59.10 21.94 -6.62
CA VAL R 70 59.07 20.76 -5.77
C VAL R 70 59.48 19.56 -6.61
N ARG R 71 59.82 18.48 -5.92
CA ARG R 71 60.21 17.24 -6.58
C ARG R 71 58.99 16.60 -7.23
N LEU R 72 58.94 16.63 -8.56
CA LEU R 72 57.82 16.10 -9.32
C LEU R 72 58.24 14.78 -9.95
N VAL R 73 57.57 13.70 -9.58
CA VAL R 73 57.85 12.36 -10.06
C VAL R 73 56.72 11.95 -10.98
N LEU R 74 57.06 11.56 -12.21
CA LEU R 74 56.08 11.02 -13.14
C LEU R 74 56.32 9.52 -13.32
N GLU R 75 55.24 8.75 -13.33
CA GLU R 75 55.31 7.32 -13.59
C GLU R 75 54.72 7.04 -14.95
N VAL R 76 55.48 6.32 -15.78
CA VAL R 76 55.09 6.04 -17.17
C VAL R 76 53.89 5.10 -17.18
N ALA R 77 52.77 5.59 -17.72
CA ALA R 77 51.55 4.82 -17.79
C ALA R 77 51.46 4.00 -19.07
N GLN R 78 51.86 4.58 -20.20
CA GLN R 78 51.77 3.92 -21.49
C GLN R 78 52.71 4.59 -22.45
N HIS R 79 52.97 3.92 -23.56
CA HIS R 79 53.75 4.46 -24.67
C HIS R 79 52.77 5.02 -25.70
N MET R 80 52.90 6.32 -25.99
CA MET R 80 51.96 6.95 -26.91
C MET R 80 52.21 6.54 -28.35
N GLY R 81 53.46 6.32 -28.72
CA GLY R 81 53.75 5.66 -29.98
C GLY R 81 54.77 6.31 -30.89
N ASP R 82 54.78 7.63 -30.97
CA ASP R 82 55.81 8.33 -31.75
C ASP R 82 56.90 8.89 -30.84
N ASN R 83 57.56 7.95 -30.15
CA ASN R 83 58.65 8.20 -29.20
C ASN R 83 58.19 9.10 -28.05
N THR R 84 56.94 8.94 -27.65
CA THR R 84 56.33 9.70 -26.56
C THR R 84 55.78 8.72 -25.54
N VAL R 85 55.99 9.00 -24.27
CA VAL R 85 55.34 8.25 -23.20
C VAL R 85 54.29 9.14 -22.55
N ARG R 86 53.26 8.53 -22.00
CA ARG R 86 52.23 9.22 -21.26
C ARG R 86 52.34 8.84 -19.80
N CYS R 87 52.33 9.83 -18.93
CA CYS R 87 52.66 9.63 -17.53
C CYS R 87 51.56 10.16 -16.63
N ILE R 88 51.58 9.73 -15.38
CA ILE R 88 50.78 10.31 -14.31
C ILE R 88 51.74 10.90 -13.29
N ALA R 89 51.38 12.05 -12.74
CA ALA R 89 52.26 12.79 -11.85
C ALA R 89 51.97 12.46 -10.40
N MET R 90 53.01 12.46 -9.58
CA MET R 90 52.86 12.25 -8.15
C MET R 90 52.66 13.54 -7.37
N ASP R 91 52.85 14.69 -8.01
CA ASP R 91 52.51 15.96 -7.37
C ASP R 91 51.79 16.80 -8.42
N SER R 92 51.57 18.09 -8.15
CA SER R 92 50.81 18.94 -9.05
C SER R 92 51.64 19.29 -10.29
N THR R 93 50.96 19.37 -11.43
CA THR R 93 51.60 19.71 -12.69
C THR R 93 51.55 21.20 -12.99
N ASP R 94 51.13 22.01 -12.03
CA ASP R 94 51.16 23.46 -12.21
C ASP R 94 52.60 23.94 -12.18
N GLY R 95 53.04 24.57 -13.27
CA GLY R 95 54.41 25.01 -13.42
C GLY R 95 55.16 24.34 -14.52
N LEU R 96 54.64 23.25 -15.09
CA LEU R 96 55.37 22.51 -16.12
C LEU R 96 55.37 23.27 -17.44
N VAL R 97 56.50 23.24 -18.11
CA VAL R 97 56.71 23.94 -19.37
C VAL R 97 56.92 22.89 -20.46
N ARG R 98 56.34 23.12 -21.63
CA ARG R 98 56.54 22.21 -22.76
C ARG R 98 57.97 22.33 -23.24
N GLY R 99 58.77 21.28 -22.97
CA GLY R 99 60.19 21.30 -23.22
C GLY R 99 61.03 21.22 -21.96
N GLN R 100 60.41 21.06 -20.80
CA GLN R 100 61.14 20.92 -19.55
C GLN R 100 61.85 19.57 -19.52
N LYS R 101 63.09 19.57 -19.03
CA LYS R 101 63.93 18.37 -19.07
C LYS R 101 63.44 17.34 -18.07
N VAL R 102 63.13 16.14 -18.56
CA VAL R 102 62.65 15.04 -17.74
C VAL R 102 63.69 13.94 -17.84
N VAL R 103 64.23 13.52 -16.69
CA VAL R 103 65.25 12.49 -16.68
C VAL R 103 64.63 11.17 -16.24
N ASP R 104 65.14 10.09 -16.83
CA ASP R 104 64.67 8.74 -16.53
C ASP R 104 65.48 8.17 -15.37
N THR R 105 64.80 7.47 -14.48
CA THR R 105 65.44 6.80 -13.36
C THR R 105 65.82 5.37 -13.69
N GLY R 106 65.22 4.79 -14.74
CA GLY R 106 65.52 3.42 -15.12
C GLY R 106 64.88 2.38 -14.24
N SER R 107 64.01 2.78 -13.33
CA SER R 107 63.40 1.90 -12.34
C SER R 107 62.07 2.49 -11.96
N PRO R 108 61.15 1.69 -11.37
CA PRO R 108 59.91 2.28 -10.84
C PRO R 108 60.13 3.13 -9.60
N ILE R 109 59.03 3.57 -9.00
CA ILE R 109 59.11 4.38 -7.78
C ILE R 109 59.67 3.53 -6.66
N LYS R 110 60.85 3.90 -6.18
CA LYS R 110 61.54 3.18 -5.12
C LYS R 110 61.35 3.93 -3.81
N VAL R 111 61.04 3.19 -2.75
CA VAL R 111 60.74 3.78 -1.45
C VAL R 111 61.59 3.09 -0.40
N PRO R 112 61.91 3.73 0.72
CA PRO R 112 62.63 3.04 1.78
C PRO R 112 61.73 2.03 2.48
N VAL R 113 62.28 0.84 2.74
CA VAL R 113 61.59 -0.20 3.49
C VAL R 113 62.57 -0.77 4.50
N GLY R 114 62.02 -1.33 5.58
CA GLY R 114 62.82 -1.92 6.63
C GLY R 114 62.50 -1.31 7.98
N ARG R 115 63.38 -1.58 8.94
CA ARG R 115 63.20 -1.10 10.31
C ARG R 115 63.35 0.42 10.42
N GLY R 116 64.00 1.06 9.46
CA GLY R 116 64.14 2.51 9.48
C GLY R 116 62.85 3.26 9.22
N THR R 117 61.85 2.59 8.66
CA THR R 117 60.56 3.20 8.37
C THR R 117 59.56 3.04 9.50
N LEU R 118 59.91 2.31 10.55
CA LEU R 118 59.01 2.12 11.68
C LEU R 118 58.90 3.41 12.47
N GLY R 119 57.68 3.87 12.70
CA GLY R 119 57.50 5.14 13.37
C GLY R 119 57.71 6.35 12.50
N ARG R 120 57.69 6.18 11.18
CA ARG R 120 57.85 7.28 10.25
C ARG R 120 56.59 7.41 9.39
N ILE R 121 56.38 8.62 8.86
CA ILE R 121 55.34 8.88 7.89
C ILE R 121 56.01 9.08 6.54
N MET R 122 55.55 8.33 5.54
CA MET R 122 56.13 8.40 4.21
C MET R 122 55.16 9.02 3.22
N ASN R 123 55.70 9.41 2.07
CA ASN R 123 54.91 9.85 0.94
C ASN R 123 54.53 8.65 0.08
N VAL R 124 53.96 8.94 -1.08
CA VAL R 124 53.80 7.94 -2.13
C VAL R 124 55.17 7.57 -2.71
N ILE R 125 56.12 8.51 -2.71
CA ILE R 125 57.45 8.28 -3.25
C ILE R 125 58.49 8.12 -2.14
N GLY R 126 58.06 7.89 -0.91
CA GLY R 126 58.99 7.55 0.16
C GLY R 126 59.72 8.71 0.78
N GLU R 127 59.14 9.90 0.77
CA GLU R 127 59.84 10.97 1.48
C GLU R 127 59.28 11.10 2.89
N PRO R 128 60.10 11.48 3.87
CA PRO R 128 59.58 11.68 5.23
C PRO R 128 58.82 13.00 5.32
N VAL R 129 57.55 12.91 5.69
CA VAL R 129 56.72 14.09 5.87
C VAL R 129 56.38 14.31 7.34
N ASP R 130 57.05 13.62 8.24
CA ASP R 130 56.90 13.84 9.68
C ASP R 130 57.91 14.85 10.20
N GLU R 131 58.76 15.39 9.31
CA GLU R 131 59.77 16.41 9.61
C GLU R 131 60.74 15.96 10.70
N GLN R 132 61.17 14.70 10.63
CA GLN R 132 62.16 14.15 11.56
C GLN R 132 63.25 13.47 10.76
N GLY R 133 64.21 14.26 10.27
CA GLY R 133 65.35 13.74 9.55
C GLY R 133 65.03 13.00 8.27
N PRO R 134 66.03 12.31 7.70
CA PRO R 134 65.75 11.41 6.59
C PRO R 134 65.30 10.05 7.08
N ILE R 135 64.97 9.14 6.17
CA ILE R 135 64.55 7.79 6.53
C ILE R 135 65.76 6.88 6.33
N ASP R 136 66.35 6.44 7.44
CA ASP R 136 67.55 5.60 7.38
C ASP R 136 67.10 4.15 7.32
N ALA R 137 66.72 3.72 6.14
CA ALA R 137 66.38 2.33 5.87
C ALA R 137 67.16 1.86 4.66
N ALA R 138 67.69 0.64 4.75
CA ALA R 138 68.49 0.06 3.68
C ALA R 138 67.60 -0.75 2.75
N ASP R 139 68.12 -1.01 1.54
CA ASP R 139 67.47 -1.79 0.48
C ASP R 139 66.13 -1.17 0.09
N ILE R 140 66.22 0.00 -0.55
CA ILE R 140 65.02 0.63 -1.11
C ILE R 140 64.43 -0.27 -2.18
N TRP R 141 63.12 -0.48 -2.12
CA TRP R 141 62.41 -1.41 -2.98
C TRP R 141 61.48 -0.68 -3.93
N SER R 142 61.29 -1.26 -5.10
CA SER R 142 60.27 -0.80 -6.02
C SER R 142 58.88 -1.06 -5.45
N ILE R 143 57.95 -0.13 -5.70
CA ILE R 143 56.56 -0.33 -5.28
C ILE R 143 55.79 -1.25 -6.21
N HIS R 144 56.37 -1.63 -7.34
CA HIS R 144 55.69 -2.44 -8.34
C HIS R 144 56.35 -3.82 -8.39
N ARG R 145 55.57 -4.84 -8.05
CA ARG R 145 55.95 -6.22 -8.31
C ARG R 145 54.69 -7.00 -8.63
N GLU R 146 54.88 -8.23 -9.09
CA GLU R 146 53.74 -9.07 -9.38
C GLU R 146 53.28 -9.77 -8.11
N ALA R 147 52.12 -10.42 -8.22
CA ALA R 147 51.51 -11.08 -7.08
C ALA R 147 52.29 -12.34 -6.70
N PRO R 148 52.18 -12.78 -5.46
CA PRO R 148 52.71 -14.11 -5.10
C PRO R 148 51.98 -15.21 -5.86
N GLU R 149 52.76 -16.16 -6.37
CA GLU R 149 52.24 -17.18 -7.25
C GLU R 149 51.46 -18.23 -6.46
N PHE R 150 50.93 -19.23 -7.18
CA PHE R 150 49.88 -20.08 -6.63
C PHE R 150 50.41 -21.10 -5.63
N THR R 151 51.66 -21.55 -5.75
CA THR R 151 52.12 -22.62 -4.89
C THR R 151 52.47 -22.10 -3.49
N GLU R 152 52.81 -20.82 -3.38
CA GLU R 152 53.17 -20.24 -2.08
C GLU R 152 51.96 -19.56 -1.44
N GLN R 153 50.86 -20.30 -1.33
CA GLN R 153 49.63 -19.80 -0.75
C GLN R 153 49.30 -20.62 0.49
N SER R 154 49.07 -19.95 1.61
CA SER R 154 48.75 -20.64 2.85
C SER R 154 47.26 -20.97 2.91
N THR R 155 46.95 -22.09 3.55
CA THR R 155 45.59 -22.60 3.62
C THR R 155 45.05 -22.70 5.04
N GLU R 156 45.84 -22.41 6.05
CA GLU R 156 45.38 -22.53 7.42
C GLU R 156 44.50 -21.34 7.80
N GLN R 157 43.60 -21.58 8.76
CA GLN R 157 42.60 -20.60 9.18
C GLN R 157 42.54 -20.58 10.71
N GLU R 158 43.18 -19.59 11.32
CA GLU R 158 43.05 -19.34 12.75
C GLU R 158 42.31 -18.04 12.98
N ILE R 159 41.47 -18.00 14.00
CA ILE R 159 40.60 -16.86 14.22
C ILE R 159 41.37 -15.72 14.87
N LEU R 160 41.29 -14.55 14.25
CA LEU R 160 41.84 -13.32 14.82
C LEU R 160 40.80 -12.74 15.76
N VAL R 161 41.03 -12.88 17.06
CA VAL R 161 40.08 -12.35 18.03
C VAL R 161 40.31 -10.85 18.21
N THR R 162 39.25 -10.07 18.06
CA THR R 162 39.35 -8.62 18.04
C THR R 162 38.82 -7.98 19.30
N GLY R 163 37.89 -8.64 19.99
CA GLY R 163 37.25 -8.05 21.13
C GLY R 163 35.95 -7.33 20.83
N ILE R 164 35.48 -7.41 19.60
CA ILE R 164 34.25 -6.77 19.18
C ILE R 164 33.20 -7.86 19.01
N LYS R 165 32.16 -7.85 19.84
CA LYS R 165 31.28 -9.00 19.95
C LYS R 165 30.30 -9.14 18.80
N VAL R 166 30.29 -8.22 17.84
CA VAL R 166 29.58 -8.46 16.60
C VAL R 166 30.53 -9.01 15.54
N VAL R 167 31.81 -8.61 15.60
CA VAL R 167 32.79 -9.14 14.68
C VAL R 167 33.16 -10.56 15.06
N ASP R 168 33.52 -10.78 16.32
CA ASP R 168 33.99 -12.10 16.74
C ASP R 168 32.90 -13.16 16.77
N LEU R 169 31.63 -12.78 16.79
CA LEU R 169 30.54 -13.75 16.79
C LEU R 169 30.06 -14.10 15.40
N LEU R 170 29.62 -13.12 14.63
CA LEU R 170 28.90 -13.36 13.39
C LEU R 170 29.79 -13.47 12.16
N ALA R 171 30.80 -12.61 12.05
CA ALA R 171 31.72 -12.63 10.91
C ALA R 171 33.15 -12.62 11.44
N PRO R 172 33.62 -13.75 11.97
CA PRO R 172 34.90 -13.75 12.69
C PRO R 172 36.08 -13.62 11.75
N TYR R 173 37.03 -12.78 12.14
CA TYR R 173 38.17 -12.48 11.28
C TYR R 173 39.18 -13.63 11.32
N GLN R 174 40.05 -13.64 10.33
CA GLN R 174 41.06 -14.67 10.18
C GLN R 174 42.43 -14.02 10.24
N ARG R 175 43.31 -14.53 11.11
CA ARG R 175 44.66 -14.01 11.15
C ARG R 175 45.41 -14.53 9.93
N GLY R 176 46.11 -13.63 9.25
CA GLY R 176 46.63 -13.95 7.95
C GLY R 176 45.63 -13.79 6.82
N GLY R 177 44.51 -13.12 7.07
CA GLY R 177 43.47 -12.97 6.09
C GLY R 177 43.14 -11.51 5.80
N LYS R 178 42.29 -11.33 4.79
CA LYS R 178 41.91 -10.01 4.30
C LYS R 178 40.51 -9.67 4.77
N ILE R 179 40.34 -8.44 5.26
CA ILE R 179 39.14 -8.01 5.94
C ILE R 179 38.65 -6.73 5.25
N GLY R 180 37.36 -6.72 4.89
CA GLY R 180 36.74 -5.56 4.29
C GLY R 180 35.77 -4.89 5.26
N LEU R 181 35.97 -3.58 5.45
CA LEU R 181 35.06 -2.77 6.26
C LEU R 181 34.26 -1.90 5.30
N PHE R 182 33.09 -2.41 4.89
CA PHE R 182 32.25 -1.69 3.96
C PHE R 182 31.36 -0.70 4.71
N GLY R 183 30.77 0.21 3.96
CA GLY R 183 29.88 1.18 4.58
C GLY R 183 30.05 2.57 4.00
N GLY R 184 28.96 3.35 4.02
CA GLY R 184 28.95 4.66 3.41
C GLY R 184 29.72 5.70 4.21
N ALA R 185 29.36 6.95 3.98
CA ALA R 185 30.07 8.07 4.60
C ALA R 185 29.39 8.44 5.91
N GLY R 186 30.09 8.23 7.02
CA GLY R 186 29.58 8.57 8.32
C GLY R 186 29.06 7.41 9.14
N VAL R 187 29.27 6.17 8.70
CA VAL R 187 28.72 5.02 9.41
C VAL R 187 29.69 4.41 10.40
N GLY R 188 30.95 4.84 10.41
CA GLY R 188 31.89 4.33 11.39
C GLY R 188 32.94 3.39 10.84
N LYS R 189 33.48 3.67 9.66
CA LYS R 189 34.59 2.87 9.16
C LYS R 189 35.89 3.24 9.84
N THR R 190 36.15 4.55 9.99
CA THR R 190 37.41 4.98 10.57
C THR R 190 37.45 4.71 12.07
N VAL R 191 36.31 4.83 12.75
CA VAL R 191 36.25 4.50 14.18
C VAL R 191 36.45 3.00 14.39
N LEU R 192 35.89 2.18 13.50
CA LEU R 192 36.07 0.74 13.60
C LEU R 192 37.50 0.33 13.30
N ILE R 193 38.15 1.00 12.34
CA ILE R 193 39.54 0.65 12.05
C ILE R 193 40.47 1.20 13.12
N MET R 194 40.06 2.28 13.80
CA MET R 194 40.81 2.77 14.96
C MET R 194 40.72 1.79 16.12
N GLU R 195 39.53 1.24 16.36
CA GLU R 195 39.38 0.24 17.42
C GLU R 195 40.06 -1.06 17.06
N LEU R 196 40.10 -1.41 15.78
CA LEU R 196 40.84 -2.60 15.35
C LEU R 196 42.34 -2.43 15.54
N ILE R 197 42.85 -1.22 15.27
CA ILE R 197 44.25 -0.93 15.58
C ILE R 197 44.50 -1.03 17.08
N ASN R 198 43.67 -0.35 17.87
CA ASN R 198 43.83 -0.29 19.33
C ASN R 198 43.61 -1.62 20.01
N ASN R 199 42.97 -2.59 19.35
CA ASN R 199 42.84 -3.92 19.93
C ASN R 199 43.93 -4.86 19.41
N VAL R 200 44.05 -5.00 18.10
CA VAL R 200 44.92 -6.01 17.53
C VAL R 200 46.38 -5.56 17.53
N ALA R 201 46.65 -4.37 17.00
CA ALA R 201 48.01 -4.02 16.61
C ALA R 201 48.93 -3.73 17.79
N LYS R 202 48.33 -3.54 18.98
CA LYS R 202 49.13 -3.26 20.21
C LYS R 202 49.55 -4.59 20.84
N ALA R 203 48.70 -5.61 20.73
CA ALA R 203 48.95 -6.94 21.29
C ALA R 203 49.26 -7.96 20.20
N HIS R 204 49.91 -7.52 19.12
CA HIS R 204 50.25 -8.41 18.02
C HIS R 204 51.71 -8.81 18.00
N GLY R 205 52.59 -7.97 18.50
CA GLY R 205 54.02 -8.25 18.47
C GLY R 205 54.71 -7.82 17.19
N GLY R 206 54.18 -8.26 16.05
CA GLY R 206 54.74 -7.88 14.77
C GLY R 206 54.44 -6.44 14.40
N PHE R 207 54.92 -6.06 13.23
CA PHE R 207 54.80 -4.69 12.76
C PHE R 207 53.46 -4.47 12.04
N SER R 208 52.95 -3.26 12.15
CA SER R 208 51.76 -2.85 11.43
C SER R 208 52.14 -1.79 10.42
N VAL R 209 51.36 -1.68 9.36
CA VAL R 209 51.52 -0.64 8.34
C VAL R 209 50.17 -0.01 8.12
N PHE R 210 50.06 1.30 8.31
CA PHE R 210 48.85 2.02 7.97
C PHE R 210 49.05 2.71 6.63
N ALA R 211 48.11 2.49 5.72
CA ALA R 211 48.13 3.12 4.39
C ALA R 211 46.91 4.04 4.29
N GLY R 212 47.12 5.33 4.49
CA GLY R 212 46.05 6.28 4.32
C GLY R 212 45.90 6.66 2.88
N VAL R 213 44.92 6.06 2.19
CA VAL R 213 44.76 6.22 0.76
C VAL R 213 43.57 7.15 0.54
N GLY R 214 43.86 8.43 0.30
CA GLY R 214 42.84 9.37 -0.10
C GLY R 214 41.81 9.71 0.95
N GLU R 215 42.25 9.97 2.16
CA GLU R 215 41.35 10.26 3.26
C GLU R 215 41.63 11.67 3.79
N ARG R 216 41.00 12.02 4.90
CA ARG R 216 41.19 13.32 5.49
C ARG R 216 42.55 13.39 6.18
N THR R 217 43.23 14.53 6.03
CA THR R 217 44.51 14.72 6.68
C THR R 217 44.34 14.93 8.18
N ARG R 218 43.18 15.44 8.59
CA ARG R 218 42.90 15.65 10.01
C ARG R 218 42.86 14.34 10.78
N GLU R 219 42.20 13.32 10.24
CA GLU R 219 42.18 12.03 10.93
C GLU R 219 43.49 11.29 10.79
N GLY R 220 44.29 11.59 9.77
CA GLY R 220 45.65 11.08 9.74
C GLY R 220 46.50 11.66 10.85
N ASN R 221 46.35 12.96 11.10
CA ASN R 221 47.01 13.59 12.25
C ASN R 221 46.46 13.03 13.56
N ASP R 222 45.17 12.71 13.62
CA ASP R 222 44.58 12.12 14.82
C ASP R 222 45.16 10.74 15.10
N LEU R 223 45.29 9.90 14.07
CA LEU R 223 45.93 8.59 14.22
C LEU R 223 47.38 8.73 14.64
N TYR R 224 48.11 9.66 14.02
CA TYR R 224 49.53 9.86 14.36
C TYR R 224 49.70 10.31 15.79
N ARG R 225 48.84 11.23 16.25
CA ARG R 225 48.91 11.69 17.64
C ARG R 225 48.53 10.58 18.61
N GLU R 226 47.44 9.86 18.32
CA GLU R 226 46.96 8.80 19.20
C GLU R 226 47.89 7.60 19.22
N MET R 227 48.81 7.49 18.26
CA MET R 227 49.86 6.48 18.37
C MET R 227 51.16 7.05 18.89
N ILE R 228 51.32 8.37 18.93
CA ILE R 228 52.39 8.96 19.72
C ILE R 228 52.13 8.74 21.21
N GLU R 229 50.89 8.98 21.66
CA GLU R 229 50.61 8.83 23.09
C GLU R 229 50.55 7.37 23.51
N SER R 230 49.94 6.50 22.71
CA SER R 230 49.79 5.10 23.13
C SER R 230 51.07 4.29 22.99
N GLY R 231 52.14 4.87 22.47
CA GLY R 231 53.43 4.20 22.42
C GLY R 231 53.63 3.29 21.23
N VAL R 232 52.73 3.30 20.26
CA VAL R 232 52.97 2.54 19.03
C VAL R 232 54.06 3.20 18.20
N ILE R 233 54.06 4.52 18.14
CA ILE R 233 55.12 5.29 17.50
C ILE R 233 55.91 5.99 18.59
N LYS R 234 57.23 5.87 18.53
CA LYS R 234 58.13 6.58 19.43
C LYS R 234 59.08 7.46 18.62
N LEU R 235 59.53 8.54 19.24
CA LEU R 235 60.32 9.55 18.57
C LEU R 235 61.72 9.63 19.16
N GLY R 236 62.65 10.17 18.37
CA GLY R 236 63.97 10.48 18.86
C GLY R 236 64.88 9.27 18.83
N ALA R 237 65.58 9.02 19.94
CA ALA R 237 66.55 7.94 20.00
C ALA R 237 65.88 6.57 20.13
N GLU R 238 64.69 6.50 20.72
CA GLU R 238 63.97 5.25 20.85
C GLU R 238 63.00 5.01 19.69
N ARG R 239 63.33 5.52 18.51
CA ARG R 239 62.49 5.36 17.32
C ARG R 239 62.38 3.90 16.89
N GLY R 240 63.44 3.10 17.13
CA GLY R 240 63.46 1.72 16.69
C GLY R 240 62.52 0.81 17.45
N ASN R 241 61.97 1.27 18.57
CA ASN R 241 60.97 0.52 19.32
C ASN R 241 59.55 0.85 18.88
N SER R 242 59.38 1.39 17.68
CA SER R 242 58.07 1.61 17.11
C SER R 242 57.61 0.38 16.35
N LYS R 243 56.28 0.23 16.24
CA LYS R 243 55.70 -0.95 15.61
C LYS R 243 54.78 -0.60 14.45
N CYS R 244 54.77 0.65 14.00
CA CYS R 244 53.88 1.07 12.93
C CYS R 244 54.61 1.97 11.95
N THR R 245 54.43 1.69 10.66
CA THR R 245 54.91 2.53 9.58
C THR R 245 53.71 3.19 8.91
N LEU R 246 53.71 4.52 8.86
CA LEU R 246 52.62 5.26 8.24
C LEU R 246 53.01 5.66 6.83
N VAL R 247 52.11 5.42 5.88
CA VAL R 247 52.25 5.86 4.49
C VAL R 247 50.96 6.59 4.14
N TYR R 248 51.08 7.85 3.72
CA TYR R 248 49.91 8.70 3.61
C TYR R 248 49.78 9.33 2.23
N GLY R 249 48.58 9.22 1.66
CA GLY R 249 48.24 9.63 0.32
C GLY R 249 46.94 10.39 0.24
N GLN R 250 46.75 11.37 1.12
CA GLN R 250 45.43 11.86 1.50
C GLN R 250 44.76 12.68 0.41
N MET R 251 43.63 13.31 0.75
CA MET R 251 42.71 13.85 -0.25
C MET R 251 43.23 15.09 -0.97
N ASN R 252 44.17 15.82 -0.37
CA ASN R 252 44.71 17.00 -1.05
C ASN R 252 45.71 16.64 -2.14
N GLU R 253 46.16 15.39 -2.19
CA GLU R 253 47.11 14.93 -3.19
C GLU R 253 46.45 14.84 -4.56
N PRO R 254 47.22 14.93 -5.63
CA PRO R 254 46.69 14.69 -6.98
C PRO R 254 46.31 13.24 -7.17
N PRO R 255 45.51 12.91 -8.19
CA PRO R 255 45.06 11.51 -8.36
C PRO R 255 46.17 10.53 -8.71
N GLY R 256 47.35 10.98 -9.11
CA GLY R 256 48.45 10.04 -9.26
C GLY R 256 49.05 9.61 -7.94
N ALA R 257 49.07 10.51 -6.96
CA ALA R 257 49.64 10.18 -5.65
C ALA R 257 48.70 9.36 -4.80
N ARG R 258 47.39 9.40 -5.08
CA ARG R 258 46.45 8.53 -4.38
C ARG R 258 46.32 7.18 -5.04
N ALA R 259 46.65 7.06 -6.33
CA ALA R 259 46.58 5.79 -7.02
C ALA R 259 47.74 4.87 -6.70
N ARG R 260 48.86 5.42 -6.22
CA ARG R 260 50.06 4.62 -6.01
C ARG R 260 50.49 4.55 -4.55
N VAL R 261 49.78 5.19 -3.63
CA VAL R 261 50.22 5.19 -2.24
C VAL R 261 49.88 3.86 -1.57
N ALA R 262 48.88 3.16 -2.08
CA ALA R 262 48.56 1.82 -1.58
C ALA R 262 49.67 0.85 -1.95
N LEU R 263 50.30 1.04 -3.10
CA LEU R 263 51.45 0.22 -3.46
C LEU R 263 52.65 0.51 -2.58
N THR R 264 52.79 1.73 -2.07
CA THR R 264 53.89 2.06 -1.19
C THR R 264 53.70 1.44 0.19
N GLY R 265 52.50 1.56 0.75
CA GLY R 265 52.21 0.86 1.99
C GLY R 265 52.29 -0.64 1.85
N LEU R 266 51.89 -1.14 0.68
CA LEU R 266 51.93 -2.57 0.42
C LEU R 266 53.36 -3.07 0.25
N THR R 267 54.26 -2.27 -0.32
CA THR R 267 55.62 -2.78 -0.44
C THR R 267 56.38 -2.65 0.87
N VAL R 268 55.99 -1.73 1.75
CA VAL R 268 56.54 -1.75 3.11
C VAL R 268 56.08 -3.01 3.84
N ALA R 269 54.79 -3.36 3.72
CA ALA R 269 54.30 -4.60 4.32
C ALA R 269 54.89 -5.83 3.67
N GLU R 270 55.21 -5.77 2.37
CA GLU R 270 55.80 -6.93 1.69
C GLU R 270 57.25 -7.12 2.06
N TYR R 271 57.97 -6.04 2.36
CA TYR R 271 59.31 -6.21 2.93
C TYR R 271 59.23 -6.78 4.34
N PHE R 272 58.24 -6.34 5.12
CA PHE R 272 58.10 -6.89 6.47
C PHE R 272 57.61 -8.32 6.47
N ARG R 273 56.99 -8.78 5.39
CA ARG R 273 56.53 -10.17 5.28
C ARG R 273 57.60 -11.08 4.69
N ASP R 274 58.20 -10.69 3.57
CA ASP R 274 59.11 -11.57 2.87
C ASP R 274 60.49 -11.62 3.52
N ILE R 275 61.11 -10.47 3.71
CA ILE R 275 62.51 -10.44 4.11
C ILE R 275 62.66 -10.61 5.63
N GLU R 276 61.93 -9.82 6.41
CA GLU R 276 61.99 -9.96 7.85
C GLU R 276 61.24 -11.19 8.35
N GLY R 277 60.37 -11.76 7.52
CA GLY R 277 59.64 -12.95 7.91
C GLY R 277 58.54 -12.73 8.91
N GLN R 278 58.22 -11.49 9.24
CA GLN R 278 57.31 -11.18 10.32
C GLN R 278 55.86 -11.42 9.88
N ASP R 279 54.95 -11.29 10.85
CA ASP R 279 53.52 -11.28 10.59
C ASP R 279 53.06 -9.84 10.64
N VAL R 280 52.52 -9.34 9.53
CA VAL R 280 52.32 -7.92 9.34
C VAL R 280 50.83 -7.61 9.41
N LEU R 281 50.51 -6.43 9.92
CA LEU R 281 49.19 -5.83 9.80
C LEU R 281 49.26 -4.75 8.73
N LEU R 282 48.27 -4.73 7.84
CA LEU R 282 48.20 -3.70 6.81
C LEU R 282 46.80 -3.10 6.86
N PHE R 283 46.65 -2.02 7.60
CA PHE R 283 45.40 -1.29 7.64
C PHE R 283 45.38 -0.31 6.47
N VAL R 284 44.40 -0.45 5.58
CA VAL R 284 44.25 0.44 4.45
C VAL R 284 42.94 1.18 4.62
N ASP R 285 43.02 2.49 4.88
CA ASP R 285 41.82 3.30 5.02
C ASP R 285 41.37 3.75 3.62
N ASN R 286 40.19 3.28 3.23
CA ASN R 286 39.52 3.61 1.97
C ASN R 286 40.36 3.22 0.76
N ILE R 287 40.42 1.91 0.55
CA ILE R 287 40.83 1.31 -0.71
C ILE R 287 39.93 1.70 -1.89
N PHE R 288 38.74 2.25 -1.63
CA PHE R 288 37.91 2.83 -2.69
C PHE R 288 38.62 3.98 -3.40
N ARG R 289 39.42 4.74 -2.66
CA ARG R 289 40.10 5.89 -3.27
C ARG R 289 41.20 5.49 -4.23
N PHE R 290 41.68 4.25 -4.16
CA PHE R 290 42.58 3.72 -5.19
C PHE R 290 41.88 3.68 -6.55
N THR R 291 40.70 3.05 -6.59
CA THR R 291 39.93 2.99 -7.83
C THR R 291 39.42 4.36 -8.24
N GLN R 292 39.09 5.21 -7.27
CA GLN R 292 38.66 6.56 -7.57
C GLN R 292 39.78 7.38 -8.19
N ALA R 293 41.01 7.22 -7.67
CA ALA R 293 42.15 7.93 -8.22
C ALA R 293 42.55 7.42 -9.58
N ASN R 294 42.36 6.12 -9.82
CA ASN R 294 42.58 5.60 -11.16
C ASN R 294 41.47 6.01 -12.13
N SER R 295 40.29 6.36 -11.61
CA SER R 295 39.20 6.81 -12.48
C SER R 295 39.37 8.26 -12.91
N GLU R 296 40.03 9.09 -12.09
CA GLU R 296 40.19 10.50 -12.41
C GLU R 296 41.17 10.74 -13.55
N VAL R 297 42.05 9.77 -13.85
CA VAL R 297 43.07 9.95 -14.87
C VAL R 297 42.79 9.13 -16.11
N SER R 298 41.84 8.20 -16.07
CA SER R 298 41.70 7.22 -17.14
C SER R 298 41.11 7.81 -18.42
N ALA R 299 40.33 8.88 -18.31
CA ALA R 299 39.88 9.55 -19.53
C ALA R 299 41.02 10.32 -20.18
N LEU R 300 41.96 10.83 -19.39
CA LEU R 300 43.11 11.52 -19.93
C LEU R 300 44.20 10.56 -20.39
N LEU R 301 44.14 9.29 -19.98
CA LEU R 301 45.02 8.28 -20.52
C LEU R 301 44.54 7.70 -21.84
N GLY R 302 43.40 8.15 -22.33
CA GLY R 302 42.91 7.70 -23.62
C GLY R 302 42.02 6.48 -23.57
N ARG R 303 41.36 6.23 -22.45
CA ARG R 303 40.49 5.07 -22.29
C ARG R 303 39.05 5.51 -22.31
N ILE R 304 38.25 4.88 -23.16
CA ILE R 304 36.82 5.20 -23.22
C ILE R 304 36.19 4.59 -21.98
N PRO R 305 35.20 5.24 -21.36
CA PRO R 305 34.76 4.82 -20.03
C PRO R 305 33.97 3.53 -20.04
N SER R 306 34.00 2.86 -18.90
CA SER R 306 33.33 1.61 -18.63
C SER R 306 31.93 1.89 -18.10
N ALA R 307 31.35 0.93 -17.37
CA ALA R 307 30.13 1.14 -16.59
C ALA R 307 30.38 2.19 -15.51
N VAL R 308 29.41 2.47 -14.64
CA VAL R 308 28.89 3.79 -14.31
C VAL R 308 29.77 5.05 -14.49
N GLY R 309 31.10 4.92 -14.64
CA GLY R 309 31.98 6.05 -14.76
C GLY R 309 33.39 5.70 -14.31
N TYR R 310 33.58 4.45 -13.93
CA TYR R 310 34.90 3.93 -13.60
C TYR R 310 35.67 3.60 -14.87
N GLN R 311 36.95 3.28 -14.68
CA GLN R 311 37.83 2.94 -15.78
C GLN R 311 37.48 1.56 -16.34
N PRO R 312 37.87 1.26 -17.59
CA PRO R 312 37.71 -0.11 -18.08
C PRO R 312 38.56 -1.12 -17.36
N THR R 313 39.66 -0.70 -16.75
CA THR R 313 40.62 -1.58 -16.09
C THR R 313 40.38 -1.64 -14.59
N LEU R 314 39.12 -1.61 -14.14
CA LEU R 314 38.83 -1.50 -12.72
C LEU R 314 39.14 -2.80 -11.98
N ALA R 315 38.63 -3.92 -12.51
CA ALA R 315 38.77 -5.19 -11.82
C ALA R 315 40.21 -5.69 -11.87
N THR R 316 40.92 -5.47 -12.97
CA THR R 316 42.28 -5.95 -13.04
C THR R 316 43.26 -5.07 -12.26
N ASP R 317 43.00 -3.77 -12.16
CA ASP R 317 43.82 -2.93 -11.29
C ASP R 317 43.61 -3.28 -9.82
N LEU R 318 42.35 -3.48 -9.44
CA LEU R 318 42.05 -3.89 -8.06
C LEU R 318 42.60 -5.28 -7.77
N GLY R 319 42.57 -6.18 -8.75
CA GLY R 319 43.13 -7.51 -8.53
C GLY R 319 44.65 -7.51 -8.44
N GLY R 320 45.31 -6.72 -9.30
CA GLY R 320 46.75 -6.61 -9.22
C GLY R 320 47.24 -5.94 -7.96
N LEU R 321 46.42 -5.06 -7.39
CA LEU R 321 46.74 -4.52 -6.07
C LEU R 321 46.49 -5.55 -4.97
N GLN R 322 45.32 -6.20 -4.98
CA GLN R 322 44.89 -6.96 -3.82
C GLN R 322 45.51 -8.35 -3.75
N GLU R 323 45.92 -8.93 -4.88
CA GLU R 323 46.53 -10.25 -4.83
C GLU R 323 47.94 -10.23 -4.28
N ARG R 324 48.57 -9.05 -4.24
CA ARG R 324 49.84 -8.92 -3.54
C ARG R 324 49.66 -8.96 -2.04
N ILE R 325 48.47 -8.67 -1.54
CA ILE R 325 48.20 -8.66 -0.09
C ILE R 325 47.75 -10.08 0.25
N THR R 326 48.71 -10.96 0.46
CA THR R 326 48.39 -12.34 0.77
C THR R 326 49.29 -12.83 1.89
N THR R 327 48.97 -14.02 2.37
CA THR R 327 49.78 -14.74 3.34
C THR R 327 50.55 -15.80 2.56
N THR R 328 51.86 -15.61 2.44
CA THR R 328 52.70 -16.56 1.73
C THR R 328 53.22 -17.61 2.69
N THR R 329 54.18 -18.41 2.24
CA THR R 329 54.89 -19.33 3.11
C THR R 329 56.02 -18.63 3.86
N LYS R 330 56.46 -17.46 3.38
CA LYS R 330 57.53 -16.73 4.04
C LYS R 330 57.03 -16.04 5.30
N GLY R 331 55.90 -15.35 5.21
CA GLY R 331 55.37 -14.58 6.32
C GLY R 331 53.87 -14.50 6.23
N SER R 332 53.33 -13.40 6.72
CA SER R 332 51.88 -13.22 6.76
C SER R 332 51.54 -11.74 6.76
N ILE R 333 50.48 -11.38 6.05
CA ILE R 333 49.92 -10.04 6.09
C ILE R 333 48.43 -10.16 6.41
N THR R 334 48.03 -9.64 7.55
CA THR R 334 46.63 -9.55 7.94
C THR R 334 46.17 -8.16 7.56
N SER R 335 45.41 -8.04 6.48
CA SER R 335 44.99 -6.75 5.97
C SER R 335 43.58 -6.42 6.42
N VAL R 336 43.41 -5.23 6.98
CA VAL R 336 42.10 -4.65 7.26
C VAL R 336 41.91 -3.53 6.26
N GLN R 337 40.77 -3.50 5.58
CA GLN R 337 40.54 -2.52 4.53
C GLN R 337 39.16 -1.90 4.71
N ALA R 338 39.13 -0.59 4.86
CA ALA R 338 37.87 0.14 4.76
C ALA R 338 37.52 0.33 3.30
N VAL R 339 36.25 0.11 2.96
CA VAL R 339 35.75 0.33 1.61
C VAL R 339 34.55 1.26 1.71
N TYR R 340 34.70 2.47 1.20
CA TYR R 340 33.57 3.40 1.15
C TYR R 340 32.65 3.00 0.00
N VAL R 341 31.41 2.67 0.32
CA VAL R 341 30.42 2.44 -0.73
C VAL R 341 29.77 3.77 -1.09
N PRO R 342 29.67 4.12 -2.38
CA PRO R 342 29.12 5.42 -2.75
C PRO R 342 27.61 5.44 -2.55
N ALA R 343 27.14 6.36 -1.68
CA ALA R 343 25.73 6.60 -1.38
C ALA R 343 25.03 5.35 -0.84
N ASP R 344 25.75 4.58 -0.02
CA ASP R 344 25.28 3.34 0.60
C ASP R 344 24.82 2.31 -0.42
N ASP R 345 25.44 2.31 -1.61
CA ASP R 345 25.12 1.37 -2.66
C ASP R 345 26.19 0.28 -2.64
N LEU R 346 25.79 -0.94 -2.27
CA LEU R 346 26.68 -2.09 -2.32
C LEU R 346 26.77 -2.67 -3.72
N THR R 347 25.92 -2.23 -4.64
CA THR R 347 25.92 -2.68 -6.02
C THR R 347 26.77 -1.79 -6.92
N ASP R 348 27.33 -0.73 -6.38
CA ASP R 348 28.32 0.06 -7.09
C ASP R 348 29.53 -0.80 -7.41
N PRO R 349 30.08 -0.73 -8.63
CA PRO R 349 31.10 -1.72 -9.04
C PRO R 349 32.43 -1.61 -8.31
N ALA R 350 32.73 -0.49 -7.68
CA ALA R 350 34.03 -0.39 -7.01
C ALA R 350 34.07 -1.14 -5.67
N PRO R 351 32.99 -1.16 -4.82
CA PRO R 351 32.99 -2.15 -3.74
C PRO R 351 32.57 -3.55 -4.16
N ALA R 352 31.76 -3.65 -5.22
CA ALA R 352 31.33 -4.96 -5.69
C ALA R 352 32.49 -5.76 -6.28
N THR R 353 33.48 -5.08 -6.82
CA THR R 353 34.71 -5.77 -7.23
C THR R 353 35.53 -6.16 -6.01
N THR R 354 35.55 -5.31 -4.97
CA THR R 354 36.33 -5.55 -3.76
C THR R 354 35.83 -6.77 -2.99
N PHE R 355 34.52 -7.04 -3.06
CA PHE R 355 33.88 -8.11 -2.29
C PHE R 355 34.50 -9.48 -2.51
N ALA R 356 34.99 -9.78 -3.71
CA ALA R 356 35.51 -11.11 -3.98
C ALA R 356 36.93 -11.32 -3.45
N HIS R 357 37.67 -10.25 -3.19
CA HIS R 357 39.06 -10.35 -2.80
C HIS R 357 39.26 -10.45 -1.31
N LEU R 358 38.20 -10.67 -0.54
CA LEU R 358 38.26 -10.58 0.91
C LEU R 358 37.88 -11.90 1.56
N ASP R 359 38.52 -12.20 2.68
CA ASP R 359 38.18 -13.37 3.46
C ASP R 359 36.98 -13.09 4.36
N ALA R 360 37.04 -11.99 5.10
CA ALA R 360 35.94 -11.54 5.93
C ALA R 360 35.38 -10.24 5.37
N THR R 361 34.17 -9.89 5.81
CA THR R 361 33.46 -8.74 5.27
C THR R 361 32.57 -8.18 6.36
N THR R 362 32.82 -6.94 6.76
CA THR R 362 32.06 -6.28 7.80
C THR R 362 31.32 -5.11 7.15
N VAL R 363 30.11 -5.38 6.68
CA VAL R 363 29.28 -4.34 6.06
C VAL R 363 28.68 -3.50 7.17
N LEU R 364 28.98 -2.20 7.18
CA LEU R 364 28.35 -1.27 8.08
C LEU R 364 27.15 -0.63 7.40
N SER R 365 26.04 -0.50 8.14
CA SER R 365 24.79 -0.04 7.59
C SER R 365 24.36 1.27 8.26
N ARG R 366 23.78 2.17 7.45
CA ARG R 366 23.34 3.45 7.98
C ARG R 366 22.09 3.32 8.84
N SER R 367 21.20 2.39 8.50
CA SER R 367 19.98 2.19 9.26
C SER R 367 20.25 1.59 10.63
N ILE R 368 21.35 0.86 10.79
CA ILE R 368 21.73 0.38 12.11
C ILE R 368 22.24 1.53 12.97
N ALA R 369 23.00 2.45 12.37
CA ALA R 369 23.50 3.60 13.11
C ALA R 369 22.40 4.60 13.39
N GLU R 370 21.31 4.56 12.62
CA GLU R 370 20.16 5.41 12.90
C GLU R 370 19.36 4.91 14.09
N LEU R 371 19.55 3.66 14.50
CA LEU R 371 18.99 3.13 15.73
C LEU R 371 19.84 3.47 16.95
N GLY R 372 20.99 4.11 16.76
CA GLY R 372 21.90 4.38 17.84
C GLY R 372 22.86 3.26 18.18
N ILE R 373 22.81 2.16 17.43
CA ILE R 373 23.64 0.99 17.71
C ILE R 373 25.01 1.21 17.09
N TYR R 374 26.06 1.12 17.91
CA TYR R 374 27.41 1.22 17.42
C TYR R 374 28.26 0.09 17.99
N PRO R 375 29.09 -0.57 17.16
CA PRO R 375 29.35 -0.38 15.73
C PRO R 375 28.20 -0.84 14.85
N ALA R 376 27.93 -0.10 13.77
CA ALA R 376 26.73 -0.30 12.99
C ALA R 376 26.88 -1.43 11.99
N VAL R 377 27.33 -2.59 12.46
CA VAL R 377 27.56 -3.75 11.62
C VAL R 377 26.21 -4.36 11.26
N ASP R 378 25.98 -4.60 9.98
CA ASP R 378 24.84 -5.37 9.56
C ASP R 378 25.03 -6.80 10.03
N PRO R 379 24.18 -7.33 10.91
CA PRO R 379 24.42 -8.67 11.44
C PRO R 379 24.14 -9.78 10.44
N LEU R 380 23.37 -9.48 9.39
CA LEU R 380 23.10 -10.46 8.35
C LEU R 380 24.06 -10.32 7.19
N ASP R 381 24.27 -9.10 6.70
CA ASP R 381 25.02 -8.89 5.47
C ASP R 381 26.53 -9.07 5.68
N SER R 382 26.99 -9.14 6.91
CA SER R 382 28.40 -9.42 7.16
C SER R 382 28.68 -10.92 7.03
N THR R 383 29.81 -11.24 6.42
CA THR R 383 30.13 -12.60 6.02
C THR R 383 31.60 -12.83 6.33
N SER R 384 31.96 -14.08 6.62
CA SER R 384 33.35 -14.45 6.80
C SER R 384 33.52 -15.89 6.37
N ARG R 385 34.75 -16.22 5.96
CA ARG R 385 35.08 -17.61 5.65
C ARG R 385 35.25 -18.44 6.91
N MET R 386 35.48 -17.80 8.05
CA MET R 386 35.66 -18.51 9.30
C MET R 386 34.35 -19.02 9.89
N LEU R 387 33.21 -18.48 9.46
CA LEU R 387 31.91 -18.98 9.91
C LEU R 387 31.67 -20.31 9.22
N ASN R 388 32.17 -21.37 9.84
CA ASN R 388 32.18 -22.71 9.32
C ASN R 388 32.31 -23.56 10.57
N PRO R 389 31.44 -24.56 10.77
CA PRO R 389 31.52 -25.38 11.98
C PRO R 389 32.78 -26.23 12.06
N ASN R 390 33.43 -26.51 10.93
CA ASN R 390 34.67 -27.25 10.91
C ASN R 390 35.87 -26.40 11.32
N VAL R 391 35.70 -25.10 11.50
CA VAL R 391 36.78 -24.18 11.80
C VAL R 391 36.66 -23.61 13.21
N ILE R 392 35.53 -22.96 13.50
CA ILE R 392 35.36 -22.27 14.77
C ILE R 392 34.63 -23.11 15.81
N GLY R 393 34.12 -24.28 15.45
CA GLY R 393 33.42 -25.11 16.41
C GLY R 393 31.92 -25.04 16.28
N ALA R 394 31.25 -26.15 16.57
CA ALA R 394 29.82 -26.28 16.36
C ALA R 394 28.99 -25.60 17.44
N GLU R 395 29.62 -25.02 18.46
CA GLU R 395 28.90 -24.16 19.39
C GLU R 395 28.86 -22.72 18.91
N HIS R 396 30.02 -22.19 18.54
CA HIS R 396 30.15 -20.84 17.98
C HIS R 396 29.35 -20.71 16.69
N TYR R 397 29.49 -21.69 15.78
CA TYR R 397 28.80 -21.62 14.51
C TYR R 397 27.29 -21.69 14.69
N ASN R 398 26.82 -22.55 15.58
CA ASN R 398 25.38 -22.69 15.77
C ASN R 398 24.79 -21.49 16.50
N VAL R 399 25.53 -20.87 17.42
CA VAL R 399 24.97 -19.70 18.08
C VAL R 399 24.98 -18.49 17.13
N ALA R 400 25.96 -18.42 16.20
CA ALA R 400 25.95 -17.35 15.22
C ALA R 400 24.81 -17.54 14.21
N ARG R 401 24.58 -18.78 13.78
CA ARG R 401 23.46 -19.05 12.88
C ARG R 401 22.12 -18.85 13.58
N GLY R 402 22.05 -19.11 14.89
CA GLY R 402 20.81 -18.85 15.61
C GLY R 402 20.53 -17.38 15.79
N VAL R 403 21.58 -16.58 16.03
CA VAL R 403 21.43 -15.13 16.12
C VAL R 403 20.98 -14.56 14.77
N GLN R 404 21.58 -15.04 13.68
CA GLN R 404 21.17 -14.57 12.37
C GLN R 404 19.76 -15.03 12.01
N LYS R 405 19.35 -16.21 12.48
CA LYS R 405 18.00 -16.71 12.24
C LYS R 405 16.96 -15.87 12.96
N VAL R 406 17.21 -15.55 14.23
CA VAL R 406 16.22 -14.77 14.98
C VAL R 406 16.20 -13.31 14.50
N LEU R 407 17.33 -12.79 14.01
CA LEU R 407 17.33 -11.44 13.46
C LEU R 407 16.62 -11.38 12.12
N GLN R 408 16.76 -12.40 11.29
CA GLN R 408 16.02 -12.45 10.03
C GLN R 408 14.53 -12.64 10.29
N ASP R 409 14.16 -13.42 11.30
CA ASP R 409 12.77 -13.57 11.68
C ASP R 409 12.17 -12.25 12.15
N TYR R 410 12.93 -11.48 12.94
CA TYR R 410 12.44 -10.18 13.37
C TYR R 410 12.35 -9.20 12.20
N LYS R 411 13.29 -9.28 11.25
CA LYS R 411 13.21 -8.41 10.07
C LYS R 411 12.01 -8.76 9.19
N ASN R 412 11.59 -10.02 9.18
CA ASN R 412 10.37 -10.37 8.48
C ASN R 412 9.13 -9.96 9.28
N LEU R 413 9.21 -9.91 10.61
CA LEU R 413 8.07 -9.47 11.42
C LEU R 413 7.92 -7.95 11.47
N GLN R 414 8.98 -7.21 11.13
CA GLN R 414 8.94 -5.74 11.19
C GLN R 414 7.93 -5.15 10.22
N ASP R 415 7.54 -5.89 9.19
CA ASP R 415 6.45 -5.45 8.33
C ASP R 415 5.13 -5.47 9.08
N ILE R 416 4.72 -6.63 9.59
CA ILE R 416 3.41 -6.77 10.21
C ILE R 416 3.32 -6.06 11.56
N ILE R 417 4.45 -5.71 12.17
CA ILE R 417 4.40 -4.94 13.41
C ILE R 417 3.90 -3.52 13.14
N ALA R 418 4.30 -2.93 12.01
CA ALA R 418 3.90 -1.56 11.72
C ALA R 418 2.51 -1.45 11.10
N ILE R 419 1.77 -2.55 10.97
CA ILE R 419 0.41 -2.50 10.45
C ILE R 419 -0.55 -3.09 11.48
N LEU R 420 -0.07 -4.04 12.29
CA LEU R 420 -0.92 -4.67 13.31
C LEU R 420 -0.62 -4.14 14.71
N GLY R 421 0.64 -4.17 15.13
CA GLY R 421 1.01 -3.52 16.37
C GLY R 421 1.70 -4.38 17.41
N MET R 422 2.02 -5.63 17.03
CA MET R 422 2.65 -6.63 17.91
C MET R 422 1.82 -6.86 19.18
N ASP R 423 0.60 -7.35 18.98
CA ASP R 423 -0.24 -7.72 20.10
C ASP R 423 -0.96 -9.05 19.94
N GLU R 424 -0.98 -9.66 18.75
CA GLU R 424 -1.78 -10.86 18.50
C GLU R 424 -0.92 -12.07 18.15
N LEU R 425 0.39 -11.98 18.26
CA LEU R 425 1.30 -12.95 17.63
C LEU R 425 1.48 -14.24 18.43
N SER R 426 0.68 -14.46 19.47
CA SER R 426 0.48 -15.75 20.14
C SER R 426 1.74 -16.29 20.81
N GLU R 427 2.57 -15.40 21.36
CA GLU R 427 3.70 -15.70 22.26
C GLU R 427 4.81 -16.57 21.67
N GLU R 428 4.78 -16.86 20.37
CA GLU R 428 5.94 -17.45 19.73
C GLU R 428 6.64 -16.44 18.83
N ASP R 429 5.87 -15.57 18.18
CA ASP R 429 6.42 -14.45 17.44
C ASP R 429 6.53 -13.19 18.27
N LYS R 430 5.87 -13.12 19.43
CA LYS R 430 6.09 -12.02 20.35
C LYS R 430 7.33 -12.23 21.20
N LEU R 431 7.78 -13.47 21.35
CA LEU R 431 9.01 -13.74 22.07
C LEU R 431 10.23 -13.55 21.18
N THR R 432 10.11 -13.91 19.89
CA THR R 432 11.21 -13.75 18.95
C THR R 432 11.43 -12.30 18.54
N VAL R 433 10.50 -11.40 18.87
CA VAL R 433 10.75 -9.97 18.71
C VAL R 433 11.59 -9.45 19.88
N ALA R 434 11.22 -9.82 21.10
CA ALA R 434 11.92 -9.33 22.28
C ALA R 434 13.33 -9.92 22.37
N ARG R 435 13.49 -11.19 22.00
CA ARG R 435 14.81 -11.81 22.02
C ARG R 435 15.72 -11.18 20.96
N ALA R 436 15.18 -10.92 19.77
CA ALA R 436 15.99 -10.30 18.74
C ALA R 436 16.27 -8.83 19.03
N ARG R 437 15.39 -8.16 19.77
CA ARG R 437 15.68 -6.78 20.17
C ARG R 437 16.76 -6.74 21.25
N LYS R 438 16.74 -7.69 22.18
CA LYS R 438 17.84 -7.83 23.14
C LYS R 438 19.14 -8.20 22.43
N ILE R 439 19.05 -8.94 21.33
CA ILE R 439 20.25 -9.30 20.57
C ILE R 439 20.79 -8.10 19.81
N GLN R 440 19.89 -7.29 19.23
CA GLN R 440 20.28 -6.06 18.55
C GLN R 440 20.97 -5.08 19.50
N ARG R 441 20.41 -4.89 20.69
CA ARG R 441 21.08 -4.03 21.67
C ARG R 441 22.36 -4.67 22.18
N PHE R 442 22.41 -6.01 22.25
CA PHE R 442 23.59 -6.68 22.77
C PHE R 442 24.72 -6.71 21.76
N LEU R 443 24.45 -6.50 20.47
CA LEU R 443 25.51 -6.44 19.48
C LEU R 443 26.30 -5.14 19.56
N SER R 444 25.72 -4.09 20.13
CA SER R 444 26.40 -2.82 20.30
C SER R 444 27.49 -2.94 21.38
N GLN R 445 28.49 -2.07 21.27
CA GLN R 445 29.64 -2.17 22.15
C GLN R 445 30.31 -0.81 22.26
N PRO R 446 30.64 -0.35 23.46
CA PRO R 446 31.42 0.89 23.58
C PRO R 446 32.85 0.66 23.18
N PHE R 447 33.38 1.60 22.39
CA PHE R 447 34.73 1.49 21.88
C PHE R 447 35.70 2.32 22.71
N GLN R 448 36.94 1.87 22.77
CA GLN R 448 37.98 2.61 23.46
C GLN R 448 38.28 3.93 22.77
N VAL R 449 38.22 3.93 21.43
CA VAL R 449 38.47 5.15 20.67
C VAL R 449 37.24 6.05 20.59
N ALA R 450 36.08 5.57 21.04
CA ALA R 450 34.86 6.36 21.02
C ALA R 450 34.50 6.94 22.37
N GLU R 451 35.41 6.87 23.35
CA GLU R 451 35.18 7.51 24.64
C GLU R 451 35.16 9.03 24.53
N VAL R 452 35.85 9.59 23.54
CA VAL R 452 35.98 11.05 23.44
C VAL R 452 34.84 11.69 22.66
N PHE R 453 33.83 10.91 22.27
CA PHE R 453 32.58 11.51 21.81
C PHE R 453 31.35 10.72 22.26
N THR R 454 31.48 9.79 23.21
CA THR R 454 30.30 9.20 23.83
C THR R 454 30.39 9.31 25.35
N GLY R 455 31.59 9.17 25.89
CA GLY R 455 31.78 9.28 27.33
C GLY R 455 31.90 7.94 28.02
N THR R 456 31.17 6.96 27.51
CA THR R 456 31.18 5.62 28.09
C THR R 456 32.54 4.96 27.84
N PRO R 457 33.14 4.34 28.84
CA PRO R 457 34.43 3.65 28.62
C PRO R 457 34.28 2.42 27.73
N GLY R 458 35.37 2.11 27.03
CA GLY R 458 35.34 1.04 26.06
C GLY R 458 35.46 -0.33 26.70
N LYS R 459 35.05 -1.35 25.94
CA LYS R 459 34.98 -2.72 26.43
C LYS R 459 35.65 -3.66 25.44
N TYR R 460 36.43 -4.60 25.97
CA TYR R 460 37.00 -5.70 25.21
C TYR R 460 36.28 -6.97 25.64
N VAL R 461 35.59 -7.61 24.71
CA VAL R 461 34.77 -8.79 24.99
C VAL R 461 35.38 -9.98 24.28
N ASP R 462 35.80 -10.98 25.04
CA ASP R 462 36.52 -12.10 24.47
C ASP R 462 35.54 -13.10 23.82
N LEU R 463 36.11 -14.08 23.11
CA LEU R 463 35.32 -14.94 22.22
C LEU R 463 34.44 -15.91 22.99
N ALA R 464 35.02 -16.66 23.94
CA ALA R 464 34.22 -17.53 24.79
C ALA R 464 33.30 -16.74 25.71
N ASP R 465 33.64 -15.47 25.95
CA ASP R 465 32.85 -14.56 26.77
C ASP R 465 31.72 -13.90 25.98
N THR R 466 31.72 -13.97 24.65
CA THR R 466 30.56 -13.47 23.91
C THR R 466 29.71 -14.62 23.37
N ILE R 467 30.29 -15.79 23.17
CA ILE R 467 29.51 -16.95 22.74
C ILE R 467 28.51 -17.36 23.82
N SER R 468 28.95 -17.40 25.08
CA SER R 468 28.04 -17.74 26.17
C SER R 468 27.03 -16.62 26.42
N GLY R 469 27.45 -15.37 26.26
CA GLY R 469 26.55 -14.25 26.45
C GLY R 469 25.45 -14.17 25.40
N PHE R 470 25.75 -14.59 24.17
CA PHE R 470 24.70 -14.63 23.16
C PHE R 470 23.91 -15.92 23.22
N GLN R 471 24.52 -17.01 23.71
CA GLN R 471 23.79 -18.26 23.88
C GLN R 471 22.75 -18.15 24.99
N GLY R 472 23.04 -17.36 26.02
CA GLY R 472 22.08 -17.18 27.09
C GLY R 472 20.85 -16.38 26.66
N VAL R 473 21.06 -15.33 25.88
CA VAL R 473 19.92 -14.54 25.40
C VAL R 473 19.22 -15.26 24.25
N LEU R 474 19.90 -16.19 23.59
CA LEU R 474 19.25 -17.01 22.57
C LEU R 474 18.36 -18.09 23.19
N THR R 475 18.90 -18.85 24.14
CA THR R 475 18.13 -19.93 24.75
C THR R 475 17.03 -19.40 25.66
N GLY R 476 17.25 -18.25 26.30
CA GLY R 476 16.21 -17.64 27.09
C GLY R 476 16.58 -17.43 28.54
N LYS R 477 17.87 -17.36 28.83
CA LYS R 477 18.32 -17.18 30.20
C LYS R 477 18.18 -15.75 30.69
N TYR R 478 17.91 -14.80 29.81
CA TYR R 478 17.89 -13.39 30.17
C TYR R 478 16.65 -12.70 29.60
N ASP R 479 15.49 -13.34 29.70
CA ASP R 479 14.24 -12.67 29.38
C ASP R 479 13.71 -11.85 30.55
N ASP R 480 14.15 -12.14 31.77
CA ASP R 480 13.72 -11.36 32.92
C ASP R 480 14.37 -9.99 32.96
N LEU R 481 15.51 -9.81 32.29
CA LEU R 481 16.21 -8.54 32.24
C LEU R 481 15.45 -7.53 31.39
N PRO R 482 15.61 -6.24 31.66
CA PRO R 482 14.99 -5.23 30.79
C PRO R 482 15.66 -5.21 29.42
N GLU R 483 14.93 -4.66 28.45
CA GLU R 483 15.37 -4.71 27.07
C GLU R 483 16.49 -3.71 26.80
N MET R 484 16.39 -2.52 27.37
CA MET R 484 17.39 -1.47 27.17
C MET R 484 18.67 -1.73 27.95
N ALA R 485 18.68 -2.71 28.86
CA ALA R 485 19.86 -3.00 29.66
C ALA R 485 20.99 -3.62 28.86
N PHE R 486 20.71 -4.15 27.68
CA PHE R 486 21.74 -4.73 26.82
C PHE R 486 22.51 -3.69 26.03
N TYR R 487 22.07 -2.44 26.03
CA TYR R 487 22.61 -1.42 25.14
C TYR R 487 23.92 -0.87 25.67
N MET R 488 24.96 -0.94 24.82
CA MET R 488 26.27 -0.32 25.03
C MET R 488 26.96 -0.84 26.29
N VAL R 489 26.99 -2.16 26.42
CA VAL R 489 27.67 -2.80 27.54
C VAL R 489 28.75 -3.72 26.98
N GLY R 490 29.46 -4.40 27.86
CA GLY R 490 30.45 -5.36 27.43
C GLY R 490 29.95 -6.78 27.53
N ASP R 491 30.35 -7.46 28.60
CA ASP R 491 30.05 -8.88 28.76
C ASP R 491 28.59 -9.04 29.21
N ILE R 492 28.14 -10.29 29.35
CA ILE R 492 26.83 -10.58 29.95
C ILE R 492 26.83 -10.31 31.45
N LYS R 493 28.00 -10.15 32.07
CA LYS R 493 28.12 -9.64 33.42
C LYS R 493 28.13 -8.11 33.48
N GLU R 494 27.57 -7.44 32.47
CA GLU R 494 27.35 -6.01 32.51
C GLU R 494 25.89 -5.64 32.24
N VAL R 495 25.16 -6.48 31.52
CA VAL R 495 23.73 -6.25 31.34
C VAL R 495 22.98 -6.52 32.64
N LYS R 496 23.41 -7.53 33.42
CA LYS R 496 22.77 -7.81 34.70
C LYS R 496 23.27 -6.90 35.81
N GLU R 497 24.18 -5.97 35.52
CA GLU R 497 24.48 -4.86 36.41
C GLU R 497 23.85 -3.55 35.94
N LYS R 498 23.67 -3.37 34.62
CA LYS R 498 22.90 -2.24 34.15
C LYS R 498 21.43 -2.40 34.46
N ALA R 499 20.96 -3.64 34.62
CA ALA R 499 19.61 -3.87 35.14
C ALA R 499 19.50 -3.42 36.59
N ASP R 500 20.54 -3.68 37.39
CA ASP R 500 20.58 -3.22 38.78
C ASP R 500 20.59 -1.70 38.84
N LYS R 501 21.43 -1.06 38.02
CA LYS R 501 21.52 0.39 38.06
C LYS R 501 20.26 1.05 37.47
N MET R 502 19.62 0.39 36.51
CA MET R 502 18.38 0.93 35.96
C MET R 502 17.23 0.81 36.96
N ALA R 503 17.19 -0.27 37.72
CA ALA R 503 16.11 -0.43 38.69
C ALA R 503 16.36 0.34 39.99
N LYS R 504 17.63 0.67 40.31
CA LYS R 504 17.95 1.74 41.30
C LYS R 504 17.61 3.14 40.78
N ASP R 505 17.84 3.43 39.50
CA ASP R 505 17.60 4.78 39.02
C ASP R 505 16.12 5.05 38.77
N ILE R 506 15.32 4.01 38.48
CA ILE R 506 13.87 4.18 38.51
C ILE R 506 13.32 4.04 39.91
N ALA R 507 14.13 3.56 40.86
CA ALA R 507 13.78 3.67 42.27
C ALA R 507 14.04 5.07 42.83
N SER R 508 14.71 5.93 42.06
CA SER R 508 14.80 7.35 42.36
C SER R 508 13.64 8.06 41.66
N ARG R 509 13.68 9.40 41.61
CA ARG R 509 12.63 10.26 41.03
C ARG R 509 11.28 10.01 41.69
N LYS R 510 11.30 9.83 43.01
CA LYS R 510 10.12 9.43 43.78
C LYS R 510 9.57 10.53 44.68
N GLU R 511 10.43 11.36 45.26
CA GLU R 511 10.00 12.36 46.23
C GLU R 511 10.59 13.71 45.85
N ALA R 512 9.82 14.78 46.07
CA ALA R 512 10.25 16.09 45.61
C ALA R 512 9.84 17.24 46.53
N ASP R 513 9.95 17.08 47.86
CA ASP R 513 9.53 18.15 48.75
C ASP R 513 10.54 19.30 48.75
N ASN R 514 11.75 19.04 49.25
CA ASN R 514 12.81 20.03 49.41
C ASN R 514 14.13 19.31 49.59
N LYS R 515 15.11 20.05 50.12
CA LYS R 515 16.46 19.58 50.47
C LYS R 515 17.18 19.01 49.24
N LYS R 516 17.44 19.91 48.32
CA LYS R 516 18.36 19.61 47.22
C LYS R 516 19.14 20.91 46.99
N VAL R 517 19.77 21.08 45.83
CA VAL R 517 20.77 22.13 45.65
C VAL R 517 20.16 23.52 45.53
N SER R 518 18.89 23.64 45.15
CA SER R 518 18.29 24.93 44.79
C SER R 518 18.09 25.85 45.98
N GLU R 519 17.93 25.33 47.18
CA GLU R 519 17.80 26.15 48.38
C GLU R 519 19.20 26.66 48.74
N GLU R 520 19.32 27.98 48.85
CA GLU R 520 20.62 28.65 48.89
C GLU R 520 21.37 28.41 50.21
N LEU R 521 20.71 27.88 51.23
CA LEU R 521 21.25 27.77 52.57
C LEU R 521 22.34 26.71 52.73
N LYS R 522 22.61 25.88 51.73
CA LYS R 522 23.51 24.74 51.96
C LYS R 522 24.98 25.16 51.95
N ASP R 523 25.51 25.48 50.76
CA ASP R 523 26.89 25.96 50.64
C ASP R 523 27.07 26.99 49.54
N ILE R 524 26.00 27.45 48.90
CA ILE R 524 26.10 28.14 47.61
C ILE R 524 25.88 29.63 47.83
N PRO R 525 26.62 30.51 47.14
CA PRO R 525 26.46 31.95 47.33
C PRO R 525 25.21 32.49 46.65
N SER R 526 25.08 33.81 46.63
CA SER R 526 24.02 34.42 45.82
C SER R 526 24.40 34.36 44.34
N LEU R 527 23.41 34.62 43.49
CA LEU R 527 23.65 34.70 42.06
C LEU R 527 24.52 35.90 41.69
N ASP R 528 24.46 36.98 42.47
CA ASP R 528 25.30 38.14 42.18
C ASP R 528 26.72 37.95 42.71
N LYS R 529 26.91 37.10 43.72
CA LYS R 529 28.26 36.88 44.24
C LYS R 529 29.07 35.94 43.34
N LEU R 530 28.39 35.03 42.63
CA LEU R 530 29.09 34.19 41.65
C LEU R 530 29.56 35.02 40.46
N VAL R 531 28.84 36.10 40.15
CA VAL R 531 29.28 37.07 39.14
C VAL R 531 30.60 37.69 39.55
N SER R 532 30.76 37.98 40.84
CA SER R 532 31.97 38.61 41.37
C SER R 532 33.20 37.71 41.32
N GLU R 533 33.02 36.41 41.08
CA GLU R 533 34.14 35.47 40.96
C GLU R 533 34.72 35.40 39.56
N ILE R 534 34.25 36.25 38.64
CA ILE R 534 34.69 36.21 37.25
C ILE R 534 35.89 37.13 37.07
N LYS R 535 36.95 36.61 36.48
CA LYS R 535 38.05 37.43 36.01
C LYS R 535 37.68 38.08 34.69
N GLU R 536 37.88 39.40 34.60
CA GLU R 536 37.50 40.14 33.41
C GLU R 536 38.64 40.14 32.40
N VAL R 537 38.30 39.86 31.14
CA VAL R 537 39.29 39.73 30.08
C VAL R 537 39.43 41.06 29.34
N VAL R 538 40.57 41.22 28.69
CA VAL R 538 40.87 42.43 27.93
C VAL R 538 40.10 42.42 26.64
N ILE R 539 39.92 43.60 26.05
CA ILE R 539 39.34 43.77 24.72
C ILE R 539 40.19 44.80 23.99
N GLU R 540 40.75 44.42 22.85
CA GLU R 540 41.68 45.27 22.14
C GLU R 540 41.01 46.21 21.12
N GLU R 541 40.01 45.72 20.40
CA GLU R 541 39.21 46.46 19.40
C GLU R 541 40.08 46.98 18.24
N ASP R 542 41.28 46.44 18.05
CA ASP R 542 42.13 46.77 16.90
C ASP R 542 42.56 45.55 16.10
N ASP R 543 42.29 44.34 16.60
CA ASP R 543 42.30 43.06 15.88
C ASP R 543 43.68 42.58 15.44
N GLY R 544 44.73 43.39 15.65
CA GLY R 544 46.08 43.03 15.24
C GLY R 544 46.29 42.81 13.75
N LEU R 545 46.09 43.85 12.94
CA LEU R 545 46.26 43.74 11.50
C LEU R 545 47.11 44.86 10.91
N GLU R 546 47.97 45.50 11.71
CA GLU R 546 48.72 46.67 11.25
C GLU R 546 50.20 46.61 11.62
N GLU R 547 50.68 45.46 12.13
CA GLU R 547 52.02 45.39 12.68
C GLU R 547 52.86 44.25 12.10
N ASP R 548 52.24 43.22 11.51
CA ASP R 548 52.96 42.05 11.05
C ASP R 548 52.83 41.81 9.56
N PHE R 549 52.04 42.61 8.85
CA PHE R 549 51.74 42.36 7.44
C PHE R 549 52.72 43.11 6.55
N LYS R 550 53.30 42.41 5.58
CA LYS R 550 54.15 43.01 4.57
C LYS R 550 53.26 43.50 3.43
N ALA R 551 52.71 44.69 3.61
CA ALA R 551 51.77 45.24 2.64
C ALA R 551 52.51 45.73 1.39
N GLU R 552 52.73 44.83 0.44
CA GLU R 552 53.41 45.18 -0.78
C GLU R 552 52.48 45.92 -1.72
N ALA R 553 53.06 46.55 -2.74
CA ALA R 553 52.32 47.34 -3.70
C ALA R 553 52.00 46.51 -4.94
N LEU R 554 50.77 46.57 -5.40
CA LEU R 554 50.34 45.88 -6.61
C LEU R 554 49.99 46.90 -7.67
N SER R 555 50.43 46.63 -8.90
CA SER R 555 50.29 47.60 -9.98
C SER R 555 48.85 47.66 -10.46
N SER R 556 48.39 48.88 -10.79
CA SER R 556 47.08 49.04 -11.41
C SER R 556 47.06 48.46 -12.81
N GLU R 557 48.09 48.76 -13.59
CA GLU R 557 48.25 48.19 -14.92
C GLU R 557 48.73 46.75 -14.84
N THR R 558 48.52 46.01 -15.93
CA THR R 558 48.95 44.62 -16.00
C THR R 558 50.32 44.54 -16.67
N VAL R 559 51.11 43.57 -16.23
CA VAL R 559 52.52 43.47 -16.61
C VAL R 559 52.71 42.15 -17.34
N VAL R 560 53.24 42.23 -18.56
CA VAL R 560 53.40 41.05 -19.41
C VAL R 560 54.87 40.80 -19.67
N LEU R 561 55.17 39.70 -20.37
CA LEU R 561 56.53 39.39 -20.80
C LEU R 561 56.56 39.38 -22.32
N ASN R 562 57.56 40.03 -22.90
CA ASN R 562 57.64 40.14 -24.35
C ASN R 562 58.34 38.90 -24.92
N GLU R 563 58.76 38.99 -26.19
CA GLU R 563 59.36 37.85 -26.87
C GLU R 563 60.73 37.49 -26.29
N GLU R 564 61.46 38.47 -25.77
CA GLU R 564 62.77 38.21 -25.18
C GLU R 564 62.69 37.86 -23.70
N GLY R 565 61.49 37.72 -23.15
CA GLY R 565 61.31 37.40 -21.74
C GLY R 565 61.38 38.58 -20.80
N LYS R 566 61.65 39.78 -21.30
CA LYS R 566 61.75 40.95 -20.43
C LYS R 566 60.37 41.37 -19.95
N SER R 567 60.32 41.96 -18.77
CA SER R 567 59.06 42.41 -18.20
C SER R 567 58.72 43.80 -18.71
N VAL R 568 57.63 43.91 -19.46
CA VAL R 568 57.15 45.18 -19.99
C VAL R 568 55.69 45.35 -19.59
N PRO R 569 55.19 46.58 -19.61
CA PRO R 569 53.73 46.76 -19.54
C PRO R 569 53.04 46.20 -20.76
N LEU R 570 51.74 46.00 -20.63
CA LEU R 570 50.94 45.49 -21.74
C LEU R 570 50.89 46.53 -22.85
N PRO R 571 51.21 46.16 -24.09
CA PRO R 571 51.22 47.14 -25.18
C PRO R 571 49.82 47.60 -25.53
N LYS R 572 49.63 48.91 -25.57
CA LYS R 572 48.31 49.49 -25.82
C LYS R 572 48.03 49.52 -27.33
N LYS R 573 47.81 48.32 -27.85
CA LYS R 573 47.34 48.14 -29.23
C LYS R 573 46.65 46.78 -29.30
N ASN R 574 45.32 46.78 -29.29
CA ASN R 574 44.57 45.55 -29.40
C ASN R 574 44.34 45.14 -30.86
N ASP S 36 38.76 -7.45 -60.27
CA ASP S 36 37.95 -8.65 -60.33
C ASP S 36 37.34 -8.96 -58.96
N ALA S 37 38.20 -9.37 -58.03
CA ALA S 37 37.78 -9.67 -56.66
C ALA S 37 38.32 -8.59 -55.72
N GLY S 38 38.04 -8.78 -54.43
CA GLY S 38 38.51 -7.88 -53.39
C GLY S 38 39.27 -8.64 -52.32
N TYR S 39 39.95 -7.89 -51.47
CA TYR S 39 40.76 -8.47 -50.42
C TYR S 39 40.38 -7.89 -49.07
N VAL S 40 40.52 -8.72 -48.03
CA VAL S 40 40.17 -8.32 -46.67
C VAL S 40 41.17 -7.28 -46.17
N SER S 41 40.65 -6.16 -45.67
CA SER S 41 41.50 -5.13 -45.12
C SER S 41 41.45 -5.00 -43.61
N GLN S 42 40.29 -5.23 -42.99
CA GLN S 42 40.15 -5.18 -41.54
C GLN S 42 39.35 -6.38 -41.07
N VAL S 43 39.73 -6.92 -39.91
CA VAL S 43 38.94 -7.92 -39.20
C VAL S 43 38.84 -7.45 -37.75
N ILE S 44 37.70 -6.87 -37.38
CA ILE S 44 37.45 -6.45 -36.01
C ILE S 44 36.20 -7.19 -35.55
N GLY S 45 36.39 -8.35 -34.95
CA GLY S 45 35.29 -9.18 -34.50
C GLY S 45 34.52 -9.78 -35.65
N PRO S 46 33.19 -9.67 -35.62
CA PRO S 46 32.37 -10.11 -36.75
C PRO S 46 32.26 -9.10 -37.88
N VAL S 47 32.94 -7.96 -37.78
CA VAL S 47 32.87 -6.90 -38.78
C VAL S 47 34.14 -6.94 -39.61
N VAL S 48 33.99 -7.25 -40.90
CA VAL S 48 35.12 -7.38 -41.81
C VAL S 48 35.04 -6.24 -42.82
N ASP S 49 36.17 -5.59 -43.09
CA ASP S 49 36.26 -4.60 -44.14
C ASP S 49 37.01 -5.21 -45.33
N VAL S 50 36.38 -5.19 -46.49
CA VAL S 50 36.97 -5.74 -47.71
C VAL S 50 37.22 -4.58 -48.67
N ARG S 51 38.38 -4.57 -49.30
CA ARG S 51 38.77 -3.52 -50.22
C ARG S 51 38.76 -4.06 -51.64
N PHE S 52 38.03 -3.38 -52.53
CA PHE S 52 37.88 -3.79 -53.92
C PHE S 52 38.60 -2.79 -54.81
N ASP S 53 39.47 -3.29 -55.69
CA ASP S 53 40.18 -2.38 -56.60
C ASP S 53 39.30 -1.98 -57.78
N GLY S 54 38.36 -2.82 -58.17
CA GLY S 54 37.48 -2.50 -59.27
C GLY S 54 36.29 -1.68 -58.83
N GLU S 55 35.08 -2.15 -59.14
CA GLU S 55 33.87 -1.50 -58.66
C GLU S 55 33.37 -2.23 -57.43
N LEU S 56 32.78 -1.47 -56.52
CA LEU S 56 32.35 -2.00 -55.23
C LEU S 56 31.07 -2.82 -55.41
N PRO S 57 30.82 -3.78 -54.51
CA PRO S 57 29.52 -4.45 -54.51
C PRO S 57 28.44 -3.55 -53.98
N SER S 58 27.19 -3.95 -54.17
CA SER S 58 26.08 -3.18 -53.63
C SER S 58 26.02 -3.37 -52.12
N ILE S 59 25.29 -2.46 -51.46
CA ILE S 59 24.92 -2.70 -50.08
C ILE S 59 23.94 -3.86 -50.06
N LEU S 60 24.08 -4.73 -49.05
CA LEU S 60 23.38 -6.00 -48.81
C LEU S 60 23.82 -7.11 -49.73
N SER S 61 24.87 -6.91 -50.53
CA SER S 61 25.37 -7.98 -51.37
C SER S 61 26.09 -9.05 -50.55
N SER S 62 26.07 -10.26 -51.08
CA SER S 62 26.75 -11.39 -50.46
C SER S 62 28.16 -11.51 -51.02
N LEU S 63 29.13 -11.70 -50.14
CA LEU S 63 30.51 -11.89 -50.53
C LEU S 63 31.02 -13.22 -49.97
N GLU S 64 31.66 -14.00 -50.80
CA GLU S 64 32.29 -15.25 -50.38
C GLU S 64 33.77 -15.01 -50.13
N VAL S 65 34.28 -15.55 -49.03
CA VAL S 65 35.70 -15.50 -48.74
C VAL S 65 36.35 -16.74 -49.32
N GLU S 66 37.38 -16.54 -50.13
CA GLU S 66 38.04 -17.62 -50.86
C GLU S 66 39.20 -18.16 -50.03
N GLY S 67 39.00 -19.32 -49.43
CA GLY S 67 40.05 -19.98 -48.68
C GLY S 67 39.86 -19.74 -47.20
N HIS S 68 39.24 -20.70 -46.53
CA HIS S 68 38.85 -20.57 -45.14
C HIS S 68 38.47 -21.97 -44.68
N SER S 69 38.38 -22.15 -43.36
CA SER S 69 38.04 -23.45 -42.80
C SER S 69 36.61 -23.85 -43.16
N VAL S 70 35.68 -22.90 -43.09
CA VAL S 70 34.29 -23.14 -43.44
C VAL S 70 33.91 -22.19 -44.56
N ARG S 71 32.68 -22.31 -45.05
CA ARG S 71 32.14 -21.32 -45.98
C ARG S 71 31.78 -20.06 -45.21
N LEU S 72 32.56 -19.01 -45.39
CA LEU S 72 32.31 -17.73 -44.74
C LEU S 72 31.66 -16.80 -45.74
N VAL S 73 30.47 -16.30 -45.38
CA VAL S 73 29.71 -15.39 -46.22
C VAL S 73 29.66 -14.04 -45.53
N LEU S 74 30.00 -12.99 -46.26
CA LEU S 74 29.94 -11.63 -45.76
C LEU S 74 28.78 -10.91 -46.42
N GLU S 75 28.11 -10.04 -45.69
CA GLU S 75 27.05 -9.21 -46.23
C GLU S 75 27.44 -7.76 -46.10
N VAL S 76 27.43 -7.03 -47.22
CA VAL S 76 27.91 -5.67 -47.26
C VAL S 76 26.93 -4.74 -46.55
N ALA S 77 27.44 -4.00 -45.56
CA ALA S 77 26.61 -3.11 -44.77
C ALA S 77 26.70 -1.65 -45.22
N GLN S 78 27.90 -1.16 -45.50
CA GLN S 78 28.06 0.22 -45.94
C GLN S 78 29.33 0.35 -46.77
N HIS S 79 29.38 1.42 -47.55
CA HIS S 79 30.57 1.79 -48.30
C HIS S 79 31.31 2.83 -47.50
N MET S 80 32.49 2.46 -46.99
CA MET S 80 33.23 3.36 -46.13
C MET S 80 34.01 4.42 -46.88
N GLY S 81 34.07 4.33 -48.20
CA GLY S 81 34.98 5.14 -48.97
C GLY S 81 36.35 4.50 -49.05
N ASP S 82 37.21 5.12 -49.87
CA ASP S 82 38.55 4.63 -50.20
C ASP S 82 38.50 3.22 -50.76
N ASN S 83 37.48 2.96 -51.60
CA ASN S 83 37.24 1.67 -52.27
C ASN S 83 37.10 0.52 -51.27
N THR S 84 36.47 0.78 -50.14
CA THR S 84 36.33 -0.19 -49.06
C THR S 84 34.86 -0.34 -48.70
N VAL S 85 34.40 -1.56 -48.55
CA VAL S 85 33.07 -1.85 -48.02
C VAL S 85 33.21 -2.41 -46.62
N ARG S 86 32.20 -2.18 -45.80
CA ARG S 86 32.14 -2.72 -44.45
C ARG S 86 31.12 -3.84 -44.43
N CYS S 87 31.55 -5.03 -44.02
CA CYS S 87 30.71 -6.21 -44.10
C CYS S 87 30.44 -6.76 -42.71
N ILE S 88 29.40 -7.60 -42.63
CA ILE S 88 29.09 -8.34 -41.43
C ILE S 88 29.12 -9.82 -41.80
N ALA S 89 29.67 -10.64 -40.91
CA ALA S 89 29.92 -12.03 -41.22
C ALA S 89 28.75 -12.91 -40.80
N MET S 90 28.58 -14.01 -41.52
CA MET S 90 27.56 -15.00 -41.21
C MET S 90 28.13 -16.23 -40.54
N ASP S 91 29.42 -16.27 -40.27
CA ASP S 91 30.06 -17.30 -39.46
C ASP S 91 31.20 -16.64 -38.71
N SER S 92 32.03 -17.44 -38.05
CA SER S 92 33.10 -16.91 -37.23
C SER S 92 34.25 -16.41 -38.08
N THR S 93 34.91 -15.34 -37.60
CA THR S 93 35.99 -14.70 -38.33
C THR S 93 37.36 -15.02 -37.76
N ASP S 94 37.50 -16.13 -37.07
CA ASP S 94 38.83 -16.55 -36.64
C ASP S 94 39.54 -17.26 -37.79
N GLY S 95 40.85 -17.07 -37.87
CA GLY S 95 41.59 -17.57 -38.99
C GLY S 95 41.55 -16.69 -40.22
N LEU S 96 40.88 -15.55 -40.15
CA LEU S 96 40.73 -14.67 -41.29
C LEU S 96 41.93 -13.73 -41.36
N VAL S 97 42.51 -13.61 -42.54
CA VAL S 97 43.78 -12.92 -42.74
C VAL S 97 43.52 -11.67 -43.56
N ARG S 98 44.19 -10.57 -43.22
CA ARG S 98 44.11 -9.34 -43.99
C ARG S 98 44.75 -9.56 -45.35
N GLY S 99 43.94 -9.73 -46.38
CA GLY S 99 44.46 -9.94 -47.71
C GLY S 99 43.96 -11.22 -48.36
N GLN S 100 43.08 -11.95 -47.68
CA GLN S 100 42.45 -13.09 -48.34
C GLN S 100 41.52 -12.60 -49.44
N LYS S 101 41.46 -13.38 -50.51
CA LYS S 101 40.64 -13.00 -51.65
C LYS S 101 39.17 -13.19 -51.33
N VAL S 102 38.37 -12.20 -51.71
CA VAL S 102 36.93 -12.20 -51.43
C VAL S 102 36.20 -12.02 -52.75
N VAL S 103 35.35 -12.98 -53.10
CA VAL S 103 34.61 -12.93 -54.35
C VAL S 103 33.24 -12.34 -54.07
N ASP S 104 32.92 -11.26 -54.77
CA ASP S 104 31.58 -10.69 -54.74
C ASP S 104 30.65 -11.53 -55.61
N THR S 105 29.56 -12.01 -55.02
CA THR S 105 28.61 -12.83 -55.78
C THR S 105 27.63 -12.00 -56.59
N GLY S 106 27.71 -10.67 -56.51
CA GLY S 106 26.90 -9.80 -57.33
C GLY S 106 25.44 -9.74 -56.97
N SER S 107 25.06 -10.25 -55.80
CA SER S 107 23.68 -10.32 -55.37
C SER S 107 23.68 -10.47 -53.86
N PRO S 108 22.53 -10.28 -53.20
CA PRO S 108 22.45 -10.62 -51.77
C PRO S 108 22.51 -12.12 -51.50
N ILE S 109 22.33 -12.50 -50.23
CA ILE S 109 22.38 -13.90 -49.82
C ILE S 109 21.23 -14.64 -50.50
N LYS S 110 21.58 -15.61 -51.33
CA LYS S 110 20.63 -16.30 -52.17
C LYS S 110 20.41 -17.72 -51.65
N VAL S 111 19.18 -18.04 -51.29
CA VAL S 111 18.88 -19.29 -50.61
C VAL S 111 17.99 -20.17 -51.48
N PRO S 112 18.04 -21.50 -51.34
CA PRO S 112 17.15 -22.35 -52.14
C PRO S 112 15.71 -22.26 -51.64
N VAL S 113 14.77 -22.19 -52.57
CA VAL S 113 13.36 -22.09 -52.26
C VAL S 113 12.63 -23.20 -53.02
N GLY S 114 11.38 -23.43 -52.63
CA GLY S 114 10.52 -24.36 -53.30
C GLY S 114 10.05 -25.47 -52.39
N ARG S 115 9.34 -26.43 -53.00
CA ARG S 115 8.86 -27.59 -52.25
C ARG S 115 9.99 -28.53 -51.86
N GLY S 116 11.13 -28.46 -52.55
CA GLY S 116 12.29 -29.25 -52.17
C GLY S 116 12.93 -28.85 -50.86
N THR S 117 12.54 -27.71 -50.30
CA THR S 117 13.01 -27.28 -48.99
C THR S 117 12.14 -27.79 -47.86
N LEU S 118 11.02 -28.45 -48.17
CA LEU S 118 10.11 -28.92 -47.14
C LEU S 118 10.71 -30.09 -46.37
N GLY S 119 10.63 -30.03 -45.04
CA GLY S 119 11.20 -31.05 -44.21
C GLY S 119 12.68 -30.91 -43.96
N ARG S 120 13.35 -29.97 -44.60
CA ARG S 120 14.77 -29.76 -44.44
C ARG S 120 15.04 -28.67 -43.41
N ILE S 121 16.28 -28.61 -42.96
CA ILE S 121 16.73 -27.54 -42.08
C ILE S 121 17.79 -26.73 -42.81
N MET S 122 17.58 -25.42 -42.87
CA MET S 122 18.50 -24.49 -43.48
C MET S 122 19.12 -23.61 -42.41
N ASN S 123 20.31 -23.09 -42.71
CA ASN S 123 20.85 -21.97 -41.96
C ASN S 123 20.49 -20.68 -42.72
N VAL S 124 21.13 -19.58 -42.36
CA VAL S 124 20.81 -18.29 -42.95
C VAL S 124 21.21 -18.22 -44.42
N ILE S 125 22.27 -18.93 -44.81
CA ILE S 125 22.79 -18.82 -46.17
C ILE S 125 22.28 -19.96 -47.03
N GLY S 126 21.35 -20.73 -46.49
CA GLY S 126 20.68 -21.76 -47.27
C GLY S 126 21.38 -23.10 -47.34
N GLU S 127 22.41 -23.32 -46.56
CA GLU S 127 23.03 -24.63 -46.55
C GLU S 127 22.16 -25.60 -45.75
N PRO S 128 22.09 -26.87 -46.17
CA PRO S 128 21.41 -27.86 -45.34
C PRO S 128 22.27 -28.23 -44.14
N VAL S 129 21.66 -28.18 -42.96
CA VAL S 129 22.33 -28.57 -41.72
C VAL S 129 21.68 -29.79 -41.10
N ASP S 130 20.75 -30.41 -41.79
CA ASP S 130 20.07 -31.60 -41.29
C ASP S 130 20.76 -32.90 -41.68
N GLU S 131 21.89 -32.82 -42.40
CA GLU S 131 22.71 -33.96 -42.82
C GLU S 131 21.91 -34.96 -43.67
N GLN S 132 21.05 -34.43 -44.55
CA GLN S 132 20.24 -35.25 -45.43
C GLN S 132 20.57 -35.04 -46.90
N GLY S 133 21.79 -34.61 -47.20
CA GLY S 133 22.21 -34.40 -48.57
C GLY S 133 22.09 -32.95 -48.97
N PRO S 134 21.98 -32.67 -50.27
CA PRO S 134 21.75 -31.31 -50.73
C PRO S 134 20.26 -30.96 -50.62
N ILE S 135 19.92 -29.76 -51.07
CA ILE S 135 18.55 -29.26 -51.04
C ILE S 135 18.08 -29.03 -52.47
N ASP S 136 16.93 -29.61 -52.80
CA ASP S 136 16.34 -29.48 -54.13
C ASP S 136 15.88 -28.04 -54.35
N ALA S 137 16.39 -27.39 -55.38
CA ALA S 137 16.17 -25.98 -55.62
C ALA S 137 15.15 -25.81 -56.75
N ALA S 138 13.96 -25.33 -56.40
CA ALA S 138 13.03 -24.86 -57.42
C ALA S 138 13.51 -23.54 -58.00
N ASP S 139 14.13 -22.72 -57.17
CA ASP S 139 14.78 -21.48 -57.56
C ASP S 139 15.78 -21.13 -56.47
N ILE S 140 16.64 -20.15 -56.76
CA ILE S 140 17.56 -19.60 -55.78
C ILE S 140 17.22 -18.12 -55.64
N TRP S 141 16.57 -17.76 -54.54
CA TRP S 141 16.04 -16.42 -54.35
C TRP S 141 16.87 -15.61 -53.37
N SER S 142 17.03 -14.32 -53.68
CA SER S 142 17.66 -13.39 -52.77
C SER S 142 16.79 -13.18 -51.52
N ILE S 143 17.45 -13.02 -50.37
CA ILE S 143 16.69 -12.87 -49.13
C ILE S 143 16.30 -11.43 -48.83
N HIS S 144 16.84 -10.47 -49.57
CA HIS S 144 16.49 -9.07 -49.37
C HIS S 144 15.53 -8.67 -50.48
N ARG S 145 14.38 -8.12 -50.07
CA ARG S 145 13.30 -7.81 -50.96
C ARG S 145 12.56 -6.62 -50.38
N GLU S 146 11.98 -5.81 -51.25
CA GLU S 146 11.12 -4.76 -50.74
C GLU S 146 9.76 -5.36 -50.38
N ALA S 147 9.01 -4.63 -49.56
CA ALA S 147 7.67 -5.03 -49.18
C ALA S 147 6.77 -5.02 -50.41
N PRO S 148 5.69 -5.83 -50.41
CA PRO S 148 4.75 -5.82 -51.54
C PRO S 148 4.10 -4.47 -51.70
N GLU S 149 4.06 -3.99 -52.95
CA GLU S 149 3.69 -2.62 -53.26
C GLU S 149 2.20 -2.39 -53.00
N PHE S 150 1.83 -1.11 -53.04
CA PHE S 150 0.50 -0.70 -52.61
C PHE S 150 -0.60 -1.20 -53.54
N THR S 151 -0.30 -1.35 -54.82
CA THR S 151 -1.33 -1.76 -55.77
C THR S 151 -1.65 -3.25 -55.69
N GLU S 152 -0.76 -4.05 -55.12
CA GLU S 152 -1.00 -5.47 -54.95
C GLU S 152 -1.24 -5.86 -53.49
N GLN S 153 -1.30 -4.89 -52.58
CA GLN S 153 -1.75 -5.16 -51.23
C GLN S 153 -3.23 -5.51 -51.24
N SER S 154 -3.64 -6.36 -50.31
CA SER S 154 -5.03 -6.79 -50.23
C SER S 154 -5.76 -5.92 -49.20
N THR S 155 -6.93 -5.44 -49.60
CA THR S 155 -7.76 -4.56 -48.78
C THR S 155 -8.92 -5.30 -48.14
N GLU S 156 -8.80 -6.61 -47.96
CA GLU S 156 -9.95 -7.48 -47.75
C GLU S 156 -10.22 -7.81 -46.29
N GLN S 157 -9.17 -8.08 -45.50
CA GLN S 157 -9.25 -8.37 -44.05
C GLN S 157 -10.12 -9.59 -43.76
N GLU S 158 -9.67 -10.75 -44.24
CA GLU S 158 -10.36 -12.01 -43.96
C GLU S 158 -9.90 -12.67 -42.68
N ILE S 159 -10.30 -13.92 -42.48
CA ILE S 159 -10.03 -14.69 -41.28
C ILE S 159 -9.29 -15.96 -41.67
N LEU S 160 -8.17 -16.22 -41.01
CA LEU S 160 -7.46 -17.49 -41.17
C LEU S 160 -8.08 -18.49 -40.22
N VAL S 161 -8.83 -19.45 -40.77
CA VAL S 161 -9.48 -20.47 -39.95
C VAL S 161 -8.43 -21.51 -39.57
N THR S 162 -8.20 -21.65 -38.26
CA THR S 162 -7.17 -22.54 -37.75
C THR S 162 -7.70 -23.87 -37.27
N GLY S 163 -9.02 -23.99 -37.08
CA GLY S 163 -9.61 -25.21 -36.58
C GLY S 163 -9.58 -25.38 -35.09
N ILE S 164 -8.81 -24.58 -34.39
CA ILE S 164 -8.78 -24.61 -32.93
C ILE S 164 -9.92 -23.76 -32.41
N LYS S 165 -10.58 -24.24 -31.36
CA LYS S 165 -11.85 -23.65 -30.93
C LYS S 165 -11.64 -22.29 -30.28
N VAL S 166 -10.71 -22.22 -29.32
CA VAL S 166 -10.48 -20.98 -28.58
C VAL S 166 -9.86 -19.91 -29.48
N VAL S 167 -9.03 -20.33 -30.43
CA VAL S 167 -8.40 -19.38 -31.34
C VAL S 167 -9.42 -18.82 -32.32
N ASP S 168 -10.13 -19.70 -33.03
CA ASP S 168 -11.09 -19.23 -34.02
C ASP S 168 -12.31 -18.58 -33.40
N LEU S 169 -12.57 -18.80 -32.12
CA LEU S 169 -13.68 -18.11 -31.46
C LEU S 169 -13.26 -16.75 -30.90
N LEU S 170 -12.28 -16.75 -30.01
CA LEU S 170 -12.06 -15.59 -29.16
C LEU S 170 -11.01 -14.63 -29.70
N ALA S 171 -9.88 -15.14 -30.19
CA ALA S 171 -8.82 -14.32 -30.76
C ALA S 171 -8.54 -14.81 -32.18
N PRO S 172 -9.39 -14.46 -33.15
CA PRO S 172 -9.23 -15.00 -34.50
C PRO S 172 -8.01 -14.44 -35.20
N TYR S 173 -7.41 -15.28 -36.05
CA TYR S 173 -6.19 -14.92 -36.75
C TYR S 173 -6.54 -14.31 -38.10
N GLN S 174 -5.96 -13.15 -38.39
CA GLN S 174 -6.18 -12.51 -39.69
C GLN S 174 -5.34 -13.22 -40.74
N ARG S 175 -5.95 -13.50 -41.88
CA ARG S 175 -5.21 -14.06 -43.01
C ARG S 175 -4.27 -13.00 -43.55
N GLY S 176 -2.98 -13.25 -43.42
CA GLY S 176 -1.98 -12.27 -43.79
C GLY S 176 -1.53 -11.38 -42.65
N GLY S 177 -1.87 -11.71 -41.42
CA GLY S 177 -1.56 -10.90 -40.27
C GLY S 177 -0.45 -11.51 -39.42
N LYS S 178 -0.07 -10.73 -38.41
CA LYS S 178 0.97 -11.12 -37.46
C LYS S 178 0.33 -11.42 -36.11
N ILE S 179 0.75 -12.52 -35.49
CA ILE S 179 0.17 -12.98 -34.24
C ILE S 179 1.29 -13.12 -33.22
N GLY S 180 1.11 -12.50 -32.06
CA GLY S 180 2.04 -12.67 -30.97
C GLY S 180 1.68 -13.85 -30.09
N LEU S 181 2.60 -14.81 -29.98
CA LEU S 181 2.40 -15.99 -29.16
C LEU S 181 3.15 -15.80 -27.84
N PHE S 182 2.41 -15.57 -26.76
CA PHE S 182 3.01 -15.33 -25.46
C PHE S 182 3.05 -16.62 -24.64
N GLY S 183 3.72 -17.62 -25.21
CA GLY S 183 3.80 -18.91 -24.56
C GLY S 183 4.95 -19.04 -23.58
N GLY S 184 5.68 -20.14 -23.67
CA GLY S 184 6.78 -20.42 -22.76
C GLY S 184 7.12 -21.90 -22.72
N ALA S 185 7.42 -22.40 -21.53
CA ALA S 185 7.76 -23.80 -21.35
C ALA S 185 6.69 -24.50 -20.52
N GLY S 186 6.29 -25.68 -20.96
CA GLY S 186 5.30 -26.45 -20.23
C GLY S 186 3.87 -25.98 -20.40
N VAL S 187 3.58 -25.21 -21.45
CA VAL S 187 2.23 -24.72 -21.70
C VAL S 187 1.66 -25.24 -23.02
N GLY S 188 2.36 -26.16 -23.68
CA GLY S 188 1.85 -26.69 -24.93
C GLY S 188 2.08 -25.79 -26.13
N LYS S 189 3.26 -25.18 -26.21
CA LYS S 189 3.55 -24.24 -27.30
C LYS S 189 3.94 -24.96 -28.58
N THR S 190 4.84 -25.95 -28.47
CA THR S 190 5.29 -26.73 -29.62
C THR S 190 4.17 -27.56 -30.23
N VAL S 191 3.30 -28.12 -29.39
CA VAL S 191 2.12 -28.83 -29.87
C VAL S 191 1.18 -27.89 -30.61
N LEU S 192 1.06 -26.66 -30.13
CA LEU S 192 0.25 -25.65 -30.81
C LEU S 192 0.84 -25.26 -32.15
N ILE S 193 2.16 -25.14 -32.24
CA ILE S 193 2.83 -24.82 -33.51
C ILE S 193 2.59 -25.92 -34.52
N MET S 194 2.79 -27.17 -34.10
CA MET S 194 2.63 -28.30 -35.01
C MET S 194 1.17 -28.51 -35.39
N GLU S 195 0.24 -28.17 -34.49
CA GLU S 195 -1.18 -28.28 -34.82
C GLU S 195 -1.60 -27.19 -35.80
N LEU S 196 -1.04 -25.97 -35.65
CA LEU S 196 -1.29 -24.92 -36.63
C LEU S 196 -0.78 -25.30 -38.01
N ILE S 197 0.43 -25.90 -38.05
CA ILE S 197 1.00 -26.37 -39.32
C ILE S 197 0.12 -27.44 -39.94
N ASN S 198 -0.27 -28.45 -39.16
CA ASN S 198 -1.05 -29.57 -39.68
C ASN S 198 -2.44 -29.13 -40.10
N ASN S 199 -3.07 -28.23 -39.33
CA ASN S 199 -4.41 -27.78 -39.65
C ASN S 199 -4.43 -26.89 -40.88
N VAL S 200 -3.44 -26.01 -41.02
CA VAL S 200 -3.40 -25.14 -42.19
C VAL S 200 -3.07 -25.94 -43.44
N ALA S 201 -2.15 -26.90 -43.34
CA ALA S 201 -1.83 -27.74 -44.48
C ALA S 201 -2.96 -28.71 -44.84
N LYS S 202 -3.80 -29.07 -43.87
CA LYS S 202 -4.93 -29.93 -44.16
C LYS S 202 -6.08 -29.14 -44.76
N ALA S 203 -6.44 -28.01 -44.16
CA ALA S 203 -7.61 -27.25 -44.60
C ALA S 203 -7.29 -26.41 -45.83
N HIS S 204 -6.36 -25.47 -45.71
CA HIS S 204 -6.14 -24.50 -46.76
C HIS S 204 -5.17 -24.96 -47.82
N GLY S 205 -4.40 -26.02 -47.55
CA GLY S 205 -3.42 -26.50 -48.49
C GLY S 205 -2.15 -25.68 -48.54
N GLY S 206 -2.00 -24.67 -47.70
CA GLY S 206 -0.80 -23.87 -47.66
C GLY S 206 0.26 -24.54 -46.79
N PHE S 207 1.52 -24.24 -47.11
CA PHE S 207 2.64 -24.85 -46.40
C PHE S 207 2.99 -24.00 -45.18
N SER S 208 4.16 -24.26 -44.60
CA SER S 208 4.57 -23.57 -43.40
C SER S 208 6.09 -23.46 -43.39
N VAL S 209 6.59 -22.44 -42.72
CA VAL S 209 8.02 -22.22 -42.56
C VAL S 209 8.28 -21.85 -41.10
N PHE S 210 9.19 -22.57 -40.45
CA PHE S 210 9.64 -22.22 -39.12
C PHE S 210 10.97 -21.50 -39.21
N ALA S 211 11.06 -20.33 -38.60
CA ALA S 211 12.28 -19.55 -38.54
C ALA S 211 12.76 -19.51 -37.10
N GLY S 212 13.76 -20.34 -36.80
CA GLY S 212 14.32 -20.41 -35.46
C GLY S 212 15.36 -19.34 -35.21
N VAL S 213 14.91 -18.11 -34.97
CA VAL S 213 15.81 -16.96 -34.85
C VAL S 213 16.47 -17.02 -33.48
N GLY S 214 17.75 -17.39 -33.45
CA GLY S 214 18.54 -17.33 -32.23
C GLY S 214 18.15 -18.32 -31.16
N GLU S 215 17.55 -19.43 -31.53
CA GLU S 215 17.05 -20.40 -30.57
C GLU S 215 18.19 -21.21 -29.97
N ARG S 216 17.88 -21.91 -28.88
CA ARG S 216 18.81 -22.88 -28.33
C ARG S 216 18.91 -24.06 -29.28
N THR S 217 20.11 -24.64 -29.36
CA THR S 217 20.32 -25.77 -30.25
C THR S 217 19.64 -27.02 -29.72
N ARG S 218 19.53 -27.15 -28.40
CA ARG S 218 18.80 -28.27 -27.81
C ARG S 218 17.30 -28.14 -28.04
N GLU S 219 16.76 -26.93 -27.89
CA GLU S 219 15.35 -26.71 -28.17
C GLU S 219 15.02 -26.86 -29.65
N GLY S 220 15.94 -26.44 -30.52
CA GLY S 220 15.72 -26.63 -31.95
C GLY S 220 15.80 -28.09 -32.36
N ASN S 221 16.70 -28.85 -31.73
CA ASN S 221 16.79 -30.28 -32.00
C ASN S 221 15.56 -31.00 -31.47
N ASP S 222 15.04 -30.59 -30.31
CA ASP S 222 13.84 -31.22 -29.77
C ASP S 222 12.62 -30.87 -30.62
N LEU S 223 12.55 -29.66 -31.15
CA LEU S 223 11.46 -29.29 -32.03
C LEU S 223 11.52 -30.04 -33.35
N TYR S 224 12.72 -30.24 -33.89
CA TYR S 224 12.88 -31.02 -35.11
C TYR S 224 12.50 -32.49 -34.89
N ARG S 225 12.89 -33.06 -33.75
CA ARG S 225 12.52 -34.44 -33.47
C ARG S 225 11.03 -34.59 -33.20
N GLU S 226 10.40 -33.58 -32.57
CA GLU S 226 8.97 -33.65 -32.34
C GLU S 226 8.18 -33.43 -33.63
N MET S 227 8.73 -32.67 -34.57
CA MET S 227 8.08 -32.55 -35.88
C MET S 227 8.24 -33.82 -36.69
N ILE S 228 9.32 -34.58 -36.46
CA ILE S 228 9.44 -35.89 -37.08
C ILE S 228 8.45 -36.87 -36.49
N GLU S 229 8.34 -36.89 -35.15
CA GLU S 229 7.47 -37.86 -34.48
C GLU S 229 5.99 -37.57 -34.67
N SER S 230 5.61 -36.33 -34.97
CA SER S 230 4.22 -35.97 -35.14
C SER S 230 3.79 -35.94 -36.61
N GLY S 231 4.66 -36.34 -37.51
CA GLY S 231 4.30 -36.44 -38.92
C GLY S 231 4.28 -35.13 -39.67
N VAL S 232 4.69 -34.03 -39.04
CA VAL S 232 4.79 -32.76 -39.76
C VAL S 232 5.97 -32.80 -40.73
N ILE S 233 7.11 -33.28 -40.27
CA ILE S 233 8.30 -33.48 -41.10
C ILE S 233 8.49 -34.97 -41.29
N LYS S 234 8.67 -35.39 -42.54
CA LYS S 234 9.00 -36.77 -42.84
C LYS S 234 10.36 -36.82 -43.54
N LEU S 235 10.98 -37.99 -43.52
CA LEU S 235 12.33 -38.16 -44.01
C LEU S 235 12.37 -39.21 -45.12
N GLY S 236 13.43 -39.14 -45.92
CA GLY S 236 13.70 -40.16 -46.92
C GLY S 236 12.95 -39.98 -48.22
N ALA S 237 12.07 -40.92 -48.56
CA ALA S 237 11.33 -40.85 -49.80
C ALA S 237 10.04 -40.06 -49.65
N GLU S 238 9.41 -40.16 -48.47
CA GLU S 238 8.19 -39.42 -48.16
C GLU S 238 8.48 -38.02 -47.63
N ARG S 239 9.67 -37.48 -47.90
CA ARG S 239 10.02 -36.11 -47.55
C ARG S 239 9.15 -35.09 -48.26
N GLY S 240 8.64 -35.43 -49.44
CA GLY S 240 7.78 -34.51 -50.18
C GLY S 240 6.40 -34.34 -49.58
N ASN S 241 6.01 -35.20 -48.64
CA ASN S 241 4.74 -35.07 -47.93
C ASN S 241 4.88 -34.31 -46.62
N SER S 242 6.03 -33.70 -46.36
CA SER S 242 6.22 -32.91 -45.15
C SER S 242 5.63 -31.51 -45.35
N LYS S 243 5.34 -30.85 -44.24
CA LYS S 243 4.55 -29.63 -44.26
C LYS S 243 5.29 -28.38 -43.82
N CYS S 244 6.53 -28.49 -43.37
CA CYS S 244 7.20 -27.33 -42.80
C CYS S 244 8.67 -27.31 -43.22
N THR S 245 9.12 -26.14 -43.67
CA THR S 245 10.53 -25.88 -43.93
C THR S 245 11.14 -25.23 -42.70
N LEU S 246 12.16 -25.86 -42.14
CA LEU S 246 12.83 -25.33 -40.96
C LEU S 246 14.01 -24.47 -41.38
N VAL S 247 14.06 -23.25 -40.87
CA VAL S 247 15.17 -22.35 -41.12
C VAL S 247 15.75 -21.99 -39.75
N TYR S 248 16.90 -22.56 -39.42
CA TYR S 248 17.47 -22.45 -38.10
C TYR S 248 18.71 -21.58 -38.14
N GLY S 249 18.69 -20.51 -37.37
CA GLY S 249 19.91 -19.79 -37.07
C GLY S 249 20.14 -19.91 -35.58
N GLN S 250 21.15 -20.69 -35.20
CA GLN S 250 21.29 -21.07 -33.80
C GLN S 250 21.86 -19.92 -32.97
N MET S 251 21.93 -20.14 -31.67
CA MET S 251 22.31 -19.08 -30.76
C MET S 251 23.82 -18.86 -30.77
N ASN S 252 24.59 -19.87 -31.14
CA ASN S 252 26.03 -19.77 -31.15
C ASN S 252 26.57 -19.09 -32.41
N GLU S 253 25.70 -18.73 -33.33
CA GLU S 253 26.06 -18.06 -34.56
C GLU S 253 26.28 -16.57 -34.32
N PRO S 254 27.10 -15.91 -35.14
CA PRO S 254 27.33 -14.47 -34.98
C PRO S 254 26.06 -13.67 -35.25
N PRO S 255 25.97 -12.42 -34.77
CA PRO S 255 24.69 -11.70 -34.86
C PRO S 255 24.22 -11.36 -36.26
N GLY S 256 25.09 -11.41 -37.27
CA GLY S 256 24.62 -11.23 -38.63
C GLY S 256 23.78 -12.39 -39.11
N ALA S 257 24.16 -13.62 -38.72
CA ALA S 257 23.40 -14.80 -39.07
C ALA S 257 22.05 -14.82 -38.38
N ARG S 258 22.02 -14.52 -37.08
CA ARG S 258 20.78 -14.43 -36.33
C ARG S 258 19.92 -13.24 -36.75
N ALA S 259 20.53 -12.22 -37.34
CA ALA S 259 19.77 -11.06 -37.81
C ALA S 259 19.17 -11.28 -39.19
N ARG S 260 19.78 -12.10 -40.03
CA ARG S 260 19.26 -12.32 -41.38
C ARG S 260 18.54 -13.66 -41.56
N VAL S 261 18.53 -14.51 -40.52
CA VAL S 261 17.87 -15.81 -40.67
C VAL S 261 16.35 -15.66 -40.75
N ALA S 262 15.79 -14.59 -40.17
CA ALA S 262 14.37 -14.35 -40.33
C ALA S 262 14.03 -13.92 -41.75
N LEU S 263 14.91 -13.18 -42.40
CA LEU S 263 14.72 -12.85 -43.81
C LEU S 263 14.87 -14.07 -44.69
N THR S 264 15.75 -15.01 -44.31
CA THR S 264 15.86 -16.28 -45.02
C THR S 264 14.57 -17.08 -44.94
N GLY S 265 14.03 -17.25 -43.74
CA GLY S 265 12.78 -17.98 -43.57
C GLY S 265 11.60 -17.28 -44.23
N LEU S 266 11.61 -15.95 -44.22
CA LEU S 266 10.56 -15.20 -44.87
C LEU S 266 10.65 -15.33 -46.39
N THR S 267 11.86 -15.50 -46.92
CA THR S 267 12.00 -15.69 -48.36
C THR S 267 11.50 -17.06 -48.78
N VAL S 268 11.78 -18.07 -47.95
CA VAL S 268 11.22 -19.40 -48.22
C VAL S 268 9.69 -19.38 -48.14
N ALA S 269 9.14 -18.57 -47.24
CA ALA S 269 7.69 -18.40 -47.22
C ALA S 269 7.19 -17.57 -48.40
N GLU S 270 7.98 -16.61 -48.87
CA GLU S 270 7.55 -15.73 -49.94
C GLU S 270 7.51 -16.46 -51.29
N TYR S 271 8.34 -17.49 -51.46
CA TYR S 271 8.20 -18.30 -52.67
C TYR S 271 6.89 -19.06 -52.67
N PHE S 272 6.45 -19.53 -51.49
CA PHE S 272 5.16 -20.20 -51.42
C PHE S 272 4.01 -19.22 -51.55
N ARG S 273 4.24 -17.96 -51.19
CA ARG S 273 3.21 -16.94 -51.33
C ARG S 273 3.06 -16.51 -52.79
N ASP S 274 4.15 -16.09 -53.41
CA ASP S 274 4.08 -15.40 -54.70
C ASP S 274 4.01 -16.35 -55.88
N ILE S 275 4.73 -17.47 -55.83
CA ILE S 275 4.80 -18.39 -56.95
C ILE S 275 3.79 -19.52 -56.82
N GLU S 276 3.72 -20.14 -55.65
CA GLU S 276 2.76 -21.23 -55.46
C GLU S 276 1.34 -20.70 -55.28
N GLY S 277 1.19 -19.48 -54.78
CA GLY S 277 -0.12 -18.90 -54.58
C GLY S 277 -0.85 -19.49 -53.40
N GLN S 278 -0.11 -19.79 -52.33
CA GLN S 278 -0.64 -20.48 -51.17
C GLN S 278 -0.85 -19.50 -50.03
N ASP S 279 -1.49 -20.00 -48.98
CA ASP S 279 -1.62 -19.31 -47.70
C ASP S 279 -0.64 -19.96 -46.75
N VAL S 280 0.59 -19.50 -46.79
CA VAL S 280 1.68 -20.11 -46.03
C VAL S 280 1.72 -19.49 -44.64
N LEU S 281 2.10 -20.30 -43.65
CA LEU S 281 2.40 -19.81 -42.32
C LEU S 281 3.90 -19.58 -42.16
N LEU S 282 4.25 -18.63 -41.31
CA LEU S 282 5.65 -18.35 -41.02
C LEU S 282 5.79 -18.19 -39.51
N PHE S 283 6.52 -19.08 -38.88
CA PHE S 283 6.72 -19.02 -37.43
C PHE S 283 8.09 -18.44 -37.15
N VAL S 284 8.12 -17.34 -36.41
CA VAL S 284 9.35 -16.72 -35.98
C VAL S 284 9.46 -16.97 -34.47
N ASP S 285 10.33 -17.87 -34.07
CA ASP S 285 10.52 -18.15 -32.65
C ASP S 285 11.34 -17.04 -32.02
N ASN S 286 10.70 -16.31 -31.11
CA ASN S 286 11.28 -15.21 -30.33
C ASN S 286 11.79 -14.10 -31.25
N ILE S 287 10.81 -13.35 -31.78
CA ILE S 287 11.05 -12.11 -32.52
C ILE S 287 11.87 -11.09 -31.72
N PHE S 288 11.86 -11.18 -30.39
CA PHE S 288 12.76 -10.39 -29.57
C PHE S 288 14.22 -10.71 -29.84
N ARG S 289 14.52 -11.98 -30.18
CA ARG S 289 15.89 -12.30 -30.53
C ARG S 289 16.28 -11.79 -31.91
N PHE S 290 15.30 -11.62 -32.81
CA PHE S 290 15.56 -10.90 -34.06
C PHE S 290 15.91 -9.45 -33.78
N THR S 291 15.15 -8.81 -32.90
CA THR S 291 15.42 -7.43 -32.49
C THR S 291 16.79 -7.31 -31.83
N GLN S 292 17.11 -8.26 -30.96
CA GLN S 292 18.37 -8.25 -30.22
C GLN S 292 19.57 -8.49 -31.15
N ALA S 293 19.42 -9.36 -32.14
CA ALA S 293 20.49 -9.62 -33.09
C ALA S 293 20.70 -8.42 -34.00
N ASN S 294 19.63 -7.74 -34.41
CA ASN S 294 19.80 -6.53 -35.21
C ASN S 294 20.39 -5.40 -34.39
N SER S 295 20.08 -5.34 -33.10
CA SER S 295 20.70 -4.38 -32.20
C SER S 295 22.19 -4.65 -32.04
N GLU S 296 22.58 -5.91 -31.98
CA GLU S 296 24.01 -6.25 -31.87
C GLU S 296 24.74 -5.96 -33.16
N VAL S 297 24.10 -6.18 -34.31
CA VAL S 297 24.70 -5.84 -35.60
C VAL S 297 24.88 -4.33 -35.72
N SER S 298 23.88 -3.56 -35.29
CA SER S 298 23.97 -2.11 -35.31
C SER S 298 25.01 -1.58 -34.34
N ALA S 299 25.21 -2.26 -33.21
CA ALA S 299 26.21 -1.83 -32.25
C ALA S 299 27.61 -2.15 -32.72
N LEU S 300 27.78 -3.27 -33.42
CA LEU S 300 29.11 -3.61 -33.94
C LEU S 300 29.53 -2.72 -35.09
N LEU S 301 28.57 -2.12 -35.80
CA LEU S 301 28.87 -1.20 -36.91
C LEU S 301 29.12 0.22 -36.44
N GLY S 302 29.33 0.43 -35.15
CA GLY S 302 29.68 1.74 -34.63
C GLY S 302 28.56 2.73 -34.56
N ARG S 303 27.31 2.30 -34.75
CA ARG S 303 26.18 3.23 -34.72
C ARG S 303 25.82 3.56 -33.28
N ILE S 304 25.37 4.79 -33.08
CA ILE S 304 24.99 5.26 -31.74
C ILE S 304 23.67 4.63 -31.34
N PRO S 305 23.58 3.95 -30.20
CA PRO S 305 22.32 3.34 -29.80
C PRO S 305 21.24 4.37 -29.47
N SER S 306 20.01 3.93 -29.68
CA SER S 306 18.79 4.68 -29.43
C SER S 306 18.45 4.67 -27.96
N ALA S 307 17.16 4.83 -27.64
CA ALA S 307 16.63 4.55 -26.30
C ALA S 307 16.88 3.10 -25.91
N VAL S 308 16.44 2.66 -24.74
CA VAL S 308 17.19 1.94 -23.71
C VAL S 308 18.41 1.07 -24.07
N GLY S 309 18.77 0.91 -25.33
CA GLY S 309 19.96 0.20 -25.71
C GLY S 309 19.77 -0.43 -27.06
N TYR S 310 18.60 -0.22 -27.62
CA TYR S 310 18.30 -0.74 -28.92
C TYR S 310 18.91 0.13 -30.01
N GLN S 311 18.90 -0.42 -31.21
CA GLN S 311 19.40 0.24 -32.39
C GLN S 311 18.58 1.49 -32.71
N PRO S 312 19.19 2.48 -33.37
CA PRO S 312 18.38 3.60 -33.88
C PRO S 312 17.47 3.19 -35.02
N THR S 313 17.81 2.11 -35.72
CA THR S 313 17.07 1.63 -36.88
C THR S 313 15.98 0.64 -36.47
N LEU S 314 15.51 0.72 -35.22
CA LEU S 314 14.70 -0.35 -34.61
C LEU S 314 13.34 -0.50 -35.28
N ALA S 315 12.63 0.61 -35.45
CA ALA S 315 11.31 0.57 -36.08
C ALA S 315 11.41 0.18 -37.54
N THR S 316 12.43 0.64 -38.25
CA THR S 316 12.58 0.29 -39.65
C THR S 316 13.21 -1.08 -39.86
N ASP S 317 14.05 -1.58 -38.93
CA ASP S 317 14.51 -2.96 -39.05
C ASP S 317 13.41 -3.95 -38.71
N LEU S 318 12.50 -3.61 -37.81
CA LEU S 318 11.34 -4.46 -37.62
C LEU S 318 10.38 -4.35 -38.80
N GLY S 319 10.16 -3.13 -39.30
CA GLY S 319 9.25 -2.93 -40.42
C GLY S 319 9.74 -3.48 -41.74
N GLY S 320 11.05 -3.63 -41.93
CA GLY S 320 11.53 -4.29 -43.12
C GLY S 320 11.20 -5.76 -43.15
N LEU S 321 11.03 -6.36 -41.98
CA LEU S 321 10.60 -7.75 -41.86
C LEU S 321 9.08 -7.87 -41.91
N GLN S 322 8.40 -7.09 -41.07
CA GLN S 322 6.98 -7.26 -40.82
C GLN S 322 6.09 -6.78 -41.95
N GLU S 323 6.58 -5.90 -42.81
CA GLU S 323 5.78 -5.43 -43.93
C GLU S 323 5.81 -6.37 -45.12
N ARG S 324 6.76 -7.29 -45.16
CA ARG S 324 6.75 -8.34 -46.17
C ARG S 324 5.84 -9.49 -45.78
N ILE S 325 5.37 -9.53 -44.54
CA ILE S 325 4.38 -10.50 -44.11
C ILE S 325 3.01 -9.85 -44.32
N THR S 326 2.39 -10.16 -45.44
CA THR S 326 1.10 -9.58 -45.78
C THR S 326 0.39 -10.49 -46.77
N THR S 327 -0.89 -10.23 -46.96
CA THR S 327 -1.68 -10.89 -47.98
C THR S 327 -1.65 -10.07 -49.26
N THR S 328 -1.29 -10.71 -50.36
CA THR S 328 -1.26 -10.09 -51.67
C THR S 328 -2.40 -10.66 -52.50
N THR S 329 -2.41 -10.29 -53.79
CA THR S 329 -3.38 -10.85 -54.71
C THR S 329 -3.07 -12.29 -55.10
N LYS S 330 -1.83 -12.74 -54.88
CA LYS S 330 -1.43 -14.10 -55.24
C LYS S 330 -1.57 -15.06 -54.06
N GLY S 331 -1.21 -14.63 -52.86
CA GLY S 331 -1.33 -15.47 -51.70
C GLY S 331 -1.18 -14.66 -50.44
N SER S 332 -0.99 -15.35 -49.33
CA SER S 332 -0.81 -14.68 -48.06
C SER S 332 0.31 -15.35 -47.26
N ILE S 333 0.97 -14.55 -46.44
CA ILE S 333 1.84 -15.06 -45.38
C ILE S 333 1.23 -14.64 -44.07
N THR S 334 0.82 -15.60 -43.26
CA THR S 334 0.39 -15.34 -41.91
C THR S 334 1.52 -15.69 -40.96
N SER S 335 1.81 -14.83 -40.00
CA SER S 335 2.94 -15.03 -39.13
C SER S 335 2.51 -15.18 -37.68
N VAL S 336 2.99 -16.23 -37.03
CA VAL S 336 2.84 -16.43 -35.60
C VAL S 336 4.20 -16.24 -34.99
N GLN S 337 4.40 -15.13 -34.29
CA GLN S 337 5.69 -14.77 -33.72
C GLN S 337 5.63 -14.94 -32.21
N ALA S 338 6.56 -15.72 -31.67
CA ALA S 338 6.71 -15.77 -30.23
C ALA S 338 7.30 -14.46 -29.75
N VAL S 339 6.71 -13.87 -28.73
CA VAL S 339 7.12 -12.56 -28.24
C VAL S 339 7.59 -12.70 -26.80
N TYR S 340 8.85 -12.33 -26.56
CA TYR S 340 9.37 -12.21 -25.21
C TYR S 340 9.35 -10.74 -24.81
N VAL S 341 8.99 -10.49 -23.55
CA VAL S 341 8.87 -9.13 -23.04
C VAL S 341 9.96 -8.90 -21.99
N PRO S 342 10.94 -8.04 -22.26
CA PRO S 342 12.11 -7.92 -21.38
C PRO S 342 11.77 -7.19 -20.09
N ALA S 343 12.09 -7.83 -18.96
CA ALA S 343 11.80 -7.40 -17.59
C ALA S 343 10.30 -7.18 -17.35
N ASP S 344 9.46 -7.88 -18.12
CA ASP S 344 7.99 -7.77 -18.11
C ASP S 344 7.54 -6.31 -18.28
N ASP S 345 8.23 -5.59 -19.15
CA ASP S 345 7.93 -4.20 -19.45
C ASP S 345 7.33 -4.14 -20.85
N LEU S 346 6.02 -3.92 -20.93
CA LEU S 346 5.37 -3.77 -22.22
C LEU S 346 5.70 -2.45 -22.89
N THR S 347 6.20 -1.47 -22.14
CA THR S 347 6.64 -0.19 -22.68
C THR S 347 8.11 -0.17 -23.03
N ASP S 348 8.79 -1.31 -22.96
CA ASP S 348 10.14 -1.41 -23.48
C ASP S 348 10.09 -1.24 -25.00
N PRO S 349 11.09 -0.61 -25.62
CA PRO S 349 10.99 -0.29 -27.05
C PRO S 349 10.85 -1.49 -27.98
N ALA S 350 11.39 -2.65 -27.64
CA ALA S 350 11.26 -3.80 -28.53
C ALA S 350 9.85 -4.42 -28.51
N PRO S 351 9.20 -4.68 -27.36
CA PRO S 351 7.80 -5.11 -27.46
C PRO S 351 6.86 -4.02 -27.91
N ALA S 352 7.13 -2.75 -27.57
CA ALA S 352 6.25 -1.68 -28.02
C ALA S 352 6.34 -1.45 -29.52
N THR S 353 7.49 -1.73 -30.12
CA THR S 353 7.63 -1.66 -31.57
C THR S 353 7.14 -2.93 -32.25
N THR S 354 7.21 -4.08 -31.57
CA THR S 354 6.63 -5.29 -32.14
C THR S 354 5.11 -5.24 -32.12
N PHE S 355 4.51 -4.60 -31.12
CA PHE S 355 3.06 -4.61 -30.95
C PHE S 355 2.34 -3.70 -31.95
N ALA S 356 3.06 -2.82 -32.62
CA ALA S 356 2.47 -2.00 -33.67
C ALA S 356 2.19 -2.77 -34.95
N HIS S 357 2.74 -3.99 -35.07
CA HIS S 357 2.50 -4.84 -36.22
C HIS S 357 1.60 -6.03 -35.91
N LEU S 358 1.33 -6.30 -34.65
CA LEU S 358 0.61 -7.52 -34.26
C LEU S 358 -0.88 -7.33 -34.47
N ASP S 359 -1.48 -8.26 -35.20
CA ASP S 359 -2.92 -8.23 -35.46
C ASP S 359 -3.71 -9.10 -34.49
N ALA S 360 -3.02 -9.95 -33.71
CA ALA S 360 -3.68 -10.79 -32.73
C ALA S 360 -2.68 -11.10 -31.63
N THR S 361 -3.15 -11.82 -30.62
CA THR S 361 -2.32 -12.13 -29.45
C THR S 361 -2.89 -13.39 -28.84
N THR S 362 -2.05 -14.41 -28.66
CA THR S 362 -2.45 -15.69 -28.09
C THR S 362 -1.60 -15.90 -26.84
N VAL S 363 -2.19 -15.67 -25.68
CA VAL S 363 -1.50 -15.83 -24.41
C VAL S 363 -1.67 -17.27 -23.94
N LEU S 364 -0.56 -17.98 -23.78
CA LEU S 364 -0.56 -19.31 -23.18
C LEU S 364 -0.06 -19.19 -21.74
N SER S 365 -0.84 -19.69 -20.80
CA SER S 365 -0.55 -19.53 -19.39
C SER S 365 -0.44 -20.88 -18.69
N ARG S 366 0.40 -20.92 -17.65
CA ARG S 366 0.59 -22.15 -16.88
C ARG S 366 -0.63 -22.50 -16.04
N SER S 367 -1.49 -21.52 -15.74
CA SER S 367 -2.67 -21.79 -14.92
C SER S 367 -3.68 -22.63 -15.68
N ILE S 368 -3.87 -22.35 -16.97
CA ILE S 368 -4.79 -23.13 -17.79
C ILE S 368 -4.20 -24.52 -18.05
N ALA S 369 -2.87 -24.63 -18.10
CA ALA S 369 -2.24 -25.94 -18.24
C ALA S 369 -2.36 -26.77 -16.97
N GLU S 370 -2.33 -26.12 -15.80
CA GLU S 370 -2.49 -26.82 -14.54
C GLU S 370 -3.94 -27.14 -14.22
N LEU S 371 -4.89 -26.69 -15.04
CA LEU S 371 -6.27 -27.13 -14.96
C LEU S 371 -6.58 -28.22 -15.97
N GLY S 372 -5.57 -28.74 -16.67
CA GLY S 372 -5.77 -29.80 -17.64
C GLY S 372 -6.40 -29.39 -18.95
N ILE S 373 -6.64 -28.10 -19.15
CA ILE S 373 -7.27 -27.61 -20.36
C ILE S 373 -6.18 -27.42 -21.42
N TYR S 374 -6.25 -28.22 -22.48
CA TYR S 374 -5.31 -28.12 -23.59
C TYR S 374 -6.09 -27.92 -24.87
N PRO S 375 -5.77 -26.89 -25.69
CA PRO S 375 -4.67 -25.92 -25.60
C PRO S 375 -4.84 -24.87 -24.51
N ALA S 376 -3.72 -24.40 -23.96
CA ALA S 376 -3.70 -23.55 -22.77
C ALA S 376 -3.82 -22.07 -23.11
N VAL S 377 -4.50 -21.74 -24.20
CA VAL S 377 -4.79 -20.36 -24.57
C VAL S 377 -5.64 -19.72 -23.49
N ASP S 378 -5.15 -18.63 -22.93
CA ASP S 378 -5.89 -17.90 -21.92
C ASP S 378 -7.02 -17.16 -22.60
N PRO S 379 -8.28 -17.46 -22.31
CA PRO S 379 -9.39 -16.88 -23.09
C PRO S 379 -9.64 -15.42 -22.81
N LEU S 380 -9.22 -14.90 -21.67
CA LEU S 380 -9.46 -13.50 -21.34
C LEU S 380 -8.29 -12.58 -21.68
N ASP S 381 -7.07 -13.12 -21.74
CA ASP S 381 -5.91 -12.31 -22.06
C ASP S 381 -5.57 -12.32 -23.53
N SER S 382 -6.05 -13.30 -24.29
CA SER S 382 -5.85 -13.32 -25.73
C SER S 382 -6.71 -12.25 -26.39
N THR S 383 -6.10 -11.47 -27.27
CA THR S 383 -6.78 -10.40 -27.96
C THR S 383 -6.61 -10.54 -29.46
N SER S 384 -7.46 -9.86 -30.21
CA SER S 384 -7.35 -9.82 -31.67
C SER S 384 -7.98 -8.54 -32.18
N ARG S 385 -7.46 -8.04 -33.30
CA ARG S 385 -8.08 -6.93 -33.99
C ARG S 385 -9.24 -7.37 -34.87
N MET S 386 -9.36 -8.67 -35.12
CA MET S 386 -10.50 -9.21 -35.85
C MET S 386 -11.74 -9.37 -34.99
N LEU S 387 -11.61 -9.22 -33.67
CA LEU S 387 -12.75 -9.22 -32.76
C LEU S 387 -13.46 -7.88 -32.92
N ASN S 388 -14.26 -7.79 -33.97
CA ASN S 388 -14.89 -6.56 -34.42
C ASN S 388 -16.08 -6.96 -35.26
N PRO S 389 -17.29 -6.46 -34.96
CA PRO S 389 -18.48 -6.94 -35.69
C PRO S 389 -18.54 -6.51 -37.14
N ASN S 390 -17.71 -5.55 -37.57
CA ASN S 390 -17.61 -5.23 -38.99
C ASN S 390 -16.78 -6.23 -39.76
N VAL S 391 -15.99 -7.06 -39.10
CA VAL S 391 -15.08 -7.99 -39.75
C VAL S 391 -15.58 -9.43 -39.67
N ILE S 392 -15.83 -9.92 -38.45
CA ILE S 392 -16.27 -11.31 -38.27
C ILE S 392 -17.79 -11.41 -38.22
N GLY S 393 -18.51 -10.32 -38.50
CA GLY S 393 -19.95 -10.33 -38.42
C GLY S 393 -20.44 -10.16 -37.00
N ALA S 394 -21.75 -9.95 -36.88
CA ALA S 394 -22.33 -9.66 -35.58
C ALA S 394 -22.48 -10.90 -34.72
N GLU S 395 -22.75 -12.06 -35.33
CA GLU S 395 -23.03 -13.27 -34.56
C GLU S 395 -21.78 -13.80 -33.88
N HIS S 396 -20.68 -13.89 -34.64
CA HIS S 396 -19.39 -14.34 -34.10
C HIS S 396 -18.89 -13.39 -33.03
N TYR S 397 -19.00 -12.08 -33.27
CA TYR S 397 -18.58 -11.09 -32.30
C TYR S 397 -19.39 -11.16 -31.02
N ASN S 398 -20.71 -11.33 -31.14
CA ASN S 398 -21.54 -11.34 -29.95
C ASN S 398 -21.38 -12.64 -29.16
N VAL S 399 -21.16 -13.76 -29.84
CA VAL S 399 -20.87 -15.02 -29.15
C VAL S 399 -19.55 -14.92 -28.40
N ALA S 400 -18.53 -14.31 -29.03
CA ALA S 400 -17.23 -14.18 -28.37
C ALA S 400 -17.29 -13.22 -27.18
N ARG S 401 -18.04 -12.13 -27.30
CA ARG S 401 -18.20 -11.23 -26.16
C ARG S 401 -19.02 -11.86 -25.05
N GLY S 402 -20.00 -12.70 -25.38
CA GLY S 402 -20.74 -13.39 -24.33
C GLY S 402 -19.90 -14.42 -23.60
N VAL S 403 -19.05 -15.14 -24.34
CA VAL S 403 -18.14 -16.11 -23.71
C VAL S 403 -17.15 -15.38 -22.80
N GLN S 404 -16.60 -14.25 -23.26
CA GLN S 404 -15.69 -13.48 -22.43
C GLN S 404 -16.40 -12.85 -21.24
N LYS S 405 -17.70 -12.52 -21.38
CA LYS S 405 -18.44 -11.95 -20.26
C LYS S 405 -18.69 -12.99 -19.18
N VAL S 406 -19.11 -14.19 -19.55
CA VAL S 406 -19.37 -15.20 -18.53
C VAL S 406 -18.07 -15.69 -17.90
N LEU S 407 -16.98 -15.75 -18.68
CA LEU S 407 -15.70 -16.15 -18.10
C LEU S 407 -15.14 -15.05 -17.20
N GLN S 408 -15.37 -13.78 -17.55
CA GLN S 408 -14.85 -12.69 -16.74
C GLN S 408 -15.61 -12.54 -15.44
N ASP S 409 -16.95 -12.61 -15.47
CA ASP S 409 -17.65 -12.49 -14.20
C ASP S 409 -17.58 -13.79 -13.39
N TYR S 410 -17.22 -14.92 -14.00
CA TYR S 410 -16.85 -16.07 -13.20
C TYR S 410 -15.50 -15.87 -12.52
N LYS S 411 -14.55 -15.27 -13.26
CA LYS S 411 -13.22 -15.03 -12.71
C LYS S 411 -13.25 -14.06 -11.55
N ASN S 412 -14.11 -13.05 -11.59
CA ASN S 412 -14.14 -12.12 -10.47
C ASN S 412 -15.04 -12.58 -9.32
N LEU S 413 -15.78 -13.66 -9.47
CA LEU S 413 -16.47 -14.25 -8.31
C LEU S 413 -15.79 -15.53 -7.83
N GLN S 414 -14.69 -15.95 -8.45
CA GLN S 414 -13.84 -16.98 -7.85
C GLN S 414 -13.33 -16.58 -6.46
N ASP S 415 -13.13 -15.28 -6.22
CA ASP S 415 -12.66 -14.84 -4.91
C ASP S 415 -13.75 -14.93 -3.84
N ILE S 416 -14.99 -14.61 -4.18
CA ILE S 416 -16.09 -14.79 -3.23
C ILE S 416 -16.43 -16.27 -3.08
N ILE S 417 -16.09 -17.11 -4.07
CA ILE S 417 -16.09 -18.55 -3.83
C ILE S 417 -15.00 -18.93 -2.83
N ALA S 418 -13.83 -18.29 -2.93
CA ALA S 418 -12.70 -18.66 -2.08
C ALA S 418 -12.90 -18.25 -0.63
N ILE S 419 -13.54 -17.11 -0.36
CA ILE S 419 -13.63 -16.64 1.02
C ILE S 419 -14.94 -17.06 1.65
N LEU S 420 -15.98 -17.30 0.85
CA LEU S 420 -17.28 -17.67 1.39
C LEU S 420 -17.73 -19.08 1.01
N GLY S 421 -17.65 -19.44 -0.27
CA GLY S 421 -18.05 -20.78 -0.69
C GLY S 421 -19.17 -20.77 -1.70
N MET S 422 -19.57 -21.97 -2.15
CA MET S 422 -20.72 -22.12 -3.03
C MET S 422 -22.04 -21.93 -2.29
N ASP S 423 -22.01 -21.90 -0.96
CA ASP S 423 -23.23 -21.79 -0.17
C ASP S 423 -23.88 -20.42 -0.30
N GLU S 424 -23.09 -19.35 -0.32
CA GLU S 424 -23.63 -18.01 -0.36
C GLU S 424 -23.71 -17.46 -1.79
N LEU S 425 -23.38 -18.26 -2.78
CA LEU S 425 -23.59 -17.86 -4.16
C LEU S 425 -25.08 -17.95 -4.50
N SER S 426 -25.59 -16.88 -5.09
CA SER S 426 -26.95 -16.89 -5.60
C SER S 426 -27.02 -17.80 -6.83
N GLU S 427 -28.25 -18.25 -7.14
CA GLU S 427 -28.42 -19.08 -8.34
C GLU S 427 -28.26 -18.25 -9.60
N GLU S 428 -28.53 -16.96 -9.51
CA GLU S 428 -28.19 -15.99 -10.57
C GLU S 428 -26.69 -15.87 -10.75
N ASP S 429 -25.90 -16.11 -9.70
CA ASP S 429 -24.45 -16.17 -9.79
C ASP S 429 -23.93 -17.59 -9.70
N LYS S 430 -24.80 -18.59 -9.89
CA LYS S 430 -24.39 -19.98 -10.00
C LYS S 430 -24.70 -20.59 -11.35
N LEU S 431 -25.68 -20.04 -12.08
CA LEU S 431 -25.81 -20.38 -13.49
C LEU S 431 -24.61 -19.88 -14.28
N THR S 432 -24.03 -18.73 -13.88
CA THR S 432 -22.80 -18.27 -14.50
C THR S 432 -21.64 -19.23 -14.23
N VAL S 433 -21.57 -19.80 -13.03
CA VAL S 433 -20.51 -20.78 -12.73
C VAL S 433 -20.74 -22.07 -13.50
N ALA S 434 -21.98 -22.56 -13.51
CA ALA S 434 -22.30 -23.79 -14.22
C ALA S 434 -22.19 -23.67 -15.72
N ARG S 435 -22.28 -22.45 -16.26
CA ARG S 435 -22.05 -22.25 -17.68
C ARG S 435 -20.57 -22.00 -18.00
N ALA S 436 -19.88 -21.22 -17.17
CA ALA S 436 -18.49 -20.88 -17.45
C ALA S 436 -17.57 -22.06 -17.25
N ARG S 437 -17.92 -23.00 -16.36
CA ARG S 437 -17.09 -24.19 -16.19
C ARG S 437 -17.13 -25.07 -17.43
N LYS S 438 -18.31 -25.32 -17.99
CA LYS S 438 -18.36 -26.12 -19.20
C LYS S 438 -17.94 -25.33 -20.44
N ILE S 439 -17.95 -24.00 -20.39
CA ILE S 439 -17.38 -23.22 -21.48
C ILE S 439 -15.86 -23.34 -21.47
N GLN S 440 -15.24 -23.19 -20.30
CA GLN S 440 -13.79 -23.34 -20.22
C GLN S 440 -13.35 -24.78 -20.37
N ARG S 441 -14.25 -25.75 -20.18
CA ARG S 441 -13.97 -27.11 -20.63
C ARG S 441 -14.05 -27.21 -22.15
N PHE S 442 -15.04 -26.55 -22.74
CA PHE S 442 -15.29 -26.68 -24.17
C PHE S 442 -14.28 -25.92 -25.02
N LEU S 443 -13.48 -25.04 -24.43
CA LEU S 443 -12.35 -24.47 -25.16
C LEU S 443 -11.24 -25.49 -25.42
N SER S 444 -11.12 -26.50 -24.57
CA SER S 444 -10.13 -27.54 -24.77
C SER S 444 -10.52 -28.44 -25.93
N GLN S 445 -9.52 -29.04 -26.57
CA GLN S 445 -9.70 -29.77 -27.81
C GLN S 445 -8.50 -30.65 -28.09
N PRO S 446 -8.70 -31.91 -28.48
CA PRO S 446 -7.55 -32.77 -28.76
C PRO S 446 -6.97 -32.49 -30.14
N PHE S 447 -5.65 -32.59 -30.23
CA PHE S 447 -4.92 -32.22 -31.44
C PHE S 447 -4.49 -33.46 -32.18
N GLN S 448 -4.44 -33.35 -33.52
CA GLN S 448 -4.05 -34.49 -34.36
C GLN S 448 -2.58 -34.83 -34.18
N VAL S 449 -1.73 -33.82 -33.99
CA VAL S 449 -0.30 -34.05 -33.85
C VAL S 449 0.08 -34.64 -32.50
N ALA S 450 -0.85 -34.71 -31.54
CA ALA S 450 -0.59 -35.31 -30.24
C ALA S 450 -1.13 -36.72 -30.12
N GLU S 451 -1.85 -37.22 -31.13
CA GLU S 451 -2.48 -38.52 -31.03
C GLU S 451 -1.50 -39.67 -31.15
N VAL S 452 -0.25 -39.40 -31.57
CA VAL S 452 0.76 -40.45 -31.61
C VAL S 452 1.25 -40.81 -30.21
N PHE S 453 0.98 -39.98 -29.20
CA PHE S 453 1.32 -40.33 -27.83
C PHE S 453 0.23 -40.08 -26.81
N THR S 454 -0.96 -39.61 -27.23
CA THR S 454 -2.05 -39.41 -26.28
C THR S 454 -3.25 -40.32 -26.54
N GLY S 455 -3.21 -41.13 -27.59
CA GLY S 455 -4.30 -42.07 -27.84
C GLY S 455 -5.57 -41.54 -28.45
N THR S 456 -6.12 -40.45 -27.90
CA THR S 456 -7.34 -39.89 -28.45
C THR S 456 -7.05 -39.17 -29.77
N PRO S 457 -7.91 -39.31 -30.77
CA PRO S 457 -7.66 -38.65 -32.05
C PRO S 457 -7.90 -37.15 -31.98
N GLY S 458 -7.39 -36.46 -32.99
CA GLY S 458 -7.53 -35.02 -33.05
C GLY S 458 -8.80 -34.59 -33.77
N LYS S 459 -9.26 -33.39 -33.43
CA LYS S 459 -10.53 -32.87 -33.92
C LYS S 459 -10.28 -31.54 -34.63
N TYR S 460 -10.75 -31.44 -35.87
CA TYR S 460 -10.77 -30.17 -36.58
C TYR S 460 -12.18 -29.59 -36.49
N VAL S 461 -12.30 -28.43 -35.87
CA VAL S 461 -13.59 -27.79 -35.63
C VAL S 461 -13.73 -26.64 -36.62
N ASP S 462 -14.86 -26.60 -37.32
CA ASP S 462 -15.10 -25.51 -38.24
C ASP S 462 -15.42 -24.22 -37.49
N LEU S 463 -15.50 -23.12 -38.24
CA LEU S 463 -15.85 -21.85 -37.62
C LEU S 463 -17.33 -21.80 -37.27
N ALA S 464 -18.20 -22.21 -38.20
CA ALA S 464 -19.64 -22.23 -37.96
C ALA S 464 -20.01 -23.21 -36.85
N ASP S 465 -19.32 -24.35 -36.79
CA ASP S 465 -19.54 -25.29 -35.70
C ASP S 465 -19.08 -24.72 -34.36
N THR S 466 -18.02 -23.92 -34.37
CA THR S 466 -17.57 -23.29 -33.13
C THR S 466 -18.56 -22.25 -32.64
N ILE S 467 -19.07 -21.41 -33.56
CA ILE S 467 -20.02 -20.37 -33.18
C ILE S 467 -21.34 -20.98 -32.72
N SER S 468 -21.81 -22.02 -33.41
CA SER S 468 -23.04 -22.70 -32.99
C SER S 468 -22.87 -23.40 -31.65
N GLY S 469 -21.75 -24.12 -31.47
CA GLY S 469 -21.53 -24.85 -30.24
C GLY S 469 -21.20 -23.99 -29.06
N PHE S 470 -20.81 -22.74 -29.26
CA PHE S 470 -20.66 -21.85 -28.13
C PHE S 470 -21.88 -20.97 -27.90
N GLN S 471 -22.66 -20.68 -28.94
CA GLN S 471 -23.93 -20.01 -28.77
C GLN S 471 -24.93 -20.89 -28.03
N GLY S 472 -24.85 -22.21 -28.24
CA GLY S 472 -25.71 -23.12 -27.49
C GLY S 472 -25.42 -23.10 -26.00
N VAL S 473 -24.16 -23.17 -25.61
CA VAL S 473 -23.81 -23.12 -24.19
C VAL S 473 -24.01 -21.72 -23.63
N LEU S 474 -23.97 -20.70 -24.48
CA LEU S 474 -24.22 -19.34 -24.01
C LEU S 474 -25.70 -19.10 -23.73
N THR S 475 -26.58 -19.57 -24.61
CA THR S 475 -28.00 -19.40 -24.38
C THR S 475 -28.56 -20.34 -23.32
N GLY S 476 -27.80 -21.36 -22.93
CA GLY S 476 -28.20 -22.26 -21.88
C GLY S 476 -29.02 -23.45 -22.29
N LYS S 477 -28.92 -23.90 -23.54
CA LYS S 477 -29.68 -25.06 -24.00
C LYS S 477 -28.94 -26.38 -23.79
N TYR S 478 -27.83 -26.37 -23.03
CA TYR S 478 -27.15 -27.59 -22.62
C TYR S 478 -26.78 -27.53 -21.15
N ASP S 479 -27.69 -26.99 -20.32
CA ASP S 479 -27.38 -26.84 -18.90
C ASP S 479 -27.50 -28.16 -18.15
N ASP S 480 -28.16 -29.16 -18.73
CA ASP S 480 -28.32 -30.45 -18.08
C ASP S 480 -27.14 -31.40 -18.28
N LEU S 481 -26.36 -31.20 -19.33
CA LEU S 481 -25.23 -32.06 -19.64
C LEU S 481 -24.09 -31.86 -18.63
N PRO S 482 -23.30 -32.90 -18.36
CA PRO S 482 -22.22 -32.75 -17.37
C PRO S 482 -21.07 -31.92 -17.92
N GLU S 483 -20.20 -31.52 -16.99
CA GLU S 483 -19.10 -30.62 -17.33
C GLU S 483 -18.03 -31.33 -18.16
N MET S 484 -17.70 -32.57 -17.81
CA MET S 484 -16.66 -33.30 -18.50
C MET S 484 -17.13 -33.92 -19.81
N ALA S 485 -18.39 -33.72 -20.19
CA ALA S 485 -18.84 -34.04 -21.54
C ALA S 485 -18.42 -32.98 -22.55
N PHE S 486 -17.97 -31.82 -22.07
CA PHE S 486 -17.45 -30.76 -22.91
C PHE S 486 -15.93 -30.78 -23.02
N TYR S 487 -15.27 -31.62 -22.23
CA TYR S 487 -13.82 -31.63 -22.14
C TYR S 487 -13.23 -32.47 -23.26
N MET S 488 -12.39 -31.83 -24.09
CA MET S 488 -11.57 -32.46 -25.13
C MET S 488 -12.43 -33.16 -26.19
N VAL S 489 -13.42 -32.42 -26.70
CA VAL S 489 -14.28 -32.91 -27.77
C VAL S 489 -14.29 -31.89 -28.90
N GLY S 490 -14.71 -32.34 -30.07
CA GLY S 490 -14.70 -31.48 -31.24
C GLY S 490 -15.75 -30.39 -31.25
N ASP S 491 -17.02 -30.74 -31.40
CA ASP S 491 -18.07 -29.76 -31.58
C ASP S 491 -19.22 -30.08 -30.63
N ILE S 492 -20.34 -29.38 -30.82
CA ILE S 492 -21.51 -29.62 -29.98
C ILE S 492 -22.23 -30.91 -30.36
N LYS S 493 -21.95 -31.45 -31.55
CA LYS S 493 -22.46 -32.75 -31.95
C LYS S 493 -21.78 -33.88 -31.21
N GLU S 494 -20.65 -33.62 -30.55
CA GLU S 494 -19.92 -34.63 -29.81
C GLU S 494 -19.91 -34.38 -28.31
N VAL S 495 -20.56 -33.33 -27.81
CA VAL S 495 -20.81 -33.26 -26.38
C VAL S 495 -22.07 -34.05 -26.03
N LYS S 496 -22.96 -34.26 -26.99
CA LYS S 496 -24.17 -35.03 -26.74
C LYS S 496 -23.88 -36.52 -26.82
N GLU S 497 -23.00 -36.92 -27.75
CA GLU S 497 -22.58 -38.32 -27.81
C GLU S 497 -21.75 -38.69 -26.59
N LYS S 498 -20.94 -37.77 -26.09
CA LYS S 498 -20.20 -38.06 -24.87
C LYS S 498 -21.12 -38.07 -23.65
N ALA S 499 -22.20 -37.28 -23.68
CA ALA S 499 -23.19 -37.38 -22.62
C ALA S 499 -23.97 -38.70 -22.70
N ASP S 500 -24.18 -39.21 -23.91
CA ASP S 500 -24.77 -40.54 -24.08
C ASP S 500 -23.84 -41.62 -23.53
N LYS S 501 -22.53 -41.49 -23.79
CA LYS S 501 -21.59 -42.48 -23.27
C LYS S 501 -21.43 -42.36 -21.76
N MET S 502 -21.55 -41.15 -21.22
CA MET S 502 -21.50 -40.95 -19.78
C MET S 502 -22.81 -41.37 -19.10
N ALA S 503 -23.90 -41.50 -19.85
CA ALA S 503 -25.12 -42.11 -19.35
C ALA S 503 -25.00 -43.63 -19.25
N LYS S 504 -23.95 -44.22 -19.80
CA LYS S 504 -23.59 -45.62 -19.61
C LYS S 504 -22.64 -45.83 -18.45
N ASP S 505 -22.72 -44.96 -17.42
CA ASP S 505 -21.80 -45.03 -16.29
C ASP S 505 -22.02 -46.29 -15.45
N ILE S 506 -23.25 -46.78 -15.41
CA ILE S 506 -23.57 -47.99 -14.64
C ILE S 506 -23.09 -49.26 -15.30
N ALA S 507 -22.72 -49.20 -16.58
CA ALA S 507 -22.38 -50.40 -17.35
C ALA S 507 -21.03 -50.99 -17.01
N SER S 508 -20.20 -50.32 -16.20
CA SER S 508 -18.90 -50.84 -15.84
C SER S 508 -18.56 -50.69 -14.36
N ARG S 509 -19.42 -50.04 -13.57
CA ARG S 509 -19.13 -49.76 -12.18
C ARG S 509 -20.16 -50.34 -11.21
N LYS S 510 -21.45 -50.33 -11.59
CA LYS S 510 -22.52 -50.75 -10.70
C LYS S 510 -22.87 -52.22 -10.88
N GLU S 511 -23.24 -52.62 -12.09
CA GLU S 511 -23.56 -54.00 -12.40
C GLU S 511 -22.36 -54.78 -12.88
N ALA S 512 -21.17 -54.17 -12.86
CA ALA S 512 -19.91 -54.85 -13.13
C ALA S 512 -18.95 -54.53 -12.00
N ASP S 513 -18.64 -55.52 -11.17
CA ASP S 513 -17.80 -55.33 -10.00
C ASP S 513 -16.47 -56.06 -10.18
N ASN S 514 -15.49 -55.67 -9.37
CA ASN S 514 -14.12 -56.15 -9.53
C ASN S 514 -13.92 -57.48 -8.80
N LYS S 515 -12.89 -58.21 -9.21
CA LYS S 515 -12.48 -59.45 -8.55
C LYS S 515 -10.98 -59.63 -8.69
N LYS S 516 -10.28 -59.60 -7.56
CA LYS S 516 -8.84 -59.85 -7.52
C LYS S 516 -8.53 -60.67 -6.27
N VAL S 517 -7.92 -61.83 -6.46
CA VAL S 517 -7.72 -62.81 -5.39
C VAL S 517 -6.24 -62.84 -5.03
N SER S 518 -5.92 -62.46 -3.80
CA SER S 518 -4.62 -62.62 -3.14
C SER S 518 -3.50 -61.92 -3.93
N GLU S 519 -3.73 -60.63 -4.19
CA GLU S 519 -2.71 -59.84 -4.87
C GLU S 519 -1.59 -59.41 -3.94
N GLU S 520 -1.82 -59.53 -2.63
CA GLU S 520 -0.85 -59.08 -1.64
C GLU S 520 0.38 -60.00 -1.58
N LEU S 521 0.17 -61.30 -1.78
CA LEU S 521 1.21 -62.29 -1.55
C LEU S 521 2.11 -62.51 -2.75
N LYS S 522 1.64 -62.20 -3.96
CA LYS S 522 2.42 -62.50 -5.17
C LYS S 522 3.66 -61.63 -5.28
N ASP S 523 3.50 -60.32 -5.14
CA ASP S 523 4.62 -59.41 -4.94
C ASP S 523 4.85 -59.26 -3.44
N ILE S 524 5.60 -58.23 -3.04
CA ILE S 524 6.00 -57.92 -1.67
C ILE S 524 6.69 -59.10 -1.00
N PRO S 525 7.94 -59.44 -1.36
CA PRO S 525 8.73 -60.34 -0.52
C PRO S 525 9.41 -59.53 0.57
N SER S 526 10.25 -60.21 1.35
CA SER S 526 11.04 -59.46 2.30
C SER S 526 12.19 -58.75 1.57
N LEU S 527 12.83 -57.80 2.28
CA LEU S 527 13.82 -56.94 1.65
C LEU S 527 15.10 -57.68 1.27
N ASP S 528 15.47 -58.74 1.99
CA ASP S 528 16.64 -59.53 1.62
C ASP S 528 16.41 -60.32 0.33
N LYS S 529 15.15 -60.56 -0.03
CA LYS S 529 14.85 -61.21 -1.30
C LYS S 529 15.14 -60.28 -2.47
N LEU S 530 14.66 -59.03 -2.40
CA LEU S 530 14.80 -58.09 -3.50
C LEU S 530 16.25 -57.66 -3.75
N VAL S 531 17.11 -57.75 -2.74
CA VAL S 531 18.53 -57.50 -2.96
C VAL S 531 19.14 -58.63 -3.79
N SER S 532 18.61 -59.84 -3.66
CA SER S 532 19.17 -60.99 -4.37
C SER S 532 18.87 -60.97 -5.88
N GLU S 533 17.98 -60.10 -6.36
CA GLU S 533 17.68 -60.03 -7.78
C GLU S 533 18.27 -58.84 -8.49
N ILE S 534 18.91 -57.91 -7.78
CA ILE S 534 19.56 -56.80 -8.47
C ILE S 534 20.85 -57.30 -9.11
N LYS S 535 21.18 -56.75 -10.28
CA LYS S 535 22.11 -57.41 -11.18
C LYS S 535 23.56 -57.30 -10.75
N GLU S 536 23.91 -56.33 -9.90
CA GLU S 536 25.28 -56.09 -9.41
C GLU S 536 26.23 -55.85 -10.59
N VAL S 537 26.03 -54.68 -11.20
CA VAL S 537 26.84 -54.24 -12.34
C VAL S 537 28.31 -54.17 -11.93
N VAL S 538 29.20 -54.58 -12.84
CA VAL S 538 30.62 -54.65 -12.55
C VAL S 538 31.21 -53.25 -12.55
N ILE S 539 32.07 -52.99 -11.56
CA ILE S 539 32.66 -51.67 -11.36
C ILE S 539 34.17 -51.81 -11.50
N GLU S 540 34.73 -51.15 -12.51
CA GLU S 540 36.18 -51.08 -12.65
C GLU S 540 36.73 -50.08 -11.64
N GLU S 541 37.77 -50.47 -10.90
CA GLU S 541 38.40 -49.53 -9.99
C GLU S 541 39.34 -48.59 -10.72
N ASP S 542 39.78 -48.95 -11.92
CA ASP S 542 40.56 -48.07 -12.78
C ASP S 542 39.64 -47.37 -13.77
N ASP S 543 39.85 -46.07 -13.95
CA ASP S 543 39.12 -45.34 -14.98
C ASP S 543 39.60 -45.73 -16.37
N GLY S 544 40.88 -46.10 -16.50
CA GLY S 544 41.42 -46.54 -17.77
C GLY S 544 41.52 -45.45 -18.82
N LEU S 545 41.74 -44.20 -18.41
CA LEU S 545 41.79 -43.12 -19.37
C LEU S 545 43.16 -43.00 -20.02
N GLU S 546 44.20 -43.53 -19.37
CA GLU S 546 45.54 -43.49 -19.93
C GLU S 546 45.70 -44.47 -21.09
N GLU S 547 44.90 -45.53 -21.12
CA GLU S 547 44.89 -46.46 -22.24
C GLU S 547 43.89 -46.06 -23.32
N ASP S 548 42.84 -45.33 -22.96
CA ASP S 548 41.89 -44.84 -23.96
C ASP S 548 42.47 -43.71 -24.79
N PHE S 549 43.45 -42.97 -24.23
CA PHE S 549 43.96 -41.79 -24.92
C PHE S 549 44.91 -42.16 -26.04
N LYS S 550 45.88 -43.04 -25.77
CA LYS S 550 46.76 -43.48 -26.85
C LYS S 550 46.09 -44.48 -27.78
N ALA S 551 44.92 -44.99 -27.41
CA ALA S 551 44.07 -45.68 -28.37
C ALA S 551 43.55 -44.72 -29.45
N GLU S 552 43.45 -43.43 -29.13
CA GLU S 552 43.23 -42.44 -30.18
C GLU S 552 44.53 -42.14 -30.93
N ALA S 553 45.67 -42.23 -30.24
CA ALA S 553 46.97 -42.12 -30.91
C ALA S 553 47.32 -43.40 -31.65
N LEU S 554 46.66 -44.52 -31.32
CA LEU S 554 46.69 -45.70 -32.17
C LEU S 554 46.12 -45.39 -33.56
N SER S 555 45.15 -44.49 -33.64
CA SER S 555 44.63 -44.01 -34.91
C SER S 555 45.54 -42.89 -35.44
N SER S 556 45.05 -42.20 -36.47
CA SER S 556 45.73 -41.08 -37.14
C SER S 556 47.12 -41.44 -37.69
N PRO T 33 36.08 46.74 -52.51
CA PRO T 33 34.93 45.85 -52.73
C PRO T 33 35.13 44.46 -52.15
N ALA T 34 36.33 43.89 -52.33
CA ALA T 34 36.64 42.59 -51.74
C ALA T 34 36.84 42.67 -50.24
N ILE T 35 37.15 43.86 -49.71
CA ILE T 35 37.31 44.03 -48.27
C ILE T 35 35.94 43.94 -47.59
N ASP T 36 35.96 43.38 -46.36
CA ASP T 36 34.79 43.20 -45.50
C ASP T 36 33.69 42.38 -46.18
N ALA T 37 34.09 41.34 -46.93
CA ALA T 37 33.14 40.49 -47.61
C ALA T 37 33.68 39.05 -47.59
N GLY T 38 33.10 38.22 -46.73
CA GLY T 38 33.42 36.81 -46.72
C GLY T 38 32.44 35.99 -47.52
N TYR T 39 32.77 34.72 -47.71
CA TYR T 39 31.91 33.81 -48.44
C TYR T 39 31.58 32.60 -47.58
N VAL T 40 30.42 32.03 -47.84
CA VAL T 40 29.92 30.86 -47.10
C VAL T 40 30.83 29.67 -47.38
N SER T 41 31.38 29.07 -46.33
CA SER T 41 32.20 27.88 -46.48
C SER T 41 31.36 26.61 -46.35
N GLN T 42 30.50 26.56 -45.34
CA GLN T 42 29.72 25.35 -45.10
C GLN T 42 28.43 25.72 -44.38
N VAL T 43 27.37 25.01 -44.73
CA VAL T 43 26.03 25.23 -44.17
C VAL T 43 25.63 23.97 -43.44
N ILE T 44 25.58 24.01 -42.12
CA ILE T 44 25.19 22.88 -41.31
C ILE T 44 23.95 23.32 -40.54
N GLY T 45 22.78 23.11 -41.12
CA GLY T 45 21.54 23.52 -40.52
C GLY T 45 21.44 25.02 -40.33
N PRO T 46 21.19 25.45 -39.09
CA PRO T 46 21.22 26.88 -38.77
C PRO T 46 22.61 27.44 -38.50
N VAL T 47 23.66 26.63 -38.66
CA VAL T 47 25.02 27.04 -38.40
C VAL T 47 25.73 27.20 -39.73
N VAL T 48 26.19 28.41 -40.01
CA VAL T 48 26.87 28.73 -41.26
C VAL T 48 28.29 29.16 -40.91
N ASP T 49 29.27 28.58 -41.60
CA ASP T 49 30.65 29.05 -41.51
C ASP T 49 30.97 29.93 -42.70
N VAL T 50 31.57 31.08 -42.42
CA VAL T 50 31.89 32.08 -43.45
C VAL T 50 33.39 32.34 -43.40
N ARG T 51 34.05 32.23 -44.54
CA ARG T 51 35.49 32.45 -44.64
C ARG T 51 35.76 33.88 -45.08
N PHE T 52 36.36 34.66 -44.20
CA PHE T 52 36.76 36.03 -44.50
C PHE T 52 38.26 36.02 -44.83
N ASP T 53 38.59 36.30 -46.08
CA ASP T 53 40.00 36.29 -46.45
C ASP T 53 40.71 37.55 -45.99
N GLY T 54 40.03 38.69 -46.00
CA GLY T 54 40.67 39.92 -45.62
C GLY T 54 40.80 40.12 -44.12
N GLU T 55 39.67 40.27 -43.44
CA GLU T 55 39.67 40.56 -42.01
C GLU T 55 38.38 40.05 -41.41
N LEU T 56 38.48 39.38 -40.25
CA LEU T 56 37.44 38.63 -39.58
C LEU T 56 36.60 39.55 -38.69
N PRO T 57 35.29 39.30 -38.66
CA PRO T 57 34.42 40.05 -37.73
C PRO T 57 34.63 39.60 -36.30
N SER T 58 34.17 40.43 -35.37
CA SER T 58 34.21 40.06 -33.97
C SER T 58 33.16 39.00 -33.67
N ILE T 59 33.33 38.33 -32.54
CA ILE T 59 32.27 37.47 -32.02
C ILE T 59 31.11 38.36 -31.60
N LEU T 60 29.88 37.90 -31.86
CA LEU T 60 28.56 38.52 -31.70
C LEU T 60 28.28 39.57 -32.77
N SER T 61 29.21 39.85 -33.68
CA SER T 61 28.96 40.78 -34.77
C SER T 61 28.01 40.15 -35.78
N SER T 62 27.12 40.98 -36.31
CA SER T 62 26.10 40.51 -37.24
C SER T 62 26.59 40.62 -38.67
N LEU T 63 26.26 39.62 -39.47
CA LEU T 63 26.58 39.60 -40.89
C LEU T 63 25.28 39.53 -41.68
N GLU T 64 25.37 39.82 -42.97
CA GLU T 64 24.21 39.70 -43.85
C GLU T 64 24.62 39.01 -45.12
N VAL T 65 23.80 38.06 -45.57
CA VAL T 65 24.09 37.27 -46.76
C VAL T 65 23.42 37.92 -47.96
N GLU T 66 24.18 38.07 -49.04
CA GLU T 66 23.70 38.73 -50.24
C GLU T 66 23.02 37.73 -51.17
N GLY T 67 21.82 38.08 -51.63
CA GLY T 67 21.13 37.29 -52.62
C GLY T 67 20.25 36.19 -52.10
N HIS T 68 19.78 36.30 -50.86
CA HIS T 68 18.89 35.29 -50.31
C HIS T 68 17.44 35.66 -50.57
N SER T 69 16.55 34.69 -50.39
CA SER T 69 15.13 34.92 -50.60
C SER T 69 14.53 35.79 -49.51
N VAL T 70 15.10 35.77 -48.32
CA VAL T 70 14.72 36.67 -47.23
C VAL T 70 15.97 37.43 -46.81
N ARG T 71 15.84 38.27 -45.79
CA ARG T 71 17.01 38.92 -45.22
C ARG T 71 17.63 37.96 -44.20
N LEU T 72 18.72 37.32 -44.58
CA LEU T 72 19.37 36.32 -43.75
C LEU T 72 20.50 36.98 -42.98
N VAL T 73 20.27 37.21 -41.69
CA VAL T 73 21.26 37.80 -40.80
C VAL T 73 21.95 36.67 -40.04
N LEU T 74 23.27 36.62 -40.13
CA LEU T 74 24.06 35.71 -39.34
C LEU T 74 24.67 36.46 -38.17
N GLU T 75 24.86 35.76 -37.06
CA GLU T 75 25.55 36.31 -35.91
C GLU T 75 26.76 35.45 -35.60
N VAL T 76 27.94 36.07 -35.58
CA VAL T 76 29.19 35.33 -35.41
C VAL T 76 29.29 34.80 -33.99
N ALA T 77 29.46 33.48 -33.86
CA ALA T 77 29.53 32.83 -32.57
C ALA T 77 30.93 32.38 -32.20
N GLN T 78 31.70 31.88 -33.15
CA GLN T 78 33.04 31.40 -32.90
C GLN T 78 33.98 31.84 -34.01
N HIS T 79 35.25 31.99 -33.66
CA HIS T 79 36.32 32.01 -34.63
C HIS T 79 36.93 30.62 -34.67
N MET T 80 36.86 29.97 -35.82
CA MET T 80 37.28 28.58 -35.93
C MET T 80 38.73 28.44 -36.40
N GLY T 81 39.41 29.54 -36.68
CA GLY T 81 40.70 29.49 -37.32
C GLY T 81 40.58 29.26 -38.81
N ASP T 82 41.72 29.36 -39.50
CA ASP T 82 41.85 29.27 -40.95
C ASP T 82 40.95 30.32 -41.62
N ASN T 83 40.94 31.53 -41.04
CA ASN T 83 40.20 32.70 -41.53
C ASN T 83 38.71 32.45 -41.65
N THR T 84 38.16 31.62 -40.76
CA THR T 84 36.78 31.18 -40.82
C THR T 84 36.08 31.50 -39.52
N VAL T 85 34.94 32.18 -39.61
CA VAL T 85 34.07 32.38 -38.47
C VAL T 85 32.94 31.35 -38.57
N ARG T 86 32.28 31.12 -37.45
CA ARG T 86 31.15 30.20 -37.39
C ARG T 86 29.95 30.95 -36.84
N CYS T 87 28.89 31.02 -37.64
CA CYS T 87 27.79 31.92 -37.37
C CYS T 87 26.51 31.15 -37.07
N ILE T 88 25.51 31.88 -36.58
CA ILE T 88 24.20 31.32 -36.25
C ILE T 88 23.17 32.17 -36.97
N ALA T 89 22.45 31.56 -37.90
CA ALA T 89 21.54 32.29 -38.76
C ALA T 89 20.25 32.66 -38.05
N MET T 90 19.79 33.91 -38.27
CA MET T 90 18.55 34.37 -37.68
C MET T 90 17.32 33.94 -38.46
N ASP T 91 17.48 33.48 -39.70
CA ASP T 91 16.39 32.92 -40.47
C ASP T 91 16.84 31.57 -41.02
N SER T 92 16.02 30.98 -41.87
CA SER T 92 16.35 29.66 -42.41
C SER T 92 17.46 29.76 -43.44
N THR T 93 18.27 28.70 -43.52
CA THR T 93 19.40 28.64 -44.43
C THR T 93 19.12 27.86 -45.70
N ASP T 94 17.88 27.45 -45.92
CA ASP T 94 17.53 26.68 -47.10
C ASP T 94 17.64 27.57 -48.33
N GLY T 95 18.51 27.19 -49.26
CA GLY T 95 18.83 28.01 -50.41
C GLY T 95 20.20 28.63 -50.37
N LEU T 96 21.02 28.32 -49.38
CA LEU T 96 22.36 28.86 -49.28
C LEU T 96 23.34 27.99 -50.07
N VAL T 97 24.19 28.64 -50.84
CA VAL T 97 25.22 27.98 -51.64
C VAL T 97 26.56 28.33 -51.01
N ARG T 98 27.54 27.44 -51.14
CA ARG T 98 28.83 27.67 -50.50
C ARG T 98 29.76 28.56 -51.31
N GLY T 99 29.25 29.67 -51.84
CA GLY T 99 30.07 30.69 -52.44
C GLY T 99 29.46 32.05 -52.25
N GLN T 100 28.39 32.11 -51.46
CA GLN T 100 27.56 33.30 -51.38
C GLN T 100 28.28 34.41 -50.65
N LYS T 101 28.19 35.62 -51.19
CA LYS T 101 28.87 36.76 -50.59
C LYS T 101 28.17 37.15 -49.28
N VAL T 102 28.96 37.34 -48.24
CA VAL T 102 28.45 37.67 -46.91
C VAL T 102 29.11 38.97 -46.47
N VAL T 103 28.30 39.96 -46.16
CA VAL T 103 28.77 41.30 -45.83
C VAL T 103 28.80 41.46 -44.32
N ASP T 104 29.97 41.80 -43.79
CA ASP T 104 30.09 42.17 -42.39
C ASP T 104 29.45 43.53 -42.16
N THR T 105 28.53 43.61 -41.21
CA THR T 105 27.91 44.87 -40.87
C THR T 105 28.76 45.72 -39.94
N GLY T 106 29.82 45.15 -39.36
CA GLY T 106 30.68 45.88 -38.46
C GLY T 106 30.12 46.11 -37.09
N SER T 107 29.05 45.41 -36.72
CA SER T 107 28.30 45.70 -35.51
C SER T 107 27.55 44.44 -35.12
N PRO T 108 27.12 44.32 -33.85
CA PRO T 108 26.17 43.25 -33.52
C PRO T 108 24.77 43.53 -34.04
N ILE T 109 23.81 42.67 -33.68
CA ILE T 109 22.43 42.90 -34.11
C ILE T 109 21.90 44.14 -33.42
N LYS T 110 21.59 45.16 -34.20
CA LYS T 110 21.04 46.41 -33.70
C LYS T 110 19.56 46.45 -33.98
N VAL T 111 18.77 46.70 -32.94
CA VAL T 111 17.32 46.74 -33.08
C VAL T 111 16.85 48.15 -32.74
N PRO T 112 15.73 48.61 -33.30
CA PRO T 112 15.18 49.91 -32.89
C PRO T 112 14.64 49.85 -31.47
N VAL T 113 15.02 50.84 -30.66
CA VAL T 113 14.53 50.96 -29.30
C VAL T 113 14.01 52.37 -29.10
N GLY T 114 13.08 52.52 -28.17
CA GLY T 114 12.51 53.81 -27.88
C GLY T 114 11.02 53.78 -27.68
N ARG T 115 10.41 54.96 -27.54
CA ARG T 115 8.96 55.03 -27.43
C ARG T 115 8.28 54.79 -28.77
N GLY T 116 9.01 54.89 -29.88
CA GLY T 116 8.45 54.55 -31.18
C GLY T 116 8.25 53.06 -31.40
N THR T 117 8.80 52.22 -30.52
CA THR T 117 8.55 50.79 -30.60
C THR T 117 7.27 50.39 -29.88
N LEU T 118 6.63 51.31 -29.17
CA LEU T 118 5.42 50.98 -28.42
C LEU T 118 4.26 50.77 -29.38
N GLY T 119 3.50 49.70 -29.14
CA GLY T 119 2.41 49.36 -30.02
C GLY T 119 2.82 48.65 -31.28
N ARG T 120 4.10 48.30 -31.43
CA ARG T 120 4.61 47.61 -32.61
C ARG T 120 5.04 46.21 -32.24
N ILE T 121 4.89 45.28 -33.19
CA ILE T 121 5.46 43.95 -33.09
C ILE T 121 6.73 43.93 -33.94
N MET T 122 7.80 43.38 -33.38
CA MET T 122 9.07 43.28 -34.08
C MET T 122 9.67 41.91 -33.84
N ASN T 123 10.43 41.43 -34.82
CA ASN T 123 11.02 40.11 -34.76
C ASN T 123 12.38 40.20 -34.08
N VAL T 124 13.20 39.16 -34.24
CA VAL T 124 14.47 39.05 -33.52
C VAL T 124 15.45 40.14 -33.95
N ILE T 125 15.41 40.56 -35.21
CA ILE T 125 16.37 41.51 -35.74
C ILE T 125 15.76 42.90 -35.91
N GLY T 126 14.66 43.18 -35.21
CA GLY T 126 14.12 44.52 -35.14
C GLY T 126 13.26 44.93 -36.31
N GLU T 127 12.99 44.05 -37.25
CA GLU T 127 12.14 44.41 -38.36
C GLU T 127 10.68 44.43 -37.92
N PRO T 128 9.91 45.45 -38.31
CA PRO T 128 8.48 45.47 -37.97
C PRO T 128 7.72 44.42 -38.75
N VAL T 129 7.05 43.53 -38.03
CA VAL T 129 6.28 42.46 -38.65
C VAL T 129 4.77 42.72 -38.52
N ASP T 130 4.39 43.91 -38.09
CA ASP T 130 2.98 44.22 -37.87
C ASP T 130 2.34 44.94 -39.04
N GLU T 131 3.09 45.21 -40.11
CA GLU T 131 2.61 45.85 -41.34
C GLU T 131 2.02 47.23 -41.08
N GLN T 132 2.65 47.97 -40.16
CA GLN T 132 2.25 49.32 -39.84
C GLN T 132 3.32 50.34 -40.23
N GLY T 133 4.22 49.98 -41.14
CA GLY T 133 5.28 50.84 -41.55
C GLY T 133 6.55 50.57 -40.78
N PRO T 134 7.60 51.36 -41.04
CA PRO T 134 8.85 51.20 -40.31
C PRO T 134 8.73 51.71 -38.88
N ILE T 135 9.57 51.16 -38.01
CA ILE T 135 9.56 51.53 -36.61
C ILE T 135 10.35 52.82 -36.44
N ASP T 136 9.69 53.84 -35.90
CA ASP T 136 10.34 55.14 -35.65
C ASP T 136 11.30 54.97 -34.49
N ALA T 137 12.58 54.78 -34.79
CA ALA T 137 13.58 54.47 -33.79
C ALA T 137 14.06 55.73 -33.10
N ALA T 138 13.99 55.74 -31.78
CA ALA T 138 14.68 56.77 -31.01
C ALA T 138 16.19 56.56 -31.08
N ASP T 139 16.63 55.31 -31.10
CA ASP T 139 18.03 54.95 -31.26
C ASP T 139 18.04 53.50 -31.71
N ILE T 140 19.21 53.02 -32.14
CA ILE T 140 19.42 51.61 -32.44
C ILE T 140 20.47 51.10 -31.47
N TRP T 141 20.08 50.12 -30.66
CA TRP T 141 20.97 49.53 -29.66
C TRP T 141 21.37 48.13 -30.07
N SER T 142 22.62 47.77 -29.77
CA SER T 142 23.05 46.38 -29.84
C SER T 142 22.26 45.53 -28.86
N ILE T 143 21.89 44.33 -29.29
CA ILE T 143 21.13 43.45 -28.39
C ILE T 143 22.02 42.72 -27.40
N HIS T 144 23.34 42.83 -27.54
CA HIS T 144 24.27 42.24 -26.60
C HIS T 144 24.80 43.33 -25.70
N ARG T 145 24.30 43.39 -24.48
CA ARG T 145 24.78 44.32 -23.48
C ARG T 145 25.39 43.53 -22.33
N GLU T 146 26.41 44.11 -21.71
CA GLU T 146 26.91 43.58 -20.46
C GLU T 146 25.87 43.82 -19.37
N ALA T 147 25.85 42.91 -18.39
CA ALA T 147 24.94 43.04 -17.27
C ALA T 147 25.31 44.27 -16.43
N PRO T 148 24.32 44.90 -15.79
CA PRO T 148 24.63 46.04 -14.91
C PRO T 148 25.50 45.64 -13.75
N GLU T 149 26.41 46.54 -13.38
CA GLU T 149 27.46 46.22 -12.43
C GLU T 149 26.90 46.12 -11.00
N PHE T 150 27.77 45.73 -10.08
CA PHE T 150 27.36 45.49 -8.70
C PHE T 150 26.98 46.79 -8.00
N THR T 151 27.59 47.91 -8.39
CA THR T 151 27.27 49.18 -7.76
C THR T 151 25.93 49.73 -8.24
N GLU T 152 25.39 49.21 -9.33
CA GLU T 152 24.10 49.65 -9.88
C GLU T 152 22.98 48.67 -9.54
N GLN T 153 23.01 48.09 -8.35
CA GLN T 153 21.96 47.18 -7.91
C GLN T 153 21.08 47.88 -6.89
N SER T 154 19.77 47.71 -7.04
CA SER T 154 18.80 48.30 -6.14
C SER T 154 18.17 47.20 -5.30
N THR T 155 18.25 47.34 -3.98
CA THR T 155 17.74 46.34 -3.05
C THR T 155 16.56 46.96 -2.29
N GLU T 156 15.38 46.91 -2.93
CA GLU T 156 14.15 47.45 -2.36
C GLU T 156 13.08 46.38 -2.47
N GLN T 157 12.84 45.66 -1.39
CA GLN T 157 11.87 44.56 -1.38
C GLN T 157 10.48 45.15 -1.15
N GLU T 158 9.80 45.50 -2.23
CA GLU T 158 8.45 46.04 -2.17
C GLU T 158 7.49 45.04 -2.80
N ILE T 159 6.32 44.88 -2.19
CA ILE T 159 5.38 43.87 -2.67
C ILE T 159 4.65 44.38 -3.91
N LEU T 160 4.25 43.43 -4.75
CA LEU T 160 3.41 43.71 -5.92
C LEU T 160 2.21 42.78 -5.82
N VAL T 161 1.05 43.34 -5.53
CA VAL T 161 -0.16 42.55 -5.38
C VAL T 161 -0.75 42.25 -6.74
N THR T 162 -1.10 40.98 -6.96
CA THR T 162 -1.58 40.53 -8.25
C THR T 162 -3.06 40.17 -8.26
N GLY T 163 -3.71 40.10 -7.10
CA GLY T 163 -5.08 39.67 -7.06
C GLY T 163 -5.28 38.17 -7.06
N ILE T 164 -4.20 37.40 -7.18
CA ILE T 164 -4.27 35.94 -7.11
C ILE T 164 -4.05 35.54 -5.67
N LYS T 165 -4.89 34.62 -5.16
CA LYS T 165 -4.88 34.29 -3.73
C LYS T 165 -3.62 33.53 -3.35
N VAL T 166 -3.27 32.49 -4.11
CA VAL T 166 -2.11 31.67 -3.78
C VAL T 166 -0.83 32.45 -4.00
N VAL T 167 -0.80 33.32 -5.00
CA VAL T 167 0.37 34.14 -5.26
C VAL T 167 0.54 35.20 -4.18
N ASP T 168 -0.52 35.92 -3.83
CA ASP T 168 -0.38 36.96 -2.82
C ASP T 168 -0.18 36.38 -1.42
N LEU T 169 -0.63 35.15 -1.18
CA LEU T 169 -0.48 34.58 0.15
C LEU T 169 0.85 33.86 0.33
N LEU T 170 1.13 32.86 -0.49
CA LEU T 170 2.19 31.92 -0.19
C LEU T 170 3.53 32.27 -0.80
N ALA T 171 3.55 33.05 -1.89
CA ALA T 171 4.80 33.48 -2.51
C ALA T 171 4.58 34.81 -3.19
N PRO T 172 4.56 35.92 -2.42
CA PRO T 172 4.23 37.22 -3.00
C PRO T 172 5.33 37.73 -3.91
N TYR T 173 4.92 38.51 -4.91
CA TYR T 173 5.82 38.94 -5.96
C TYR T 173 6.42 40.29 -5.59
N GLN T 174 7.72 40.43 -5.85
CA GLN T 174 8.42 41.67 -5.62
C GLN T 174 8.04 42.69 -6.68
N ARG T 175 8.04 43.97 -6.29
CA ARG T 175 7.64 45.01 -7.23
C ARG T 175 8.68 45.20 -8.33
N GLY T 176 9.95 45.03 -8.01
CA GLY T 176 10.98 45.14 -9.01
C GLY T 176 11.84 43.90 -9.09
N GLY T 177 11.22 42.72 -9.00
CA GLY T 177 11.93 41.47 -8.93
C GLY T 177 11.62 40.56 -10.11
N LYS T 178 12.38 39.47 -10.18
CA LYS T 178 12.25 38.47 -11.24
C LYS T 178 11.37 37.34 -10.76
N ILE T 179 10.38 36.98 -11.57
CA ILE T 179 9.32 36.05 -11.20
C ILE T 179 9.32 34.91 -12.21
N GLY T 180 9.27 33.68 -11.72
CA GLY T 180 9.22 32.51 -12.57
C GLY T 180 7.92 31.76 -12.42
N LEU T 181 7.38 31.28 -13.53
CA LEU T 181 6.16 30.50 -13.57
C LEU T 181 6.52 29.15 -14.16
N PHE T 182 6.92 28.21 -13.31
CA PHE T 182 7.41 26.91 -13.75
C PHE T 182 6.23 26.01 -14.06
N GLY T 183 6.27 25.35 -15.22
CA GLY T 183 5.13 24.59 -15.66
C GLY T 183 5.47 23.47 -16.62
N GLY T 184 4.54 22.54 -16.74
CA GLY T 184 4.74 21.28 -17.42
C GLY T 184 3.85 20.95 -18.61
N ALA T 185 3.68 21.89 -19.55
CA ALA T 185 2.94 21.68 -20.81
C ALA T 185 1.46 21.33 -20.56
N GLY T 186 0.72 22.33 -20.12
CA GLY T 186 -0.71 22.19 -20.06
C GLY T 186 -1.26 22.47 -18.68
N VAL T 187 -0.39 23.01 -17.83
CA VAL T 187 -0.76 23.28 -16.45
C VAL T 187 -1.21 24.72 -16.23
N GLY T 188 -0.97 25.61 -17.18
CA GLY T 188 -1.56 26.93 -17.12
C GLY T 188 -0.62 28.07 -16.84
N LYS T 189 0.61 28.02 -17.34
CA LYS T 189 1.53 29.14 -17.18
C LYS T 189 1.37 30.19 -18.26
N THR T 190 0.56 29.93 -19.29
CA THR T 190 0.14 30.98 -20.21
C THR T 190 -1.13 31.67 -19.71
N VAL T 191 -2.06 30.92 -19.12
CA VAL T 191 -3.25 31.53 -18.53
C VAL T 191 -2.85 32.37 -17.32
N LEU T 192 -1.87 31.90 -16.54
CA LEU T 192 -1.40 32.66 -15.39
C LEU T 192 -0.67 33.93 -15.80
N ILE T 193 0.15 33.86 -16.86
CA ILE T 193 0.86 35.06 -17.27
C ILE T 193 -0.08 36.03 -17.99
N MET T 194 -1.16 35.52 -18.60
CA MET T 194 -2.16 36.41 -19.17
C MET T 194 -2.98 37.08 -18.08
N GLU T 195 -3.23 36.38 -16.97
CA GLU T 195 -3.92 36.98 -15.85
C GLU T 195 -3.04 38.00 -15.13
N LEU T 196 -1.73 37.75 -15.10
CA LEU T 196 -0.81 38.74 -14.55
C LEU T 196 -0.70 39.97 -15.45
N ILE T 197 -0.80 39.79 -16.76
CA ILE T 197 -0.91 40.92 -17.67
C ILE T 197 -2.21 41.69 -17.43
N ASN T 198 -3.30 40.96 -17.22
CA ASN T 198 -4.61 41.57 -17.01
C ASN T 198 -4.69 42.34 -15.69
N ASN T 199 -4.02 41.84 -14.65
CA ASN T 199 -4.14 42.40 -13.31
C ASN T 199 -3.05 43.42 -12.98
N VAL T 200 -1.83 43.18 -13.41
CA VAL T 200 -0.69 43.99 -13.00
C VAL T 200 -0.42 45.13 -13.97
N ALA T 201 -0.43 44.84 -15.28
CA ALA T 201 -0.04 45.83 -16.28
C ALA T 201 -1.07 46.93 -16.46
N LYS T 202 -2.32 46.71 -16.04
CA LYS T 202 -3.30 47.79 -16.08
C LYS T 202 -3.10 48.76 -14.93
N ALA T 203 -2.77 48.24 -13.75
CA ALA T 203 -2.48 49.08 -12.59
C ALA T 203 -1.09 49.69 -12.62
N HIS T 204 -0.26 49.32 -13.59
CA HIS T 204 1.10 49.81 -13.68
C HIS T 204 1.14 51.13 -14.43
N GLY T 205 2.16 51.94 -14.14
CA GLY T 205 2.26 53.26 -14.72
C GLY T 205 3.29 53.40 -15.81
N GLY T 206 4.10 52.35 -16.03
CA GLY T 206 5.15 52.37 -17.01
C GLY T 206 4.77 51.63 -18.27
N PHE T 207 5.80 51.13 -18.96
CA PHE T 207 5.63 50.41 -20.21
C PHE T 207 5.84 48.93 -20.00
N SER T 208 5.08 48.12 -20.74
CA SER T 208 5.25 46.68 -20.74
C SER T 208 5.96 46.25 -22.00
N VAL T 209 6.80 45.22 -21.87
CA VAL T 209 7.47 44.62 -23.01
C VAL T 209 7.19 43.13 -22.95
N PHE T 210 6.38 42.63 -23.88
CA PHE T 210 6.12 41.20 -23.97
C PHE T 210 7.10 40.59 -24.97
N ALA T 211 7.91 39.66 -24.49
CA ALA T 211 8.83 38.92 -25.34
C ALA T 211 8.27 37.52 -25.52
N GLY T 212 7.85 37.21 -26.74
CA GLY T 212 7.38 35.88 -27.06
C GLY T 212 8.48 35.02 -27.61
N VAL T 213 9.00 34.10 -26.80
CA VAL T 213 10.13 33.26 -27.17
C VAL T 213 9.60 31.84 -27.33
N GLY T 214 9.47 31.39 -28.58
CA GLY T 214 9.19 30.00 -28.86
C GLY T 214 7.82 29.50 -28.47
N GLU T 215 6.85 30.39 -28.37
CA GLU T 215 5.49 30.01 -28.05
C GLU T 215 4.65 29.98 -29.32
N ARG T 216 3.33 29.83 -29.18
CA ARG T 216 2.48 29.70 -30.35
C ARG T 216 2.27 31.05 -31.02
N THR T 217 2.22 31.03 -32.36
CA THR T 217 1.94 32.25 -33.11
C THR T 217 0.49 32.67 -32.97
N ARG T 218 -0.40 31.71 -32.79
CA ARG T 218 -1.81 31.99 -32.50
C ARG T 218 -1.94 32.74 -31.18
N GLU T 219 -1.10 32.42 -30.20
CA GLU T 219 -1.12 33.14 -28.93
C GLU T 219 -0.63 34.56 -29.09
N GLY T 220 0.36 34.79 -29.95
CA GLY T 220 0.81 36.14 -30.21
C GLY T 220 -0.23 36.96 -30.93
N ASN T 221 -0.94 36.35 -31.87
CA ASN T 221 -2.03 37.06 -32.55
C ASN T 221 -3.19 37.34 -31.62
N ASP T 222 -3.50 36.39 -30.72
CA ASP T 222 -4.56 36.60 -29.74
C ASP T 222 -4.20 37.72 -28.78
N LEU T 223 -2.95 37.77 -28.33
CA LEU T 223 -2.51 38.85 -27.44
C LEU T 223 -2.51 40.19 -28.15
N TYR T 224 -2.13 40.21 -29.43
CA TYR T 224 -2.18 41.45 -30.20
C TYR T 224 -3.59 41.96 -30.37
N ARG T 225 -4.54 41.07 -30.66
CA ARG T 225 -5.93 41.51 -30.83
C ARG T 225 -6.55 41.93 -29.50
N GLU T 226 -6.20 41.25 -28.41
CA GLU T 226 -6.73 41.65 -27.11
C GLU T 226 -6.12 42.95 -26.63
N MET T 227 -4.86 43.23 -26.97
CA MET T 227 -4.24 44.48 -26.58
C MET T 227 -4.66 45.63 -27.48
N ILE T 228 -5.05 45.36 -28.72
CA ILE T 228 -5.64 46.39 -29.55
C ILE T 228 -7.05 46.72 -29.07
N GLU T 229 -7.81 45.68 -28.70
CA GLU T 229 -9.19 45.86 -28.26
C GLU T 229 -9.26 46.56 -26.91
N SER T 230 -8.41 46.18 -25.97
CA SER T 230 -8.42 46.77 -24.64
C SER T 230 -7.78 48.16 -24.61
N GLY T 231 -7.12 48.58 -25.68
CA GLY T 231 -6.63 49.93 -25.79
C GLY T 231 -5.21 50.17 -25.35
N VAL T 232 -4.49 49.14 -24.89
CA VAL T 232 -3.09 49.34 -24.54
C VAL T 232 -2.19 49.32 -25.75
N ILE T 233 -2.70 48.91 -26.91
CA ILE T 233 -2.02 49.09 -28.19
C ILE T 233 -2.95 49.85 -29.10
N LYS T 234 -2.53 51.03 -29.54
CA LYS T 234 -3.30 51.85 -30.46
C LYS T 234 -2.58 51.93 -31.79
N LEU T 235 -3.36 51.98 -32.87
CA LEU T 235 -2.85 51.95 -34.22
C LEU T 235 -2.96 53.32 -34.87
N GLY T 236 -2.08 53.59 -35.83
CA GLY T 236 -2.18 54.79 -36.63
C GLY T 236 -1.52 55.98 -35.98
N ALA T 237 -2.27 57.08 -35.86
CA ALA T 237 -1.70 58.32 -35.37
C ALA T 237 -1.60 58.35 -33.85
N GLU T 238 -2.46 57.63 -33.15
CA GLU T 238 -2.44 57.57 -31.69
C GLU T 238 -1.54 56.46 -31.16
N ARG T 239 -0.56 56.01 -31.95
CA ARG T 239 0.33 54.92 -31.57
C ARG T 239 1.24 55.30 -30.41
N GLY T 240 1.52 56.58 -30.21
CA GLY T 240 2.38 57.01 -29.12
C GLY T 240 1.76 56.83 -27.74
N ASN T 241 0.44 56.67 -27.67
CA ASN T 241 -0.25 56.39 -26.42
C ASN T 241 -0.42 54.91 -26.15
N SER T 242 0.27 54.06 -26.91
CA SER T 242 0.26 52.63 -26.61
C SER T 242 1.33 52.33 -25.58
N LYS T 243 1.03 51.39 -24.69
CA LYS T 243 1.86 51.15 -23.51
C LYS T 243 2.53 49.78 -23.54
N CYS T 244 2.59 49.12 -24.71
CA CYS T 244 3.15 47.78 -24.76
C CYS T 244 3.92 47.59 -26.06
N THR T 245 5.09 46.97 -25.94
CA THR T 245 5.89 46.51 -27.08
C THR T 245 5.89 45.00 -27.10
N LEU T 246 5.54 44.42 -28.25
CA LEU T 246 5.59 42.98 -28.44
C LEU T 246 6.82 42.63 -29.27
N VAL T 247 7.59 41.64 -28.80
CA VAL T 247 8.75 41.14 -29.52
C VAL T 247 8.56 39.64 -29.67
N TYR T 248 8.39 39.16 -30.90
CA TYR T 248 7.90 37.80 -31.11
C TYR T 248 8.86 36.98 -31.94
N GLY T 249 9.32 35.89 -31.34
CA GLY T 249 10.26 34.94 -31.92
C GLY T 249 9.75 33.52 -31.86
N GLN T 250 8.51 33.30 -32.26
CA GLN T 250 7.70 32.15 -31.89
C GLN T 250 8.24 30.84 -32.49
N MET T 251 7.55 29.74 -32.19
CA MET T 251 8.09 28.40 -32.41
C MET T 251 8.11 27.98 -33.89
N ASN T 252 7.67 28.83 -34.80
CA ASN T 252 7.85 28.59 -36.22
C ASN T 252 9.20 29.06 -36.73
N GLU T 253 9.92 29.85 -35.93
CA GLU T 253 11.21 30.41 -36.29
C GLU T 253 12.32 29.38 -36.10
N PRO T 254 13.41 29.49 -36.84
CA PRO T 254 14.57 28.62 -36.64
C PRO T 254 15.23 28.87 -35.29
N PRO T 255 16.08 27.95 -34.80
CA PRO T 255 16.67 28.13 -33.46
C PRO T 255 17.63 29.28 -33.33
N GLY T 256 18.10 29.88 -34.43
CA GLY T 256 18.85 31.10 -34.30
C GLY T 256 17.98 32.28 -33.91
N ALA T 257 16.74 32.30 -34.37
CA ALA T 257 15.85 33.41 -34.03
C ALA T 257 15.32 33.29 -32.61
N ARG T 258 15.00 32.07 -32.17
CA ARG T 258 14.51 31.88 -30.81
C ARG T 258 15.62 32.03 -29.78
N ALA T 259 16.88 31.95 -30.18
CA ALA T 259 17.98 32.14 -29.25
C ALA T 259 18.28 33.60 -28.96
N ARG T 260 17.89 34.52 -29.83
CA ARG T 260 18.25 35.92 -29.65
C ARG T 260 17.05 36.84 -29.53
N VAL T 261 15.82 36.32 -29.56
CA VAL T 261 14.67 37.20 -29.49
C VAL T 261 14.40 37.65 -28.05
N ALA T 262 14.84 36.87 -27.06
CA ALA T 262 14.82 37.31 -25.68
C ALA T 262 15.78 38.47 -25.48
N LEU T 263 16.89 38.49 -26.23
CA LEU T 263 17.83 39.60 -26.15
C LEU T 263 17.25 40.86 -26.77
N THR T 264 16.42 40.72 -27.81
CA THR T 264 15.71 41.85 -28.38
C THR T 264 14.70 42.42 -27.40
N GLY T 265 13.93 41.53 -26.74
CA GLY T 265 13.01 41.98 -25.71
C GLY T 265 13.71 42.65 -24.54
N LEU T 266 14.88 42.12 -24.14
CA LEU T 266 15.69 42.76 -23.12
C LEU T 266 16.22 44.10 -23.55
N THR T 267 16.55 44.27 -24.83
CA THR T 267 17.07 45.54 -25.30
C THR T 267 15.98 46.61 -25.28
N VAL T 268 14.77 46.23 -25.71
CA VAL T 268 13.66 47.18 -25.68
C VAL T 268 13.28 47.52 -24.25
N ALA T 269 13.35 46.56 -23.33
CA ALA T 269 13.07 46.86 -21.94
C ALA T 269 14.19 47.67 -21.28
N GLU T 270 15.44 47.41 -21.65
CA GLU T 270 16.59 48.08 -21.06
C GLU T 270 16.71 49.51 -21.54
N TYR T 271 16.18 49.84 -22.71
CA TYR T 271 16.16 51.25 -23.10
C TYR T 271 15.18 52.04 -22.24
N PHE T 272 14.01 51.46 -21.94
CA PHE T 272 13.06 52.12 -21.06
C PHE T 272 13.58 52.19 -19.63
N ARG T 273 14.33 51.18 -19.19
CA ARG T 273 14.87 51.22 -17.84
C ARG T 273 16.02 52.21 -17.72
N ASP T 274 17.01 52.10 -18.61
CA ASP T 274 18.23 52.89 -18.49
C ASP T 274 18.03 54.32 -18.95
N ILE T 275 17.70 54.52 -20.23
CA ILE T 275 17.67 55.86 -20.80
C ILE T 275 16.41 56.60 -20.39
N GLU T 276 15.24 55.97 -20.58
CA GLU T 276 13.98 56.61 -20.24
C GLU T 276 13.77 56.73 -18.74
N GLY T 277 14.48 55.93 -17.94
CA GLY T 277 14.31 55.96 -16.50
C GLY T 277 13.00 55.41 -15.99
N GLN T 278 12.26 54.68 -16.83
CA GLN T 278 10.93 54.22 -16.47
C GLN T 278 11.00 52.99 -15.58
N ASP T 279 9.85 52.64 -15.01
CA ASP T 279 9.65 51.32 -14.42
C ASP T 279 8.98 50.44 -15.46
N VAL T 280 9.63 49.34 -15.82
CA VAL T 280 9.23 48.54 -16.96
C VAL T 280 8.63 47.24 -16.43
N LEU T 281 7.65 46.73 -17.14
CA LEU T 281 7.23 45.34 -17.00
C LEU T 281 7.77 44.55 -18.17
N LEU T 282 8.24 43.35 -17.91
CA LEU T 282 8.75 42.49 -18.97
C LEU T 282 8.19 41.10 -18.75
N PHE T 283 7.26 40.69 -19.60
CA PHE T 283 6.71 39.36 -19.57
C PHE T 283 7.38 38.55 -20.67
N VAL T 284 8.03 37.45 -20.30
CA VAL T 284 8.70 36.59 -21.26
C VAL T 284 8.04 35.22 -21.20
N ASP T 285 7.30 34.88 -22.25
CA ASP T 285 6.66 33.57 -22.31
C ASP T 285 7.67 32.55 -22.79
N ASN T 286 7.93 31.55 -21.94
CA ASN T 286 8.82 30.43 -22.19
C ASN T 286 10.26 30.88 -22.47
N ILE T 287 10.89 31.33 -21.38
CA ILE T 287 12.34 31.51 -21.31
C ILE T 287 13.11 30.18 -21.44
N PHE T 288 12.43 29.04 -21.35
CA PHE T 288 13.06 27.76 -21.65
C PHE T 288 13.47 27.67 -23.11
N ARG T 289 12.70 28.28 -24.02
CA ARG T 289 12.96 28.15 -25.44
C ARG T 289 14.26 28.82 -25.87
N PHE T 290 14.73 29.80 -25.12
CA PHE T 290 16.08 30.34 -25.31
C PHE T 290 17.13 29.25 -25.08
N THR T 291 17.01 28.53 -23.97
CA THR T 291 17.93 27.45 -23.64
C THR T 291 17.83 26.31 -24.64
N GLN T 292 16.61 25.98 -25.07
CA GLN T 292 16.40 24.91 -26.02
C GLN T 292 16.95 25.26 -27.40
N ALA T 293 16.84 26.53 -27.79
CA ALA T 293 17.41 26.96 -29.07
C ALA T 293 18.93 26.95 -29.02
N ASN T 294 19.51 27.32 -27.88
CA ASN T 294 20.97 27.23 -27.74
C ASN T 294 21.45 25.79 -27.75
N SER T 295 20.65 24.88 -27.17
CA SER T 295 21.02 23.47 -27.23
C SER T 295 20.82 22.89 -28.63
N GLU T 296 19.90 23.44 -29.40
CA GLU T 296 19.72 22.99 -30.78
C GLU T 296 20.88 23.44 -31.65
N VAL T 297 21.31 24.69 -31.51
CA VAL T 297 22.44 25.13 -32.33
C VAL T 297 23.76 24.62 -31.79
N SER T 298 23.83 24.16 -30.54
CA SER T 298 25.09 23.77 -29.94
C SER T 298 25.60 22.43 -30.41
N ALA T 299 24.72 21.55 -30.89
CA ALA T 299 25.17 20.27 -31.41
C ALA T 299 25.92 20.42 -32.73
N LEU T 300 25.65 21.48 -33.48
CA LEU T 300 26.27 21.72 -34.76
C LEU T 300 27.44 22.68 -34.67
N LEU T 301 27.67 23.28 -33.50
CA LEU T 301 28.88 24.05 -33.25
C LEU T 301 30.06 23.19 -32.86
N GLY T 302 29.88 21.87 -32.81
CA GLY T 302 30.98 20.98 -32.49
C GLY T 302 31.39 20.96 -31.04
N ARG T 303 30.41 20.94 -30.13
CA ARG T 303 30.70 20.85 -28.70
C ARG T 303 30.40 19.46 -28.18
N ILE T 304 31.10 19.08 -27.12
CA ILE T 304 30.72 17.89 -26.38
C ILE T 304 29.50 18.22 -25.50
N PRO T 305 28.44 17.43 -25.52
CA PRO T 305 27.27 17.76 -24.72
C PRO T 305 27.51 17.55 -23.25
N SER T 306 26.82 18.38 -22.45
CA SER T 306 26.80 18.27 -20.99
C SER T 306 25.74 17.26 -20.57
N ALA T 307 25.24 17.38 -19.35
CA ALA T 307 24.13 16.55 -18.84
C ALA T 307 22.88 16.72 -19.69
N VAL T 308 21.78 16.04 -19.36
CA VAL T 308 20.97 15.17 -20.24
C VAL T 308 20.92 15.38 -21.76
N GLY T 309 21.55 16.42 -22.30
CA GLY T 309 21.66 16.61 -23.74
C GLY T 309 21.79 18.06 -24.11
N TYR T 310 21.82 18.91 -23.09
CA TYR T 310 21.94 20.35 -23.28
C TYR T 310 23.37 20.73 -23.62
N GLN T 311 23.56 22.02 -23.90
CA GLN T 311 24.87 22.56 -24.20
C GLN T 311 25.72 22.60 -22.93
N PRO T 312 27.04 22.60 -23.06
CA PRO T 312 27.89 22.79 -21.88
C PRO T 312 27.76 24.18 -21.28
N THR T 313 27.35 25.17 -22.05
CA THR T 313 27.26 26.56 -21.60
C THR T 313 25.86 26.96 -21.19
N LEU T 314 25.10 26.04 -20.56
CA LEU T 314 23.74 26.35 -20.14
C LEU T 314 23.71 27.43 -19.07
N ALA T 315 24.50 27.23 -18.02
CA ALA T 315 24.45 28.12 -16.87
C ALA T 315 24.99 29.50 -17.19
N THR T 316 26.04 29.58 -18.01
CA THR T 316 26.59 30.90 -18.33
C THR T 316 25.77 31.65 -19.36
N ASP T 317 25.13 30.95 -20.31
CA ASP T 317 24.24 31.63 -21.23
C ASP T 317 22.99 32.13 -20.51
N LEU T 318 22.41 31.28 -19.65
CA LEU T 318 21.26 31.69 -18.86
C LEU T 318 21.62 32.82 -17.89
N GLY T 319 22.84 32.79 -17.35
CA GLY T 319 23.25 33.86 -16.47
C GLY T 319 23.48 35.18 -17.19
N GLY T 320 24.15 35.13 -18.35
CA GLY T 320 24.33 36.30 -19.16
C GLY T 320 23.05 36.88 -19.72
N LEU T 321 22.01 36.06 -19.85
CA LEU T 321 20.70 36.59 -20.19
C LEU T 321 20.02 37.20 -18.98
N GLN T 322 19.92 36.45 -17.89
CA GLN T 322 19.07 36.84 -16.77
C GLN T 322 19.69 37.91 -15.89
N GLU T 323 20.99 38.15 -15.97
CA GLU T 323 21.58 39.22 -15.19
C GLU T 323 21.45 40.58 -15.87
N ARG T 324 20.92 40.62 -17.09
CA ARG T 324 20.59 41.89 -17.71
C ARG T 324 19.23 42.40 -17.25
N ILE T 325 18.41 41.54 -16.63
CA ILE T 325 17.11 41.94 -16.13
C ILE T 325 17.27 42.28 -14.66
N THR T 326 17.44 43.55 -14.36
CA THR T 326 17.77 43.96 -13.00
C THR T 326 17.12 45.30 -12.71
N THR T 327 16.48 45.40 -11.55
CA THR T 327 16.10 46.68 -10.99
C THR T 327 17.39 47.40 -10.59
N THR T 328 17.77 48.42 -11.35
CA THR T 328 18.95 49.19 -11.07
C THR T 328 18.59 50.45 -10.29
N THR T 329 19.55 51.33 -10.10
CA THR T 329 19.31 52.60 -9.44
C THR T 329 18.61 53.61 -10.32
N LYS T 330 18.61 53.42 -11.64
CA LYS T 330 18.03 54.37 -12.58
C LYS T 330 16.77 53.83 -13.24
N GLY T 331 16.21 52.73 -12.75
CA GLY T 331 15.04 52.15 -13.35
C GLY T 331 14.84 50.73 -12.89
N SER T 332 13.59 50.29 -12.97
CA SER T 332 13.20 48.98 -12.47
C SER T 332 12.54 48.17 -13.59
N ILE T 333 12.80 46.87 -13.58
CA ILE T 333 12.12 45.93 -14.46
C ILE T 333 11.48 44.86 -13.60
N THR T 334 10.16 44.75 -13.66
CA THR T 334 9.41 43.67 -13.01
C THR T 334 9.27 42.57 -14.04
N SER T 335 10.09 41.54 -13.93
CA SER T 335 10.16 40.49 -14.92
C SER T 335 9.34 39.28 -14.47
N VAL T 336 8.38 38.87 -15.29
CA VAL T 336 7.62 37.66 -15.08
C VAL T 336 7.95 36.73 -16.23
N GLN T 337 8.66 35.64 -15.94
CA GLN T 337 9.12 34.73 -16.98
C GLN T 337 8.46 33.38 -16.79
N ALA T 338 7.74 32.93 -17.81
CA ALA T 338 7.28 31.56 -17.82
C ALA T 338 8.47 30.65 -18.10
N VAL T 339 8.62 29.60 -17.29
CA VAL T 339 9.64 28.58 -17.50
C VAL T 339 8.94 27.26 -17.71
N TYR T 340 9.38 26.51 -18.71
CA TYR T 340 8.76 25.24 -19.06
C TYR T 340 9.65 24.10 -18.60
N VAL T 341 9.09 23.19 -17.81
CA VAL T 341 9.85 22.00 -17.42
C VAL T 341 9.56 20.94 -18.49
N PRO T 342 10.58 20.21 -18.96
CA PRO T 342 10.43 19.50 -20.23
C PRO T 342 9.53 18.28 -20.20
N ALA T 343 9.63 17.43 -19.20
CA ALA T 343 8.77 16.26 -19.11
C ALA T 343 8.23 16.13 -17.70
N ASP T 344 7.76 17.25 -17.15
CA ASP T 344 7.36 17.41 -15.74
C ASP T 344 8.50 17.05 -14.79
N ASP T 345 9.72 17.31 -15.23
CA ASP T 345 10.93 17.01 -14.46
C ASP T 345 11.52 18.34 -13.98
N LEU T 346 11.36 18.62 -12.69
CA LEU T 346 11.97 19.81 -12.12
C LEU T 346 13.46 19.67 -11.94
N THR T 347 13.98 18.44 -11.97
CA THR T 347 15.39 18.15 -11.87
C THR T 347 16.11 18.21 -13.21
N ASP T 348 15.38 18.51 -14.28
CA ASP T 348 15.98 18.78 -15.58
C ASP T 348 16.87 20.01 -15.46
N PRO T 349 18.06 20.02 -16.10
CA PRO T 349 19.04 21.09 -15.82
C PRO T 349 18.62 22.47 -16.26
N ALA T 350 17.75 22.61 -17.25
CA ALA T 350 17.37 23.94 -17.71
C ALA T 350 16.38 24.66 -16.78
N PRO T 351 15.38 23.99 -16.13
CA PRO T 351 14.66 24.71 -15.06
C PRO T 351 15.42 24.77 -13.75
N ALA T 352 16.26 23.76 -13.48
CA ALA T 352 17.05 23.76 -12.25
C ALA T 352 18.09 24.85 -12.24
N THR T 353 18.57 25.25 -13.42
CA THR T 353 19.44 26.41 -13.50
C THR T 353 18.66 27.71 -13.39
N THR T 354 17.42 27.73 -13.88
CA THR T 354 16.58 28.92 -13.84
C THR T 354 16.13 29.24 -12.43
N PHE T 355 16.01 28.21 -11.57
CA PHE T 355 15.52 28.38 -10.20
C PHE T 355 16.41 29.32 -9.37
N ALA T 356 17.69 29.41 -9.69
CA ALA T 356 18.62 30.24 -8.93
C ALA T 356 18.66 31.68 -9.39
N HIS T 357 17.87 32.07 -10.38
CA HIS T 357 17.89 33.42 -10.93
C HIS T 357 16.70 34.25 -10.53
N LEU T 358 15.74 33.67 -9.81
CA LEU T 358 14.43 34.26 -9.64
C LEU T 358 14.19 34.59 -8.18
N ASP T 359 13.45 35.67 -7.95
CA ASP T 359 13.06 36.08 -6.60
C ASP T 359 11.80 35.39 -6.12
N ALA T 360 10.93 34.98 -7.03
CA ALA T 360 9.68 34.34 -6.65
C ALA T 360 9.34 33.31 -7.71
N THR T 361 9.42 32.04 -7.36
CA THR T 361 9.00 30.98 -8.24
C THR T 361 7.56 30.61 -7.93
N THR T 362 6.79 30.34 -8.97
CA THR T 362 5.40 29.91 -8.85
C THR T 362 5.36 28.60 -9.62
N VAL T 363 5.64 27.50 -8.93
CA VAL T 363 5.72 26.20 -9.57
C VAL T 363 4.30 25.66 -9.74
N LEU T 364 3.84 25.60 -10.99
CA LEU T 364 2.55 24.99 -11.28
C LEU T 364 2.73 23.49 -11.46
N SER T 365 1.76 22.73 -10.96
CA SER T 365 1.87 21.28 -10.94
C SER T 365 0.77 20.63 -11.78
N ARG T 366 1.09 19.45 -12.32
CA ARG T 366 0.14 18.72 -13.15
C ARG T 366 -0.94 18.06 -12.30
N SER T 367 -0.58 17.57 -11.11
CA SER T 367 -1.54 16.88 -10.25
C SER T 367 -2.57 17.84 -9.66
N ILE T 368 -2.13 19.04 -9.28
CA ILE T 368 -3.06 20.07 -8.79
C ILE T 368 -4.04 20.47 -9.88
N ALA T 369 -3.57 20.52 -11.13
CA ALA T 369 -4.47 20.78 -12.25
C ALA T 369 -5.42 19.62 -12.49
N GLU T 370 -4.96 18.39 -12.27
CA GLU T 370 -5.83 17.23 -12.46
C GLU T 370 -6.87 17.11 -11.35
N LEU T 371 -6.63 17.73 -10.19
CA LEU T 371 -7.68 17.87 -9.19
C LEU T 371 -8.73 18.91 -9.57
N GLY T 372 -8.53 19.66 -10.65
CA GLY T 372 -9.43 20.72 -11.04
C GLY T 372 -9.11 22.06 -10.43
N ILE T 373 -8.04 22.15 -9.64
CA ILE T 373 -7.67 23.39 -8.98
C ILE T 373 -6.95 24.27 -9.98
N TYR T 374 -7.45 25.48 -10.18
CA TYR T 374 -6.80 26.43 -11.07
C TYR T 374 -6.75 27.79 -10.37
N PRO T 375 -5.59 28.47 -10.32
CA PRO T 375 -4.28 28.14 -10.88
C PRO T 375 -3.59 26.99 -10.14
N ALA T 376 -2.94 26.10 -10.87
CA ALA T 376 -2.47 24.85 -10.29
C ALA T 376 -1.14 25.01 -9.57
N VAL T 377 -1.05 26.01 -8.71
CA VAL T 377 0.20 26.36 -8.04
C VAL T 377 0.45 25.33 -6.95
N ASP T 378 1.63 24.74 -6.97
CA ASP T 378 2.05 23.89 -5.87
C ASP T 378 2.34 24.79 -4.67
N PRO T 379 1.59 24.66 -3.56
CA PRO T 379 1.84 25.54 -2.43
C PRO T 379 3.10 25.18 -1.66
N LEU T 380 3.50 23.91 -1.68
CA LEU T 380 4.71 23.45 -1.00
C LEU T 380 5.87 23.31 -1.97
N ASP T 381 5.83 24.02 -3.10
CA ASP T 381 7.01 24.09 -3.95
C ASP T 381 7.26 25.48 -4.48
N SER T 382 6.31 26.40 -4.33
CA SER T 382 6.51 27.79 -4.73
C SER T 382 7.08 28.58 -3.56
N THR T 383 8.10 29.38 -3.82
CA THR T 383 8.78 30.13 -2.80
C THR T 383 8.92 31.58 -3.26
N SER T 384 9.25 32.47 -2.32
CA SER T 384 9.56 33.85 -2.66
C SER T 384 10.48 34.41 -1.59
N ARG T 385 11.28 35.39 -1.97
CA ARG T 385 12.08 36.10 -0.99
C ARG T 385 11.28 37.12 -0.21
N MET T 386 10.07 37.44 -0.65
CA MET T 386 9.20 38.36 0.05
C MET T 386 8.47 37.73 1.21
N LEU T 387 8.44 36.40 1.29
CA LEU T 387 7.82 35.72 2.43
C LEU T 387 8.81 35.74 3.60
N ASN T 388 8.84 36.87 4.29
CA ASN T 388 9.74 37.16 5.38
C ASN T 388 8.94 38.07 6.29
N PRO T 389 8.93 37.84 7.61
CA PRO T 389 8.05 38.63 8.48
C PRO T 389 8.42 40.09 8.61
N ASN T 390 9.63 40.48 8.24
CA ASN T 390 10.07 41.85 8.40
C ASN T 390 9.75 42.73 7.18
N VAL T 391 9.20 42.16 6.12
CA VAL T 391 8.95 42.90 4.88
C VAL T 391 7.46 42.90 4.51
N ILE T 392 6.74 41.85 4.87
CA ILE T 392 5.30 41.78 4.61
C ILE T 392 4.48 41.74 5.90
N GLY T 393 5.10 41.99 7.04
CA GLY T 393 4.35 41.96 8.28
C GLY T 393 4.19 40.56 8.85
N ALA T 394 4.05 40.47 10.18
CA ALA T 394 4.04 39.16 10.82
C ALA T 394 2.72 38.43 10.67
N GLU T 395 1.61 39.15 10.45
CA GLU T 395 0.32 38.50 10.34
C GLU T 395 0.20 37.71 9.05
N HIS T 396 0.52 38.35 7.92
CA HIS T 396 0.54 37.69 6.61
C HIS T 396 1.51 36.53 6.57
N TYR T 397 2.69 36.70 7.19
CA TYR T 397 3.70 35.66 7.21
C TYR T 397 3.26 34.47 8.05
N ASN T 398 2.65 34.72 9.21
CA ASN T 398 2.18 33.63 10.06
C ASN T 398 1.02 32.88 9.42
N VAL T 399 0.17 33.59 8.67
CA VAL T 399 -0.93 32.94 7.98
C VAL T 399 -0.42 32.04 6.86
N ALA T 400 0.56 32.54 6.08
CA ALA T 400 1.13 31.74 5.00
C ALA T 400 1.86 30.51 5.54
N ARG T 401 2.58 30.67 6.66
CA ARG T 401 3.28 29.53 7.25
C ARG T 401 2.32 28.53 7.88
N GLY T 402 1.19 29.00 8.43
CA GLY T 402 0.20 28.06 8.94
C GLY T 402 -0.49 27.28 7.84
N VAL T 403 -0.78 27.94 6.72
CA VAL T 403 -1.38 27.25 5.57
C VAL T 403 -0.42 26.22 4.99
N GLN T 404 0.87 26.57 4.91
CA GLN T 404 1.86 25.62 4.46
C GLN T 404 2.05 24.46 5.43
N LYS T 405 1.90 24.71 6.74
CA LYS T 405 2.02 23.65 7.72
C LYS T 405 0.87 22.66 7.61
N VAL T 406 -0.36 23.17 7.43
CA VAL T 406 -1.51 22.29 7.27
C VAL T 406 -1.43 21.48 5.98
N LEU T 407 -0.95 22.12 4.89
CA LEU T 407 -0.81 21.40 3.63
C LEU T 407 0.30 20.37 3.68
N GLN T 408 1.38 20.64 4.41
CA GLN T 408 2.45 19.65 4.55
C GLN T 408 2.02 18.50 5.44
N ASP T 409 1.21 18.77 6.47
CA ASP T 409 0.69 17.68 7.29
C ASP T 409 -0.33 16.84 6.54
N TYR T 410 -1.05 17.42 5.60
CA TYR T 410 -1.90 16.61 4.74
C TYR T 410 -1.10 15.81 3.73
N LYS T 411 -0.02 16.38 3.19
CA LYS T 411 0.81 15.65 2.24
C LYS T 411 1.56 14.51 2.92
N ASN T 412 1.81 14.63 4.23
CA ASN T 412 2.37 13.51 4.97
C ASN T 412 1.38 12.37 5.14
N LEU T 413 0.09 12.65 5.09
CA LEU T 413 -0.96 11.64 5.27
C LEU T 413 -1.51 11.12 3.96
N GLN T 414 -0.85 11.40 2.83
CA GLN T 414 -1.43 11.06 1.54
C GLN T 414 -1.36 9.57 1.26
N ASP T 415 -0.45 8.85 1.92
CA ASP T 415 -0.30 7.43 1.71
C ASP T 415 -1.17 6.59 2.65
N ILE T 416 -1.41 7.06 3.87
CA ILE T 416 -2.28 6.33 4.79
C ILE T 416 -3.73 6.45 4.35
N ILE T 417 -4.13 7.62 3.87
CA ILE T 417 -5.49 7.85 3.37
C ILE T 417 -5.75 7.03 2.11
N ALA T 418 -4.73 6.82 1.29
CA ALA T 418 -4.91 6.04 0.07
C ALA T 418 -5.06 4.56 0.37
N ILE T 419 -4.14 3.99 1.15
CA ILE T 419 -4.12 2.53 1.33
C ILE T 419 -4.96 2.05 2.51
N LEU T 420 -5.49 2.96 3.34
CA LEU T 420 -6.30 2.56 4.47
C LEU T 420 -7.63 3.29 4.56
N GLY T 421 -7.76 4.48 3.98
CA GLY T 421 -8.95 5.28 4.14
C GLY T 421 -8.83 6.25 5.30
N MET T 422 -9.78 7.17 5.35
CA MET T 422 -9.79 8.22 6.37
C MET T 422 -10.33 7.74 7.71
N ASP T 423 -10.95 6.56 7.76
CA ASP T 423 -11.55 6.08 9.00
C ASP T 423 -10.53 5.58 10.00
N GLU T 424 -9.29 5.37 9.59
CA GLU T 424 -8.22 4.94 10.48
C GLU T 424 -7.33 6.08 10.93
N LEU T 425 -7.63 7.31 10.52
CA LEU T 425 -6.87 8.45 10.99
C LEU T 425 -7.30 8.81 12.41
N SER T 426 -6.39 9.51 13.10
CA SER T 426 -6.72 10.05 14.41
C SER T 426 -7.74 11.18 14.29
N GLU T 427 -8.37 11.51 15.42
CA GLU T 427 -9.35 12.58 15.43
C GLU T 427 -8.70 13.95 15.26
N GLU T 428 -7.44 14.11 15.64
CA GLU T 428 -6.74 15.36 15.39
C GLU T 428 -6.29 15.46 13.93
N ASP T 429 -6.03 14.33 13.29
CA ASP T 429 -5.59 14.32 11.91
C ASP T 429 -6.74 14.43 10.91
N LYS T 430 -7.93 13.98 11.27
CA LYS T 430 -9.09 14.17 10.39
C LYS T 430 -9.47 15.63 10.29
N LEU T 431 -9.28 16.37 11.38
CA LEU T 431 -9.43 17.82 11.35
C LEU T 431 -8.37 18.49 10.48
N THR T 432 -7.14 17.98 10.50
CA THR T 432 -6.08 18.49 9.63
C THR T 432 -6.42 18.25 8.16
N VAL T 433 -6.93 17.05 7.84
CA VAL T 433 -7.30 16.72 6.48
C VAL T 433 -8.48 17.57 6.02
N ALA T 434 -9.44 17.82 6.91
CA ALA T 434 -10.60 18.64 6.55
C ALA T 434 -10.20 20.09 6.30
N ARG T 435 -9.37 20.66 7.19
CA ARG T 435 -8.92 22.04 7.00
C ARG T 435 -8.00 22.17 5.79
N ALA T 436 -7.23 21.12 5.47
CA ALA T 436 -6.34 21.20 4.33
C ALA T 436 -7.11 21.06 3.02
N ARG T 437 -8.10 20.18 2.98
CA ARG T 437 -8.97 20.10 1.81
C ARG T 437 -9.83 21.34 1.67
N LYS T 438 -10.06 22.10 2.74
CA LYS T 438 -10.69 23.39 2.59
C LYS T 438 -9.73 24.44 2.04
N ILE T 439 -8.50 24.51 2.56
CA ILE T 439 -7.58 25.54 2.12
C ILE T 439 -7.01 25.26 0.73
N GLN T 440 -7.08 24.02 0.25
CA GLN T 440 -6.55 23.79 -1.09
C GLN T 440 -7.63 23.95 -2.16
N ARG T 441 -8.90 23.94 -1.78
CA ARG T 441 -9.92 24.48 -2.68
C ARG T 441 -9.93 26.01 -2.60
N PHE T 442 -9.63 26.58 -1.43
CA PHE T 442 -9.69 28.03 -1.29
C PHE T 442 -8.52 28.72 -1.97
N LEU T 443 -7.43 28.01 -2.28
CA LEU T 443 -6.35 28.63 -3.02
C LEU T 443 -6.71 28.83 -4.49
N SER T 444 -7.61 28.02 -5.02
CA SER T 444 -8.06 28.17 -6.40
C SER T 444 -8.91 29.42 -6.56
N GLN T 445 -9.00 29.89 -7.80
CA GLN T 445 -9.59 31.20 -8.07
C GLN T 445 -9.95 31.28 -9.54
N PRO T 446 -11.09 31.88 -9.89
CA PRO T 446 -11.39 32.12 -11.30
C PRO T 446 -10.65 33.33 -11.83
N PHE T 447 -10.33 33.29 -13.11
CA PHE T 447 -9.52 34.31 -13.76
C PHE T 447 -10.35 35.08 -14.78
N GLN T 448 -10.03 36.36 -14.93
CA GLN T 448 -10.74 37.19 -15.92
C GLN T 448 -10.38 36.79 -17.34
N VAL T 449 -9.21 36.18 -17.54
CA VAL T 449 -8.82 35.72 -18.87
C VAL T 449 -9.28 34.30 -19.14
N ALA T 450 -9.72 33.57 -18.13
CA ALA T 450 -10.23 32.22 -18.29
C ALA T 450 -11.74 32.18 -18.38
N GLU T 451 -12.41 33.32 -18.27
CA GLU T 451 -13.87 33.37 -18.31
C GLU T 451 -14.44 33.10 -19.68
N VAL T 452 -13.62 33.12 -20.73
CA VAL T 452 -14.12 32.89 -22.08
C VAL T 452 -14.36 31.41 -22.33
N PHE T 453 -13.60 30.52 -21.67
CA PHE T 453 -13.81 29.08 -21.85
C PHE T 453 -14.29 28.36 -20.61
N THR T 454 -14.45 29.05 -19.48
CA THR T 454 -14.98 28.43 -18.28
C THR T 454 -16.38 28.93 -17.93
N GLY T 455 -16.74 30.14 -18.33
CA GLY T 455 -18.05 30.69 -18.10
C GLY T 455 -18.18 31.49 -16.82
N THR T 456 -17.49 31.08 -15.77
CA THR T 456 -17.55 31.82 -14.51
C THR T 456 -16.78 33.13 -14.63
N PRO T 457 -17.27 34.22 -14.05
CA PRO T 457 -16.54 35.48 -14.11
C PRO T 457 -15.31 35.44 -13.21
N GLY T 458 -14.30 36.20 -13.61
CA GLY T 458 -13.07 36.23 -12.85
C GLY T 458 -13.20 37.01 -11.55
N LYS T 459 -12.28 36.73 -10.64
CA LYS T 459 -12.28 37.34 -9.32
C LYS T 459 -10.91 37.94 -9.05
N TYR T 460 -10.88 39.24 -8.81
CA TYR T 460 -9.70 39.90 -8.26
C TYR T 460 -9.87 39.95 -6.75
N VAL T 461 -8.86 39.49 -6.02
CA VAL T 461 -8.94 39.35 -4.57
C VAL T 461 -7.87 40.23 -3.94
N ASP T 462 -8.29 41.12 -3.06
CA ASP T 462 -7.35 41.96 -2.34
C ASP T 462 -6.56 41.14 -1.33
N LEU T 463 -5.46 41.74 -0.84
CA LEU T 463 -4.54 41.01 0.02
C LEU T 463 -5.13 40.78 1.40
N ALA T 464 -5.80 41.79 1.95
CA ALA T 464 -6.40 41.68 3.28
C ALA T 464 -7.55 40.67 3.29
N ASP T 465 -8.26 40.53 2.16
CA ASP T 465 -9.30 39.51 2.07
C ASP T 465 -8.70 38.11 2.08
N THR T 466 -7.53 37.94 1.48
CA THR T 466 -6.86 36.65 1.47
C THR T 466 -6.36 36.28 2.86
N ILE T 467 -5.72 37.23 3.55
CA ILE T 467 -5.26 36.96 4.91
C ILE T 467 -6.43 36.74 5.87
N SER T 468 -7.50 37.52 5.71
CA SER T 468 -8.66 37.38 6.58
C SER T 468 -9.43 36.09 6.31
N GLY T 469 -9.39 35.59 5.07
CA GLY T 469 -10.04 34.33 4.78
C GLY T 469 -9.25 33.17 5.31
N PHE T 470 -7.93 33.19 5.09
CA PHE T 470 -7.14 32.06 5.53
C PHE T 470 -6.91 32.03 7.04
N GLN T 471 -6.97 33.19 7.72
CA GLN T 471 -7.10 33.19 9.18
C GLN T 471 -8.33 32.43 9.64
N GLY T 472 -9.47 32.67 9.00
CA GLY T 472 -10.69 32.02 9.40
C GLY T 472 -10.72 30.54 9.10
N VAL T 473 -10.08 30.12 8.00
CA VAL T 473 -10.05 28.69 7.74
C VAL T 473 -9.00 28.00 8.61
N LEU T 474 -7.92 28.69 9.00
CA LEU T 474 -6.92 28.08 9.88
C LEU T 474 -7.43 27.94 11.32
N THR T 475 -8.09 28.98 11.84
CA THR T 475 -8.52 28.92 13.24
C THR T 475 -9.70 27.97 13.44
N GLY T 476 -10.50 27.75 12.41
CA GLY T 476 -11.57 26.79 12.50
C GLY T 476 -12.94 27.43 12.42
N LYS T 477 -12.98 28.68 11.98
CA LYS T 477 -14.23 29.43 11.89
C LYS T 477 -15.17 28.91 10.81
N TYR T 478 -14.68 28.12 9.86
CA TYR T 478 -15.51 27.66 8.76
C TYR T 478 -15.48 26.14 8.63
N ASP T 479 -15.51 25.43 9.77
CA ASP T 479 -15.74 23.99 9.74
C ASP T 479 -17.18 23.63 9.43
N ASP T 480 -18.09 24.61 9.50
CA ASP T 480 -19.48 24.36 9.16
C ASP T 480 -19.68 24.17 7.67
N LEU T 481 -19.04 25.03 6.87
CA LEU T 481 -19.26 25.09 5.44
C LEU T 481 -18.59 23.90 4.74
N PRO T 482 -19.20 23.38 3.68
CA PRO T 482 -18.61 22.23 2.97
C PRO T 482 -17.38 22.62 2.17
N GLU T 483 -16.69 21.59 1.68
CA GLU T 483 -15.41 21.80 0.99
C GLU T 483 -15.60 22.46 -0.37
N MET T 484 -16.68 22.12 -1.07
CA MET T 484 -16.92 22.71 -2.39
C MET T 484 -17.41 24.15 -2.33
N ALA T 485 -17.73 24.67 -1.15
CA ALA T 485 -18.07 26.08 -1.03
C ALA T 485 -16.83 26.96 -1.16
N PHE T 486 -15.65 26.40 -0.92
CA PHE T 486 -14.40 27.11 -1.06
C PHE T 486 -13.85 27.08 -2.48
N TYR T 487 -14.42 26.24 -3.35
CA TYR T 487 -13.83 25.95 -4.65
C TYR T 487 -14.24 27.02 -5.66
N MET T 488 -13.24 27.69 -6.24
CA MET T 488 -13.39 28.67 -7.32
C MET T 488 -14.27 29.85 -6.91
N VAL T 489 -13.97 30.42 -5.75
CA VAL T 489 -14.65 31.61 -5.25
C VAL T 489 -13.62 32.69 -4.98
N GLY T 490 -14.08 33.93 -4.93
CA GLY T 490 -13.18 35.04 -4.72
C GLY T 490 -12.62 35.14 -3.32
N ASP T 491 -13.44 35.52 -2.36
CA ASP T 491 -12.97 35.77 -1.00
C ASP T 491 -13.78 34.92 -0.02
N ILE T 492 -13.61 35.21 1.27
CA ILE T 492 -14.29 34.43 2.29
C ILE T 492 -15.78 34.77 2.39
N LYS T 493 -16.20 35.90 1.84
CA LYS T 493 -17.63 36.20 1.74
C LYS T 493 -18.30 35.24 0.74
N GLU T 494 -17.65 35.02 -0.40
CA GLU T 494 -18.20 34.17 -1.44
C GLU T 494 -18.22 32.69 -1.06
N VAL T 495 -17.47 32.29 -0.04
CA VAL T 495 -17.60 30.93 0.48
C VAL T 495 -18.95 30.76 1.17
N LYS T 496 -19.32 31.73 2.01
CA LYS T 496 -20.60 31.67 2.69
C LYS T 496 -21.76 31.88 1.72
N GLU T 497 -21.57 32.70 0.70
CA GLU T 497 -22.62 32.93 -0.30
C GLU T 497 -22.68 31.81 -1.33
N LYS T 498 -21.77 30.84 -1.28
CA LYS T 498 -21.90 29.64 -2.10
C LYS T 498 -22.44 28.47 -1.28
N ALA T 499 -22.16 28.43 0.01
CA ALA T 499 -22.77 27.41 0.86
C ALA T 499 -24.24 27.69 1.09
N ASP T 500 -24.68 28.94 0.92
CA ASP T 500 -26.10 29.22 0.85
C ASP T 500 -26.71 28.65 -0.42
N LYS T 501 -26.09 28.92 -1.57
CA LYS T 501 -26.61 28.43 -2.85
C LYS T 501 -26.51 26.91 -2.99
N MET T 502 -25.63 26.27 -2.22
CA MET T 502 -25.54 24.82 -2.24
C MET T 502 -26.58 24.16 -1.34
N ALA T 503 -27.29 24.93 -0.52
CA ALA T 503 -28.29 24.38 0.38
C ALA T 503 -29.68 24.93 0.16
N LYS T 504 -29.81 26.09 -0.55
CA LYS T 504 -31.03 26.41 -1.34
C LYS T 504 -31.28 25.38 -2.44
N ASP T 505 -30.22 24.85 -3.06
CA ASP T 505 -30.42 23.99 -4.23
C ASP T 505 -30.85 22.59 -3.85
N ILE T 506 -30.38 22.06 -2.72
CA ILE T 506 -30.90 20.76 -2.28
C ILE T 506 -32.30 20.90 -1.68
N ALA T 507 -32.69 22.11 -1.25
CA ALA T 507 -34.07 22.39 -0.93
C ALA T 507 -34.87 22.79 -2.16
N SER T 508 -34.21 23.05 -3.29
CA SER T 508 -34.88 23.26 -4.56
C SER T 508 -35.05 21.97 -5.35
N ARG T 509 -35.19 20.83 -4.68
CA ARG T 509 -35.63 19.62 -5.35
C ARG T 509 -37.14 19.56 -5.46
N LYS T 510 -37.85 20.30 -4.61
CA LYS T 510 -39.31 20.18 -4.50
C LYS T 510 -40.00 21.53 -4.65
N GLU T 511 -39.50 22.39 -5.52
CA GLU T 511 -39.99 23.77 -5.54
C GLU T 511 -41.29 23.90 -6.32
N ALA T 512 -41.38 23.25 -7.48
CA ALA T 512 -42.52 23.36 -8.40
C ALA T 512 -42.38 22.26 -9.45
N ASP T 513 -43.40 22.12 -10.28
CA ASP T 513 -43.33 21.35 -11.51
C ASP T 513 -43.54 22.32 -12.67
N ASN T 514 -42.49 22.52 -13.46
CA ASN T 514 -42.51 23.56 -14.49
C ASN T 514 -43.26 23.06 -15.72
N LYS T 515 -44.32 23.76 -16.10
CA LYS T 515 -45.08 23.49 -17.30
C LYS T 515 -45.63 24.80 -17.86
N LYS T 516 -45.50 24.96 -19.17
CA LYS T 516 -45.97 26.15 -19.88
C LYS T 516 -47.03 25.70 -20.88
N VAL T 517 -48.30 25.98 -20.58
CA VAL T 517 -49.42 25.43 -21.33
C VAL T 517 -50.20 26.56 -21.98
N SER T 518 -50.97 26.19 -23.03
CA SER T 518 -51.78 27.10 -23.87
C SER T 518 -50.93 28.23 -24.44
N GLU T 519 -49.72 27.87 -24.90
CA GLU T 519 -48.68 28.81 -25.27
C GLU T 519 -48.42 28.87 -26.77
N GLU T 520 -48.85 27.86 -27.53
CA GLU T 520 -48.38 27.68 -28.89
C GLU T 520 -48.93 28.72 -29.87
N LEU T 521 -49.97 29.46 -29.51
CA LEU T 521 -50.47 30.50 -30.38
C LEU T 521 -50.21 31.91 -29.84
N LYS T 522 -49.19 32.07 -29.00
CA LYS T 522 -48.81 33.41 -28.55
C LYS T 522 -47.86 34.07 -29.55
N ASP T 523 -46.69 33.47 -29.77
CA ASP T 523 -45.71 34.06 -30.67
C ASP T 523 -44.99 33.04 -31.55
N ILE T 524 -45.30 31.76 -31.45
CA ILE T 524 -44.56 30.71 -32.15
C ILE T 524 -45.45 30.14 -33.24
N PRO T 525 -45.00 30.07 -34.49
CA PRO T 525 -45.90 29.65 -35.57
C PRO T 525 -46.29 28.18 -35.59
N SER T 526 -45.33 27.30 -35.92
CA SER T 526 -45.57 25.89 -36.25
C SER T 526 -44.25 25.22 -36.63
N LEU T 527 -44.29 23.93 -36.96
CA LEU T 527 -43.12 23.28 -37.54
C LEU T 527 -42.92 23.62 -39.01
N ASP T 528 -44.01 23.70 -39.78
CA ASP T 528 -43.89 23.74 -41.24
C ASP T 528 -43.80 25.15 -41.78
N LYS T 529 -44.31 26.14 -41.06
CA LYS T 529 -44.12 27.51 -41.50
C LYS T 529 -42.68 27.96 -41.30
N LEU T 530 -41.98 27.34 -40.35
CA LEU T 530 -40.57 27.64 -40.14
C LEU T 530 -39.69 27.14 -41.27
N VAL T 531 -40.00 25.96 -41.83
CA VAL T 531 -39.17 25.44 -42.92
C VAL T 531 -39.44 26.19 -44.23
N SER T 532 -40.50 26.98 -44.29
CA SER T 532 -40.78 27.80 -45.46
C SER T 532 -40.14 29.17 -45.37
N GLU T 533 -39.69 29.59 -44.18
CA GLU T 533 -39.04 30.88 -44.02
C GLU T 533 -37.55 30.77 -43.75
N ILE T 534 -36.96 29.60 -43.97
CA ILE T 534 -35.51 29.48 -43.93
C ILE T 534 -34.96 29.79 -45.32
N LYS T 535 -33.73 30.28 -45.35
CA LYS T 535 -33.04 30.60 -46.60
C LYS T 535 -32.08 29.45 -46.91
N GLU T 536 -32.53 28.52 -47.74
CA GLU T 536 -31.67 27.39 -48.09
C GLU T 536 -30.62 27.84 -49.10
N VAL T 537 -29.40 27.38 -48.92
CA VAL T 537 -28.26 27.86 -49.69
C VAL T 537 -28.15 27.05 -50.97
N VAL T 538 -27.47 27.63 -51.96
CA VAL T 538 -27.24 26.97 -53.23
C VAL T 538 -25.95 26.13 -53.12
N ILE T 539 -26.00 24.90 -53.62
CA ILE T 539 -24.84 24.03 -53.67
C ILE T 539 -24.44 23.82 -55.12
N GLU T 540 -23.15 23.63 -55.37
CA GLU T 540 -22.63 23.48 -56.71
C GLU T 540 -21.76 22.23 -56.80
N GLU T 541 -22.02 21.40 -57.81
CA GLU T 541 -21.15 20.28 -58.14
C GLU T 541 -19.97 20.78 -58.96
N ASP T 542 -18.91 19.97 -59.00
CA ASP T 542 -17.66 20.26 -59.73
C ASP T 542 -17.05 21.57 -59.25
N ASP T 543 -16.51 21.49 -58.02
CA ASP T 543 -16.13 22.62 -57.16
C ASP T 543 -15.30 23.71 -57.85
N GLY T 544 -14.50 23.35 -58.85
CA GLY T 544 -13.78 24.33 -59.62
C GLY T 544 -12.56 24.88 -58.90
N LEU T 545 -11.62 24.00 -58.59
CA LEU T 545 -10.35 24.41 -58.00
C LEU T 545 -9.33 24.80 -59.07
N GLU T 546 -9.69 24.69 -60.35
CA GLU T 546 -8.84 25.13 -61.44
C GLU T 546 -8.90 26.64 -61.67
N GLU T 547 -9.70 27.37 -60.89
CA GLU T 547 -9.68 28.81 -60.95
C GLU T 547 -8.38 29.33 -60.34
N ASP T 548 -7.72 30.24 -61.06
CA ASP T 548 -6.47 30.90 -60.65
C ASP T 548 -5.33 29.92 -60.40
N PHE T 549 -5.33 28.77 -61.07
CA PHE T 549 -4.32 27.75 -60.84
C PHE T 549 -3.28 27.75 -61.95
N LYS T 550 -2.02 27.59 -61.56
CA LYS T 550 -0.90 27.64 -62.49
C LYS T 550 -0.84 26.40 -63.37
N ALA T 551 -0.75 25.22 -62.74
CA ALA T 551 -0.70 23.90 -63.37
C ALA T 551 0.50 23.78 -64.33
N GLU T 552 1.68 23.80 -63.73
CA GLU T 552 2.89 23.52 -64.48
C GLU T 552 2.94 22.05 -64.88
N ALA T 553 3.73 21.76 -65.92
CA ALA T 553 3.76 20.43 -66.52
C ALA T 553 4.87 19.61 -65.89
N LEU T 554 4.50 18.69 -65.01
CA LEU T 554 5.44 17.71 -64.47
C LEU T 554 5.51 16.52 -65.41
N SER T 555 6.63 16.37 -66.11
CA SER T 555 6.80 15.22 -66.99
C SER T 555 7.17 13.98 -66.17
N SER T 556 7.22 12.84 -66.85
CA SER T 556 7.42 11.56 -66.17
C SER T 556 8.85 11.42 -65.65
N GLU T 557 9.84 11.56 -66.54
CA GLU T 557 11.24 11.45 -66.14
C GLU T 557 11.63 12.63 -65.26
N THR T 558 12.40 12.35 -64.21
CA THR T 558 12.83 13.43 -63.32
C THR T 558 13.91 14.28 -63.99
N VAL T 559 13.75 15.58 -63.87
CA VAL T 559 14.62 16.55 -64.53
C VAL T 559 15.76 16.88 -63.59
N VAL T 560 16.99 16.83 -64.11
CA VAL T 560 18.18 17.17 -63.34
C VAL T 560 18.90 18.33 -64.02
N LEU T 561 20.04 18.72 -63.48
CA LEU T 561 20.85 19.79 -64.07
C LEU T 561 22.17 19.18 -64.54
N ASN T 562 22.55 19.50 -65.77
CA ASN T 562 23.82 19.03 -66.30
C ASN T 562 24.93 19.99 -65.89
N GLU T 563 26.12 19.85 -66.49
CA GLU T 563 27.26 20.65 -66.03
C GLU T 563 27.19 22.08 -66.54
N GLU T 564 26.52 22.31 -67.66
CA GLU T 564 26.29 23.68 -68.10
C GLU T 564 25.07 24.33 -67.45
N GLY T 565 24.34 23.60 -66.61
CA GLY T 565 23.24 24.16 -65.86
C GLY T 565 21.88 23.98 -66.49
N LYS T 566 21.77 23.26 -67.59
CA LYS T 566 20.50 23.11 -68.28
C LYS T 566 19.66 22.03 -67.63
N SER T 567 18.35 22.25 -67.64
CA SER T 567 17.40 21.30 -67.05
C SER T 567 17.19 20.14 -68.01
N VAL T 568 17.95 19.08 -67.81
CA VAL T 568 17.91 17.91 -68.69
C VAL T 568 17.32 16.75 -67.90
N PRO T 569 16.82 15.72 -68.58
CA PRO T 569 16.43 14.49 -67.86
C PRO T 569 17.66 13.72 -67.37
N LEU T 570 17.38 12.66 -66.62
CA LEU T 570 18.45 11.79 -66.15
C LEU T 570 19.06 11.03 -67.33
N PRO T 571 20.37 10.79 -67.29
CA PRO T 571 20.96 9.88 -68.28
C PRO T 571 20.55 8.44 -68.03
N LYS T 572 20.73 7.61 -69.04
CA LYS T 572 20.32 6.21 -68.98
C LYS T 572 21.48 5.33 -68.53
N LYS T 573 21.92 5.58 -67.31
CA LYS T 573 22.96 4.79 -66.65
C LYS T 573 22.77 4.93 -65.15
N ASN T 574 23.00 3.83 -64.44
CA ASN T 574 22.74 3.80 -63.01
C ASN T 574 23.99 3.42 -62.22
PG ATP U . 30.99 -15.25 -3.39
O1G ATP U . 30.03 -14.57 -4.31
O2G ATP U . 31.58 -14.34 -2.33
O3G ATP U . 32.00 -16.13 -4.07
PB ATP U . 29.18 -17.41 -3.24
O1B ATP U . 27.95 -16.75 -3.80
O2B ATP U . 30.04 -18.23 -4.15
O3B ATP U . 30.08 -16.27 -2.54
PA ATP U . 29.66 -19.43 -1.36
O1A ATP U . 29.33 -20.77 -1.92
O2A ATP U . 31.08 -18.93 -1.42
O3A ATP U . 28.71 -18.31 -2.02
O5' ATP U . 29.19 -19.44 0.18
C5' ATP U . 29.22 -18.27 0.99
C4' ATP U . 29.23 -18.73 2.43
O4' ATP U . 28.03 -19.43 2.73
C3' ATP U . 30.38 -19.71 2.67
O3' ATP U . 31.22 -19.21 3.71
C2' ATP U . 29.73 -21.00 3.14
O2' ATP U . 30.40 -21.45 4.32
C1' ATP U . 28.29 -20.65 3.42
N9 ATP U . 27.38 -21.69 2.91
C8 ATP U . 27.09 -21.90 1.62
N7 ATP U . 26.22 -22.93 1.48
C5 ATP U . 25.95 -23.41 2.69
C6 ATP U . 25.12 -24.48 3.25
N6 ATP U . 24.38 -25.29 2.43
N1 ATP U . 25.11 -24.65 4.59
C2 ATP U . 25.84 -23.87 5.40
N3 ATP U . 26.62 -22.86 4.96
C4 ATP U . 26.72 -22.59 3.65
MG MG V . 32.28 -17.92 -5.50
PG ATP W . 18.44 28.82 -2.81
O1G ATP W . 18.54 27.35 -3.02
O2G ATP W . 17.43 29.51 -3.68
O3G ATP W . 19.76 29.54 -2.73
PB ATP W . 18.61 28.48 -0.02
O1B ATP W . 19.89 29.24 0.09
O2B ATP W . 18.63 26.98 -0.03
O3B ATP W . 17.82 28.97 -1.33
PA ATP W . 17.72 30.39 1.80
O1A ATP W . 18.64 30.40 3.00
O2A ATP W . 17.96 31.37 0.69
O3A ATP W . 17.66 28.91 1.20
O5' ATP W . 16.23 30.60 2.37
C5' ATP W . 15.10 30.20 1.62
C4' ATP W . 13.89 30.83 2.29
O4' ATP W . 13.69 30.22 3.55
C3' ATP W . 14.14 32.31 2.54
O3' ATP W . 13.13 33.07 1.89
C2' ATP W . 14.05 32.49 4.03
O2' ATP W . 13.19 33.61 4.34
C1' ATP W . 13.45 31.21 4.56
N9 ATP W . 14.12 30.81 5.81
C8 ATP W . 15.34 30.26 5.91
N7 ATP W . 15.66 30.02 7.20
C5 ATP W . 14.63 30.42 7.96
C6 ATP W . 14.31 30.45 9.40
N6 ATP W . 15.19 29.99 10.32
N1 ATP W . 13.12 30.95 9.77
C2 ATP W . 12.24 31.41 8.87
N3 ATP W . 12.46 31.41 7.55
C4 ATP W . 13.61 30.94 7.04
MG MG X . 21.64 29.81 -1.56
PG ATP Y . -3.24 1.85 -33.47
O1G ATP Y . -2.58 3.17 -33.17
O2G ATP Y . -2.57 0.67 -32.84
O3G ATP Y . -3.61 1.65 -34.91
PB ATP Y . -5.58 3.23 -32.83
O1B ATP Y . -5.30 3.93 -34.13
O2B ATP Y . -5.47 4.00 -31.54
O3B ATP Y . -4.65 1.94 -32.71
PA ATP Y . -7.95 2.25 -34.10
O1A ATP Y . -7.11 2.10 -35.33
O2A ATP Y . -9.13 3.17 -34.07
O3A ATP Y . -7.04 2.56 -32.80
O5' ATP Y . -8.43 0.78 -33.69
C5' ATP Y . -9.27 0.57 -32.57
C4' ATP Y . -10.02 -0.73 -32.75
O4' ATP Y . -11.25 -0.60 -32.05
C3' ATP Y . -10.36 -0.94 -34.21
O3' ATP Y . -10.27 -2.33 -34.52
C2' ATP Y . -11.79 -0.49 -34.36
O2' ATP Y . -12.51 -1.41 -35.18
C1' ATP Y . -12.35 -0.50 -32.95
N9 ATP Y . -13.06 0.77 -32.70
C8 ATP Y . -12.53 2.00 -32.75
N7 ATP Y . -13.45 2.94 -32.47
C5 ATP Y . -14.62 2.32 -32.22
C6 ATP Y . -15.99 2.73 -31.86
N6 ATP Y . -16.31 4.03 -31.71
N1 ATP Y . -16.90 1.75 -31.71
C2 ATP Y . -16.60 0.45 -31.86
N3 ATP Y . -15.37 0.01 -32.18
C4 ATP Y . -14.36 0.89 -32.38
MG MG Z . -3.63 4.18 -35.95
PB ADP AA . 33.45 7.11 8.05
O1B ADP AA . 32.91 8.46 7.66
O2B ADP AA . 34.94 7.04 8.20
O3B ADP AA . 32.84 5.97 7.28
PA ADP AA . 33.57 7.60 10.79
O1A ADP AA . 34.09 8.92 10.32
O2A ADP AA . 34.49 6.61 11.46
O3A ADP AA . 32.89 6.88 9.53
O5' ADP AA . 32.30 7.87 11.74
C5' ADP AA . 31.67 9.14 11.69
C4' ADP AA . 30.82 9.38 12.93
O4' ADP AA . 30.10 8.22 13.30
C3' ADP AA . 31.66 9.76 14.13
O3' ADP AA . 31.71 11.17 14.28
C2' ADP AA . 30.91 9.18 15.30
O2' ADP AA . 30.13 10.21 15.92
C1' ADP AA . 29.98 8.14 14.72
N9 ADP AA . 30.50 6.84 15.18
C8 ADP AA . 31.17 5.98 14.42
N7 ADP AA . 31.52 4.88 15.14
C5 ADP AA . 31.06 5.05 16.39
C6 ADP AA . 31.08 4.27 17.63
N6 ADP AA . 31.68 3.06 17.69
N1 ADP AA . 30.48 4.81 18.72
C2 ADP AA . 29.88 6.02 18.67
N3 ADP AA . 29.82 6.77 17.56
C4 ADP AA . 30.39 6.35 16.41
MG MG BA . 36.76 7.62 6.91
PB ADP CA . 0.84 25.92 -20.93
O1B ADP CA . 1.60 25.51 -19.72
O2B ADP CA . 0.50 24.78 -21.86
O3B ADP CA . 1.38 27.14 -21.62
PA ADP CA . -1.75 27.00 -21.25
O1A ADP CA . -2.32 28.19 -20.50
O2A ADP CA . -1.31 27.17 -22.67
O3A ADP CA . -0.58 26.39 -20.34
O5' ADP CA . -2.87 25.87 -21.21
C5' ADP CA . -3.29 25.37 -19.96
C4' ADP CA . -4.61 24.63 -20.07
O4' ADP CA . -5.12 24.44 -18.75
C3' ADP CA . -5.64 25.43 -20.83
O3' ADP CA . -6.06 24.67 -21.96
C2' ADP CA . -6.80 25.64 -19.89
O2' ADP CA . -7.94 24.91 -20.35
C1' ADP CA . -6.39 25.05 -18.57
N9 ADP CA . -6.23 26.13 -17.58
C8 ADP CA . -5.06 26.67 -17.20
N7 ADP CA . -5.24 27.65 -16.28
C5 ADP CA . -6.55 27.75 -16.06
C6 ADP CA . -7.42 28.58 -15.23
N6 ADP CA . -6.89 29.52 -14.40
N1 ADP CA . -8.75 28.38 -15.28
C2 ADP CA . -9.28 27.44 -16.08
N3 ADP CA . -8.55 26.65 -16.89
C4 ADP CA . -7.21 26.75 -16.92
MG MG DA . 2.06 28.24 -23.57
#